data_9ML5
#
_entry.id   9ML5
#
_cell.length_a   1.00
_cell.length_b   1.00
_cell.length_c   1.00
_cell.angle_alpha   90.00
_cell.angle_beta   90.00
_cell.angle_gamma   90.00
#
_symmetry.space_group_name_H-M   'P 1'
#
loop_
_entity.id
_entity.type
_entity.pdbx_description
1 polymer 'Spike glycoprotein'
2 polymer 'M8b-B8 heavy chain'
3 polymer 'M8b-B8 light chain'
4 branched 2-acetamido-2-deoxy-beta-D-glucopyranose-(1-4)-2-acetamido-2-deoxy-beta-D-glucopyranose
5 non-polymer 2-acetamido-2-deoxy-beta-D-glucopyranose
#
loop_
_entity_poly.entity_id
_entity_poly.type
_entity_poly.pdbx_seq_one_letter_code
_entity_poly.pdbx_strand_id
1 'polypeptide(L)'
;MFVFLVLLPLVSSQCVNLTTRTQLPPAYTNSFTRGVYYPDKVFRSSVLHSTQDLFLPFFSNVTWFHAIHVSGTNGTKRFD
NPVLPFNDGVYFASTEKSNIIRGWIFGTTLDSKTQSLLIVNNATNVVIKVCEFQFCNDPFLGVYYHKNNKSWMESEFRVY
SSANNCTFEYVSQPFLMDLEGKQGNFKNLREFVFKNIDGYFKIYSKHTPINLVRDLPQGFSALEPLVDLPIGINITRFQT
LLALHRSYLTPGDSSSGWTAGAAAYYVGYLQPRTFLLKYNENGTITDAVDCALDPLSETKCTLKSFTVEKGIYQTSNFRV
QPTESIVRFPNITNLCPFGEVFNATRFASVYAWNRKRISNCVADYSVLYNSASFSTFKCYGVSPTKLNDLCFTNVYADSF
VIRGDEVRQIAPGQTGKIADYNYKLPDDFTGCVIAWNSNNLDSKVGGNYNYLYRLFRKSNLKPFERDISTEIYQAGSTPC
NGVEGFNCYFPLQSYGFQPTNGVGYQPYRVVVLSFELLHAPATVCGPKKSTNLVKNKCVNFNFNGLTGTGVLTESNKKFL
PFQQFGRDIADTTDAVRDPQTLEILDITPCSFGGVSVITPGTNTSNQVAVLYQDVNCTEVPVAIHADQLTPTWRVYSTGS
NVFQTRAGCLIGAEHVNNSYECDIPIGAGICASYQTQTNSPASVASQSIIAYTMSLGAENSVAYSNNSIAIPTNFTISVT
TEILPVSMTKTSVDCTMYICGDSTECSNLLLQYGSFCTQLNRALTGIAVEQDKNTQEVFAQVKQIYKTPPIKDFGGFNFS
QILPDPSKPSKRSPIEDLLFNKVTLADAGFIKQYGDCLGDIAARDLICAQKFNGLTVLPPLLTDEMIAQYTSALLAGTIT
SGWTFGAGPALQIPFPMQMAYRFNGIGVTQNVLYENQKLIANQFNSAIGKIQDSLSSTPSALGKLQDVVNQNAQALNTLV
KQLSSNFGAISSVLNDILSRLDPPEAEVQIDRLITGRLQSLQTYVTQQLIRAAEIRASANLAATKMSECVLGQSKRVDFC
GKGYHLMSFPQSAPHGVVFLHVTYVPAQEKNFTTAPAICHDGKAHFPREGVFVSNGTHWFVTQRNFYEPQIITTDNTFVS
GNCDVVIGIVNNTVYDPLQPELDSFKEELDKYFKNHTSPDVDLGDISGINASVVNIQKEIDRLNEVAKNLNESLIDLQEL
GKYEQYIKWPSGRLVPRGSPGSGYIPEAPRDGQAYVRKDGEWVLLSTFLGHHHHHH
;
A,B,C
2 'polypeptide(L)'
;QEQLEESGGGLVKPEGSLTLTCTASGFSFSSSYWICWVRQAPGKGLEWIGCIYTGDGSTYYATWAKGRFTISKASSTTVT
LQMTSLTAADTATYFCTREGGWYDLNLWGPGTLVTVSSASTKGPSVFPLAPSSKSTSGGTAALGCLVKDYFPEPVTVSWN
SGALTSGVHTFPAVLQSSGLYSLSSVVTVPSSSLGTQTYICNVNHKPSNTKVDKRVEPKSCDK
;
H,M
3 'polypeptide(L)'
;ADIVMTQTPASVEAAVGGTVTINCQASESISNYLSWYQQKPGQRPKLLIYYASTLASGVSSRFKGSRSGTEYTLTISDLE
CADAATYYCQSAADSISDKRHAFGGGTEVLVKRTVAAPSVFIFPPSDEQLKSGTASVVCLLNNFYPREAKVQWKVDNALQ
SGNSQESVTEQDSKDSTYSLSSTLTLSKADYEKHKVYACEVTHQGLSSPVTKSFNRGEC
;
L,N
#
# COMPACT_ATOMS: atom_id res chain seq x y z
N ALA A 27 -45.58 -1.51 30.44
CA ALA A 27 -44.50 -1.41 31.43
C ALA A 27 -43.15 -1.65 30.78
N TYR A 28 -42.18 -0.80 31.10
CA TYR A 28 -40.82 -0.91 30.61
C TYR A 28 -39.87 -1.11 31.79
N THR A 29 -38.66 -1.56 31.49
CA THR A 29 -37.67 -1.87 32.50
C THR A 29 -36.28 -1.75 31.87
N ASN A 30 -35.31 -1.35 32.68
CA ASN A 30 -33.93 -1.23 32.24
C ASN A 30 -33.24 -2.60 32.24
N SER A 31 -32.06 -2.66 31.64
CA SER A 31 -31.35 -3.93 31.46
C SER A 31 -30.40 -4.25 32.60
N PHE A 32 -29.82 -3.24 33.27
CA PHE A 32 -28.93 -3.44 34.40
C PHE A 32 -27.73 -4.31 34.03
N THR A 33 -26.90 -3.77 33.12
CA THR A 33 -25.62 -4.36 32.71
C THR A 33 -25.71 -5.89 32.52
N ARG A 34 -26.77 -6.33 31.85
CA ARG A 34 -26.93 -7.73 31.48
C ARG A 34 -26.96 -7.86 29.96
N GLY A 35 -27.05 -9.11 29.49
CA GLY A 35 -27.07 -9.35 28.07
C GLY A 35 -25.71 -9.38 27.41
N VAL A 36 -24.70 -9.94 28.06
CA VAL A 36 -23.35 -10.01 27.53
C VAL A 36 -22.96 -11.47 27.37
N TYR A 37 -22.42 -11.82 26.20
CA TYR A 37 -22.15 -13.21 25.85
C TYR A 37 -20.79 -13.31 25.18
N TYR A 38 -20.22 -14.51 25.21
CA TYR A 38 -18.94 -14.78 24.59
C TYR A 38 -19.04 -14.64 23.08
N PRO A 39 -18.41 -13.64 22.46
CA PRO A 39 -18.58 -13.46 21.01
C PRO A 39 -18.10 -14.64 20.18
N ASP A 40 -17.04 -15.32 20.61
CA ASP A 40 -16.49 -16.44 19.87
C ASP A 40 -15.92 -17.46 20.84
N LYS A 41 -15.52 -18.61 20.30
CA LYS A 41 -15.10 -19.76 21.10
C LYS A 41 -13.66 -19.66 21.58
N VAL A 42 -13.04 -18.47 21.51
CA VAL A 42 -11.65 -18.36 21.92
C VAL A 42 -11.56 -18.24 23.44
N PHE A 43 -10.36 -18.46 23.97
CA PHE A 43 -10.09 -18.41 25.39
C PHE A 43 -9.02 -17.37 25.68
N ARG A 44 -9.26 -16.54 26.69
CA ARG A 44 -8.30 -15.54 27.11
C ARG A 44 -8.29 -15.46 28.63
N SER A 45 -7.10 -15.39 29.21
CA SER A 45 -6.93 -15.40 30.65
C SER A 45 -6.38 -14.05 31.10
N SER A 46 -7.18 -13.33 31.90
CA SER A 46 -6.78 -12.03 32.45
C SER A 46 -6.35 -11.06 31.34
N VAL A 47 -7.10 -11.07 30.24
CA VAL A 47 -6.82 -10.22 29.09
C VAL A 47 -8.07 -9.41 28.78
N LEU A 48 -7.91 -8.10 28.67
CA LEU A 48 -9.01 -7.21 28.31
C LEU A 48 -9.13 -7.18 26.79
N HIS A 49 -10.29 -7.60 26.28
CA HIS A 49 -10.53 -7.69 24.85
C HIS A 49 -11.64 -6.74 24.44
N SER A 50 -11.53 -6.19 23.24
CA SER A 50 -12.55 -5.31 22.68
C SER A 50 -13.10 -5.94 21.41
N THR A 51 -14.42 -6.08 21.34
CA THR A 51 -15.08 -6.73 20.22
C THR A 51 -16.17 -5.81 19.66
N GLN A 52 -16.24 -5.74 18.34
CA GLN A 52 -17.28 -4.99 17.65
C GLN A 52 -18.34 -6.01 17.20
N ASP A 53 -19.31 -6.24 18.07
CA ASP A 53 -20.34 -7.24 17.80
C ASP A 53 -21.65 -6.74 18.42
N LEU A 54 -22.75 -7.41 18.05
CA LEU A 54 -24.09 -6.95 18.39
C LEU A 54 -24.43 -7.35 19.82
N PHE A 55 -23.99 -6.52 20.76
CA PHE A 55 -24.29 -6.72 22.16
C PHE A 55 -25.52 -5.91 22.57
N LEU A 56 -26.12 -6.30 23.69
CA LEU A 56 -27.23 -5.55 24.23
C LEU A 56 -26.71 -4.29 24.92
N PRO A 57 -27.16 -3.11 24.52
CA PRO A 57 -26.62 -1.88 25.12
C PRO A 57 -26.86 -1.83 26.62
N PHE A 58 -25.87 -1.31 27.34
CA PHE A 58 -25.98 -1.19 28.78
C PHE A 58 -27.02 -0.13 29.13
N PHE A 59 -27.83 -0.43 30.16
CA PHE A 59 -28.87 0.48 30.62
C PHE A 59 -29.82 0.85 29.47
N SER A 60 -30.17 -0.14 28.65
CA SER A 60 -31.11 0.04 27.57
C SER A 60 -32.47 -0.52 28.00
N ASN A 61 -33.53 0.24 27.74
CA ASN A 61 -34.86 -0.16 28.19
C ASN A 61 -35.37 -1.33 27.35
N VAL A 62 -35.81 -2.38 28.04
CA VAL A 62 -36.26 -3.62 27.42
C VAL A 62 -37.74 -3.80 27.72
N THR A 63 -38.48 -4.27 26.73
CA THR A 63 -39.93 -4.43 26.88
C THR A 63 -40.26 -5.47 27.95
N TRP A 64 -41.32 -5.21 28.69
CA TRP A 64 -41.81 -6.09 29.74
C TRP A 64 -43.13 -6.71 29.29
N PHE A 65 -43.35 -7.97 29.66
CA PHE A 65 -44.55 -8.68 29.24
C PHE A 65 -45.09 -9.54 30.38
N HIS A 66 -46.38 -9.82 30.33
CA HIS A 66 -47.09 -10.61 31.31
C HIS A 66 -47.78 -11.79 30.66
N ALA A 67 -47.96 -12.86 31.44
CA ALA A 67 -48.72 -14.02 31.00
C ALA A 67 -49.60 -14.61 32.10
N ILE A 68 -49.69 -13.99 33.27
CA ILE A 68 -50.46 -14.52 34.39
C ILE A 68 -51.93 -14.17 34.19
N HIS A 69 -52.81 -14.78 34.99
CA HIS A 69 -54.25 -14.55 34.94
C HIS A 69 -54.82 -14.81 33.55
N ARG A 78 -57.87 -12.37 30.07
CA ARG A 78 -56.58 -12.91 30.51
C ARG A 78 -55.42 -12.19 29.82
N PHE A 79 -54.22 -12.72 29.99
CA PHE A 79 -53.02 -12.17 29.39
C PHE A 79 -52.47 -13.11 28.33
N ASP A 80 -52.02 -12.55 27.22
CA ASP A 80 -51.51 -13.34 26.10
C ASP A 80 -50.11 -12.88 25.69
N ASN A 81 -49.60 -13.41 24.59
CA ASN A 81 -48.27 -13.09 24.10
C ASN A 81 -48.37 -12.45 22.72
N PRO A 82 -47.74 -11.29 22.51
CA PRO A 82 -47.79 -10.66 21.19
C PRO A 82 -46.68 -11.15 20.27
N VAL A 83 -46.60 -10.59 19.07
CA VAL A 83 -45.56 -10.93 18.11
C VAL A 83 -44.62 -9.74 18.03
N LEU A 84 -43.38 -9.94 18.49
CA LEU A 84 -42.38 -8.87 18.48
C LEU A 84 -41.39 -9.08 17.34
N PRO A 85 -40.92 -7.99 16.73
CA PRO A 85 -39.95 -8.14 15.64
C PRO A 85 -38.62 -8.71 16.14
N PHE A 86 -37.93 -9.43 15.25
CA PHE A 86 -36.60 -9.93 15.58
C PHE A 86 -35.59 -8.79 15.56
N ASN A 87 -35.38 -8.19 14.39
CA ASN A 87 -34.58 -6.99 14.22
C ASN A 87 -33.17 -7.15 14.81
N ASP A 88 -32.42 -8.09 14.21
CA ASP A 88 -30.99 -8.24 14.45
C ASP A 88 -30.68 -8.56 15.92
N GLY A 89 -31.48 -9.43 16.52
CA GLY A 89 -31.17 -9.90 17.85
C GLY A 89 -32.26 -9.72 18.89
N VAL A 90 -32.29 -10.61 19.88
CA VAL A 90 -33.28 -10.59 20.94
C VAL A 90 -32.62 -11.02 22.25
N TYR A 91 -32.94 -10.30 23.33
CA TYR A 91 -32.51 -10.68 24.67
C TYR A 91 -33.75 -11.18 25.41
N PHE A 92 -34.04 -12.46 25.26
CA PHE A 92 -35.22 -13.07 25.89
C PHE A 92 -34.84 -13.56 27.28
N ALA A 93 -35.20 -12.78 28.30
CA ALA A 93 -34.89 -13.11 29.69
C ALA A 93 -36.21 -13.40 30.41
N SER A 94 -36.50 -14.68 30.62
CA SER A 94 -37.74 -15.11 31.25
C SER A 94 -37.44 -15.79 32.57
N THR A 95 -38.05 -15.29 33.65
CA THR A 95 -38.01 -15.92 34.96
C THR A 95 -39.42 -16.38 35.29
N GLU A 96 -39.54 -17.59 35.85
CA GLU A 96 -40.85 -18.19 36.13
C GLU A 96 -40.70 -19.29 37.17
N LYS A 97 -41.70 -19.40 38.05
CA LYS A 97 -41.73 -20.50 39.00
C LYS A 97 -42.19 -21.79 38.35
N SER A 98 -43.15 -21.71 37.44
CA SER A 98 -43.82 -22.88 36.89
C SER A 98 -43.41 -23.21 35.46
N ASN A 99 -42.41 -22.51 34.92
CA ASN A 99 -41.85 -22.82 33.59
C ASN A 99 -42.93 -22.80 32.51
N ILE A 100 -43.71 -21.72 32.46
CA ILE A 100 -44.77 -21.61 31.47
C ILE A 100 -44.18 -21.41 30.08
N ILE A 101 -43.11 -20.62 29.97
CA ILE A 101 -42.46 -20.42 28.67
C ILE A 101 -41.87 -21.74 28.20
N ARG A 102 -42.17 -22.11 26.94
CA ARG A 102 -41.78 -23.40 26.44
C ARG A 102 -41.24 -23.38 25.01
N GLY A 103 -40.75 -22.25 24.52
CA GLY A 103 -40.16 -22.22 23.20
C GLY A 103 -40.50 -20.92 22.50
N TRP A 104 -40.08 -20.85 21.23
CA TRP A 104 -40.23 -19.64 20.43
C TRP A 104 -40.44 -20.02 18.97
N ILE A 105 -40.93 -19.06 18.19
CA ILE A 105 -41.11 -19.20 16.76
C ILE A 105 -40.37 -18.06 16.07
N PHE A 106 -39.55 -18.40 15.08
CA PHE A 106 -38.73 -17.43 14.35
C PHE A 106 -38.96 -17.62 12.85
N GLY A 107 -39.91 -16.87 12.30
CA GLY A 107 -40.20 -16.95 10.88
C GLY A 107 -40.59 -15.60 10.32
N THR A 108 -40.29 -15.41 9.03
CA THR A 108 -40.67 -14.17 8.37
C THR A 108 -42.18 -14.02 8.29
N THR A 109 -42.89 -15.11 7.99
CA THR A 109 -44.34 -15.11 7.94
C THR A 109 -44.98 -15.98 9.01
N LEU A 110 -44.29 -17.05 9.45
CA LEU A 110 -44.73 -17.93 10.53
C LEU A 110 -46.18 -18.39 10.37
N ASP A 111 -46.65 -18.48 9.13
CA ASP A 111 -48.02 -18.93 8.86
C ASP A 111 -48.04 -19.86 7.66
N SER A 112 -47.04 -20.74 7.57
CA SER A 112 -46.94 -21.78 6.54
C SER A 112 -46.69 -21.20 5.15
N LYS A 113 -46.65 -19.87 5.04
CA LYS A 113 -46.38 -19.26 3.75
C LYS A 113 -44.94 -19.50 3.30
N THR A 114 -43.99 -19.36 4.23
CA THR A 114 -42.58 -19.60 3.95
C THR A 114 -41.99 -20.43 5.08
N GLN A 115 -40.76 -20.90 4.86
CA GLN A 115 -40.07 -21.69 5.86
C GLN A 115 -39.86 -20.88 7.13
N SER A 116 -40.07 -21.51 8.28
CA SER A 116 -39.96 -20.84 9.56
C SER A 116 -39.36 -21.77 10.59
N LEU A 117 -38.65 -21.19 11.56
CA LEU A 117 -38.02 -21.94 12.64
C LEU A 117 -39.00 -22.09 13.78
N LEU A 118 -38.99 -23.26 14.42
CA LEU A 118 -39.84 -23.55 15.57
C LEU A 118 -39.04 -24.31 16.60
N ILE A 119 -39.03 -23.81 17.83
CA ILE A 119 -38.37 -24.46 18.96
C ILE A 119 -39.42 -24.74 20.03
N VAL A 120 -39.48 -26.00 20.47
CA VAL A 120 -40.35 -26.42 21.56
C VAL A 120 -39.47 -26.97 22.68
N ASN A 121 -39.90 -26.80 23.91
CA ASN A 121 -39.15 -27.26 25.07
C ASN A 121 -39.93 -28.39 25.75
N ASN A 122 -39.32 -29.56 25.81
CA ASN A 122 -39.90 -30.73 26.44
C ASN A 122 -38.86 -31.30 27.40
N ALA A 123 -39.32 -31.73 28.57
CA ALA A 123 -38.40 -32.08 29.66
C ALA A 123 -37.38 -33.13 29.24
N THR A 124 -37.77 -34.02 28.33
CA THR A 124 -36.84 -35.07 27.91
C THR A 124 -35.97 -34.61 26.75
N ASN A 125 -36.53 -33.88 25.79
CA ASN A 125 -35.78 -33.51 24.60
C ASN A 125 -36.30 -32.18 24.07
N VAL A 126 -35.45 -31.51 23.30
CA VAL A 126 -35.77 -30.23 22.66
C VAL A 126 -35.78 -30.43 21.16
N VAL A 127 -36.81 -29.92 20.50
CA VAL A 127 -37.02 -30.13 19.07
C VAL A 127 -36.94 -28.80 18.34
N ILE A 128 -36.13 -28.76 17.29
CA ILE A 128 -35.98 -27.58 16.44
C ILE A 128 -36.21 -28.01 15.00
N LYS A 129 -37.13 -27.33 14.32
CA LYS A 129 -37.50 -27.70 12.97
C LYS A 129 -37.61 -26.47 12.09
N VAL A 130 -37.47 -26.68 10.78
CA VAL A 130 -37.67 -25.63 9.78
C VAL A 130 -39.02 -25.78 9.11
N CYS A 131 -39.71 -26.89 9.34
CA CYS A 131 -40.93 -27.21 8.61
C CYS A 131 -41.96 -26.10 8.72
N GLU A 132 -42.37 -25.57 7.57
CA GLU A 132 -43.34 -24.48 7.51
C GLU A 132 -44.71 -25.06 7.83
N PHE A 133 -45.43 -24.42 8.75
CA PHE A 133 -46.75 -24.85 9.16
C PHE A 133 -47.50 -23.65 9.73
N GLN A 134 -48.82 -23.71 9.64
CA GLN A 134 -49.69 -22.68 10.18
C GLN A 134 -50.24 -23.14 11.52
N PHE A 135 -50.24 -22.23 12.50
CA PHE A 135 -50.78 -22.52 13.82
C PHE A 135 -51.73 -21.40 14.23
N CYS A 136 -52.66 -21.75 15.12
CA CYS A 136 -53.70 -20.82 15.54
C CYS A 136 -53.09 -19.61 16.25
N ASN A 137 -53.91 -18.57 16.39
CA ASN A 137 -53.48 -17.36 17.08
C ASN A 137 -53.14 -17.66 18.53
N ASP A 138 -53.66 -18.76 19.07
CA ASP A 138 -53.29 -19.24 20.39
C ASP A 138 -52.36 -20.45 20.23
N PRO A 139 -51.05 -20.25 20.15
CA PRO A 139 -50.13 -21.37 19.91
C PRO A 139 -49.71 -22.06 21.19
N PHE A 140 -50.47 -21.85 22.26
CA PHE A 140 -50.12 -22.37 23.57
C PHE A 140 -49.96 -23.89 23.55
N LEU A 141 -48.98 -24.37 24.32
CA LEU A 141 -48.76 -25.81 24.44
C LEU A 141 -49.77 -26.42 25.42
N GLY A 142 -50.43 -27.48 24.98
CA GLY A 142 -51.45 -28.11 25.81
C GLY A 142 -50.91 -29.27 26.64
N VAL A 143 -51.04 -29.16 27.95
CA VAL A 143 -50.60 -30.22 28.85
C VAL A 143 -51.70 -30.54 29.86
N ASN A 165 -43.04 -29.18 3.85
CA ASN A 165 -41.83 -30.00 3.92
C ASN A 165 -40.91 -29.54 5.05
N CYS A 166 -39.68 -30.05 5.04
CA CYS A 166 -38.69 -29.69 6.05
C CYS A 166 -37.33 -29.63 5.37
N THR A 167 -36.38 -28.95 6.01
CA THR A 167 -35.02 -28.88 5.48
C THR A 167 -33.98 -29.16 6.55
N PHE A 168 -34.35 -29.04 7.82
CA PHE A 168 -33.37 -29.19 8.90
C PHE A 168 -34.08 -29.68 10.14
N GLU A 169 -33.32 -30.29 11.04
CA GLU A 169 -33.85 -30.75 12.31
C GLU A 169 -32.71 -30.93 13.30
N TYR A 170 -32.98 -30.62 14.57
CA TYR A 170 -32.01 -30.78 15.64
C TYR A 170 -32.69 -31.45 16.83
N VAL A 171 -31.95 -32.30 17.52
CA VAL A 171 -32.45 -33.04 18.68
C VAL A 171 -31.52 -32.75 19.85
N SER A 172 -32.10 -32.33 20.97
CA SER A 172 -31.31 -32.02 22.16
C SER A 172 -31.87 -32.74 23.38
N PHE A 186 -39.56 -17.36 41.79
CA PHE A 186 -38.75 -16.94 40.65
C PHE A 186 -37.27 -17.15 40.94
N LYS A 187 -36.95 -18.29 41.56
CA LYS A 187 -35.57 -18.58 41.93
C LYS A 187 -34.67 -18.81 40.73
N ASN A 188 -35.24 -19.16 39.57
CA ASN A 188 -34.47 -19.44 38.37
C ASN A 188 -34.79 -18.41 37.29
N LEU A 189 -33.76 -17.74 36.80
CA LEU A 189 -33.89 -16.78 35.71
C LEU A 189 -33.10 -17.29 34.51
N ARG A 190 -33.76 -17.35 33.36
CA ARG A 190 -33.16 -17.85 32.13
C ARG A 190 -32.98 -16.69 31.16
N GLU A 191 -31.73 -16.46 30.75
CA GLU A 191 -31.40 -15.40 29.81
C GLU A 191 -30.97 -16.02 28.49
N PHE A 192 -31.54 -15.52 27.39
CA PHE A 192 -31.28 -16.05 26.06
C PHE A 192 -30.94 -14.91 25.12
N VAL A 193 -30.07 -15.20 24.15
CA VAL A 193 -29.73 -14.26 23.09
C VAL A 193 -29.79 -15.01 21.76
N PHE A 194 -30.60 -14.51 20.84
CA PHE A 194 -30.70 -15.08 19.49
C PHE A 194 -30.22 -14.06 18.49
N LYS A 195 -29.54 -14.53 17.45
CA LYS A 195 -29.07 -13.64 16.39
C LYS A 195 -28.96 -14.43 15.10
N ASN A 196 -28.98 -13.71 13.97
CA ASN A 196 -28.92 -14.31 12.65
C ASN A 196 -27.89 -13.54 11.82
N ILE A 197 -26.71 -14.12 11.68
CA ILE A 197 -25.65 -13.54 10.85
C ILE A 197 -25.04 -14.66 10.01
N ASP A 198 -24.92 -14.41 8.70
CA ASP A 198 -24.33 -15.36 7.75
C ASP A 198 -25.09 -16.69 7.71
N GLY A 199 -26.39 -16.66 7.99
CA GLY A 199 -27.20 -17.87 7.90
C GLY A 199 -27.04 -18.83 9.05
N TYR A 200 -26.70 -18.33 10.24
CA TYR A 200 -26.59 -19.18 11.42
C TYR A 200 -27.46 -18.60 12.52
N PHE A 201 -28.18 -19.47 13.22
CA PHE A 201 -29.06 -19.09 14.32
C PHE A 201 -28.37 -19.44 15.63
N LYS A 202 -27.53 -18.52 16.10
CA LYS A 202 -26.77 -18.74 17.33
C LYS A 202 -27.64 -18.48 18.55
N ILE A 203 -27.46 -19.32 19.57
CA ILE A 203 -28.23 -19.24 20.81
C ILE A 203 -27.27 -19.23 21.99
N TYR A 204 -27.51 -18.33 22.93
CA TYR A 204 -26.72 -18.26 24.16
C TYR A 204 -27.67 -18.36 25.35
N SER A 205 -27.15 -18.88 26.47
CA SER A 205 -28.00 -19.10 27.63
C SER A 205 -27.17 -19.02 28.91
N LYS A 206 -27.88 -18.79 30.01
CA LYS A 206 -27.28 -18.75 31.34
C LYS A 206 -28.40 -18.88 32.36
N HIS A 207 -28.16 -19.66 33.41
CA HIS A 207 -29.21 -19.97 34.38
C HIS A 207 -28.78 -19.63 35.80
N THR A 208 -28.24 -18.44 36.00
CA THR A 208 -27.81 -18.02 37.33
C THR A 208 -29.02 -17.92 38.25
N PRO A 209 -28.99 -18.54 39.42
CA PRO A 209 -30.10 -18.40 40.37
C PRO A 209 -30.28 -16.94 40.80
N ILE A 210 -31.54 -16.52 40.88
CA ILE A 210 -31.89 -15.15 41.24
C ILE A 210 -32.89 -15.18 42.38
N ASN A 211 -32.58 -14.44 43.45
CA ASN A 211 -33.44 -14.39 44.62
C ASN A 211 -34.45 -13.25 44.58
N LEU A 212 -34.49 -12.49 43.50
CA LEU A 212 -35.40 -11.36 43.35
C LEU A 212 -36.54 -11.74 42.40
N VAL A 213 -37.77 -11.47 42.82
CA VAL A 213 -38.94 -11.76 42.00
C VAL A 213 -39.47 -10.53 41.28
N ARG A 214 -39.09 -9.33 41.70
CA ARG A 214 -39.62 -8.11 41.08
C ARG A 214 -38.99 -7.86 39.71
N ASP A 215 -37.68 -8.05 39.59
CA ASP A 215 -36.98 -7.68 38.38
C ASP A 215 -35.64 -8.41 38.32
N LEU A 216 -35.01 -8.32 37.15
CA LEU A 216 -33.66 -8.84 36.99
C LEU A 216 -32.71 -7.98 37.84
N PRO A 217 -31.94 -8.57 38.74
CA PRO A 217 -31.19 -7.78 39.72
C PRO A 217 -29.87 -7.28 39.14
N GLN A 218 -29.19 -6.47 39.94
CA GLN A 218 -27.86 -6.00 39.58
C GLN A 218 -26.86 -7.16 39.61
N GLY A 219 -25.75 -6.98 38.92
CA GLY A 219 -24.72 -7.99 38.80
C GLY A 219 -24.40 -8.27 37.35
N PHE A 220 -23.47 -9.20 37.16
CA PHE A 220 -23.00 -9.54 35.83
C PHE A 220 -22.91 -11.05 35.67
N SER A 221 -23.42 -11.55 34.56
CA SER A 221 -23.35 -12.98 34.25
C SER A 221 -23.29 -13.14 32.75
N ALA A 222 -22.22 -13.76 32.25
CA ALA A 222 -22.09 -13.97 30.81
C ALA A 222 -22.91 -15.18 30.37
N LEU A 223 -23.18 -15.24 29.07
CA LEU A 223 -23.99 -16.28 28.48
C LEU A 223 -23.13 -17.15 27.56
N GLU A 224 -23.14 -18.46 27.80
CA GLU A 224 -22.37 -19.40 27.01
C GLU A 224 -23.20 -19.92 25.85
N PRO A 225 -22.64 -20.00 24.64
CA PRO A 225 -23.41 -20.51 23.50
C PRO A 225 -23.80 -21.97 23.72
N LEU A 226 -24.98 -22.33 23.22
CA LEU A 226 -25.51 -23.68 23.35
C LEU A 226 -25.66 -24.39 22.02
N VAL A 227 -26.34 -23.76 21.06
CA VAL A 227 -26.56 -24.35 19.74
C VAL A 227 -26.21 -23.32 18.69
N ASP A 228 -25.44 -23.73 17.68
CA ASP A 228 -25.06 -22.89 16.56
C ASP A 228 -25.44 -23.57 15.25
N LEU A 229 -26.68 -24.05 15.19
CA LEU A 229 -27.13 -24.82 14.04
C LEU A 229 -27.16 -23.96 12.79
N PRO A 230 -26.75 -24.50 11.64
CA PRO A 230 -26.72 -23.74 10.37
C PRO A 230 -28.08 -23.71 9.67
N ILE A 231 -28.93 -22.79 10.14
CA ILE A 231 -30.32 -22.76 9.67
C ILE A 231 -30.41 -22.24 8.24
N GLY A 232 -29.76 -21.11 7.95
CA GLY A 232 -29.72 -20.60 6.60
C GLY A 232 -30.99 -19.94 6.11
N ILE A 233 -31.89 -19.53 6.99
CA ILE A 233 -33.10 -18.81 6.59
C ILE A 233 -33.11 -17.45 7.25
N ASN A 234 -33.90 -16.54 6.66
CA ASN A 234 -34.06 -15.20 7.19
C ASN A 234 -35.18 -15.15 8.21
N ILE A 235 -34.97 -14.37 9.27
CA ILE A 235 -35.97 -14.19 10.32
C ILE A 235 -36.12 -12.70 10.59
N THR A 236 -37.37 -12.22 10.56
CA THR A 236 -37.69 -10.85 10.93
C THR A 236 -38.79 -10.73 11.96
N ARG A 237 -39.45 -11.83 12.32
CA ARG A 237 -40.53 -11.83 13.31
C ARG A 237 -40.24 -12.89 14.35
N PHE A 238 -40.74 -12.66 15.55
CA PHE A 238 -40.43 -13.53 16.68
C PHE A 238 -41.68 -13.69 17.54
N GLN A 239 -41.87 -14.90 18.07
CA GLN A 239 -43.02 -15.24 18.89
C GLN A 239 -42.54 -16.12 20.04
N THR A 240 -43.34 -16.15 21.10
CA THR A 240 -43.03 -16.96 22.28
C THR A 240 -44.17 -17.93 22.56
N LEU A 241 -43.85 -19.04 23.21
CA LEU A 241 -44.80 -20.09 23.52
C LEU A 241 -45.09 -20.12 25.01
N LEU A 242 -46.34 -20.43 25.36
CA LEU A 242 -46.79 -20.47 26.75
C LEU A 242 -47.60 -21.74 26.97
N ALA A 243 -48.15 -21.86 28.18
CA ALA A 243 -48.99 -22.99 28.54
C ALA A 243 -50.18 -22.51 29.36
N LEU A 244 -51.33 -23.15 29.15
CA LEU A 244 -52.55 -22.84 29.86
C LEU A 244 -53.01 -24.08 30.63
N HIS A 245 -53.44 -23.88 31.88
CA HIS A 245 -53.91 -24.97 32.71
C HIS A 245 -55.37 -25.31 32.39
N ALA A 263 -45.18 -15.28 35.60
CA ALA A 263 -44.84 -15.57 34.22
C ALA A 263 -44.52 -14.29 33.46
N ALA A 264 -43.41 -13.65 33.81
CA ALA A 264 -42.98 -12.40 33.19
C ALA A 264 -41.68 -12.63 32.44
N TYR A 265 -41.63 -12.19 31.19
CA TYR A 265 -40.42 -12.28 30.38
C TYR A 265 -40.13 -10.93 29.74
N TYR A 266 -38.85 -10.62 29.62
CA TYR A 266 -38.39 -9.36 29.07
C TYR A 266 -37.75 -9.59 27.71
N VAL A 267 -38.06 -8.72 26.76
CA VAL A 267 -37.53 -8.82 25.40
C VAL A 267 -36.55 -7.67 25.21
N GLY A 268 -35.30 -8.01 24.87
CA GLY A 268 -34.27 -7.04 24.59
C GLY A 268 -34.01 -6.93 23.10
N TYR A 269 -33.17 -5.95 22.75
CA TYR A 269 -32.86 -5.68 21.36
C TYR A 269 -31.36 -5.47 21.23
N LEU A 270 -30.79 -5.98 20.15
CA LEU A 270 -29.35 -5.98 19.95
C LEU A 270 -28.99 -5.08 18.77
N GLN A 271 -28.03 -4.20 18.99
CA GLN A 271 -27.50 -3.32 17.95
C GLN A 271 -25.98 -3.34 18.00
N PRO A 272 -25.32 -3.05 16.88
CA PRO A 272 -23.85 -3.08 16.87
C PRO A 272 -23.23 -2.08 17.83
N ARG A 273 -22.58 -2.59 18.88
CA ARG A 273 -22.02 -1.76 19.94
C ARG A 273 -20.70 -2.36 20.38
N THR A 274 -19.63 -1.59 20.29
CA THR A 274 -18.32 -2.06 20.74
C THR A 274 -18.33 -2.24 22.25
N PHE A 275 -17.66 -3.31 22.71
CA PHE A 275 -17.58 -3.64 24.12
C PHE A 275 -16.12 -3.80 24.50
N LEU A 276 -15.87 -3.82 25.82
CA LEU A 276 -14.53 -4.09 26.38
C LEU A 276 -14.71 -5.16 27.45
N LEU A 277 -14.63 -6.41 27.03
CA LEU A 277 -14.85 -7.53 27.94
C LEU A 277 -13.61 -7.78 28.79
N LYS A 278 -13.83 -8.12 30.06
CA LYS A 278 -12.76 -8.45 30.98
C LYS A 278 -12.82 -9.94 31.25
N TYR A 279 -11.79 -10.66 30.81
CA TYR A 279 -11.71 -12.10 31.02
C TYR A 279 -11.00 -12.40 32.33
N ASN A 280 -11.52 -13.38 33.06
CA ASN A 280 -10.90 -13.81 34.31
C ASN A 280 -9.74 -14.74 34.01
N GLU A 281 -9.11 -15.28 35.06
CA GLU A 281 -7.97 -16.16 34.85
C GLU A 281 -8.40 -17.49 34.26
N ASN A 282 -9.62 -17.93 34.55
CA ASN A 282 -10.14 -19.18 34.01
C ASN A 282 -10.84 -18.99 32.66
N GLY A 283 -10.99 -17.75 32.20
CA GLY A 283 -11.59 -17.47 30.91
C GLY A 283 -13.03 -17.03 30.95
N THR A 284 -13.62 -16.86 32.14
CA THR A 284 -15.01 -16.43 32.25
C THR A 284 -15.09 -14.91 32.25
N ILE A 285 -16.05 -14.38 31.51
CA ILE A 285 -16.23 -12.94 31.36
C ILE A 285 -16.85 -12.43 32.66
N THR A 286 -16.03 -11.81 33.51
CA THR A 286 -16.49 -11.35 34.82
C THR A 286 -17.06 -9.95 34.81
N ASP A 287 -16.66 -9.11 33.85
CA ASP A 287 -17.18 -7.75 33.76
C ASP A 287 -16.95 -7.24 32.35
N ALA A 288 -17.72 -6.21 31.99
CA ALA A 288 -17.58 -5.59 30.67
C ALA A 288 -18.11 -4.17 30.75
N VAL A 289 -17.55 -3.30 29.93
CA VAL A 289 -17.98 -1.90 29.87
C VAL A 289 -18.37 -1.57 28.44
N ASP A 290 -19.26 -0.60 28.30
CA ASP A 290 -19.66 -0.12 26.99
C ASP A 290 -18.55 0.73 26.37
N CYS A 291 -18.69 1.00 25.08
CA CYS A 291 -17.79 1.89 24.37
C CYS A 291 -18.45 3.20 23.97
N ALA A 292 -19.77 3.32 24.17
CA ALA A 292 -20.48 4.54 23.80
C ALA A 292 -21.54 4.94 24.82
N LEU A 293 -21.54 4.35 26.01
CA LEU A 293 -22.56 4.69 27.00
C LEU A 293 -22.37 6.11 27.53
N ASP A 294 -21.14 6.44 27.91
CA ASP A 294 -20.85 7.76 28.48
C ASP A 294 -19.35 8.03 28.31
N PRO A 295 -18.92 9.28 28.50
CA PRO A 295 -17.50 9.60 28.27
C PRO A 295 -16.55 8.78 29.10
N LEU A 296 -16.90 8.44 30.34
CA LEU A 296 -16.00 7.61 31.15
C LEU A 296 -15.81 6.23 30.54
N SER A 297 -16.90 5.62 30.06
CA SER A 297 -16.78 4.33 29.39
C SER A 297 -15.99 4.45 28.10
N GLU A 298 -16.17 5.56 27.38
CA GLU A 298 -15.38 5.76 26.16
C GLU A 298 -13.89 5.89 26.48
N THR A 299 -13.56 6.58 27.56
CA THR A 299 -12.17 6.69 27.99
C THR A 299 -11.60 5.33 28.36
N LYS A 300 -12.39 4.53 29.10
CA LYS A 300 -11.95 3.17 29.43
C LYS A 300 -11.72 2.35 28.17
N CYS A 301 -12.61 2.50 27.19
CA CYS A 301 -12.44 1.78 25.91
C CYS A 301 -11.16 2.20 25.21
N THR A 302 -10.90 3.51 25.15
CA THR A 302 -9.73 4.00 24.42
C THR A 302 -8.44 3.59 25.11
N LEU A 303 -8.40 3.61 26.44
CA LEU A 303 -7.20 3.22 27.16
C LEU A 303 -7.10 1.73 27.43
N LYS A 304 -8.11 0.95 27.04
CA LYS A 304 -8.09 -0.52 27.15
C LYS A 304 -7.83 -0.95 28.60
N SER A 305 -8.46 -0.27 29.54
CA SER A 305 -8.34 -0.62 30.94
C SER A 305 -9.62 -0.25 31.66
N PHE A 306 -9.92 -1.00 32.73
CA PHE A 306 -11.09 -0.72 33.54
C PHE A 306 -10.87 0.40 34.55
N THR A 307 -9.62 0.80 34.77
CA THR A 307 -9.31 1.94 35.62
C THR A 307 -8.47 2.92 34.82
N VAL A 308 -8.74 4.21 35.00
CA VAL A 308 -8.01 5.27 34.33
C VAL A 308 -7.58 6.29 35.38
N GLU A 309 -6.30 6.66 35.35
CA GLU A 309 -5.76 7.59 36.32
C GLU A 309 -6.16 9.02 35.97
N LYS A 310 -5.97 9.93 36.93
CA LYS A 310 -6.34 11.32 36.74
C LYS A 310 -5.60 11.92 35.56
N GLY A 311 -6.31 12.71 34.77
CA GLY A 311 -5.74 13.33 33.60
C GLY A 311 -6.81 13.62 32.57
N ILE A 312 -6.36 14.07 31.40
CA ILE A 312 -7.23 14.41 30.29
C ILE A 312 -6.89 13.50 29.12
N TYR A 313 -7.90 12.79 28.61
CA TYR A 313 -7.72 11.78 27.58
C TYR A 313 -8.62 12.09 26.40
N GLN A 314 -8.06 12.06 25.19
CA GLN A 314 -8.84 12.25 23.98
C GLN A 314 -9.47 10.92 23.59
N THR A 315 -10.79 10.92 23.39
CA THR A 315 -11.53 9.69 23.13
C THR A 315 -11.96 9.55 21.67
N SER A 316 -12.67 10.53 21.13
CA SER A 316 -13.19 10.44 19.77
C SER A 316 -13.29 11.85 19.19
N ASN A 317 -13.75 11.91 17.94
CA ASN A 317 -13.86 13.16 17.21
C ASN A 317 -15.32 13.57 17.10
N PHE A 318 -15.60 14.84 17.41
CA PHE A 318 -16.94 15.40 17.28
C PHE A 318 -17.06 16.06 15.92
N ARG A 319 -17.94 15.52 15.07
CA ARG A 319 -18.14 16.01 13.71
C ARG A 319 -19.61 16.29 13.48
N VAL A 320 -19.91 17.46 12.93
CA VAL A 320 -21.29 17.83 12.59
C VAL A 320 -21.59 17.28 11.20
N GLN A 321 -22.42 16.24 11.14
CA GLN A 321 -22.77 15.64 9.86
C GLN A 321 -23.63 16.61 9.06
N PRO A 322 -23.53 16.57 7.73
CA PRO A 322 -24.36 17.44 6.90
C PRO A 322 -25.84 17.15 7.11
N THR A 323 -26.63 18.23 7.18
CA THR A 323 -28.06 18.08 7.47
C THR A 323 -28.88 18.05 6.19
N GLU A 324 -28.60 18.96 5.25
CA GLU A 324 -29.34 19.06 4.01
C GLU A 324 -28.37 19.04 2.83
N SER A 325 -28.89 18.70 1.66
CA SER A 325 -28.11 18.64 0.43
C SER A 325 -28.71 19.61 -0.58
N ILE A 326 -27.88 20.49 -1.13
CA ILE A 326 -28.30 21.48 -2.11
C ILE A 326 -27.46 21.31 -3.37
N VAL A 327 -28.11 21.38 -4.52
CA VAL A 327 -27.45 21.33 -5.82
C VAL A 327 -27.93 22.52 -6.62
N ARG A 328 -27.00 23.33 -7.12
CA ARG A 328 -27.35 24.53 -7.87
C ARG A 328 -26.63 24.54 -9.20
N PHE A 329 -27.33 24.96 -10.24
CA PHE A 329 -26.84 25.04 -11.60
C PHE A 329 -27.33 26.34 -12.21
N PRO A 330 -26.68 26.83 -13.26
CA PRO A 330 -27.06 28.14 -13.82
C PRO A 330 -28.50 28.14 -14.32
N ASN A 331 -29.09 29.34 -14.33
CA ASN A 331 -30.47 29.49 -14.77
C ASN A 331 -30.63 28.95 -16.18
N ILE A 332 -31.67 28.14 -16.37
CA ILE A 332 -31.78 27.32 -17.58
C ILE A 332 -31.99 28.22 -18.79
N THR A 333 -31.32 27.87 -19.89
CA THR A 333 -31.49 28.56 -21.16
C THR A 333 -32.61 27.89 -21.96
N ASN A 334 -32.86 28.41 -23.16
CA ASN A 334 -33.95 27.90 -23.98
C ASN A 334 -33.72 26.44 -24.34
N LEU A 335 -34.78 25.63 -24.22
CA LEU A 335 -34.71 24.23 -24.56
C LEU A 335 -34.79 24.05 -26.08
N CYS A 336 -34.42 22.86 -26.54
CA CYS A 336 -34.36 22.61 -27.96
C CYS A 336 -35.77 22.49 -28.54
N PRO A 337 -36.01 22.98 -29.75
CA PRO A 337 -37.36 22.96 -30.34
C PRO A 337 -37.68 21.64 -31.03
N PHE A 338 -37.63 20.55 -30.26
CA PHE A 338 -38.10 19.27 -30.77
C PHE A 338 -39.59 19.30 -31.06
N GLY A 339 -40.36 19.98 -30.20
CA GLY A 339 -41.77 20.15 -30.47
C GLY A 339 -42.03 20.92 -31.76
N GLU A 340 -41.11 21.80 -32.13
CA GLU A 340 -41.26 22.54 -33.38
C GLU A 340 -41.10 21.61 -34.58
N VAL A 341 -40.08 20.76 -34.58
CA VAL A 341 -39.86 19.86 -35.71
C VAL A 341 -40.93 18.78 -35.74
N PHE A 342 -41.44 18.39 -34.58
CA PHE A 342 -42.54 17.42 -34.55
C PHE A 342 -43.86 18.06 -34.95
N ASN A 343 -43.96 19.38 -34.81
CA ASN A 343 -45.15 20.13 -35.16
C ASN A 343 -45.11 20.70 -36.57
N ALA A 344 -44.10 20.35 -37.36
CA ALA A 344 -44.00 20.85 -38.72
C ALA A 344 -45.21 20.45 -39.53
N THR A 345 -45.80 21.43 -40.23
CA THR A 345 -47.02 21.16 -41.00
C THR A 345 -46.75 20.20 -42.14
N ARG A 346 -45.62 20.34 -42.83
CA ARG A 346 -45.26 19.48 -43.94
C ARG A 346 -44.09 18.59 -43.54
N PHE A 347 -44.28 17.29 -43.66
CA PHE A 347 -43.21 16.32 -43.46
C PHE A 347 -42.67 15.87 -44.81
N ALA A 348 -41.42 15.43 -44.80
CA ALA A 348 -40.78 15.00 -46.02
C ALA A 348 -41.39 13.69 -46.53
N SER A 349 -41.12 13.39 -47.79
CA SER A 349 -41.50 12.10 -48.33
C SER A 349 -40.60 11.02 -47.77
N VAL A 350 -41.09 9.77 -47.80
CA VAL A 350 -40.33 8.67 -47.19
C VAL A 350 -39.05 8.42 -47.96
N TYR A 351 -39.10 8.50 -49.30
CA TYR A 351 -37.88 8.31 -50.08
C TYR A 351 -36.93 9.49 -49.92
N ALA A 352 -37.46 10.70 -49.91
CA ALA A 352 -36.68 11.91 -49.67
C ALA A 352 -36.84 12.37 -48.22
N TRP A 353 -36.37 11.51 -47.31
CA TRP A 353 -36.58 11.75 -45.88
C TRP A 353 -35.70 12.90 -45.39
N ASN A 354 -36.31 13.84 -44.68
CA ASN A 354 -35.57 14.96 -44.14
C ASN A 354 -34.61 14.49 -43.05
N ARG A 355 -33.50 15.22 -42.92
CA ARG A 355 -32.53 14.98 -41.86
C ARG A 355 -32.27 16.31 -41.13
N LYS A 356 -32.48 16.31 -39.82
CA LYS A 356 -32.38 17.51 -39.01
C LYS A 356 -31.32 17.30 -37.93
N ARG A 357 -30.49 18.31 -37.72
CA ARG A 357 -29.44 18.26 -36.72
C ARG A 357 -29.63 19.40 -35.72
N ILE A 358 -29.61 19.05 -34.44
CA ILE A 358 -29.79 20.01 -33.35
C ILE A 358 -28.48 20.08 -32.58
N SER A 359 -27.97 21.30 -32.38
CA SER A 359 -26.68 21.48 -31.72
C SER A 359 -26.69 22.79 -30.95
N ASN A 360 -25.80 22.87 -29.95
CA ASN A 360 -25.64 24.05 -29.11
C ASN A 360 -26.93 24.42 -28.38
N CYS A 361 -27.51 23.45 -27.68
CA CYS A 361 -28.79 23.68 -27.03
C CYS A 361 -29.05 22.57 -26.01
N VAL A 362 -29.63 22.96 -24.89
CA VAL A 362 -30.07 22.01 -23.86
C VAL A 362 -31.38 21.40 -24.31
N ALA A 363 -31.45 20.07 -24.29
CA ALA A 363 -32.58 19.34 -24.86
C ALA A 363 -33.40 18.69 -23.76
N ASP A 364 -34.68 19.03 -23.70
CA ASP A 364 -35.61 18.44 -22.74
C ASP A 364 -36.53 17.47 -23.46
N TYR A 365 -36.53 16.22 -23.02
CA TYR A 365 -37.36 15.18 -23.60
C TYR A 365 -38.62 14.89 -22.79
N SER A 366 -38.89 15.70 -21.77
CA SER A 366 -40.08 15.49 -20.95
C SER A 366 -41.35 15.64 -21.77
N VAL A 367 -41.39 16.63 -22.66
CA VAL A 367 -42.57 16.83 -23.50
C VAL A 367 -42.77 15.64 -24.44
N LEU A 368 -41.69 15.17 -25.06
CA LEU A 368 -41.80 14.03 -25.97
C LEU A 368 -42.27 12.78 -25.23
N TYR A 369 -41.79 12.57 -24.00
CA TYR A 369 -42.31 11.48 -23.19
C TYR A 369 -43.80 11.64 -22.87
N ASN A 370 -44.19 12.79 -22.32
CA ASN A 370 -45.53 12.92 -21.77
C ASN A 370 -46.58 13.03 -22.86
N SER A 371 -46.22 13.51 -24.04
CA SER A 371 -47.18 13.68 -25.12
C SER A 371 -47.70 12.32 -25.58
N ALA A 372 -49.03 12.15 -25.54
CA ALA A 372 -49.67 10.93 -25.99
C ALA A 372 -50.06 11.00 -27.47
N SER A 373 -49.77 12.11 -28.14
CA SER A 373 -50.04 12.20 -29.57
C SER A 373 -49.21 11.20 -30.36
N PHE A 374 -48.03 10.87 -29.85
CA PHE A 374 -47.17 9.89 -30.51
C PHE A 374 -47.63 8.48 -30.15
N SER A 375 -48.14 7.74 -31.14
CA SER A 375 -48.50 6.35 -30.92
C SER A 375 -47.28 5.50 -30.59
N THR A 376 -46.17 5.74 -31.29
CA THR A 376 -44.92 5.01 -31.09
C THR A 376 -43.90 5.94 -30.45
N PHE A 377 -43.21 5.44 -29.41
CA PHE A 377 -42.09 6.16 -28.82
C PHE A 377 -40.97 5.18 -28.47
N LYS A 378 -41.23 3.87 -28.61
CA LYS A 378 -40.31 2.83 -28.17
C LYS A 378 -38.86 3.15 -28.53
N CYS A 379 -37.97 3.00 -27.56
CA CYS A 379 -36.58 3.45 -27.68
C CYS A 379 -35.65 2.24 -27.68
N TYR A 380 -34.71 2.24 -28.61
CA TYR A 380 -33.69 1.20 -28.71
C TYR A 380 -32.44 1.52 -27.90
N GLY A 381 -32.43 2.62 -27.16
CA GLY A 381 -31.28 2.97 -26.36
C GLY A 381 -31.17 2.11 -25.11
N VAL A 382 -30.07 2.35 -24.36
CA VAL A 382 -29.82 1.58 -23.15
C VAL A 382 -30.92 1.81 -22.12
N SER A 383 -31.29 3.07 -21.91
CA SER A 383 -32.37 3.41 -20.99
C SER A 383 -33.33 4.36 -21.69
N PRO A 384 -34.59 3.98 -21.91
CA PRO A 384 -35.51 4.89 -22.60
C PRO A 384 -35.77 6.19 -21.85
N THR A 385 -35.56 6.21 -20.53
CA THR A 385 -36.01 7.32 -19.70
C THR A 385 -34.90 8.23 -19.22
N LYS A 386 -33.65 7.75 -19.21
CA LYS A 386 -32.54 8.51 -18.68
C LYS A 386 -31.82 9.32 -19.74
N LEU A 387 -32.48 9.63 -20.85
CA LEU A 387 -31.85 10.44 -21.89
C LEU A 387 -31.54 11.84 -21.39
N ASN A 388 -32.34 12.35 -20.45
CA ASN A 388 -32.00 13.62 -19.83
C ASN A 388 -30.69 13.53 -19.06
N ASP A 389 -30.47 12.42 -18.35
CA ASP A 389 -29.21 12.23 -17.64
C ASP A 389 -28.04 12.08 -18.60
N LEU A 390 -28.22 11.31 -19.68
CA LEU A 390 -27.15 11.12 -20.65
C LEU A 390 -26.86 12.42 -21.39
N CYS A 391 -25.62 12.55 -21.87
CA CYS A 391 -25.21 13.75 -22.58
C CYS A 391 -24.48 13.37 -23.86
N PHE A 392 -24.75 14.13 -24.92
CA PHE A 392 -24.34 13.74 -26.28
C PHE A 392 -23.74 14.94 -27.00
N THR A 393 -23.01 14.62 -28.08
CA THR A 393 -22.42 15.67 -28.92
C THR A 393 -23.46 16.30 -29.84
N ASN A 394 -24.42 15.50 -30.32
CA ASN A 394 -25.47 16.02 -31.19
C ASN A 394 -26.58 14.99 -31.28
N VAL A 395 -27.73 15.43 -31.78
CA VAL A 395 -28.91 14.58 -31.98
C VAL A 395 -29.42 14.80 -33.38
N TYR A 396 -30.10 13.79 -33.93
CA TYR A 396 -30.62 13.82 -35.29
C TYR A 396 -32.12 13.54 -35.26
N ALA A 397 -32.84 14.11 -36.22
CA ALA A 397 -34.28 13.92 -36.35
C ALA A 397 -34.62 13.71 -37.82
N ASP A 398 -35.11 12.52 -38.17
CA ASP A 398 -35.45 12.17 -39.53
C ASP A 398 -36.97 12.01 -39.64
N SER A 399 -37.62 12.95 -40.30
CA SER A 399 -39.07 12.99 -40.43
C SER A 399 -39.46 12.62 -41.86
N PHE A 400 -40.45 11.73 -41.99
CA PHE A 400 -40.94 11.32 -43.30
C PHE A 400 -42.38 10.82 -43.17
N VAL A 401 -43.07 10.75 -44.30
CA VAL A 401 -44.47 10.37 -44.36
C VAL A 401 -44.56 8.94 -44.88
N ILE A 402 -45.16 8.06 -44.07
CA ILE A 402 -45.46 6.69 -44.46
C ILE A 402 -46.87 6.38 -44.02
N ARG A 403 -47.40 5.25 -44.50
CA ARG A 403 -48.73 4.84 -44.10
C ARG A 403 -48.72 4.36 -42.65
N GLY A 404 -49.89 3.93 -42.18
CA GLY A 404 -50.01 3.49 -40.80
C GLY A 404 -49.14 2.29 -40.50
N ASP A 405 -49.12 1.31 -41.40
CA ASP A 405 -48.22 0.18 -41.26
C ASP A 405 -46.80 0.60 -41.65
N GLU A 406 -45.89 -0.37 -41.57
CA GLU A 406 -44.46 -0.23 -41.85
C GLU A 406 -43.76 0.64 -40.79
N VAL A 407 -44.48 1.17 -39.81
CA VAL A 407 -43.83 1.83 -38.69
C VAL A 407 -42.97 0.83 -37.93
N ARG A 408 -43.45 -0.41 -37.82
CA ARG A 408 -42.61 -1.49 -37.29
C ARG A 408 -41.41 -1.73 -38.20
N GLN A 409 -41.60 -1.61 -39.51
CA GLN A 409 -40.50 -1.79 -40.45
C GLN A 409 -39.45 -0.70 -40.30
N ILE A 410 -39.85 0.46 -39.79
CA ILE A 410 -38.89 1.54 -39.51
C ILE A 410 -38.19 1.20 -38.20
N ALA A 411 -37.07 0.48 -38.31
CA ALA A 411 -36.37 -0.06 -37.16
C ALA A 411 -35.00 -0.51 -37.61
N PRO A 412 -34.06 -0.71 -36.68
CA PRO A 412 -32.75 -1.26 -37.07
C PRO A 412 -32.91 -2.62 -37.72
N GLY A 413 -32.12 -2.85 -38.78
CA GLY A 413 -32.26 -4.08 -39.54
C GLY A 413 -33.65 -4.17 -40.15
N GLN A 414 -34.28 -5.33 -39.98
CA GLN A 414 -35.64 -5.57 -40.46
C GLN A 414 -35.76 -5.28 -41.96
N THR A 415 -35.05 -6.07 -42.76
CA THR A 415 -35.02 -5.85 -44.20
C THR A 415 -36.39 -6.11 -44.82
N GLY A 416 -36.63 -5.44 -45.94
CA GLY A 416 -37.89 -5.57 -46.65
C GLY A 416 -37.98 -4.53 -47.75
N LYS A 417 -39.20 -4.36 -48.27
CA LYS A 417 -39.41 -3.36 -49.30
C LYS A 417 -39.06 -1.96 -48.80
N ILE A 418 -39.64 -1.57 -47.66
CA ILE A 418 -39.40 -0.24 -47.11
C ILE A 418 -37.95 -0.09 -46.67
N ALA A 419 -37.39 -1.12 -46.07
CA ALA A 419 -36.01 -1.04 -45.59
C ALA A 419 -35.02 -0.90 -46.73
N ASP A 420 -35.25 -1.65 -47.83
CA ASP A 420 -34.23 -1.73 -48.86
C ASP A 420 -34.46 -0.71 -49.98
N TYR A 421 -35.63 -0.09 -50.05
CA TYR A 421 -35.88 0.93 -51.05
C TYR A 421 -36.20 2.30 -50.47
N ASN A 422 -36.90 2.35 -49.35
CA ASN A 422 -37.12 3.60 -48.64
C ASN A 422 -35.98 3.78 -47.61
N TYR A 423 -36.17 4.73 -46.69
CA TYR A 423 -35.16 4.99 -45.68
C TYR A 423 -34.91 3.74 -44.83
N LYS A 424 -33.63 3.41 -44.64
CA LYS A 424 -33.23 2.27 -43.83
C LYS A 424 -32.62 2.79 -42.54
N LEU A 425 -33.22 2.42 -41.41
CA LEU A 425 -32.65 2.77 -40.12
C LEU A 425 -31.44 1.89 -39.84
N PRO A 426 -30.30 2.47 -39.45
CA PRO A 426 -29.10 1.67 -39.24
C PRO A 426 -29.28 0.67 -38.11
N ASP A 427 -28.59 -0.47 -38.24
CA ASP A 427 -28.66 -1.50 -37.21
C ASP A 427 -28.11 -1.01 -35.88
N ASP A 428 -27.04 -0.22 -35.92
CA ASP A 428 -26.45 0.36 -34.72
C ASP A 428 -27.18 1.68 -34.38
N PHE A 429 -28.46 1.52 -34.03
CA PHE A 429 -29.32 2.65 -33.69
C PHE A 429 -29.62 2.59 -32.20
N THR A 430 -29.04 3.52 -31.44
CA THR A 430 -29.28 3.65 -30.01
C THR A 430 -30.32 4.72 -29.69
N GLY A 431 -31.04 5.20 -30.70
CA GLY A 431 -32.02 6.23 -30.47
C GLY A 431 -33.42 5.69 -30.25
N CYS A 432 -34.36 6.62 -30.03
CA CYS A 432 -35.75 6.29 -29.82
C CYS A 432 -36.55 6.67 -31.06
N VAL A 433 -37.33 5.73 -31.58
CA VAL A 433 -38.18 6.01 -32.74
C VAL A 433 -39.53 6.49 -32.24
N ILE A 434 -39.98 7.63 -32.78
CA ILE A 434 -41.23 8.25 -32.37
C ILE A 434 -42.09 8.48 -33.60
N ALA A 435 -43.32 7.98 -33.56
CA ALA A 435 -44.28 8.18 -34.64
C ALA A 435 -45.61 8.61 -34.04
N TRP A 436 -46.31 9.51 -34.74
CA TRP A 436 -47.60 10.00 -34.30
C TRP A 436 -48.60 9.91 -35.44
N ASN A 437 -49.84 9.58 -35.09
CA ASN A 437 -50.91 9.43 -36.07
C ASN A 437 -51.42 10.82 -36.45
N SER A 438 -51.14 11.23 -37.69
CA SER A 438 -51.61 12.51 -38.22
C SER A 438 -52.65 12.32 -39.32
N ASN A 439 -53.39 11.22 -39.28
CA ASN A 439 -54.37 10.94 -40.32
C ASN A 439 -55.44 12.02 -40.42
N ASN A 440 -55.65 12.78 -39.35
CA ASN A 440 -56.67 13.81 -39.35
C ASN A 440 -56.38 14.90 -40.38
N LEU A 441 -55.12 15.27 -40.55
CA LEU A 441 -54.75 16.33 -41.48
C LEU A 441 -53.85 15.86 -42.62
N ASP A 442 -53.03 14.83 -42.41
CA ASP A 442 -52.16 14.36 -43.48
C ASP A 442 -52.96 13.78 -44.64
N SER A 443 -54.02 13.04 -44.34
CA SER A 443 -54.87 12.48 -45.39
C SER A 443 -55.65 13.60 -46.08
N LYS A 444 -55.86 13.42 -47.38
CA LYS A 444 -56.54 14.41 -48.20
C LYS A 444 -57.61 13.72 -49.05
N VAL A 445 -58.51 14.54 -49.59
CA VAL A 445 -59.50 14.05 -50.54
C VAL A 445 -58.81 13.75 -51.85
N GLY A 446 -58.63 12.47 -52.15
CA GLY A 446 -57.85 12.04 -53.29
C GLY A 446 -56.44 11.62 -52.89
N GLY A 447 -55.81 10.83 -53.76
CA GLY A 447 -54.47 10.38 -53.49
C GLY A 447 -53.48 11.54 -53.46
N ASN A 448 -52.49 11.43 -52.60
CA ASN A 448 -51.47 12.46 -52.43
C ASN A 448 -50.21 12.06 -53.17
N TYR A 449 -49.87 12.82 -54.21
CA TYR A 449 -48.66 12.58 -54.98
C TYR A 449 -47.43 13.28 -54.39
N ASN A 450 -47.60 14.08 -53.34
CA ASN A 450 -46.46 14.70 -52.69
C ASN A 450 -45.57 13.66 -52.02
N TYR A 451 -46.17 12.58 -51.52
CA TYR A 451 -45.45 11.52 -50.84
C TYR A 451 -45.26 10.34 -51.78
N LEU A 452 -44.02 9.86 -51.90
CA LEU A 452 -43.67 8.81 -52.83
C LEU A 452 -42.81 7.77 -52.11
N TYR A 453 -43.10 6.50 -52.36
CA TYR A 453 -42.30 5.40 -51.82
C TYR A 453 -41.59 4.68 -52.95
N ARG A 454 -40.32 4.38 -52.75
CA ARG A 454 -39.47 3.79 -53.79
C ARG A 454 -39.95 2.38 -54.10
N LEU A 455 -40.43 2.16 -55.32
CA LEU A 455 -40.87 0.83 -55.72
C LEU A 455 -39.68 -0.09 -55.99
N PHE A 456 -38.66 0.42 -56.67
CA PHE A 456 -37.53 -0.41 -57.07
C PHE A 456 -36.30 0.46 -57.27
N ARG A 457 -35.14 -0.18 -57.22
CA ARG A 457 -33.86 0.47 -57.46
C ARG A 457 -32.83 -0.61 -57.74
N LYS A 458 -31.70 -0.21 -58.33
CA LYS A 458 -30.66 -1.17 -58.68
C LYS A 458 -30.09 -1.87 -57.46
N SER A 459 -29.85 -1.12 -56.37
CA SER A 459 -29.29 -1.68 -55.16
C SER A 459 -30.04 -1.14 -53.96
N ASN A 460 -29.91 -1.84 -52.83
CA ASN A 460 -30.55 -1.40 -51.60
C ASN A 460 -29.90 -0.11 -51.10
N LEU A 461 -30.72 0.78 -50.56
CA LEU A 461 -30.23 2.06 -50.07
C LEU A 461 -29.41 1.88 -48.80
N LYS A 462 -28.33 2.65 -48.69
CA LYS A 462 -27.46 2.58 -47.54
C LYS A 462 -28.15 3.19 -46.32
N PRO A 463 -27.72 2.80 -45.12
CA PRO A 463 -28.23 3.48 -43.92
C PRO A 463 -27.89 4.95 -43.93
N PHE A 464 -28.84 5.78 -43.48
CA PHE A 464 -28.70 7.23 -43.49
C PHE A 464 -28.40 7.78 -44.88
N GLU A 465 -28.97 7.16 -45.91
CA GLU A 465 -28.77 7.57 -47.30
C GLU A 465 -30.12 7.90 -47.92
N ARG A 466 -30.23 9.09 -48.50
CA ARG A 466 -31.45 9.55 -49.15
C ARG A 466 -31.24 9.60 -50.65
N ASP A 467 -32.22 9.10 -51.40
CA ASP A 467 -32.18 9.13 -52.86
C ASP A 467 -33.36 9.95 -53.36
N ILE A 468 -33.08 10.95 -54.18
CA ILE A 468 -34.10 11.75 -54.85
C ILE A 468 -33.98 11.67 -56.37
N SER A 469 -32.95 11.01 -56.89
CA SER A 469 -32.76 10.93 -58.32
C SER A 469 -33.93 10.21 -59.01
N THR A 470 -34.47 9.18 -58.35
CA THR A 470 -35.64 8.44 -58.84
C THR A 470 -35.45 7.98 -60.28
N GLU A 471 -34.27 7.42 -60.57
CA GLU A 471 -34.02 6.86 -61.89
C GLU A 471 -34.95 5.70 -62.15
N ILE A 472 -35.50 5.64 -63.37
CA ILE A 472 -36.51 4.64 -63.69
C ILE A 472 -35.90 3.25 -63.63
N TYR A 473 -36.64 2.33 -63.01
CA TYR A 473 -36.14 0.97 -62.82
C TYR A 473 -36.13 0.21 -64.14
N GLN A 474 -35.25 -0.80 -64.21
CA GLN A 474 -35.11 -1.65 -65.38
C GLN A 474 -35.31 -3.10 -64.96
N ALA A 475 -36.06 -3.85 -65.76
CA ALA A 475 -36.28 -5.27 -65.54
C ALA A 475 -36.26 -5.99 -66.89
N GLY A 476 -35.37 -6.97 -67.01
CA GLY A 476 -35.19 -7.61 -68.30
C GLY A 476 -34.28 -6.81 -69.21
N SER A 477 -34.55 -6.86 -70.51
CA SER A 477 -33.73 -6.14 -71.47
C SER A 477 -33.82 -4.63 -71.25
N THR A 478 -35.04 -4.09 -71.21
CA THR A 478 -35.30 -2.67 -71.00
C THR A 478 -34.37 -1.75 -71.79
N PRO A 479 -34.54 -1.65 -73.11
CA PRO A 479 -33.87 -0.57 -73.86
C PRO A 479 -34.62 0.74 -73.64
N CYS A 480 -34.46 1.30 -72.43
CA CYS A 480 -35.30 2.37 -71.94
C CYS A 480 -34.76 3.73 -72.38
N ASN A 481 -34.77 3.92 -73.71
CA ASN A 481 -34.41 5.23 -74.26
C ASN A 481 -35.52 6.24 -74.01
N GLY A 482 -36.78 5.81 -74.06
CA GLY A 482 -37.88 6.69 -73.76
C GLY A 482 -38.10 6.85 -72.28
N VAL A 483 -38.94 7.84 -71.93
CA VAL A 483 -39.25 8.10 -70.53
C VAL A 483 -40.04 6.94 -69.93
N GLU A 484 -41.03 6.44 -70.66
CA GLU A 484 -41.89 5.36 -70.18
C GLU A 484 -41.79 4.19 -71.15
N GLY A 485 -41.58 2.98 -70.61
CA GLY A 485 -41.49 1.79 -71.42
C GLY A 485 -41.87 0.57 -70.61
N PHE A 486 -41.76 -0.59 -71.25
CA PHE A 486 -42.05 -1.85 -70.56
C PHE A 486 -41.07 -2.04 -69.41
N ASN A 487 -41.61 -2.36 -68.23
CA ASN A 487 -40.89 -2.48 -66.97
C ASN A 487 -40.23 -1.16 -66.58
N CYS A 488 -40.58 -0.06 -67.25
CA CYS A 488 -39.99 1.25 -66.99
C CYS A 488 -41.09 2.19 -66.50
N TYR A 489 -40.91 2.75 -65.31
CA TYR A 489 -41.77 3.83 -64.84
C TYR A 489 -41.03 4.55 -63.71
N PHE A 490 -41.53 5.74 -63.38
CA PHE A 490 -40.99 6.51 -62.28
C PHE A 490 -41.05 5.68 -61.00
N PRO A 491 -39.90 5.27 -60.45
CA PRO A 491 -39.93 4.35 -59.30
C PRO A 491 -40.64 4.91 -58.09
N LEU A 492 -40.54 6.22 -57.88
CA LEU A 492 -41.27 6.85 -56.78
C LEU A 492 -42.77 6.74 -57.04
N GLN A 493 -43.48 6.06 -56.13
CA GLN A 493 -44.87 5.68 -56.34
C GLN A 493 -45.78 6.58 -55.50
N SER A 494 -46.81 7.12 -56.14
CA SER A 494 -47.71 8.04 -55.47
C SER A 494 -48.41 7.37 -54.30
N TYR A 495 -48.42 8.06 -53.16
CA TYR A 495 -49.11 7.55 -51.98
C TYR A 495 -50.62 7.73 -52.12
N GLY A 496 -51.36 6.79 -51.54
CA GLY A 496 -52.81 6.89 -51.53
C GLY A 496 -53.34 7.14 -50.14
N PHE A 497 -53.84 8.36 -49.91
CA PHE A 497 -54.34 8.76 -48.60
C PHE A 497 -55.78 9.22 -48.73
N GLN A 498 -56.65 8.70 -47.87
CA GLN A 498 -58.05 9.07 -47.84
C GLN A 498 -58.48 9.34 -46.40
N PRO A 499 -59.37 10.32 -46.19
CA PRO A 499 -59.86 10.56 -44.82
C PRO A 499 -60.61 9.36 -44.25
N THR A 500 -61.28 8.58 -45.10
CA THR A 500 -62.01 7.40 -44.67
C THR A 500 -61.25 6.11 -44.95
N ASN A 501 -59.98 6.18 -45.34
CA ASN A 501 -59.22 4.98 -45.66
C ASN A 501 -59.00 4.14 -44.40
N GLY A 502 -58.62 2.88 -44.62
CA GLY A 502 -58.37 1.99 -43.50
C GLY A 502 -57.22 2.47 -42.63
N VAL A 503 -57.18 1.93 -41.42
CA VAL A 503 -56.19 2.37 -40.44
C VAL A 503 -54.78 2.09 -40.94
N GLY A 504 -54.57 0.96 -41.60
CA GLY A 504 -53.26 0.64 -42.14
C GLY A 504 -52.82 1.64 -43.20
N TYR A 505 -53.78 2.22 -43.92
CA TYR A 505 -53.51 3.23 -44.93
C TYR A 505 -53.59 4.65 -44.40
N GLN A 506 -53.91 4.82 -43.12
CA GLN A 506 -53.97 6.15 -42.54
C GLN A 506 -52.56 6.71 -42.40
N PRO A 507 -52.30 7.93 -42.84
CA PRO A 507 -50.92 8.46 -42.83
C PRO A 507 -50.37 8.59 -41.42
N TYR A 508 -49.09 8.24 -41.27
CA TYR A 508 -48.36 8.33 -40.01
C TYR A 508 -47.12 9.17 -40.23
N ARG A 509 -46.84 10.07 -39.29
CA ARG A 509 -45.63 10.88 -39.33
C ARG A 509 -44.59 10.26 -38.41
N VAL A 510 -43.45 9.87 -38.97
CA VAL A 510 -42.42 9.12 -38.25
C VAL A 510 -41.16 9.98 -38.16
N VAL A 511 -40.70 10.21 -36.93
CA VAL A 511 -39.46 10.93 -36.66
C VAL A 511 -38.59 10.07 -35.76
N VAL A 512 -37.38 9.77 -36.21
CA VAL A 512 -36.43 8.98 -35.43
C VAL A 512 -35.39 9.93 -34.85
N LEU A 513 -35.09 9.76 -33.56
CA LEU A 513 -34.10 10.59 -32.88
C LEU A 513 -32.83 9.78 -32.67
N SER A 514 -31.80 10.06 -33.48
CA SER A 514 -30.52 9.36 -33.40
C SER A 514 -29.58 10.15 -32.51
N PHE A 515 -29.04 9.49 -31.50
CA PHE A 515 -28.10 10.12 -30.58
C PHE A 515 -26.67 9.74 -31.00
N GLU A 516 -25.93 10.71 -31.50
CA GLU A 516 -24.65 10.49 -32.15
C GLU A 516 -23.53 10.98 -31.24
N LEU A 517 -22.46 10.18 -31.15
CA LEU A 517 -21.26 10.54 -30.40
C LEU A 517 -20.15 10.88 -31.40
N LEU A 518 -19.50 12.02 -31.18
CA LEU A 518 -18.43 12.49 -32.05
C LEU A 518 -17.27 12.96 -31.21
N HIS A 519 -16.11 13.12 -31.87
CA HIS A 519 -14.93 13.62 -31.17
C HIS A 519 -15.12 15.04 -30.68
N ALA A 520 -16.09 15.76 -31.24
CA ALA A 520 -16.40 17.11 -30.77
C ALA A 520 -16.97 17.04 -29.35
N PRO A 521 -16.80 18.10 -28.56
CA PRO A 521 -17.36 18.09 -27.20
C PRO A 521 -18.87 18.06 -27.21
N ALA A 522 -19.44 17.48 -26.16
CA ALA A 522 -20.88 17.37 -26.04
C ALA A 522 -21.53 18.74 -25.93
N THR A 523 -22.64 18.93 -26.63
CA THR A 523 -23.31 20.22 -26.67
C THR A 523 -24.83 20.15 -26.54
N VAL A 524 -25.43 18.97 -26.62
CA VAL A 524 -26.87 18.81 -26.53
C VAL A 524 -27.19 17.70 -25.54
N CYS A 525 -27.90 18.04 -24.46
CA CYS A 525 -28.39 17.06 -23.50
C CYS A 525 -29.27 17.71 -22.45
N GLY A 526 -29.78 16.88 -21.54
CA GLY A 526 -30.91 17.20 -20.71
C GLY A 526 -30.72 18.31 -19.70
N PRO A 527 -31.82 18.93 -19.30
CA PRO A 527 -31.76 19.96 -18.26
C PRO A 527 -31.44 19.37 -16.91
N LYS A 528 -30.88 20.22 -16.04
CA LYS A 528 -30.50 19.82 -14.69
C LYS A 528 -31.27 20.67 -13.69
N LYS A 529 -32.09 20.03 -12.85
CA LYS A 529 -32.83 20.73 -11.82
C LYS A 529 -31.90 21.20 -10.71
N SER A 530 -32.30 22.29 -10.04
CA SER A 530 -31.51 22.90 -8.98
C SER A 530 -32.38 23.13 -7.76
N THR A 531 -31.88 22.72 -6.60
CA THR A 531 -32.56 22.93 -5.33
C THR A 531 -32.31 24.34 -4.82
N ASN A 532 -33.07 24.72 -3.78
CA ASN A 532 -32.95 26.05 -3.21
C ASN A 532 -31.66 26.19 -2.41
N LEU A 533 -31.23 27.45 -2.24
CA LEU A 533 -30.06 27.76 -1.43
C LEU A 533 -30.45 28.00 0.01
N VAL A 534 -29.76 27.33 0.92
CA VAL A 534 -29.90 27.55 2.36
C VAL A 534 -28.54 27.96 2.91
N LYS A 535 -28.54 28.88 3.87
CA LYS A 535 -27.32 29.48 4.37
C LYS A 535 -27.26 29.36 5.89
N ASN A 536 -26.04 29.55 6.42
CA ASN A 536 -25.74 29.43 7.84
C ASN A 536 -26.02 28.04 8.38
N LYS A 537 -26.00 27.02 7.52
CA LYS A 537 -26.26 25.64 7.91
C LYS A 537 -25.21 24.74 7.29
N CYS A 538 -24.82 23.70 8.03
CA CYS A 538 -23.84 22.73 7.55
C CYS A 538 -24.51 21.82 6.53
N VAL A 539 -24.33 22.12 5.25
CA VAL A 539 -25.03 21.43 4.17
C VAL A 539 -24.01 20.97 3.15
N ASN A 540 -24.34 19.88 2.44
CA ASN A 540 -23.54 19.43 1.32
C ASN A 540 -24.00 20.13 0.05
N PHE A 541 -23.06 20.72 -0.68
CA PHE A 541 -23.39 21.59 -1.80
C PHE A 541 -22.73 21.10 -3.08
N ASN A 542 -23.40 21.38 -4.22
CA ASN A 542 -22.91 21.02 -5.55
C ASN A 542 -23.10 22.24 -6.45
N PHE A 543 -22.09 23.11 -6.49
CA PHE A 543 -22.12 24.30 -7.34
C PHE A 543 -21.36 23.98 -8.63
N ASN A 544 -22.10 23.61 -9.67
CA ASN A 544 -21.53 23.34 -10.99
C ASN A 544 -20.42 22.29 -10.91
N GLY A 545 -20.63 21.29 -10.05
CA GLY A 545 -19.65 20.22 -9.89
C GLY A 545 -18.58 20.48 -8.86
N LEU A 546 -18.77 21.43 -7.94
CA LEU A 546 -17.75 21.70 -6.93
C LEU A 546 -17.72 20.60 -5.88
N THR A 547 -18.85 19.93 -5.66
CA THR A 547 -19.00 18.78 -4.74
C THR A 547 -18.21 18.97 -3.45
N GLY A 548 -18.59 20.00 -2.70
CA GLY A 548 -17.98 20.27 -1.42
C GLY A 548 -19.02 20.35 -0.32
N THR A 549 -18.53 20.35 0.91
CA THR A 549 -19.38 20.37 2.11
C THR A 549 -18.90 21.47 3.05
N GLY A 550 -19.84 22.27 3.55
CA GLY A 550 -19.49 23.30 4.51
C GLY A 550 -20.68 24.19 4.80
N VAL A 551 -20.42 25.18 5.65
CA VAL A 551 -21.42 26.18 6.02
C VAL A 551 -21.31 27.36 5.06
N LEU A 552 -22.44 27.75 4.46
CA LEU A 552 -22.45 28.77 3.43
C LEU A 552 -22.97 30.08 4.02
N THR A 553 -22.19 31.14 3.88
CA THR A 553 -22.55 32.47 4.36
C THR A 553 -22.16 33.50 3.32
N GLU A 554 -22.83 34.65 3.35
CA GLU A 554 -22.49 35.74 2.46
C GLU A 554 -21.10 36.29 2.79
N SER A 555 -20.35 36.61 1.75
CA SER A 555 -18.95 37.01 1.88
C SER A 555 -18.76 38.45 1.45
N ASN A 556 -17.80 39.12 2.08
CA ASN A 556 -17.48 40.50 1.71
C ASN A 556 -16.57 40.57 0.49
N LYS A 557 -15.81 39.51 0.21
CA LYS A 557 -14.84 39.55 -0.87
C LYS A 557 -15.51 39.75 -2.21
N LYS A 558 -14.86 40.51 -3.09
CA LYS A 558 -15.41 40.89 -4.39
C LYS A 558 -14.74 40.08 -5.48
N PHE A 559 -15.47 39.14 -6.05
CA PHE A 559 -15.01 38.39 -7.22
C PHE A 559 -15.02 39.25 -8.46
N LEU A 560 -14.14 38.92 -9.39
CA LEU A 560 -14.21 39.50 -10.71
C LEU A 560 -15.35 38.84 -11.50
N PRO A 561 -15.91 39.54 -12.48
CA PRO A 561 -17.13 39.01 -13.14
C PRO A 561 -16.96 37.64 -13.77
N PHE A 562 -15.80 37.33 -14.35
CA PHE A 562 -15.63 36.04 -15.00
C PHE A 562 -15.41 34.93 -13.99
N GLN A 563 -14.75 35.23 -12.87
CA GLN A 563 -14.41 34.19 -11.90
C GLN A 563 -15.67 33.58 -11.30
N GLN A 564 -15.59 32.30 -10.97
CA GLN A 564 -16.74 31.56 -10.48
C GLN A 564 -16.56 30.94 -9.10
N PHE A 565 -15.33 30.66 -8.69
CA PHE A 565 -15.06 30.20 -7.32
C PHE A 565 -13.64 30.59 -6.94
N GLY A 566 -13.39 30.64 -5.64
CA GLY A 566 -12.12 31.11 -5.13
C GLY A 566 -11.41 30.03 -4.32
N ARG A 567 -10.15 30.31 -4.03
CA ARG A 567 -9.30 29.39 -3.27
C ARG A 567 -8.41 30.18 -2.34
N ASP A 568 -7.88 29.48 -1.32
CA ASP A 568 -6.98 30.07 -0.35
C ASP A 568 -5.54 29.92 -0.81
N ILE A 569 -4.59 30.15 0.10
CA ILE A 569 -3.18 29.94 -0.20
C ILE A 569 -2.94 28.47 -0.54
N ALA A 570 -3.54 27.57 0.23
CA ALA A 570 -3.56 26.16 -0.14
C ALA A 570 -4.60 25.91 -1.22
N ASP A 571 -4.76 24.63 -1.57
CA ASP A 571 -5.70 24.26 -2.63
C ASP A 571 -7.17 24.42 -2.23
N THR A 572 -7.47 24.48 -0.93
CA THR A 572 -8.85 24.34 -0.46
C THR A 572 -9.76 25.39 -1.06
N THR A 573 -10.94 24.94 -1.51
CA THR A 573 -11.96 25.85 -1.98
C THR A 573 -12.53 26.65 -0.80
N ASP A 574 -12.65 27.96 -0.98
CA ASP A 574 -13.05 28.85 0.10
C ASP A 574 -14.21 29.76 -0.23
N ALA A 575 -14.48 30.01 -1.50
CA ALA A 575 -15.61 30.85 -1.88
C ALA A 575 -16.19 30.33 -3.18
N VAL A 576 -17.51 30.48 -3.34
CA VAL A 576 -18.20 30.09 -4.56
C VAL A 576 -19.14 31.22 -4.95
N ARG A 577 -19.39 31.35 -6.25
CA ARG A 577 -20.40 32.25 -6.78
C ARG A 577 -21.64 31.45 -7.13
N ASP A 578 -22.78 31.87 -6.58
CA ASP A 578 -24.02 31.17 -6.84
C ASP A 578 -24.36 31.27 -8.33
N PRO A 579 -24.64 30.15 -9.00
CA PRO A 579 -24.86 30.22 -10.45
C PRO A 579 -26.14 30.96 -10.84
N GLN A 580 -27.26 30.67 -10.18
CA GLN A 580 -28.53 31.28 -10.58
C GLN A 580 -28.52 32.77 -10.32
N THR A 581 -28.16 33.18 -9.09
CA THR A 581 -28.07 34.59 -8.72
C THR A 581 -26.61 34.93 -8.50
N LEU A 582 -26.14 35.98 -9.15
CA LEU A 582 -24.72 36.33 -9.13
C LEU A 582 -24.39 37.06 -7.82
N GLU A 583 -24.38 36.28 -6.74
CA GLU A 583 -23.90 36.73 -5.44
C GLU A 583 -22.75 35.84 -5.03
N ILE A 584 -22.11 36.17 -3.92
CA ILE A 584 -20.92 35.45 -3.48
C ILE A 584 -21.18 34.83 -2.10
N LEU A 585 -20.63 33.64 -1.89
CA LEU A 585 -20.73 32.90 -0.64
C LEU A 585 -19.37 32.31 -0.33
N ASP A 586 -18.98 32.33 0.94
CA ASP A 586 -17.70 31.78 1.36
C ASP A 586 -17.93 30.52 2.19
N ILE A 587 -17.34 29.42 1.76
CA ILE A 587 -17.48 28.15 2.45
C ILE A 587 -16.66 28.17 3.74
N THR A 588 -17.26 27.64 4.81
CA THR A 588 -16.58 27.42 6.07
C THR A 588 -16.69 25.95 6.45
N PRO A 589 -15.57 25.29 6.76
CA PRO A 589 -15.62 23.85 7.04
C PRO A 589 -16.53 23.54 8.21
N CYS A 590 -17.16 22.36 8.14
CA CYS A 590 -18.09 21.94 9.17
C CYS A 590 -17.38 21.87 10.52
N SER A 591 -18.10 22.27 11.58
CA SER A 591 -17.52 22.29 12.91
C SER A 591 -17.03 20.90 13.30
N PHE A 592 -15.75 20.80 13.63
CA PHE A 592 -15.14 19.53 14.00
C PHE A 592 -14.03 19.80 15.00
N GLY A 593 -13.78 18.80 15.85
CA GLY A 593 -12.72 18.92 16.84
C GLY A 593 -12.68 17.70 17.72
N GLY A 594 -11.54 17.52 18.38
CA GLY A 594 -11.39 16.38 19.27
C GLY A 594 -12.24 16.52 20.51
N VAL A 595 -12.52 15.37 21.14
CA VAL A 595 -13.26 15.30 22.38
C VAL A 595 -12.32 14.75 23.45
N SER A 596 -12.17 15.49 24.54
CA SER A 596 -11.28 15.11 25.63
C SER A 596 -12.10 14.98 26.91
N VAL A 597 -11.84 13.94 27.67
CA VAL A 597 -12.53 13.68 28.92
C VAL A 597 -11.58 13.99 30.07
N ILE A 598 -11.92 14.99 30.86
CA ILE A 598 -11.13 15.38 32.02
C ILE A 598 -11.60 14.51 33.19
N THR A 599 -10.89 13.41 33.42
CA THR A 599 -11.32 12.43 34.40
C THR A 599 -10.38 12.42 35.60
N PRO A 600 -10.87 12.70 36.80
CA PRO A 600 -10.12 12.30 37.99
C PRO A 600 -10.10 10.79 38.10
N GLY A 601 -9.13 10.27 38.86
CA GLY A 601 -8.97 8.84 38.99
C GLY A 601 -10.27 8.13 39.33
N THR A 602 -10.55 7.03 38.63
CA THR A 602 -11.84 6.36 38.82
C THR A 602 -12.02 5.91 40.26
N ASN A 603 -10.94 5.53 40.93
CA ASN A 603 -11.06 5.16 42.33
C ASN A 603 -11.43 6.37 43.19
N THR A 604 -10.95 7.55 42.83
CA THR A 604 -11.36 8.76 43.53
C THR A 604 -12.82 9.07 43.28
N SER A 605 -13.24 9.11 42.01
CA SER A 605 -14.61 9.43 41.66
C SER A 605 -14.92 8.90 40.26
N ASN A 606 -16.20 8.84 39.94
CA ASN A 606 -16.67 8.45 38.62
C ASN A 606 -17.16 9.62 37.80
N GLN A 607 -17.14 10.83 38.34
CA GLN A 607 -17.57 12.00 37.60
C GLN A 607 -16.52 12.36 36.54
N VAL A 608 -17.00 12.90 35.43
CA VAL A 608 -16.14 13.26 34.31
C VAL A 608 -16.67 14.54 33.67
N ALA A 609 -15.76 15.34 33.15
CA ALA A 609 -16.09 16.49 32.31
C ALA A 609 -15.59 16.25 30.90
N VAL A 610 -16.19 16.95 29.94
CA VAL A 610 -15.88 16.78 28.52
C VAL A 610 -15.50 18.14 27.95
N LEU A 611 -14.42 18.17 27.19
CA LEU A 611 -13.93 19.38 26.54
C LEU A 611 -13.99 19.17 25.03
N TYR A 612 -14.87 19.91 24.35
CA TYR A 612 -14.99 19.84 22.90
C TYR A 612 -14.04 20.87 22.32
N GLN A 613 -12.91 20.41 21.80
CA GLN A 613 -11.84 21.32 21.39
C GLN A 613 -12.25 22.13 20.17
N ASP A 614 -11.99 23.44 20.24
CA ASP A 614 -12.17 24.35 19.11
C ASP A 614 -13.59 24.30 18.55
N VAL A 615 -14.57 24.28 19.44
CA VAL A 615 -15.97 24.26 19.06
C VAL A 615 -16.74 25.23 19.95
N ASN A 616 -17.44 26.19 19.35
CA ASN A 616 -18.28 27.08 20.13
C ASN A 616 -19.43 26.31 20.76
N CYS A 617 -19.80 26.71 21.97
CA CYS A 617 -20.78 25.96 22.75
C CYS A 617 -22.18 25.98 22.16
N THR A 618 -22.44 26.86 21.19
CA THR A 618 -23.79 26.94 20.62
C THR A 618 -24.15 25.68 19.85
N GLU A 619 -23.19 25.11 19.12
CA GLU A 619 -23.45 24.00 18.22
C GLU A 619 -22.96 22.66 18.76
N VAL A 620 -22.73 22.56 20.07
CA VAL A 620 -22.26 21.31 20.66
C VAL A 620 -23.35 20.24 20.72
N PRO A 621 -24.65 20.55 20.89
CA PRO A 621 -25.63 19.45 20.93
C PRO A 621 -25.68 18.64 19.64
N VAL A 622 -25.50 19.29 18.49
CA VAL A 622 -25.65 18.71 17.15
C VAL A 622 -26.70 17.60 17.08
N TYR A 636 -22.01 13.94 27.16
CA TYR A 636 -22.65 14.92 28.05
C TYR A 636 -23.01 16.19 27.30
N SER A 637 -23.80 16.05 26.24
CA SER A 637 -24.24 17.21 25.48
C SER A 637 -25.15 18.10 26.34
N THR A 638 -25.23 19.37 25.96
CA THR A 638 -25.94 20.41 26.70
C THR A 638 -25.42 20.36 28.14
N GLY A 639 -26.28 20.22 29.15
CA GLY A 639 -25.82 20.09 30.52
C GLY A 639 -26.11 21.33 31.34
N SER A 640 -26.01 21.17 32.66
CA SER A 640 -26.31 22.27 33.57
C SER A 640 -25.24 23.36 33.48
N ASN A 641 -23.97 22.98 33.44
CA ASN A 641 -22.87 23.93 33.45
C ASN A 641 -22.12 23.87 32.13
N VAL A 642 -21.92 25.03 31.50
CA VAL A 642 -21.18 25.15 30.26
C VAL A 642 -20.23 26.33 30.39
N PHE A 643 -18.94 26.09 30.14
CA PHE A 643 -17.92 27.12 30.22
C PHE A 643 -17.16 27.16 28.89
N GLN A 644 -17.11 28.35 28.29
CA GLN A 644 -16.46 28.54 27.00
C GLN A 644 -15.05 29.08 27.24
N THR A 645 -14.08 28.17 27.22
CA THR A 645 -12.68 28.53 27.32
C THR A 645 -12.05 28.54 25.93
N ARG A 646 -10.85 29.13 25.84
CA ARG A 646 -10.17 29.20 24.54
C ARG A 646 -9.87 27.81 23.99
N ALA A 647 -9.62 26.84 24.86
CA ALA A 647 -9.36 25.47 24.40
C ALA A 647 -10.57 24.91 23.69
N GLY A 648 -11.76 25.16 24.21
CA GLY A 648 -12.97 24.64 23.59
C GLY A 648 -14.17 24.84 24.50
N CYS A 649 -15.21 24.04 24.26
CA CYS A 649 -16.42 24.09 25.06
C CYS A 649 -16.31 23.05 26.18
N LEU A 650 -16.23 23.52 27.42
CA LEU A 650 -16.07 22.65 28.57
C LEU A 650 -17.43 22.42 29.21
N ILE A 651 -17.82 21.15 29.34
CA ILE A 651 -19.09 20.76 29.90
C ILE A 651 -18.84 19.77 31.04
N GLY A 652 -19.51 19.99 32.17
CA GLY A 652 -19.37 19.12 33.32
C GLY A 652 -18.50 19.67 34.43
N ALA A 653 -17.89 20.83 34.24
CA ALA A 653 -17.08 21.47 35.27
C ALA A 653 -17.54 22.91 35.43
N GLU A 654 -17.63 23.36 36.68
CA GLU A 654 -18.08 24.71 36.97
C GLU A 654 -16.88 25.64 37.13
N HIS A 655 -16.93 26.78 36.46
CA HIS A 655 -15.86 27.76 36.56
C HIS A 655 -15.80 28.34 37.97
N VAL A 656 -14.61 28.74 38.38
CA VAL A 656 -14.39 29.30 39.72
C VAL A 656 -13.52 30.53 39.60
N ASN A 657 -13.92 31.62 40.25
CA ASN A 657 -13.09 32.80 40.32
C ASN A 657 -11.76 32.50 41.02
N ASN A 658 -11.81 31.79 42.14
CA ASN A 658 -10.63 31.51 42.93
C ASN A 658 -9.73 30.54 42.17
N SER A 659 -8.44 30.87 42.09
CA SER A 659 -7.48 30.11 41.30
C SER A 659 -6.56 29.32 42.21
N TYR A 660 -6.38 28.03 41.91
CA TYR A 660 -5.47 27.15 42.61
C TYR A 660 -4.32 26.77 41.68
N GLU A 661 -3.45 25.90 42.19
CA GLU A 661 -2.40 25.33 41.36
C GLU A 661 -3.02 24.40 40.31
N CYS A 662 -2.20 24.01 39.34
CA CYS A 662 -2.67 23.22 38.21
C CYS A 662 -2.67 21.73 38.54
N ASP A 663 -3.80 21.07 38.28
CA ASP A 663 -3.92 19.64 38.49
C ASP A 663 -4.10 18.87 37.18
N ILE A 664 -5.10 19.22 36.38
CA ILE A 664 -5.37 18.56 35.12
C ILE A 664 -5.31 19.60 34.01
N PRO A 665 -4.23 19.64 33.24
CA PRO A 665 -4.10 20.68 32.21
C PRO A 665 -5.19 20.59 31.16
N ILE A 666 -5.64 21.75 30.68
CA ILE A 666 -6.66 21.82 29.65
C ILE A 666 -6.12 22.61 28.47
N GLY A 667 -5.71 23.84 28.73
CA GLY A 667 -5.17 24.70 27.69
C GLY A 667 -5.47 26.16 27.98
N ALA A 668 -4.70 27.03 27.33
CA ALA A 668 -4.88 28.49 27.40
C ALA A 668 -4.80 29.00 28.84
N GLY A 669 -4.04 28.31 29.69
CA GLY A 669 -3.86 28.72 31.06
C GLY A 669 -4.97 28.32 32.01
N ILE A 670 -6.02 27.67 31.51
CA ILE A 670 -7.11 27.19 32.34
C ILE A 670 -6.94 25.68 32.47
N CYS A 671 -6.91 25.19 33.71
CA CYS A 671 -6.78 23.76 33.95
C CYS A 671 -7.63 23.36 35.14
N ALA A 672 -8.40 22.28 34.98
CA ALA A 672 -9.40 21.87 35.95
C ALA A 672 -8.80 20.97 37.02
N SER A 673 -9.62 20.69 38.04
CA SER A 673 -9.23 19.83 39.15
C SER A 673 -10.49 19.32 39.83
N TYR A 674 -10.32 18.27 40.63
CA TYR A 674 -11.41 17.69 41.40
C TYR A 674 -11.31 18.18 42.85
N GLN A 675 -12.32 18.91 43.31
CA GLN A 675 -12.31 19.49 44.64
C GLN A 675 -13.75 19.71 45.09
N THR A 676 -13.90 20.05 46.37
CA THR A 676 -15.21 20.30 46.94
C THR A 676 -15.84 21.55 46.34
N SER A 686 -20.91 16.82 47.68
CA SER A 686 -20.54 18.22 47.55
C SER A 686 -19.20 18.37 46.82
N GLN A 687 -18.96 17.49 45.86
CA GLN A 687 -17.73 17.49 45.08
C GLN A 687 -18.07 17.59 43.60
N SER A 688 -17.27 18.37 42.87
CA SER A 688 -17.48 18.54 41.44
C SER A 688 -16.18 18.98 40.80
N ILE A 689 -16.06 18.70 39.50
CA ILE A 689 -14.91 19.18 38.74
C ILE A 689 -15.01 20.70 38.61
N ILE A 690 -13.91 21.39 38.89
CA ILE A 690 -13.86 22.85 38.84
C ILE A 690 -12.73 23.24 37.90
N ALA A 691 -13.06 24.08 36.91
CA ALA A 691 -12.09 24.59 35.96
C ALA A 691 -11.81 26.06 36.27
N TYR A 692 -10.55 26.42 36.38
CA TYR A 692 -10.14 27.75 36.81
C TYR A 692 -8.91 28.17 36.02
N THR A 693 -8.41 29.36 36.31
CA THR A 693 -7.16 29.81 35.75
C THR A 693 -6.01 29.40 36.67
N MET A 694 -4.82 29.32 36.09
CA MET A 694 -3.68 28.81 36.83
C MET A 694 -3.26 29.77 37.94
N SER A 695 -2.57 29.21 38.93
CA SER A 695 -1.88 30.00 39.95
C SER A 695 -0.39 29.65 39.88
N LEU A 696 0.43 30.63 39.52
CA LEU A 696 1.85 30.38 39.35
C LEU A 696 2.58 30.23 40.67
N GLY A 697 2.00 30.73 41.76
CA GLY A 697 2.61 30.60 43.06
C GLY A 697 2.16 31.73 43.98
N ALA A 698 2.70 31.70 45.19
CA ALA A 698 2.40 32.72 46.18
C ALA A 698 3.16 33.99 45.84
N GLU A 699 2.41 35.09 45.71
CA GLU A 699 3.02 36.38 45.36
C GLU A 699 3.80 36.89 46.56
N ASN A 700 5.11 36.67 46.54
CA ASN A 700 5.99 37.03 47.65
C ASN A 700 6.88 38.18 47.21
N SER A 701 6.63 39.37 47.76
CA SER A 701 7.43 40.54 47.47
C SER A 701 8.53 40.66 48.52
N VAL A 702 9.78 40.49 48.10
CA VAL A 702 10.90 40.60 49.02
C VAL A 702 11.06 42.06 49.45
N ALA A 703 11.39 42.26 50.73
CA ALA A 703 11.53 43.60 51.29
C ALA A 703 12.91 44.18 50.96
N TYR A 704 13.14 44.38 49.67
CA TYR A 704 14.38 45.00 49.23
C TYR A 704 14.46 46.43 49.74
N SER A 705 15.63 46.80 50.25
CA SER A 705 15.86 48.15 50.75
C SER A 705 17.26 48.59 50.34
N ASN A 706 17.53 49.88 50.53
CA ASN A 706 18.82 50.44 50.09
C ASN A 706 19.98 49.83 50.86
N ASN A 707 19.80 49.56 52.16
CA ASN A 707 20.88 49.09 53.01
C ASN A 707 20.39 47.98 53.93
N SER A 708 19.64 47.03 53.39
CA SER A 708 19.13 45.90 54.15
C SER A 708 19.57 44.59 53.49
N ILE A 709 20.14 43.69 54.28
CA ILE A 709 20.56 42.38 53.81
C ILE A 709 20.06 41.33 54.79
N ALA A 710 19.64 40.18 54.24
CA ALA A 710 19.15 39.06 55.04
C ALA A 710 20.18 37.94 55.01
N ILE A 711 20.54 37.45 56.18
CA ILE A 711 21.58 36.43 56.29
C ILE A 711 21.04 35.23 57.06
N PRO A 712 21.21 34.01 56.56
CA PRO A 712 20.67 32.84 57.27
C PRO A 712 21.41 32.57 58.56
N THR A 713 20.74 31.82 59.44
CA THR A 713 21.29 31.44 60.74
C THR A 713 21.59 29.96 60.86
N ASN A 714 20.80 29.10 60.23
CA ASN A 714 21.06 27.66 60.20
C ASN A 714 20.66 27.15 58.82
N PHE A 715 20.65 25.84 58.66
CA PHE A 715 20.51 25.22 57.35
C PHE A 715 19.68 23.96 57.45
N THR A 716 19.41 23.37 56.28
CA THR A 716 18.64 22.12 56.20
C THR A 716 19.27 21.27 55.09
N ILE A 717 20.09 20.31 55.49
CA ILE A 717 20.67 19.36 54.53
C ILE A 717 19.52 18.52 53.98
N SER A 718 19.22 18.68 52.70
CA SER A 718 18.11 18.00 52.06
C SER A 718 18.60 17.21 50.85
N VAL A 719 18.02 16.04 50.63
CA VAL A 719 18.41 15.16 49.54
C VAL A 719 17.21 14.95 48.64
N THR A 720 17.40 15.14 47.33
CA THR A 720 16.35 14.99 46.34
C THR A 720 16.76 13.96 45.30
N THR A 721 15.76 13.26 44.77
CA THR A 721 16.00 12.20 43.80
C THR A 721 15.85 12.75 42.38
N GLU A 722 16.79 12.39 41.52
CA GLU A 722 16.71 12.69 40.09
C GLU A 722 16.82 11.39 39.33
N ILE A 723 15.82 11.09 38.51
CA ILE A 723 15.70 9.81 37.82
C ILE A 723 15.86 10.04 36.32
N LEU A 724 16.77 9.31 35.70
CA LEU A 724 17.10 9.50 34.29
C LEU A 724 17.15 8.15 33.60
N PRO A 725 16.36 7.92 32.55
CA PRO A 725 16.53 6.71 31.75
C PRO A 725 17.90 6.68 31.12
N VAL A 726 18.49 5.48 31.07
CA VAL A 726 19.86 5.33 30.59
C VAL A 726 19.89 4.43 29.37
N SER A 727 18.96 3.48 29.31
CA SER A 727 18.92 2.53 28.20
C SER A 727 17.55 1.88 28.16
N MET A 728 17.24 1.26 27.02
CA MET A 728 15.99 0.52 26.91
C MET A 728 16.26 -0.92 26.48
N THR A 729 15.20 -1.66 26.19
CA THR A 729 15.34 -3.05 25.78
C THR A 729 15.99 -3.14 24.41
N LYS A 730 16.89 -4.12 24.26
CA LYS A 730 17.62 -4.32 23.00
C LYS A 730 16.87 -5.31 22.13
N THR A 731 15.73 -4.85 21.61
CA THR A 731 14.94 -5.68 20.72
C THR A 731 15.65 -5.84 19.37
N SER A 732 15.24 -6.88 18.64
CA SER A 732 15.79 -7.14 17.31
C SER A 732 14.76 -7.95 16.54
N VAL A 733 14.25 -7.39 15.44
CA VAL A 733 13.19 -8.01 14.66
C VAL A 733 13.80 -8.62 13.41
N ASP A 734 13.62 -9.93 13.24
CA ASP A 734 14.03 -10.61 12.02
C ASP A 734 13.08 -10.21 10.90
N CYS A 735 13.60 -9.46 9.92
CA CYS A 735 12.74 -8.87 8.90
C CYS A 735 12.04 -9.93 8.07
N THR A 736 12.79 -10.94 7.60
CA THR A 736 12.20 -11.95 6.72
C THR A 736 11.14 -12.77 7.45
N MET A 737 11.48 -13.28 8.64
CA MET A 737 10.54 -14.09 9.39
C MET A 737 9.35 -13.27 9.87
N TYR A 738 9.52 -11.96 10.05
CA TYR A 738 8.40 -11.12 10.46
C TYR A 738 7.45 -10.88 9.30
N ILE A 739 7.98 -10.42 8.16
CA ILE A 739 7.13 -10.06 7.03
C ILE A 739 6.50 -11.31 6.42
N CYS A 740 7.30 -12.34 6.19
CA CYS A 740 6.82 -13.59 5.62
C CYS A 740 6.96 -14.71 6.66
N GLY A 741 6.09 -15.70 6.54
CA GLY A 741 6.14 -16.83 7.46
C GLY A 741 7.24 -17.80 7.12
N ASP A 742 6.94 -19.09 7.16
CA ASP A 742 7.90 -20.12 6.80
C ASP A 742 7.84 -20.47 5.32
N SER A 743 6.99 -19.80 4.55
CA SER A 743 6.85 -20.10 3.14
C SER A 743 8.06 -19.61 2.34
N THR A 744 8.28 -20.23 1.19
CA THR A 744 9.40 -19.91 0.32
C THR A 744 9.04 -18.91 -0.77
N GLU A 745 7.84 -18.98 -1.34
CA GLU A 745 7.46 -18.03 -2.38
C GLU A 745 7.31 -16.62 -1.83
N CYS A 746 6.90 -16.49 -0.56
CA CYS A 746 6.85 -15.17 0.06
C CYS A 746 8.25 -14.57 0.19
N SER A 747 9.22 -15.38 0.60
CA SER A 747 10.60 -14.91 0.67
C SER A 747 11.11 -14.55 -0.72
N ASN A 748 10.76 -15.34 -1.73
CA ASN A 748 11.16 -15.03 -3.09
C ASN A 748 10.58 -13.70 -3.54
N LEU A 749 9.31 -13.44 -3.22
CA LEU A 749 8.71 -12.15 -3.57
C LEU A 749 9.39 -11.01 -2.82
N LEU A 750 9.71 -11.21 -1.54
CA LEU A 750 10.41 -10.18 -0.79
C LEU A 750 11.79 -9.92 -1.36
N LEU A 751 12.42 -10.94 -1.96
CA LEU A 751 13.75 -10.75 -2.53
C LEU A 751 13.78 -9.70 -3.63
N GLN A 752 12.62 -9.39 -4.23
CA GLN A 752 12.58 -8.32 -5.23
C GLN A 752 12.98 -6.98 -4.63
N TYR A 753 12.50 -6.68 -3.42
CA TYR A 753 12.97 -5.51 -2.71
C TYR A 753 14.43 -5.72 -2.31
N GLY A 754 15.28 -4.75 -2.65
CA GLY A 754 16.71 -4.96 -2.62
C GLY A 754 17.33 -5.27 -1.28
N SER A 755 17.34 -4.31 -0.35
CA SER A 755 18.03 -4.51 0.92
C SER A 755 17.29 -3.87 2.08
N PHE A 756 15.95 -3.83 2.02
CA PHE A 756 15.18 -3.23 3.10
C PHE A 756 15.38 -4.01 4.41
N CYS A 757 15.35 -5.34 4.33
CA CYS A 757 15.54 -6.16 5.52
C CYS A 757 16.93 -5.93 6.10
N THR A 758 17.95 -5.84 5.25
CA THR A 758 19.30 -5.59 5.73
C THR A 758 19.40 -4.24 6.40
N GLN A 759 18.76 -3.22 5.82
CA GLN A 759 18.78 -1.89 6.44
C GLN A 759 18.14 -1.92 7.82
N LEU A 760 16.97 -2.54 7.93
CA LEU A 760 16.28 -2.58 9.22
C LEU A 760 17.08 -3.35 10.26
N ASN A 761 17.65 -4.49 9.86
CA ASN A 761 18.45 -5.28 10.80
C ASN A 761 19.68 -4.50 11.26
N ARG A 762 20.34 -3.81 10.33
CA ARG A 762 21.50 -3.01 10.69
C ARG A 762 21.12 -1.89 11.66
N ALA A 763 19.99 -1.22 11.41
CA ALA A 763 19.56 -0.16 12.31
C ALA A 763 19.27 -0.69 13.71
N LEU A 764 18.58 -1.83 13.79
CA LEU A 764 18.25 -2.37 15.11
C LEU A 764 19.49 -2.85 15.86
N THR A 765 20.44 -3.48 15.15
CA THR A 765 21.67 -3.89 15.81
C THR A 765 22.49 -2.69 16.28
N GLY A 766 22.51 -1.62 15.46
CA GLY A 766 23.17 -0.40 15.90
C GLY A 766 22.52 0.18 17.15
N ILE A 767 21.19 0.15 17.22
CA ILE A 767 20.50 0.64 18.41
C ILE A 767 20.89 -0.19 19.63
N ALA A 768 20.94 -1.51 19.47
CA ALA A 768 21.30 -2.37 20.61
C ALA A 768 22.73 -2.09 21.09
N VAL A 769 23.67 -1.96 20.15
CA VAL A 769 25.04 -1.64 20.52
C VAL A 769 25.10 -0.29 21.21
N GLU A 770 24.30 0.67 20.74
CA GLU A 770 24.26 1.98 21.37
C GLU A 770 23.73 1.90 22.80
N GLN A 771 22.73 1.04 23.03
CA GLN A 771 22.24 0.86 24.40
C GLN A 771 23.33 0.30 25.30
N ASP A 772 24.08 -0.69 24.80
CA ASP A 772 25.19 -1.23 25.59
C ASP A 772 26.21 -0.15 25.91
N LYS A 773 26.56 0.67 24.91
CA LYS A 773 27.51 1.75 25.12
C LYS A 773 26.96 2.77 26.12
N ASN A 774 25.65 3.06 26.04
CA ASN A 774 25.04 3.98 26.98
C ASN A 774 25.21 3.52 28.42
N THR A 775 24.83 2.27 28.69
CA THR A 775 24.95 1.76 30.05
C THR A 775 26.41 1.76 30.51
N GLN A 776 27.32 1.30 29.63
CA GLN A 776 28.73 1.23 30.01
C GLN A 776 29.29 2.61 30.30
N GLU A 777 28.92 3.61 29.49
CA GLU A 777 29.49 4.94 29.66
C GLU A 777 28.91 5.63 30.89
N VAL A 778 27.62 5.43 31.17
CA VAL A 778 27.04 6.04 32.36
C VAL A 778 27.62 5.43 33.62
N PHE A 779 27.73 4.11 33.69
CA PHE A 779 28.09 3.51 34.97
C PHE A 779 29.57 3.26 35.17
N ALA A 780 30.31 2.93 34.10
CA ALA A 780 31.73 2.60 34.23
C ALA A 780 32.60 3.86 34.22
N GLN A 781 32.36 4.72 35.19
CA GLN A 781 33.20 5.89 35.41
C GLN A 781 34.36 5.61 36.36
N VAL A 782 34.45 4.40 36.89
CA VAL A 782 35.49 4.04 37.84
C VAL A 782 36.27 2.87 37.26
N LYS A 783 37.59 2.86 37.50
CA LYS A 783 38.43 1.79 36.96
C LYS A 783 38.64 0.67 37.97
N GLN A 784 38.78 1.03 39.25
CA GLN A 784 39.00 0.06 40.31
C GLN A 784 37.73 -0.08 41.13
N ILE A 785 37.29 -1.32 41.35
CA ILE A 785 36.12 -1.56 42.17
C ILE A 785 36.49 -1.35 43.63
N TYR A 786 35.93 -0.31 44.24
CA TYR A 786 36.22 0.06 45.61
C TYR A 786 35.29 -0.72 46.55
N LYS A 787 35.62 -0.66 47.84
CA LYS A 787 34.81 -1.33 48.86
C LYS A 787 34.77 -0.48 50.11
N THR A 788 33.59 -0.38 50.71
CA THR A 788 33.43 0.38 51.94
C THR A 788 34.12 -0.33 53.10
N PRO A 789 34.62 0.41 54.09
CA PRO A 789 35.33 -0.23 55.19
C PRO A 789 34.41 -1.13 55.99
N PRO A 790 34.94 -2.16 56.65
CA PRO A 790 34.08 -3.09 57.40
C PRO A 790 33.28 -2.42 58.50
N ILE A 791 33.83 -1.41 59.16
CA ILE A 791 33.13 -0.69 60.22
C ILE A 791 32.62 0.63 59.66
N LYS A 792 31.33 0.88 59.83
CA LYS A 792 30.70 2.08 59.28
C LYS A 792 30.63 3.17 60.36
N ASP A 793 31.81 3.64 60.75
CA ASP A 793 31.94 4.72 61.73
C ASP A 793 32.35 5.97 60.96
N PHE A 794 31.34 6.71 60.49
CA PHE A 794 31.54 7.91 59.68
C PHE A 794 31.20 9.19 60.45
N GLY A 795 31.41 9.18 61.76
CA GLY A 795 31.18 10.37 62.55
C GLY A 795 29.71 10.72 62.75
N GLY A 796 28.81 9.76 62.56
CA GLY A 796 27.39 9.97 62.73
C GLY A 796 26.58 9.86 61.46
N PHE A 797 27.23 9.90 60.29
CA PHE A 797 26.54 9.77 59.02
C PHE A 797 26.21 8.30 58.79
N ASN A 798 24.92 8.00 58.68
CA ASN A 798 24.45 6.62 58.55
C ASN A 798 24.13 6.36 57.08
N PHE A 799 24.96 5.54 56.44
CA PHE A 799 24.81 5.19 55.03
C PHE A 799 24.15 3.83 54.83
N SER A 800 23.54 3.28 55.88
CA SER A 800 22.99 1.92 55.79
C SER A 800 21.92 1.82 54.73
N GLN A 801 21.13 2.87 54.55
CA GLN A 801 20.06 2.87 53.57
C GLN A 801 20.54 3.12 52.15
N ILE A 802 21.84 3.19 51.94
CA ILE A 802 22.38 3.59 50.65
C ILE A 802 23.49 2.63 50.20
N LEU A 803 23.98 1.81 51.13
CA LEU A 803 25.08 0.90 50.86
C LEU A 803 24.58 -0.54 50.77
N PRO A 804 25.25 -1.39 50.00
CA PRO A 804 24.78 -2.77 49.83
C PRO A 804 24.75 -3.52 51.15
N ASP A 805 23.73 -4.35 51.32
CA ASP A 805 23.60 -5.21 52.49
C ASP A 805 23.81 -6.67 52.10
N PRO A 806 24.82 -7.34 52.63
CA PRO A 806 25.06 -8.74 52.26
C PRO A 806 23.95 -9.69 52.69
N SER A 807 23.06 -9.26 53.59
CA SER A 807 22.01 -10.16 54.07
C SER A 807 21.08 -10.58 52.94
N LYS A 808 20.71 -9.65 52.06
CA LYS A 808 19.85 -9.99 50.94
C LYS A 808 20.60 -10.87 49.95
N PRO A 809 19.89 -11.71 49.19
CA PRO A 809 20.59 -12.57 48.21
C PRO A 809 21.28 -11.77 47.13
N SER A 810 20.58 -10.88 46.45
CA SER A 810 21.21 -9.96 45.52
C SER A 810 21.85 -8.81 46.28
N LYS A 811 23.05 -8.43 45.86
CA LYS A 811 23.82 -7.39 46.55
C LYS A 811 23.37 -6.02 46.06
N ARG A 812 22.18 -5.63 46.52
CA ARG A 812 21.57 -4.35 46.17
C ARG A 812 21.22 -3.59 47.44
N SER A 813 21.30 -2.27 47.35
CA SER A 813 20.95 -1.41 48.47
C SER A 813 19.44 -1.47 48.71
N PRO A 814 18.99 -1.11 49.91
CA PRO A 814 17.54 -1.05 50.15
C PRO A 814 16.80 -0.13 49.20
N ILE A 815 17.38 1.03 48.87
CA ILE A 815 16.73 1.95 47.95
C ILE A 815 16.71 1.37 46.54
N GLU A 816 17.78 0.69 46.15
CA GLU A 816 17.81 0.03 44.85
C GLU A 816 16.75 -1.08 44.78
N ASP A 817 16.57 -1.81 45.87
CA ASP A 817 15.52 -2.83 45.91
C ASP A 817 14.14 -2.20 45.81
N LEU A 818 13.94 -1.06 46.49
CA LEU A 818 12.68 -0.35 46.36
C LEU A 818 12.42 0.05 44.92
N LEU A 819 13.45 0.57 44.23
CA LEU A 819 13.29 0.96 42.84
C LEU A 819 12.98 -0.23 41.95
N PHE A 820 13.68 -1.36 42.18
CA PHE A 820 13.44 -2.55 41.37
C PHE A 820 12.03 -3.07 41.56
N ASN A 821 11.54 -3.08 42.81
CA ASN A 821 10.17 -3.49 43.06
C ASN A 821 9.18 -2.52 42.43
N LYS A 822 9.46 -1.22 42.50
CA LYS A 822 8.53 -0.23 41.97
C LYS A 822 8.39 -0.33 40.46
N VAL A 823 9.51 -0.50 39.75
CA VAL A 823 9.46 -0.58 38.30
C VAL A 823 9.05 -1.99 37.89
N THR A 824 8.00 -2.08 37.09
CA THR A 824 7.47 -3.37 36.66
C THR A 824 7.71 -3.61 35.17
N LYS A 851 4.57 -16.44 21.56
CA LYS A 851 5.20 -15.28 22.18
C LYS A 851 6.13 -14.58 21.19
N PHE A 852 7.05 -15.36 20.62
CA PHE A 852 8.01 -14.83 19.65
C PHE A 852 7.43 -14.95 18.24
N ASN A 853 7.26 -13.81 17.57
CA ASN A 853 6.74 -13.76 16.21
C ASN A 853 7.78 -13.20 15.26
N GLY A 854 9.03 -13.62 15.43
CA GLY A 854 10.14 -13.11 14.65
C GLY A 854 10.99 -12.08 15.34
N LEU A 855 10.62 -11.69 16.55
CA LEU A 855 11.34 -10.67 17.31
C LEU A 855 11.92 -11.29 18.58
N THR A 856 13.19 -11.01 18.83
CA THR A 856 13.89 -11.51 20.01
C THR A 856 14.45 -10.34 20.79
N VAL A 857 14.51 -10.51 22.11
CA VAL A 857 14.97 -9.46 23.01
C VAL A 857 16.35 -9.87 23.52
N LEU A 858 17.39 -9.21 23.02
CA LEU A 858 18.74 -9.49 23.45
C LEU A 858 18.93 -9.07 24.91
N PRO A 859 19.78 -9.77 25.65
CA PRO A 859 20.03 -9.40 27.03
C PRO A 859 21.04 -8.25 27.11
N PRO A 860 20.97 -7.43 28.15
CA PRO A 860 21.95 -6.35 28.29
C PRO A 860 23.36 -6.90 28.50
N LEU A 861 24.34 -6.14 28.02
CA LEU A 861 25.73 -6.57 28.17
C LEU A 861 26.16 -6.59 29.62
N LEU A 862 25.69 -5.63 30.42
CA LEU A 862 25.97 -5.58 31.84
C LEU A 862 24.76 -6.06 32.61
N THR A 863 24.95 -7.10 33.43
CA THR A 863 23.85 -7.60 34.24
C THR A 863 23.49 -6.59 35.32
N ASP A 864 22.30 -6.77 35.90
CA ASP A 864 21.86 -5.89 36.98
C ASP A 864 22.78 -6.01 38.19
N GLU A 865 23.25 -7.22 38.49
CA GLU A 865 24.19 -7.41 39.58
C GLU A 865 25.49 -6.67 39.33
N MET A 866 26.00 -6.72 38.09
CA MET A 866 27.24 -6.02 37.78
C MET A 866 27.06 -4.51 37.80
N ILE A 867 25.89 -4.03 37.36
CA ILE A 867 25.60 -2.61 37.44
C ILE A 867 25.54 -2.15 38.90
N ALA A 868 24.91 -2.96 39.76
CA ALA A 868 24.88 -2.65 41.18
C ALA A 868 26.28 -2.68 41.77
N GLN A 869 27.15 -3.57 41.28
CA GLN A 869 28.53 -3.59 41.73
C GLN A 869 29.26 -2.31 41.35
N TYR A 870 29.04 -1.84 40.11
CA TYR A 870 29.61 -0.56 39.69
C TYR A 870 29.13 0.57 40.58
N THR A 871 27.83 0.63 40.85
CA THR A 871 27.28 1.68 41.70
C THR A 871 27.83 1.60 43.11
N SER A 872 27.97 0.40 43.65
CA SER A 872 28.53 0.24 44.99
C SER A 872 29.99 0.69 45.03
N ALA A 873 30.76 0.37 43.99
CA ALA A 873 32.15 0.83 43.93
C ALA A 873 32.22 2.34 43.90
N LEU A 874 31.39 2.96 43.07
CA LEU A 874 31.35 4.42 42.99
C LEU A 874 30.99 5.03 44.34
N LEU A 875 29.98 4.45 45.01
CA LEU A 875 29.49 5.03 46.25
C LEU A 875 30.51 4.87 47.37
N ALA A 876 31.14 3.69 47.48
CA ALA A 876 32.16 3.49 48.50
C ALA A 876 33.37 4.36 48.25
N GLY A 877 33.80 4.48 46.99
CA GLY A 877 34.89 5.39 46.69
C GLY A 877 34.57 6.82 47.04
N THR A 878 33.35 7.27 46.73
CA THR A 878 32.93 8.61 47.12
C THR A 878 33.03 8.78 48.62
N ILE A 879 32.41 7.87 49.38
CA ILE A 879 32.36 8.01 50.83
C ILE A 879 33.75 8.06 51.43
N THR A 880 34.65 7.18 50.97
CA THR A 880 35.96 7.08 51.60
C THR A 880 36.99 8.06 51.05
N SER A 881 36.74 8.70 49.91
CA SER A 881 37.81 9.57 49.41
C SER A 881 37.35 10.97 49.05
N GLY A 882 36.15 11.15 48.50
CA GLY A 882 35.72 12.43 47.98
C GLY A 882 35.77 12.45 46.47
N TRP A 883 36.36 13.51 45.92
CA TRP A 883 36.56 13.63 44.48
C TRP A 883 37.92 13.09 44.02
N THR A 884 38.79 12.73 44.96
CA THR A 884 40.13 12.29 44.60
C THR A 884 40.11 11.00 43.80
N PHE A 885 39.20 10.07 44.13
CA PHE A 885 39.14 8.81 43.40
C PHE A 885 38.68 9.00 41.96
N GLY A 886 37.91 10.05 41.70
CA GLY A 886 37.51 10.35 40.34
C GLY A 886 38.53 11.20 39.61
N ALA A 887 39.33 11.94 40.35
CA ALA A 887 40.35 12.80 39.76
C ALA A 887 41.72 12.13 39.69
N GLY A 888 41.84 10.88 40.14
CA GLY A 888 43.10 10.19 40.11
C GLY A 888 43.09 8.97 41.01
N PRO A 889 44.12 8.82 41.83
CA PRO A 889 44.14 7.72 42.81
C PRO A 889 43.32 8.07 44.03
N ALA A 890 42.68 7.05 44.60
CA ALA A 890 41.81 7.27 45.75
C ALA A 890 42.64 7.70 46.95
N LEU A 891 42.21 8.79 47.59
CA LEU A 891 42.90 9.36 48.75
C LEU A 891 41.95 9.29 49.94
N GLN A 892 42.27 8.42 50.91
CA GLN A 892 41.42 8.30 52.09
C GLN A 892 41.39 9.61 52.86
N ILE A 893 40.24 9.89 53.45
CA ILE A 893 40.03 11.12 54.22
C ILE A 893 38.81 10.92 55.10
N PRO A 894 38.83 11.38 56.35
CA PRO A 894 37.63 11.24 57.20
C PRO A 894 36.44 11.94 56.57
N PHE A 895 35.27 11.32 56.71
CA PHE A 895 34.06 11.90 56.15
C PHE A 895 33.72 13.28 56.72
N PRO A 896 33.87 13.55 58.02
CA PRO A 896 33.72 14.94 58.46
C PRO A 896 34.67 15.91 57.76
N MET A 897 35.90 15.49 57.51
CA MET A 897 36.83 16.37 56.81
C MET A 897 36.39 16.59 55.37
N GLN A 898 35.87 15.55 54.72
CA GLN A 898 35.36 15.70 53.36
C GLN A 898 34.15 16.63 53.33
N MET A 899 33.26 16.52 54.31
CA MET A 899 32.11 17.41 54.36
C MET A 899 32.53 18.85 54.63
N ALA A 900 33.58 19.06 55.43
CA ALA A 900 34.11 20.40 55.59
C ALA A 900 34.71 20.91 54.30
N TYR A 901 35.35 20.03 53.52
CA TYR A 901 35.79 20.37 52.18
C TYR A 901 34.63 20.90 51.35
N ARG A 902 33.51 20.15 51.34
CA ARG A 902 32.35 20.55 50.56
C ARG A 902 31.79 21.88 51.06
N PHE A 903 31.76 22.08 52.37
CA PHE A 903 31.26 23.34 52.92
C PHE A 903 32.13 24.50 52.45
N ASN A 904 33.45 24.33 52.49
CA ASN A 904 34.33 25.34 51.90
C ASN A 904 34.01 25.55 50.43
N GLY A 905 33.65 24.47 49.73
CA GLY A 905 33.27 24.59 48.33
C GLY A 905 32.07 25.50 48.13
N ILE A 906 31.07 25.39 49.01
CA ILE A 906 29.86 26.19 48.86
C ILE A 906 29.94 27.54 49.57
N GLY A 907 31.09 27.89 50.16
CA GLY A 907 31.28 29.20 50.74
C GLY A 907 31.16 29.26 52.24
N VAL A 908 30.71 28.20 52.90
CA VAL A 908 30.57 28.17 54.35
C VAL A 908 31.86 27.62 54.95
N THR A 909 32.37 28.27 55.99
CA THR A 909 33.63 27.85 56.57
C THR A 909 33.49 26.50 57.27
N GLN A 910 34.63 25.89 57.57
CA GLN A 910 34.62 24.54 58.14
C GLN A 910 34.10 24.53 59.56
N ASN A 911 34.24 25.63 60.30
CA ASN A 911 33.82 25.64 61.69
C ASN A 911 32.33 25.37 61.83
N VAL A 912 31.54 25.72 60.80
CA VAL A 912 30.11 25.44 60.85
C VAL A 912 29.87 23.93 60.98
N LEU A 913 30.51 23.13 60.13
CA LEU A 913 30.36 21.69 60.23
C LEU A 913 31.01 21.16 61.50
N TYR A 914 32.22 21.63 61.83
CA TYR A 914 32.89 21.07 62.99
C TYR A 914 32.22 21.48 64.31
N GLU A 915 31.26 22.40 64.27
CA GLU A 915 30.47 22.72 65.44
C GLU A 915 29.02 22.25 65.36
N ASN A 916 28.55 21.81 64.19
CA ASN A 916 27.22 21.25 64.06
C ASN A 916 27.24 19.89 63.39
N GLN A 917 28.30 19.10 63.64
CA GLN A 917 28.40 17.77 63.04
C GLN A 917 27.24 16.87 63.44
N LYS A 918 26.85 16.88 64.72
CA LYS A 918 25.74 16.04 65.16
C LYS A 918 24.45 16.44 64.46
N LEU A 919 24.19 17.74 64.40
CA LEU A 919 22.98 18.23 63.74
C LEU A 919 22.97 17.85 62.27
N ILE A 920 24.11 17.99 61.58
CA ILE A 920 24.17 17.69 60.16
C ILE A 920 24.00 16.20 59.92
N ALA A 921 24.60 15.36 60.78
CA ALA A 921 24.43 13.92 60.64
C ALA A 921 22.97 13.52 60.83
N ASN A 922 22.31 14.09 61.84
CA ASN A 922 20.90 13.78 62.06
C ASN A 922 20.05 14.23 60.87
N GLN A 923 20.31 15.43 60.36
CA GLN A 923 19.55 15.91 59.21
C GLN A 923 19.76 15.03 57.99
N PHE A 924 21.00 14.62 57.74
CA PHE A 924 21.30 13.77 56.60
C PHE A 924 20.60 12.43 56.71
N ASN A 925 20.64 11.81 57.90
CA ASN A 925 20.00 10.52 58.09
C ASN A 925 18.48 10.63 57.89
N SER A 926 17.87 11.65 58.50
CA SER A 926 16.43 11.83 58.35
C SER A 926 16.05 12.09 56.90
N ALA A 927 16.86 12.87 56.19
CA ALA A 927 16.58 13.18 54.79
C ALA A 927 16.64 11.92 53.92
N ILE A 928 17.65 11.06 54.16
CA ILE A 928 17.70 9.82 53.39
C ILE A 928 16.51 8.92 53.71
N GLY A 929 16.13 8.84 54.99
CA GLY A 929 14.94 8.10 55.34
C GLY A 929 13.70 8.62 54.63
N LYS A 930 13.58 9.94 54.52
CA LYS A 930 12.43 10.52 53.84
C LYS A 930 12.48 10.26 52.34
N ILE A 931 13.68 10.19 51.76
CA ILE A 931 13.77 9.79 50.35
C ILE A 931 13.24 8.37 50.17
N GLN A 932 13.63 7.46 51.07
CA GLN A 932 13.10 6.09 50.98
C GLN A 932 11.58 6.09 51.11
N ASP A 933 11.06 6.88 52.07
CA ASP A 933 9.62 6.96 52.26
C ASP A 933 8.91 7.45 51.00
N SER A 934 9.44 8.52 50.38
CA SER A 934 8.78 9.08 49.20
C SER A 934 8.83 8.11 48.03
N LEU A 935 9.98 7.46 47.82
CA LEU A 935 10.08 6.50 46.72
C LEU A 935 9.12 5.34 46.92
N SER A 936 8.99 4.86 48.16
CA SER A 936 8.02 3.80 48.42
C SER A 936 6.59 4.28 48.20
N SER A 937 6.27 5.50 48.67
CA SER A 937 4.88 5.95 48.70
C SER A 937 4.36 6.29 47.31
N THR A 938 5.14 7.02 46.51
CA THR A 938 4.61 7.54 45.26
C THR A 938 4.79 6.51 44.15
N PRO A 939 3.69 5.96 43.61
CA PRO A 939 3.84 4.98 42.52
C PRO A 939 4.39 5.58 41.24
N SER A 940 4.10 6.86 40.97
CA SER A 940 4.55 7.51 39.74
C SER A 940 5.91 8.16 39.88
N ALA A 941 6.64 7.91 40.98
CA ALA A 941 7.96 8.48 41.14
C ALA A 941 8.91 8.00 40.06
N LEU A 942 8.85 6.71 39.72
CA LEU A 942 9.68 6.13 38.66
C LEU A 942 9.02 6.36 37.30
N GLY A 943 8.62 7.63 37.10
CA GLY A 943 7.82 7.97 35.94
C GLY A 943 8.56 7.81 34.62
N LYS A 944 9.80 8.28 34.57
CA LYS A 944 10.55 8.26 33.31
C LYS A 944 10.88 6.84 32.89
N LEU A 945 11.38 6.03 33.82
CA LEU A 945 11.70 4.63 33.49
C LEU A 945 10.45 3.85 33.14
N GLN A 946 9.36 4.05 33.90
CA GLN A 946 8.12 3.36 33.58
C GLN A 946 7.61 3.78 32.21
N ASP A 947 7.74 5.05 31.87
CA ASP A 947 7.31 5.53 30.55
C ASP A 947 8.15 4.92 29.44
N VAL A 948 9.46 4.79 29.66
CA VAL A 948 10.32 4.17 28.65
C VAL A 948 9.89 2.73 28.41
N VAL A 949 9.69 1.97 29.49
CA VAL A 949 9.28 0.58 29.36
C VAL A 949 7.93 0.48 28.66
N ASN A 950 6.98 1.33 29.06
CA ASN A 950 5.65 1.29 28.47
C ASN A 950 5.68 1.63 26.99
N GLN A 951 6.47 2.64 26.60
CA GLN A 951 6.55 3.02 25.20
C GLN A 951 7.16 1.91 24.36
N ASN A 952 8.23 1.28 24.85
CA ASN A 952 8.83 0.19 24.08
C ASN A 952 7.87 -0.99 23.96
N ALA A 953 7.18 -1.33 25.05
CA ALA A 953 6.21 -2.42 24.99
C ALA A 953 5.07 -2.10 24.04
N GLN A 954 4.60 -0.86 24.04
CA GLN A 954 3.52 -0.47 23.14
C GLN A 954 3.95 -0.55 21.68
N ALA A 955 5.18 -0.10 21.39
CA ALA A 955 5.68 -0.19 20.02
C ALA A 955 5.76 -1.64 19.56
N LEU A 956 6.30 -2.52 20.42
CA LEU A 956 6.38 -3.93 20.06
C LEU A 956 4.99 -4.54 19.90
N ASN A 957 4.05 -4.19 20.77
CA ASN A 957 2.71 -4.74 20.68
C ASN A 957 2.01 -4.32 19.40
N THR A 958 2.16 -3.05 19.01
CA THR A 958 1.56 -2.61 17.76
C THR A 958 2.23 -3.28 16.57
N LEU A 959 3.55 -3.47 16.65
CA LEU A 959 4.24 -4.17 15.58
C LEU A 959 3.71 -5.59 15.40
N VAL A 960 3.44 -6.27 16.52
CA VAL A 960 2.89 -7.62 16.44
C VAL A 960 1.45 -7.60 15.94
N LYS A 961 0.65 -6.63 16.41
CA LYS A 961 -0.74 -6.54 15.99
C LYS A 961 -0.89 -6.19 14.52
N GLN A 962 0.14 -5.61 13.90
CA GLN A 962 0.02 -5.26 12.48
C GLN A 962 -0.11 -6.47 11.57
N LEU A 963 0.24 -7.67 12.04
CA LEU A 963 0.10 -8.87 11.21
C LEU A 963 -1.36 -9.22 10.97
N SER A 964 -2.22 -9.02 11.96
CA SER A 964 -3.62 -9.38 11.80
C SER A 964 -4.33 -8.47 10.80
N SER A 965 -3.70 -7.39 10.35
CA SER A 965 -4.32 -6.51 9.39
C SER A 965 -4.28 -7.12 7.98
N ASN A 966 -5.16 -6.62 7.13
CA ASN A 966 -5.30 -7.13 5.77
C ASN A 966 -4.56 -6.31 4.73
N PHE A 967 -4.49 -4.99 4.90
CA PHE A 967 -3.88 -4.08 3.92
C PHE A 967 -4.53 -4.20 2.55
N GLY A 968 -5.82 -4.53 2.52
CA GLY A 968 -6.54 -4.74 1.29
C GLY A 968 -6.49 -6.14 0.75
N ALA A 969 -5.67 -7.02 1.33
CA ALA A 969 -5.61 -8.40 0.89
C ALA A 969 -6.84 -9.16 1.37
N ILE A 970 -7.04 -10.35 0.79
CA ILE A 970 -8.20 -11.16 1.13
C ILE A 970 -8.17 -11.57 2.59
N SER A 971 -7.00 -12.00 3.07
CA SER A 971 -6.89 -12.47 4.44
C SER A 971 -5.51 -12.07 4.99
N SER A 972 -5.42 -12.04 6.31
CA SER A 972 -4.18 -11.73 7.01
C SER A 972 -3.32 -12.94 7.25
N VAL A 973 -3.73 -14.12 6.79
CA VAL A 973 -2.99 -15.35 6.96
C VAL A 973 -2.29 -15.68 5.64
N LEU A 974 -0.96 -15.76 5.69
CA LEU A 974 -0.18 -15.96 4.47
C LEU A 974 -0.47 -17.29 3.83
N ASN A 975 -0.57 -18.36 4.63
CA ASN A 975 -0.89 -19.67 4.06
C ASN A 975 -2.31 -19.73 3.55
N ASP A 976 -3.25 -19.03 4.21
CA ASP A 976 -4.62 -18.98 3.71
C ASP A 976 -4.68 -18.27 2.36
N ILE A 977 -3.88 -17.22 2.19
CA ILE A 977 -3.79 -16.59 0.88
C ILE A 977 -3.15 -17.53 -0.13
N LEU A 978 -2.11 -18.25 0.29
CA LEU A 978 -1.44 -19.20 -0.59
C LEU A 978 -2.42 -20.23 -1.16
N SER A 979 -3.15 -20.89 -0.28
CA SER A 979 -4.21 -21.79 -0.72
C SER A 979 -5.41 -20.98 -1.19
N ARG A 980 -6.33 -21.68 -1.86
CA ARG A 980 -7.62 -21.11 -2.29
C ARG A 980 -7.42 -20.13 -3.44
N LEU A 981 -6.17 -19.80 -3.76
CA LEU A 981 -5.85 -18.82 -4.78
C LEU A 981 -4.83 -19.40 -5.74
N ASP A 982 -5.05 -19.19 -7.04
CA ASP A 982 -4.08 -19.57 -8.04
C ASP A 982 -2.86 -18.66 -7.94
N PRO A 983 -1.67 -19.18 -8.25
CA PRO A 983 -0.43 -18.42 -8.03
C PRO A 983 -0.39 -17.08 -8.73
N PRO A 984 -0.90 -16.94 -9.98
CA PRO A 984 -0.77 -15.62 -10.63
C PRO A 984 -1.39 -14.46 -9.86
N GLU A 985 -2.51 -14.67 -9.18
CA GLU A 985 -3.10 -13.60 -8.37
C GLU A 985 -2.72 -13.70 -6.89
N ALA A 986 -2.35 -14.90 -6.43
CA ALA A 986 -1.73 -15.01 -5.12
C ALA A 986 -0.47 -14.17 -5.05
N GLU A 987 0.24 -14.01 -6.17
CA GLU A 987 1.42 -13.16 -6.20
C GLU A 987 1.05 -11.72 -5.84
N VAL A 988 -0.01 -11.18 -6.43
CA VAL A 988 -0.38 -9.79 -6.15
C VAL A 988 -0.94 -9.66 -4.74
N GLN A 989 -1.68 -10.66 -4.25
CA GLN A 989 -2.18 -10.60 -2.88
C GLN A 989 -1.04 -10.59 -1.88
N ILE A 990 -0.08 -11.51 -2.06
CA ILE A 990 1.08 -11.57 -1.18
C ILE A 990 1.90 -10.30 -1.31
N ASP A 991 1.99 -9.72 -2.51
CA ASP A 991 2.71 -8.46 -2.67
C ASP A 991 2.07 -7.32 -1.91
N ARG A 992 0.74 -7.22 -1.94
CA ARG A 992 0.06 -6.19 -1.14
C ARG A 992 0.32 -6.40 0.34
N LEU A 993 0.21 -7.64 0.81
CA LEU A 993 0.49 -7.93 2.21
C LEU A 993 1.94 -7.62 2.58
N ILE A 994 2.89 -7.93 1.70
CA ILE A 994 4.30 -7.64 1.97
C ILE A 994 4.54 -6.14 2.04
N THR A 995 3.93 -5.38 1.14
CA THR A 995 4.07 -3.92 1.19
C THR A 995 3.54 -3.38 2.51
N GLY A 996 2.39 -3.87 2.95
CA GLY A 996 1.84 -3.39 4.22
C GLY A 996 2.74 -3.73 5.40
N ARG A 997 3.20 -4.97 5.47
CA ARG A 997 4.02 -5.39 6.60
C ARG A 997 5.37 -4.69 6.60
N LEU A 998 5.95 -4.47 5.41
CA LEU A 998 7.21 -3.75 5.31
C LEU A 998 7.04 -2.30 5.74
N GLN A 999 5.92 -1.66 5.37
CA GLN A 999 5.67 -0.31 5.85
C GLN A 999 5.55 -0.27 7.37
N SER A 1000 4.87 -1.27 7.95
CA SER A 1000 4.75 -1.32 9.40
C SER A 1000 6.12 -1.47 10.06
N LEU A 1001 6.96 -2.35 9.53
CA LEU A 1001 8.29 -2.56 10.10
C LEU A 1001 9.15 -1.30 9.96
N GLN A 1002 9.06 -0.61 8.83
CA GLN A 1002 9.82 0.62 8.65
C GLN A 1002 9.37 1.68 9.64
N THR A 1003 8.06 1.81 9.85
CA THR A 1003 7.57 2.76 10.83
C THR A 1003 8.08 2.41 12.23
N TYR A 1004 8.07 1.12 12.57
CA TYR A 1004 8.56 0.71 13.88
C TYR A 1004 10.03 1.06 14.06
N VAL A 1005 10.86 0.77 13.06
CA VAL A 1005 12.29 1.03 13.24
C VAL A 1005 12.57 2.53 13.24
N THR A 1006 11.81 3.32 12.48
CA THR A 1006 12.00 4.76 12.53
C THR A 1006 11.64 5.34 13.90
N GLN A 1007 10.51 4.91 14.46
CA GLN A 1007 10.15 5.34 15.80
C GLN A 1007 11.17 4.90 16.83
N GLN A 1008 11.71 3.69 16.66
CA GLN A 1008 12.74 3.20 17.57
C GLN A 1008 14.01 4.03 17.46
N LEU A 1009 14.34 4.49 16.25
CA LEU A 1009 15.49 5.36 16.08
C LEU A 1009 15.28 6.70 16.78
N ILE A 1010 14.09 7.27 16.66
CA ILE A 1010 13.78 8.52 17.39
C ILE A 1010 13.94 8.32 18.89
N ARG A 1011 13.34 7.24 19.40
CA ARG A 1011 13.42 6.96 20.83
C ARG A 1011 14.83 6.68 21.27
N ALA A 1012 15.64 6.04 20.42
CA ALA A 1012 17.04 5.78 20.76
C ALA A 1012 17.83 7.08 20.82
N ALA A 1013 17.55 8.02 19.92
CA ALA A 1013 18.22 9.32 20.01
C ALA A 1013 17.86 10.03 21.30
N GLU A 1014 16.57 10.02 21.67
CA GLU A 1014 16.16 10.65 22.91
C GLU A 1014 16.81 9.97 24.13
N ILE A 1015 16.84 8.64 24.12
CA ILE A 1015 17.42 7.89 25.24
C ILE A 1015 18.92 8.13 25.32
N ARG A 1016 19.60 8.24 24.18
CA ARG A 1016 21.03 8.53 24.18
C ARG A 1016 21.31 9.92 24.72
N ALA A 1017 20.45 10.89 24.38
CA ALA A 1017 20.60 12.22 24.97
C ALA A 1017 20.43 12.16 26.47
N SER A 1018 19.43 11.41 26.95
CA SER A 1018 19.23 11.29 28.39
C SER A 1018 20.38 10.57 29.06
N ALA A 1019 20.97 9.58 28.39
CA ALA A 1019 22.08 8.83 28.96
C ALA A 1019 23.34 9.68 29.02
N ASN A 1020 23.57 10.50 28.00
CA ASN A 1020 24.69 11.44 28.05
C ASN A 1020 24.51 12.45 29.17
N LEU A 1021 23.28 12.94 29.36
CA LEU A 1021 23.00 13.84 30.46
C LEU A 1021 23.25 13.15 31.80
N ALA A 1022 22.84 11.88 31.93
CA ALA A 1022 23.05 11.16 33.16
C ALA A 1022 24.54 10.92 33.42
N ALA A 1023 25.30 10.61 32.37
CA ALA A 1023 26.73 10.38 32.53
C ALA A 1023 27.45 11.66 32.95
N THR A 1024 27.11 12.79 32.32
CA THR A 1024 27.74 14.04 32.71
C THR A 1024 27.29 14.47 34.11
N LYS A 1025 26.05 14.16 34.48
CA LYS A 1025 25.61 14.43 35.85
C LYS A 1025 26.41 13.58 36.84
N MET A 1026 26.65 12.33 36.50
CA MET A 1026 27.50 11.49 37.34
C MET A 1026 28.87 12.12 37.51
N SER A 1027 29.53 12.43 36.40
CA SER A 1027 30.90 12.94 36.44
C SER A 1027 30.98 14.24 37.22
N GLU A 1028 30.01 15.13 37.04
CA GLU A 1028 30.08 16.45 37.64
C GLU A 1028 29.43 16.54 39.01
N CYS A 1029 28.68 15.54 39.46
CA CYS A 1029 28.02 15.60 40.75
C CYS A 1029 28.57 14.59 41.76
N VAL A 1030 28.69 13.32 41.40
CA VAL A 1030 29.16 12.35 42.39
C VAL A 1030 30.68 12.23 42.36
N LEU A 1031 31.28 12.26 41.17
CA LEU A 1031 32.72 12.20 41.07
C LEU A 1031 33.37 13.46 41.65
N GLY A 1032 32.61 14.55 41.74
CA GLY A 1032 33.12 15.77 42.33
C GLY A 1032 32.00 16.75 42.60
N GLN A 1033 32.29 17.70 43.47
CA GLN A 1033 31.35 18.76 43.78
C GLN A 1033 31.15 19.68 42.58
N SER A 1034 29.94 20.18 42.42
CA SER A 1034 29.57 21.02 41.28
C SER A 1034 29.11 22.38 41.76
N LYS A 1035 29.55 23.43 41.06
CA LYS A 1035 29.11 24.79 41.29
C LYS A 1035 28.09 25.24 40.25
N ARG A 1036 27.58 24.31 39.45
CA ARG A 1036 26.58 24.59 38.43
C ARG A 1036 25.23 24.68 39.11
N VAL A 1037 24.63 25.87 39.10
CA VAL A 1037 23.38 26.13 39.80
C VAL A 1037 22.27 25.26 39.23
N ASP A 1038 21.51 24.61 40.11
CA ASP A 1038 20.34 23.80 39.77
C ASP A 1038 20.68 22.64 38.86
N PHE A 1039 21.93 22.19 38.83
CA PHE A 1039 22.30 20.99 38.07
C PHE A 1039 22.18 19.74 38.93
N CYS A 1040 22.91 19.69 40.04
CA CYS A 1040 22.82 18.57 40.98
C CYS A 1040 21.91 19.00 42.14
N GLY A 1041 20.61 18.97 41.89
CA GLY A 1041 19.63 19.24 42.92
C GLY A 1041 19.48 20.70 43.26
N LYS A 1042 18.27 21.10 43.68
CA LYS A 1042 18.02 22.49 44.04
C LYS A 1042 18.80 22.86 45.29
N GLY A 1043 19.40 24.04 45.27
CA GLY A 1043 20.23 24.52 46.36
C GLY A 1043 21.70 24.32 46.07
N TYR A 1044 22.52 24.73 47.03
CA TYR A 1044 23.96 24.51 46.93
C TYR A 1044 24.26 23.03 47.03
N HIS A 1045 25.21 22.57 46.21
CA HIS A 1045 25.49 21.15 46.10
C HIS A 1045 26.63 20.75 47.04
N LEU A 1046 26.45 19.62 47.74
CA LEU A 1046 27.46 19.07 48.62
C LEU A 1046 28.06 17.78 48.08
N MET A 1047 27.23 16.78 47.80
CA MET A 1047 27.70 15.52 47.24
C MET A 1047 26.52 14.84 46.56
N SER A 1048 26.80 13.70 45.94
CA SER A 1048 25.76 12.92 45.28
C SER A 1048 26.03 11.44 45.52
N PHE A 1049 24.96 10.65 45.45
CA PHE A 1049 25.07 9.21 45.63
C PHE A 1049 24.25 8.49 44.57
N PRO A 1050 24.90 7.82 43.63
CA PRO A 1050 24.14 7.09 42.61
C PRO A 1050 23.48 5.86 43.19
N GLN A 1051 22.35 5.50 42.59
CA GLN A 1051 21.61 4.28 42.95
C GLN A 1051 21.03 3.70 41.69
N SER A 1052 21.48 2.50 41.32
CA SER A 1052 21.06 1.89 40.07
C SER A 1052 19.58 1.55 40.12
N ALA A 1053 18.90 1.81 39.00
CA ALA A 1053 17.50 1.47 38.81
C ALA A 1053 17.36 0.77 37.47
N PRO A 1054 16.35 -0.08 37.30
CA PRO A 1054 16.23 -0.84 36.04
C PRO A 1054 16.04 0.09 34.86
N HIS A 1055 16.97 0.01 33.91
CA HIS A 1055 16.97 0.86 32.72
C HIS A 1055 17.01 2.34 33.10
N GLY A 1056 17.94 2.68 33.99
CA GLY A 1056 18.09 4.05 34.40
C GLY A 1056 19.04 4.17 35.57
N VAL A 1057 19.09 5.38 36.13
CA VAL A 1057 19.90 5.68 37.30
C VAL A 1057 19.16 6.71 38.14
N VAL A 1058 19.34 6.64 39.46
CA VAL A 1058 18.68 7.53 40.39
C VAL A 1058 19.74 8.16 41.28
N PHE A 1059 19.85 9.48 41.22
CA PHE A 1059 20.81 10.22 42.03
C PHE A 1059 20.15 10.71 43.31
N LEU A 1060 20.94 10.77 44.37
CA LEU A 1060 20.49 11.34 45.64
C LEU A 1060 21.32 12.61 45.86
N HIS A 1061 20.83 13.72 45.33
CA HIS A 1061 21.55 14.99 45.37
C HIS A 1061 21.49 15.56 46.78
N VAL A 1062 22.59 15.43 47.51
CA VAL A 1062 22.69 16.03 48.84
C VAL A 1062 22.97 17.52 48.67
N THR A 1063 22.11 18.35 49.25
CA THR A 1063 22.18 19.80 49.05
C THR A 1063 22.21 20.51 50.38
N TYR A 1064 22.54 21.80 50.33
CA TYR A 1064 22.58 22.68 51.49
C TYR A 1064 21.66 23.85 51.21
N VAL A 1065 20.68 24.06 52.08
CA VAL A 1065 19.65 25.08 51.88
C VAL A 1065 19.59 25.96 53.12
N PRO A 1066 19.81 27.26 53.00
CA PRO A 1066 19.62 28.16 54.16
C PRO A 1066 18.18 28.11 54.64
N ALA A 1067 18.00 28.21 55.96
CA ALA A 1067 16.70 27.92 56.57
C ALA A 1067 16.05 29.14 57.21
N GLN A 1068 16.73 29.79 58.17
CA GLN A 1068 16.11 30.83 58.97
C GLN A 1068 16.82 32.16 58.71
N GLU A 1069 16.06 33.14 58.26
CA GLU A 1069 16.61 34.43 57.87
C GLU A 1069 16.53 35.43 59.03
N LYS A 1070 17.41 36.43 58.96
CA LYS A 1070 17.40 37.53 59.92
C LYS A 1070 18.04 38.72 59.23
N ASN A 1071 17.23 39.75 58.96
CA ASN A 1071 17.67 40.86 58.14
C ASN A 1071 18.26 41.96 59.00
N PHE A 1072 19.53 42.30 58.75
CA PHE A 1072 20.22 43.40 59.38
C PHE A 1072 20.41 44.53 58.39
N THR A 1073 21.11 45.57 58.82
CA THR A 1073 21.51 46.66 57.94
C THR A 1073 22.97 46.49 57.55
N THR A 1074 23.29 46.88 56.31
CA THR A 1074 24.60 46.64 55.75
C THR A 1074 25.12 47.91 55.07
N ALA A 1075 26.44 48.02 54.99
CA ALA A 1075 27.09 49.12 54.30
C ALA A 1075 28.16 48.58 53.37
N PRO A 1076 28.40 49.24 52.23
CA PRO A 1076 29.45 48.77 51.33
C PRO A 1076 30.84 48.75 51.94
N ALA A 1077 31.15 49.69 52.82
CA ALA A 1077 32.47 49.77 53.43
C ALA A 1077 32.36 50.50 54.77
N ILE A 1078 33.50 50.73 55.40
CA ILE A 1078 33.57 51.39 56.70
C ILE A 1078 34.69 52.41 56.67
N CYS A 1079 34.39 53.62 57.13
CA CYS A 1079 35.34 54.74 57.09
C CYS A 1079 35.90 54.93 58.50
N HIS A 1080 37.02 54.27 58.77
CA HIS A 1080 37.60 54.31 60.11
C HIS A 1080 38.44 55.57 60.34
N ASP A 1081 39.52 55.72 59.58
CA ASP A 1081 40.45 56.83 59.73
C ASP A 1081 40.58 57.60 58.43
N GLY A 1082 39.45 57.81 57.74
CA GLY A 1082 39.47 58.43 56.44
C GLY A 1082 39.78 57.49 55.29
N LYS A 1083 40.07 56.23 55.57
CA LYS A 1083 40.36 55.23 54.56
C LYS A 1083 39.29 54.15 54.60
N ALA A 1084 38.73 53.82 53.44
CA ALA A 1084 37.65 52.84 53.37
C ALA A 1084 38.17 51.45 53.71
N HIS A 1085 37.31 50.67 54.37
CA HIS A 1085 37.61 49.29 54.75
C HIS A 1085 36.59 48.38 54.10
N PHE A 1086 37.07 47.42 53.31
CA PHE A 1086 36.17 46.50 52.64
C PHE A 1086 36.37 45.09 53.19
N PRO A 1087 35.32 44.29 53.29
CA PRO A 1087 35.46 42.94 53.83
C PRO A 1087 36.21 42.04 52.86
N ARG A 1088 37.14 41.25 53.40
CA ARG A 1088 37.91 40.33 52.55
C ARG A 1088 37.02 39.24 51.98
N GLU A 1089 36.22 38.60 52.84
CA GLU A 1089 35.24 37.61 52.39
C GLU A 1089 34.08 37.67 53.38
N GLY A 1090 33.07 38.46 53.04
CA GLY A 1090 31.94 38.65 53.91
C GLY A 1090 31.30 40.01 53.64
N VAL A 1091 30.32 40.34 54.48
CA VAL A 1091 29.61 41.62 54.38
C VAL A 1091 29.45 42.21 55.77
N PHE A 1092 29.53 43.53 55.84
CA PHE A 1092 29.30 44.23 57.09
C PHE A 1092 27.82 44.17 57.44
N VAL A 1093 27.52 43.86 58.70
CA VAL A 1093 26.15 43.85 59.19
C VAL A 1093 26.12 44.58 60.52
N SER A 1094 24.92 44.97 60.94
CA SER A 1094 24.75 45.59 62.24
C SER A 1094 23.39 45.20 62.79
N ASN A 1095 23.37 44.82 64.06
CA ASN A 1095 22.11 44.48 64.72
C ASN A 1095 21.39 45.68 65.29
N GLY A 1096 21.96 46.88 65.16
CA GLY A 1096 21.31 48.09 65.63
C GLY A 1096 22.25 49.06 66.30
N THR A 1097 23.31 48.56 66.94
CA THR A 1097 24.20 49.42 67.70
C THR A 1097 25.67 49.21 67.31
N HIS A 1098 26.02 47.99 66.92
CA HIS A 1098 27.40 47.64 66.61
C HIS A 1098 27.47 46.92 65.27
N TRP A 1099 28.62 47.05 64.61
CA TRP A 1099 28.84 46.49 63.29
C TRP A 1099 29.79 45.30 63.38
N PHE A 1100 29.50 44.25 62.61
CA PHE A 1100 30.30 43.04 62.58
C PHE A 1100 30.52 42.59 61.15
N VAL A 1101 31.49 41.71 60.97
CA VAL A 1101 31.72 41.02 59.70
C VAL A 1101 31.22 39.59 59.85
N THR A 1102 30.61 39.06 58.79
CA THR A 1102 30.07 37.71 58.83
C THR A 1102 30.11 37.11 57.44
N GLN A 1103 30.12 35.78 57.40
CA GLN A 1103 30.11 35.08 56.12
C GLN A 1103 28.79 35.30 55.40
N ARG A 1104 28.83 35.13 54.08
CA ARG A 1104 27.66 35.42 53.26
C ARG A 1104 26.53 34.42 53.50
N ASN A 1105 26.87 33.14 53.65
CA ASN A 1105 25.87 32.08 53.72
C ASN A 1105 25.62 31.56 55.13
N PHE A 1106 26.17 32.21 56.14
CA PHE A 1106 25.93 31.81 57.52
C PHE A 1106 26.20 33.00 58.43
N TYR A 1107 25.39 33.14 59.47
CA TYR A 1107 25.49 34.29 60.37
C TYR A 1107 26.49 33.96 61.46
N GLU A 1108 27.74 34.34 61.24
CA GLU A 1108 28.81 34.20 62.23
C GLU A 1108 29.42 35.56 62.49
N PRO A 1109 28.92 36.32 63.46
CA PRO A 1109 29.42 37.69 63.67
C PRO A 1109 30.79 37.67 64.34
N GLN A 1110 31.68 38.53 63.87
CA GLN A 1110 32.98 38.71 64.49
C GLN A 1110 33.38 40.18 64.40
N ILE A 1111 34.18 40.62 65.37
CA ILE A 1111 34.57 42.03 65.44
C ILE A 1111 35.34 42.41 64.19
N ILE A 1112 35.13 43.64 63.73
CA ILE A 1112 35.69 44.12 62.46
C ILE A 1112 37.14 44.48 62.75
N THR A 1113 38.01 43.50 62.55
CA THR A 1113 39.45 43.65 62.76
C THR A 1113 40.13 43.88 61.40
N THR A 1114 41.28 44.56 61.44
CA THR A 1114 42.04 44.83 60.22
C THR A 1114 42.47 43.56 59.50
N ASP A 1115 42.30 42.39 60.10
CA ASP A 1115 42.54 41.13 59.42
C ASP A 1115 41.38 40.70 58.54
N ASN A 1116 40.15 41.06 58.91
CA ASN A 1116 38.98 40.74 58.10
C ASN A 1116 38.76 41.74 56.98
N THR A 1117 39.45 42.88 57.00
CA THR A 1117 39.23 43.95 56.04
C THR A 1117 40.53 44.37 55.39
N PHE A 1118 40.47 44.71 54.11
CA PHE A 1118 41.61 45.25 53.37
C PHE A 1118 41.31 46.70 53.01
N VAL A 1119 42.28 47.58 53.28
CA VAL A 1119 42.07 49.01 53.08
C VAL A 1119 42.25 49.36 51.61
N SER A 1120 41.36 50.21 51.10
CA SER A 1120 41.46 50.68 49.72
C SER A 1120 40.63 51.94 49.54
N GLY A 1121 41.21 52.93 48.89
CA GLY A 1121 40.46 54.12 48.51
C GLY A 1121 40.37 55.17 49.61
N ASN A 1122 39.39 56.04 49.44
CA ASN A 1122 39.15 57.16 50.34
C ASN A 1122 37.70 57.11 50.79
N CYS A 1123 37.35 58.01 51.72
CA CYS A 1123 36.01 58.01 52.29
C CYS A 1123 34.97 58.53 51.29
N ASP A 1124 35.36 59.45 50.42
CA ASP A 1124 34.39 60.17 49.60
C ASP A 1124 33.88 59.31 48.44
N VAL A 1125 34.75 58.47 47.86
CA VAL A 1125 34.40 57.78 46.62
C VAL A 1125 33.25 56.82 46.82
N VAL A 1126 33.29 56.04 47.90
CA VAL A 1126 32.26 55.03 48.12
C VAL A 1126 30.94 55.70 48.50
N ILE A 1127 29.84 55.15 48.00
CA ILE A 1127 28.50 55.64 48.27
C ILE A 1127 27.85 54.69 49.28
N GLY A 1128 27.49 55.23 50.44
CA GLY A 1128 26.91 54.44 51.50
C GLY A 1128 27.87 54.03 52.59
N ILE A 1129 29.09 54.58 52.61
CA ILE A 1129 30.04 54.26 53.66
C ILE A 1129 29.48 54.72 55.00
N VAL A 1130 29.86 54.01 56.07
CA VAL A 1130 29.38 54.29 57.42
C VAL A 1130 30.58 54.43 58.34
N ASN A 1131 30.50 55.37 59.28
CA ASN A 1131 31.58 55.55 60.25
C ASN A 1131 31.54 54.46 61.29
N ASN A 1132 32.69 53.82 61.52
CA ASN A 1132 32.82 52.82 62.57
C ASN A 1132 34.32 52.62 62.82
N THR A 1133 34.63 52.04 63.97
CA THR A 1133 36.00 51.79 64.38
C THR A 1133 36.37 50.36 64.02
N VAL A 1134 37.52 50.19 63.37
CA VAL A 1134 38.05 48.86 63.06
C VAL A 1134 39.15 48.56 64.08
N TYR A 1135 39.08 47.38 64.68
CA TYR A 1135 40.01 47.04 65.75
C TYR A 1135 41.35 46.60 65.19
N ASP A 1136 42.42 47.08 65.83
CA ASP A 1136 43.78 46.70 65.48
C ASP A 1136 44.23 45.61 66.44
N PRO A 1137 44.45 44.38 65.98
CA PRO A 1137 44.87 43.32 66.92
C PRO A 1137 46.18 43.60 67.60
N LEU A 1138 47.06 44.37 66.97
CA LEU A 1138 48.36 44.67 67.55
C LEU A 1138 48.29 45.72 68.66
N GLN A 1139 47.20 46.50 68.71
CA GLN A 1139 47.10 47.60 69.67
C GLN A 1139 47.08 47.16 71.13
N PRO A 1140 46.25 46.20 71.56
CA PRO A 1140 46.33 45.78 72.97
C PRO A 1140 47.67 45.15 73.33
N GLU A 1141 48.29 44.42 72.39
CA GLU A 1141 49.60 43.83 72.66
C GLU A 1141 50.66 44.91 72.81
N LEU A 1142 50.61 45.94 71.98
CA LEU A 1142 51.55 47.05 72.11
C LEU A 1142 51.33 47.80 73.41
N ASP A 1143 50.07 48.02 73.80
CA ASP A 1143 49.78 48.70 75.05
C ASP A 1143 50.28 47.89 76.24
N SER A 1144 50.10 46.57 76.21
CA SER A 1144 50.56 45.71 77.29
C SER A 1144 52.03 45.33 77.11
N ALA B 27 37.63 -45.11 -5.02
CA ALA B 27 38.58 -44.14 -4.50
C ALA B 27 37.96 -42.74 -4.47
N TYR B 28 38.18 -42.02 -3.38
CA TYR B 28 37.65 -40.68 -3.19
C TYR B 28 38.77 -39.68 -3.01
N THR B 29 38.63 -38.52 -3.65
CA THR B 29 39.58 -37.43 -3.53
C THR B 29 38.83 -36.13 -3.28
N ASN B 30 39.52 -35.16 -2.70
CA ASN B 30 38.90 -33.92 -2.25
C ASN B 30 39.20 -32.80 -3.23
N SER B 31 38.14 -32.16 -3.74
CA SER B 31 38.29 -30.96 -4.57
C SER B 31 38.51 -29.78 -3.63
N PHE B 32 39.76 -29.37 -3.49
CA PHE B 32 40.15 -28.39 -2.49
C PHE B 32 39.47 -27.04 -2.73
N THR B 33 39.77 -26.40 -3.85
CA THR B 33 39.18 -25.11 -4.19
C THR B 33 38.83 -24.97 -5.66
N ARG B 34 39.27 -25.88 -6.53
CA ARG B 34 38.98 -25.77 -7.94
C ARG B 34 37.49 -25.97 -8.21
N GLY B 35 37.03 -25.40 -9.33
CA GLY B 35 35.66 -25.55 -9.73
C GLY B 35 34.85 -24.28 -9.66
N VAL B 36 35.48 -23.14 -9.91
CA VAL B 36 34.82 -21.84 -9.92
C VAL B 36 34.90 -21.28 -11.33
N TYR B 37 33.75 -20.87 -11.85
CA TYR B 37 33.63 -20.36 -13.21
C TYR B 37 32.98 -18.99 -13.17
N TYR B 38 33.21 -18.22 -14.23
CA TYR B 38 32.60 -16.89 -14.33
C TYR B 38 31.10 -17.05 -14.54
N PRO B 39 30.27 -16.54 -13.62
CA PRO B 39 28.81 -16.74 -13.77
C PRO B 39 28.22 -16.12 -15.02
N ASP B 40 28.76 -14.99 -15.48
CA ASP B 40 28.21 -14.30 -16.64
C ASP B 40 29.33 -13.55 -17.33
N LYS B 41 28.96 -12.67 -18.27
CA LYS B 41 29.92 -12.02 -19.16
C LYS B 41 30.17 -10.57 -18.80
N VAL B 42 30.25 -10.24 -17.50
CA VAL B 42 30.46 -8.87 -17.05
C VAL B 42 31.87 -8.76 -16.48
N PHE B 43 32.58 -7.71 -16.89
CA PHE B 43 33.90 -7.42 -16.36
C PHE B 43 33.78 -6.55 -15.12
N ARG B 44 34.51 -6.91 -14.07
CA ARG B 44 34.51 -6.16 -12.82
C ARG B 44 35.93 -6.06 -12.30
N SER B 45 36.28 -4.89 -11.76
CA SER B 45 37.62 -4.61 -11.27
C SER B 45 37.56 -4.29 -9.78
N SER B 46 38.27 -5.08 -8.98
CA SER B 46 38.32 -4.91 -7.53
C SER B 46 36.92 -4.87 -6.93
N VAL B 47 36.03 -5.71 -7.45
CA VAL B 47 34.64 -5.78 -7.02
C VAL B 47 34.40 -7.16 -6.43
N LEU B 48 34.01 -7.19 -5.15
CA LEU B 48 33.64 -8.45 -4.49
C LEU B 48 32.16 -8.66 -4.71
N HIS B 49 31.84 -9.42 -5.76
CA HIS B 49 30.46 -9.68 -6.16
C HIS B 49 29.98 -11.00 -5.59
N SER B 50 28.73 -11.03 -5.14
CA SER B 50 28.11 -12.23 -4.62
C SER B 50 27.17 -12.81 -5.65
N THR B 51 27.36 -14.09 -5.99
CA THR B 51 26.59 -14.76 -7.01
C THR B 51 25.96 -16.02 -6.45
N GLN B 52 24.69 -16.25 -6.80
CA GLN B 52 23.96 -17.43 -6.37
C GLN B 52 23.71 -18.29 -7.60
N ASP B 53 24.45 -19.38 -7.74
CA ASP B 53 24.36 -20.25 -8.90
C ASP B 53 24.93 -21.62 -8.54
N LEU B 54 25.01 -22.49 -9.55
CA LEU B 54 25.47 -23.86 -9.36
C LEU B 54 27.00 -23.88 -9.32
N PHE B 55 27.56 -24.02 -8.13
CA PHE B 55 29.00 -24.06 -7.94
C PHE B 55 29.41 -25.36 -7.28
N LEU B 56 30.65 -25.78 -7.52
CA LEU B 56 31.19 -26.93 -6.84
C LEU B 56 31.64 -26.54 -5.43
N PRO B 57 31.11 -27.17 -4.38
CA PRO B 57 31.47 -26.74 -3.02
C PRO B 57 32.95 -26.91 -2.74
N PHE B 58 33.51 -25.98 -1.97
CA PHE B 58 34.90 -26.09 -1.55
C PHE B 58 35.05 -27.26 -0.58
N PHE B 59 36.13 -28.02 -0.75
CA PHE B 59 36.42 -29.19 0.07
C PHE B 59 35.31 -30.22 0.01
N SER B 60 34.78 -30.45 -1.19
CA SER B 60 33.75 -31.47 -1.42
C SER B 60 34.39 -32.68 -2.09
N ASN B 61 34.20 -33.85 -1.50
CA ASN B 61 34.83 -35.06 -2.02
C ASN B 61 34.19 -35.48 -3.34
N VAL B 62 35.03 -35.70 -4.35
CA VAL B 62 34.60 -36.15 -5.65
C VAL B 62 35.18 -37.54 -5.90
N THR B 63 34.68 -38.21 -6.94
CA THR B 63 35.06 -39.58 -7.23
C THR B 63 36.31 -39.63 -8.10
N TRP B 64 37.23 -40.52 -7.74
CA TRP B 64 38.42 -40.78 -8.53
C TRP B 64 38.15 -41.96 -9.47
N PHE B 65 38.68 -41.88 -10.68
CA PHE B 65 38.53 -42.97 -11.64
C PHE B 65 39.87 -43.23 -12.30
N HIS B 66 40.05 -44.47 -12.76
CA HIS B 66 41.30 -44.92 -13.35
C HIS B 66 41.07 -45.31 -14.81
N ALA B 67 42.12 -45.15 -15.61
CA ALA B 67 42.09 -45.55 -17.02
C ALA B 67 43.24 -46.44 -17.45
N ILE B 68 44.37 -46.45 -16.72
CA ILE B 68 45.47 -47.32 -17.07
C ILE B 68 45.21 -48.72 -16.53
N HIS B 69 45.96 -49.69 -17.05
CA HIS B 69 45.84 -51.10 -16.66
C HIS B 69 44.42 -51.61 -16.83
N ARG B 78 41.28 -55.49 -16.73
CA ARG B 78 41.62 -54.14 -17.15
C ARG B 78 40.75 -53.11 -16.43
N PHE B 79 41.05 -51.83 -16.67
CA PHE B 79 40.30 -50.72 -16.09
C PHE B 79 39.46 -50.05 -17.17
N ASP B 80 38.19 -49.81 -16.86
CA ASP B 80 37.26 -49.20 -17.80
C ASP B 80 36.66 -47.94 -17.19
N ASN B 81 35.70 -47.35 -17.90
CA ASN B 81 35.02 -46.15 -17.46
C ASN B 81 33.56 -46.46 -17.16
N PRO B 82 33.08 -46.11 -15.96
CA PRO B 82 31.71 -46.50 -15.58
C PRO B 82 30.66 -45.50 -16.01
N VAL B 83 29.40 -45.77 -15.64
CA VAL B 83 28.27 -44.91 -15.95
C VAL B 83 27.96 -44.06 -14.73
N LEU B 84 27.81 -42.76 -14.93
CA LEU B 84 27.49 -41.84 -13.84
C LEU B 84 26.36 -40.91 -14.24
N PRO B 85 25.55 -40.48 -13.29
CA PRO B 85 24.47 -39.54 -13.59
C PRO B 85 25.01 -38.11 -13.72
N PHE B 86 24.10 -37.20 -14.06
CA PHE B 86 24.43 -35.79 -14.23
C PHE B 86 24.06 -34.95 -13.01
N ASN B 87 22.78 -34.96 -12.64
CA ASN B 87 22.26 -34.20 -11.50
C ASN B 87 22.59 -32.71 -11.62
N ASP B 88 22.16 -32.12 -12.73
CA ASP B 88 22.27 -30.70 -13.03
C ASP B 88 23.63 -30.12 -12.63
N GLY B 89 24.67 -30.67 -13.24
CA GLY B 89 26.01 -30.16 -13.03
C GLY B 89 27.06 -31.22 -12.82
N VAL B 90 28.15 -31.14 -13.58
CA VAL B 90 29.28 -32.07 -13.46
C VAL B 90 30.56 -31.26 -13.54
N TYR B 91 31.47 -31.50 -12.59
CA TYR B 91 32.80 -30.90 -12.59
C TYR B 91 33.79 -31.97 -13.04
N PHE B 92 34.11 -31.97 -14.33
CA PHE B 92 35.10 -32.88 -14.87
C PHE B 92 36.49 -32.28 -14.75
N ALA B 93 37.49 -33.13 -14.50
CA ALA B 93 38.87 -32.67 -14.41
C ALA B 93 39.78 -33.85 -14.68
N SER B 94 40.40 -33.87 -15.85
CA SER B 94 41.25 -34.98 -16.28
C SER B 94 42.67 -34.49 -16.48
N THR B 95 43.62 -35.17 -15.84
CA THR B 95 45.05 -34.90 -16.04
C THR B 95 45.61 -35.94 -16.99
N GLU B 96 46.22 -35.47 -18.08
CA GLU B 96 46.70 -36.36 -19.13
C GLU B 96 48.10 -35.96 -19.55
N LYS B 97 48.84 -36.94 -20.07
CA LYS B 97 50.13 -36.71 -20.70
C LYS B 97 50.10 -36.96 -22.20
N SER B 98 49.17 -37.79 -22.68
CA SER B 98 49.00 -38.05 -24.11
C SER B 98 47.56 -37.85 -24.56
N ASN B 99 46.73 -37.22 -23.73
CA ASN B 99 45.33 -36.92 -24.08
C ASN B 99 44.55 -38.19 -24.41
N ILE B 100 44.44 -39.06 -23.41
CA ILE B 100 43.72 -40.32 -23.59
C ILE B 100 42.23 -40.06 -23.86
N ILE B 101 41.63 -39.15 -23.10
CA ILE B 101 40.22 -38.85 -23.26
C ILE B 101 40.01 -38.06 -24.54
N ARG B 102 39.04 -38.47 -25.35
CA ARG B 102 38.76 -37.83 -26.63
C ARG B 102 37.35 -37.28 -26.71
N GLY B 103 36.76 -36.92 -25.59
CA GLY B 103 35.45 -36.30 -25.58
C GLY B 103 34.58 -36.86 -24.48
N TRP B 104 33.28 -36.66 -24.61
CA TRP B 104 32.31 -37.11 -23.62
C TRP B 104 31.02 -37.45 -24.33
N ILE B 105 30.18 -38.22 -23.65
CA ILE B 105 28.83 -38.54 -24.12
C ILE B 105 27.83 -38.01 -23.11
N PHE B 106 26.92 -37.16 -23.57
CA PHE B 106 25.80 -36.68 -22.76
C PHE B 106 24.52 -37.20 -23.40
N GLY B 107 23.82 -38.08 -22.70
CA GLY B 107 22.57 -38.62 -23.23
C GLY B 107 21.68 -39.12 -22.13
N THR B 108 20.37 -38.99 -22.34
CA THR B 108 19.41 -39.55 -21.38
C THR B 108 19.51 -41.06 -21.32
N THR B 109 19.64 -41.71 -22.47
CA THR B 109 19.77 -43.16 -22.56
C THR B 109 21.05 -43.62 -23.23
N LEU B 110 21.61 -42.81 -24.14
CA LEU B 110 22.88 -43.07 -24.83
C LEU B 110 22.98 -44.51 -25.35
N ASP B 111 21.86 -45.07 -25.80
CA ASP B 111 21.84 -46.39 -26.42
C ASP B 111 20.92 -46.40 -27.63
N SER B 112 20.96 -45.31 -28.41
CA SER B 112 20.19 -45.11 -29.63
C SER B 112 18.68 -45.01 -29.39
N LYS B 113 18.23 -45.06 -28.14
CA LYS B 113 16.80 -44.94 -27.87
C LYS B 113 16.31 -43.51 -28.13
N THR B 114 17.02 -42.52 -27.62
CA THR B 114 16.64 -41.12 -27.75
C THR B 114 17.84 -40.32 -28.21
N GLN B 115 17.58 -39.09 -28.66
CA GLN B 115 18.64 -38.20 -29.10
C GLN B 115 19.62 -37.95 -27.96
N SER B 116 20.91 -37.97 -28.28
CA SER B 116 21.96 -37.82 -27.28
C SER B 116 23.08 -36.96 -27.83
N LEU B 117 23.49 -35.96 -27.07
CA LEU B 117 24.64 -35.14 -27.43
C LEU B 117 25.92 -35.97 -27.38
N LEU B 118 26.75 -35.80 -28.41
CA LEU B 118 28.03 -36.48 -28.50
C LEU B 118 29.11 -35.47 -28.83
N ILE B 119 30.21 -35.51 -28.06
CA ILE B 119 31.35 -34.63 -28.28
C ILE B 119 32.55 -35.51 -28.58
N VAL B 120 33.19 -35.27 -29.73
CA VAL B 120 34.41 -35.95 -30.11
C VAL B 120 35.49 -34.89 -30.33
N ASN B 121 36.70 -35.20 -29.87
CA ASN B 121 37.82 -34.28 -29.96
C ASN B 121 38.89 -34.89 -30.87
N ASN B 122 39.26 -34.15 -31.91
CA ASN B 122 40.34 -34.52 -32.80
C ASN B 122 41.35 -33.40 -32.86
N ALA B 123 42.55 -33.72 -33.35
CA ALA B 123 43.62 -32.72 -33.42
C ALA B 123 43.23 -31.56 -34.31
N THR B 124 42.61 -31.85 -35.46
CA THR B 124 42.23 -30.79 -36.39
C THR B 124 41.07 -29.97 -35.85
N ASN B 125 40.02 -30.63 -35.37
CA ASN B 125 38.80 -29.93 -34.97
C ASN B 125 38.03 -30.79 -33.98
N VAL B 126 37.04 -30.17 -33.34
CA VAL B 126 36.15 -30.84 -32.40
C VAL B 126 34.75 -30.83 -32.99
N VAL B 127 34.15 -32.01 -33.13
CA VAL B 127 32.86 -32.17 -33.77
C VAL B 127 31.83 -32.54 -32.71
N ILE B 128 30.70 -31.84 -32.71
CA ILE B 128 29.62 -32.07 -31.76
C ILE B 128 28.37 -32.46 -32.56
N LYS B 129 27.78 -33.59 -32.20
CA LYS B 129 26.60 -34.11 -32.88
C LYS B 129 25.51 -34.41 -31.87
N VAL B 130 24.26 -34.47 -32.34
CA VAL B 130 23.12 -34.85 -31.52
C VAL B 130 22.46 -36.13 -32.03
N CYS B 131 23.17 -36.92 -32.83
CA CYS B 131 22.59 -38.11 -33.41
C CYS B 131 22.56 -39.26 -32.40
N GLU B 132 21.95 -40.36 -32.82
CA GLU B 132 21.82 -41.55 -32.00
C GLU B 132 22.79 -42.62 -32.46
N PHE B 133 23.52 -43.20 -31.50
CA PHE B 133 24.54 -44.19 -31.80
C PHE B 133 24.35 -45.35 -30.84
N GLN B 134 24.37 -46.58 -31.36
CA GLN B 134 24.19 -47.77 -30.55
C GLN B 134 25.51 -48.05 -29.82
N PHE B 135 25.61 -47.59 -28.58
CA PHE B 135 26.85 -47.69 -27.81
C PHE B 135 26.90 -48.98 -27.02
N CYS B 136 28.10 -49.56 -26.93
CA CYS B 136 28.32 -50.75 -26.13
C CYS B 136 28.75 -50.38 -24.72
N ASN B 137 29.01 -51.39 -23.90
CA ASN B 137 29.42 -51.14 -22.51
C ASN B 137 30.78 -50.45 -22.46
N ASP B 138 31.75 -50.92 -23.24
CA ASP B 138 33.10 -50.36 -23.28
C ASP B 138 33.52 -50.16 -24.72
N PRO B 139 33.01 -49.12 -25.39
CA PRO B 139 33.38 -48.87 -26.79
C PRO B 139 34.74 -48.21 -26.88
N PHE B 140 35.74 -48.99 -27.31
CA PHE B 140 37.11 -48.49 -27.40
C PHE B 140 37.31 -47.69 -28.69
N LEU B 141 38.41 -46.95 -28.73
CA LEU B 141 38.77 -46.13 -29.88
C LEU B 141 40.15 -46.53 -30.36
N GLY B 142 40.29 -46.76 -31.67
CA GLY B 142 41.56 -47.15 -32.23
C GLY B 142 42.55 -46.01 -32.25
N VAL B 143 43.81 -46.36 -32.45
CA VAL B 143 44.89 -45.38 -32.52
C VAL B 143 45.39 -45.23 -33.94
N ASN B 165 19.43 -38.84 -38.18
CA ASN B 165 19.52 -37.42 -38.51
C ASN B 165 19.95 -36.60 -37.30
N CYS B 166 20.82 -35.61 -37.53
CA CYS B 166 21.34 -34.75 -36.48
C CYS B 166 20.63 -33.41 -36.49
N THR B 167 20.37 -32.89 -35.29
CA THR B 167 19.66 -31.62 -35.14
C THR B 167 20.62 -30.43 -35.17
N PHE B 168 21.73 -30.52 -34.44
CA PHE B 168 22.71 -29.43 -34.38
C PHE B 168 24.11 -30.00 -34.55
N GLU B 169 24.99 -29.17 -35.13
CA GLU B 169 26.38 -29.54 -35.32
C GLU B 169 27.24 -28.31 -35.07
N TYR B 170 28.48 -28.57 -34.61
CA TYR B 170 29.44 -27.50 -34.39
C TYR B 170 30.84 -28.05 -34.59
N VAL B 171 31.72 -27.21 -35.13
CA VAL B 171 33.11 -27.58 -35.42
C VAL B 171 34.03 -26.57 -34.74
N SER B 172 35.07 -27.07 -34.09
CA SER B 172 36.07 -26.22 -33.46
C SER B 172 37.35 -27.00 -33.18
N PHE B 186 51.77 -35.79 -15.29
CA PHE B 186 50.47 -35.13 -15.44
C PHE B 186 50.65 -33.63 -15.51
N LYS B 187 51.31 -33.16 -16.57
CA LYS B 187 51.61 -31.74 -16.69
C LYS B 187 50.38 -30.91 -17.04
N ASN B 188 49.43 -31.48 -17.77
CA ASN B 188 48.24 -30.77 -18.21
C ASN B 188 47.03 -31.26 -17.44
N LEU B 189 46.36 -30.34 -16.75
CA LEU B 189 45.09 -30.61 -16.09
C LEU B 189 43.99 -29.88 -16.84
N ARG B 190 43.00 -30.61 -17.30
CA ARG B 190 41.90 -30.07 -18.11
C ARG B 190 40.62 -30.09 -17.28
N GLU B 191 40.19 -28.92 -16.83
CA GLU B 191 39.01 -28.78 -15.99
C GLU B 191 37.84 -28.32 -16.84
N PHE B 192 36.71 -29.00 -16.71
CA PHE B 192 35.49 -28.65 -17.42
C PHE B 192 34.31 -28.62 -16.47
N VAL B 193 33.35 -27.76 -16.77
CA VAL B 193 32.11 -27.66 -16.01
C VAL B 193 30.95 -27.69 -17.01
N PHE B 194 30.00 -28.59 -16.77
CA PHE B 194 28.81 -28.71 -17.61
C PHE B 194 27.57 -28.46 -16.76
N LYS B 195 26.68 -27.61 -17.26
CA LYS B 195 25.42 -27.35 -16.58
C LYS B 195 24.34 -27.06 -17.62
N ASN B 196 23.13 -27.50 -17.32
CA ASN B 196 21.98 -27.31 -18.20
C ASN B 196 20.94 -26.50 -17.47
N ILE B 197 20.54 -25.37 -18.05
CA ILE B 197 19.53 -24.49 -17.47
C ILE B 197 18.93 -23.63 -18.57
N ASP B 198 17.60 -23.54 -18.59
CA ASP B 198 16.87 -22.74 -19.58
C ASP B 198 17.19 -23.19 -21.00
N GLY B 199 17.39 -24.49 -21.18
CA GLY B 199 17.65 -25.03 -22.50
C GLY B 199 18.99 -24.65 -23.09
N TYR B 200 19.95 -24.25 -22.26
CA TYR B 200 21.28 -23.88 -22.71
C TYR B 200 22.30 -24.83 -22.08
N PHE B 201 23.18 -25.36 -22.91
CA PHE B 201 24.26 -26.24 -22.45
C PHE B 201 25.55 -25.43 -22.40
N LYS B 202 26.04 -25.15 -21.20
CA LYS B 202 27.20 -24.31 -20.99
C LYS B 202 28.41 -25.17 -20.67
N ILE B 203 29.53 -24.90 -21.33
CA ILE B 203 30.79 -25.60 -21.11
C ILE B 203 31.84 -24.59 -20.70
N TYR B 204 32.49 -24.84 -19.57
CA TYR B 204 33.58 -23.99 -19.08
C TYR B 204 34.86 -24.81 -19.05
N SER B 205 35.99 -24.13 -19.19
CA SER B 205 37.23 -24.88 -19.31
C SER B 205 38.41 -24.05 -18.82
N LYS B 206 39.47 -24.75 -18.42
CA LYS B 206 40.75 -24.14 -18.06
C LYS B 206 41.83 -25.21 -18.16
N HIS B 207 42.99 -24.81 -18.69
CA HIS B 207 44.07 -25.77 -18.95
C HIS B 207 45.32 -25.40 -18.18
N THR B 208 45.17 -25.11 -16.90
CA THR B 208 46.32 -24.71 -16.09
C THR B 208 47.32 -25.85 -15.98
N PRO B 209 48.62 -25.56 -16.05
CA PRO B 209 49.63 -26.62 -15.91
C PRO B 209 49.81 -27.02 -14.45
N ILE B 210 49.91 -28.32 -14.21
CA ILE B 210 50.08 -28.88 -12.87
C ILE B 210 51.36 -29.70 -12.84
N ASN B 211 52.23 -29.41 -11.87
CA ASN B 211 53.48 -30.14 -11.71
C ASN B 211 53.39 -31.30 -10.73
N LEU B 212 52.20 -31.56 -10.18
CA LEU B 212 51.99 -32.64 -9.23
C LEU B 212 51.32 -33.82 -9.92
N VAL B 213 51.93 -35.00 -9.82
CA VAL B 213 51.45 -36.19 -10.50
C VAL B 213 50.63 -37.09 -9.58
N ARG B 214 50.22 -36.58 -8.41
CA ARG B 214 49.44 -37.36 -7.46
C ARG B 214 47.97 -36.97 -7.44
N ASP B 215 47.68 -35.67 -7.39
CA ASP B 215 46.30 -35.20 -7.26
C ASP B 215 46.25 -33.75 -7.72
N LEU B 216 45.03 -33.22 -7.80
CA LEU B 216 44.86 -31.80 -8.10
C LEU B 216 45.36 -30.99 -6.91
N PRO B 217 46.26 -30.04 -7.12
CA PRO B 217 46.96 -29.39 -6.00
C PRO B 217 46.20 -28.19 -5.44
N GLN B 218 46.72 -27.67 -4.34
CA GLN B 218 46.20 -26.43 -3.78
C GLN B 218 46.45 -25.27 -4.74
N GLY B 219 45.46 -24.42 -4.88
CA GLY B 219 45.53 -23.29 -5.78
C GLY B 219 44.14 -22.99 -6.29
N PHE B 220 43.98 -21.77 -6.81
CA PHE B 220 42.69 -21.29 -7.29
C PHE B 220 42.83 -20.79 -8.71
N SER B 221 42.05 -21.37 -9.62
CA SER B 221 42.02 -20.95 -11.02
C SER B 221 40.57 -20.90 -11.49
N ALA B 222 40.23 -19.85 -12.23
CA ALA B 222 38.88 -19.68 -12.74
C ALA B 222 38.70 -20.45 -14.05
N LEU B 223 37.43 -20.63 -14.43
CA LEU B 223 37.07 -21.34 -15.65
C LEU B 223 36.23 -20.44 -16.54
N GLU B 224 36.67 -20.28 -17.79
CA GLU B 224 35.98 -19.41 -18.73
C GLU B 224 35.07 -20.21 -19.65
N PRO B 225 33.90 -19.67 -20.00
CA PRO B 225 33.00 -20.39 -20.92
C PRO B 225 33.60 -20.51 -22.31
N LEU B 226 33.26 -21.61 -22.98
CA LEU B 226 33.73 -21.87 -24.33
C LEU B 226 32.57 -21.90 -25.33
N VAL B 227 31.57 -22.74 -25.11
CA VAL B 227 30.46 -22.91 -26.04
C VAL B 227 29.16 -22.78 -25.25
N ASP B 228 28.23 -21.98 -25.76
CA ASP B 228 26.90 -21.86 -25.17
C ASP B 228 25.86 -22.31 -26.18
N LEU B 229 26.09 -23.43 -26.83
CA LEU B 229 25.19 -23.92 -27.86
C LEU B 229 23.83 -24.24 -27.25
N PRO B 230 22.74 -23.75 -27.83
CA PRO B 230 21.39 -24.01 -27.27
C PRO B 230 20.80 -25.33 -27.77
N ILE B 231 21.35 -26.43 -27.25
CA ILE B 231 20.87 -27.76 -27.64
C ILE B 231 19.44 -27.98 -27.17
N GLY B 232 19.17 -27.68 -25.89
CA GLY B 232 17.83 -27.77 -25.36
C GLY B 232 17.32 -29.17 -25.09
N ILE B 233 18.19 -30.18 -25.10
CA ILE B 233 17.80 -31.56 -24.85
C ILE B 233 18.16 -31.91 -23.41
N ASN B 234 17.17 -32.39 -22.66
CA ASN B 234 17.40 -32.77 -21.28
C ASN B 234 18.37 -33.94 -21.17
N ILE B 235 19.14 -33.96 -20.10
CA ILE B 235 20.24 -34.91 -19.93
C ILE B 235 20.15 -35.54 -18.55
N THR B 236 20.23 -36.87 -18.49
CA THR B 236 20.19 -37.59 -17.24
C THR B 236 21.38 -38.52 -17.00
N ARG B 237 22.19 -38.80 -18.01
CA ARG B 237 23.33 -39.69 -17.86
C ARG B 237 24.56 -39.06 -18.50
N PHE B 238 25.72 -39.43 -17.98
CA PHE B 238 26.99 -38.85 -18.41
C PHE B 238 28.00 -39.97 -18.59
N GLN B 239 28.73 -39.92 -19.70
CA GLN B 239 29.70 -40.95 -20.05
C GLN B 239 31.01 -40.30 -20.49
N THR B 240 32.12 -40.98 -20.25
CA THR B 240 33.42 -40.50 -20.70
C THR B 240 33.88 -41.28 -21.92
N LEU B 241 34.96 -40.81 -22.54
CA LEU B 241 35.55 -41.43 -23.71
C LEU B 241 37.01 -41.72 -23.47
N LEU B 242 37.46 -42.85 -24.02
CA LEU B 242 38.86 -43.26 -23.91
C LEU B 242 39.26 -43.94 -25.21
N ALA B 243 40.57 -43.98 -25.46
CA ALA B 243 41.14 -44.63 -26.62
C ALA B 243 42.19 -45.63 -26.17
N LEU B 244 42.18 -46.81 -26.78
CA LEU B 244 43.10 -47.89 -26.44
C LEU B 244 43.95 -48.24 -27.65
N HIS B 245 45.25 -48.45 -27.42
CA HIS B 245 46.17 -48.80 -28.49
C HIS B 245 45.92 -50.22 -28.99
N ALA B 263 46.32 -41.39 -16.50
CA ALA B 263 45.15 -41.09 -17.33
C ALA B 263 43.89 -41.01 -16.48
N ALA B 264 44.06 -40.70 -15.20
CA ALA B 264 42.94 -40.62 -14.28
C ALA B 264 42.15 -39.33 -14.49
N TYR B 265 40.95 -39.30 -13.94
CA TYR B 265 40.09 -38.12 -14.02
C TYR B 265 39.16 -38.09 -12.82
N TYR B 266 38.62 -36.91 -12.54
CA TYR B 266 37.72 -36.69 -11.42
C TYR B 266 36.35 -36.28 -11.94
N VAL B 267 35.31 -36.66 -11.18
CA VAL B 267 33.94 -36.26 -11.48
C VAL B 267 33.33 -35.71 -10.20
N GLY B 268 32.94 -34.44 -10.22
CA GLY B 268 32.27 -33.80 -9.11
C GLY B 268 30.83 -33.47 -9.43
N TYR B 269 30.14 -32.94 -8.44
CA TYR B 269 28.71 -32.67 -8.55
C TYR B 269 28.41 -31.23 -8.12
N LEU B 270 27.45 -30.61 -8.79
CA LEU B 270 27.11 -29.21 -8.57
C LEU B 270 25.74 -29.07 -7.92
N GLN B 271 25.69 -28.31 -6.84
CA GLN B 271 24.46 -27.92 -6.15
C GLN B 271 24.50 -26.42 -5.93
N PRO B 272 23.33 -25.77 -5.81
CA PRO B 272 23.32 -24.31 -5.64
C PRO B 272 24.01 -23.92 -4.34
N ARG B 273 25.06 -23.10 -4.46
CA ARG B 273 25.84 -22.63 -3.32
C ARG B 273 26.20 -21.18 -3.58
N THR B 274 25.83 -20.30 -2.65
CA THR B 274 26.16 -18.89 -2.78
C THR B 274 27.66 -18.68 -2.64
N PHE B 275 28.24 -17.93 -3.56
CA PHE B 275 29.68 -17.68 -3.60
C PHE B 275 29.94 -16.19 -3.61
N LEU B 276 31.04 -15.79 -2.96
CA LEU B 276 31.49 -14.40 -2.93
C LEU B 276 32.75 -14.30 -3.78
N LEU B 277 32.56 -14.09 -5.08
CA LEU B 277 33.69 -13.97 -5.98
C LEU B 277 34.39 -12.63 -5.78
N LYS B 278 35.71 -12.65 -5.88
CA LYS B 278 36.53 -11.46 -5.74
C LYS B 278 37.30 -11.26 -7.04
N TYR B 279 36.80 -10.37 -7.89
CA TYR B 279 37.50 -10.03 -9.12
C TYR B 279 38.71 -9.16 -8.82
N ASN B 280 39.80 -9.42 -9.53
CA ASN B 280 41.03 -8.65 -9.35
C ASN B 280 40.92 -7.33 -10.11
N GLU B 281 42.06 -6.64 -10.26
CA GLU B 281 42.10 -5.44 -11.09
C GLU B 281 41.62 -5.77 -12.50
N ASN B 282 42.05 -6.92 -13.02
CA ASN B 282 41.55 -7.43 -14.28
C ASN B 282 40.28 -8.25 -14.05
N GLY B 283 39.79 -8.87 -15.12
CA GLY B 283 38.56 -9.63 -15.03
C GLY B 283 38.71 -10.97 -14.33
N THR B 284 39.94 -11.37 -14.04
CA THR B 284 40.19 -12.68 -13.45
C THR B 284 39.64 -12.75 -12.03
N ILE B 285 39.09 -13.91 -11.67
CA ILE B 285 38.59 -14.16 -10.32
C ILE B 285 39.72 -14.82 -9.55
N THR B 286 40.47 -14.02 -8.79
CA THR B 286 41.62 -14.54 -8.05
C THR B 286 41.17 -15.37 -6.85
N ASP B 287 40.20 -14.88 -6.09
CA ASP B 287 39.79 -15.54 -4.86
C ASP B 287 38.27 -15.54 -4.75
N ALA B 288 37.76 -16.50 -3.99
CA ALA B 288 36.33 -16.64 -3.73
C ALA B 288 36.13 -17.52 -2.51
N VAL B 289 35.01 -17.31 -1.82
CA VAL B 289 34.67 -18.07 -0.62
C VAL B 289 33.24 -18.58 -0.74
N ASP B 290 32.93 -19.60 0.07
CA ASP B 290 31.60 -20.15 0.14
C ASP B 290 30.77 -19.40 1.16
N CYS B 291 29.45 -19.58 1.07
CA CYS B 291 28.51 -19.00 2.03
C CYS B 291 27.92 -20.05 2.96
N ALA B 292 28.31 -21.31 2.83
CA ALA B 292 27.79 -22.36 3.70
C ALA B 292 28.87 -23.35 4.14
N LEU B 293 30.13 -23.11 3.81
CA LEU B 293 31.18 -24.05 4.19
C LEU B 293 31.39 -24.07 5.70
N ASP B 294 31.49 -22.90 6.32
CA ASP B 294 31.74 -22.80 7.75
C ASP B 294 31.28 -21.43 8.23
N PRO B 295 31.06 -21.26 9.53
CA PRO B 295 30.58 -19.97 10.04
C PRO B 295 31.47 -18.79 9.70
N LEU B 296 32.79 -18.97 9.66
CA LEU B 296 33.64 -17.84 9.29
C LEU B 296 33.47 -17.47 7.82
N SER B 297 33.29 -18.47 6.96
CA SER B 297 32.98 -18.17 5.56
C SER B 297 31.64 -17.46 5.45
N GLU B 298 30.66 -17.85 6.27
CA GLU B 298 29.38 -17.16 6.30
C GLU B 298 29.56 -15.70 6.71
N THR B 299 30.39 -15.47 7.73
CA THR B 299 30.68 -14.10 8.17
C THR B 299 31.36 -13.29 7.07
N LYS B 300 32.31 -13.91 6.37
CA LYS B 300 32.99 -13.23 5.27
C LYS B 300 32.00 -12.84 4.19
N CYS B 301 31.10 -13.75 3.84
CA CYS B 301 30.11 -13.45 2.81
C CYS B 301 29.15 -12.36 3.27
N THR B 302 28.79 -12.37 4.55
CA THR B 302 27.90 -11.33 5.08
C THR B 302 28.58 -9.96 5.03
N LEU B 303 29.85 -9.90 5.43
CA LEU B 303 30.57 -8.63 5.46
C LEU B 303 31.10 -8.20 4.10
N LYS B 304 31.00 -9.06 3.09
CA LYS B 304 31.50 -8.75 1.74
C LYS B 304 32.99 -8.39 1.77
N SER B 305 33.74 -9.10 2.60
CA SER B 305 35.17 -8.85 2.72
C SER B 305 35.87 -10.13 3.12
N PHE B 306 37.12 -10.27 2.67
CA PHE B 306 37.93 -11.43 3.01
C PHE B 306 38.65 -11.27 4.34
N THR B 307 38.69 -10.07 4.90
CA THR B 307 39.25 -9.83 6.22
C THR B 307 38.12 -9.41 7.15
N VAL B 308 38.04 -10.09 8.30
CA VAL B 308 36.98 -9.83 9.27
C VAL B 308 37.65 -9.51 10.60
N GLU B 309 37.28 -8.36 11.17
CA GLU B 309 37.93 -7.90 12.38
C GLU B 309 37.34 -8.55 13.61
N LYS B 310 38.00 -8.34 14.75
CA LYS B 310 37.56 -8.89 16.01
C LYS B 310 36.18 -8.36 16.39
N GLY B 311 35.30 -9.24 16.79
CA GLY B 311 33.95 -8.86 17.18
C GLY B 311 32.98 -10.00 17.00
N ILE B 312 31.72 -9.71 17.27
CA ILE B 312 30.63 -10.67 17.14
C ILE B 312 29.70 -10.18 16.03
N TYR B 313 29.47 -11.04 15.04
CA TYR B 313 28.69 -10.69 13.86
C TYR B 313 27.46 -11.58 13.77
N GLN B 314 26.30 -10.97 13.54
CA GLN B 314 25.05 -11.70 13.37
C GLN B 314 24.89 -12.03 11.89
N THR B 315 25.17 -13.29 11.55
CA THR B 315 25.27 -13.66 10.14
C THR B 315 23.93 -14.15 9.59
N SER B 316 23.36 -15.19 10.19
CA SER B 316 22.17 -15.82 9.65
C SER B 316 21.19 -16.09 10.79
N ASN B 317 20.14 -16.84 10.49
CA ASN B 317 19.11 -17.19 11.46
C ASN B 317 18.90 -18.69 11.46
N PHE B 318 18.66 -19.24 12.65
CA PHE B 318 18.48 -20.68 12.82
C PHE B 318 16.99 -20.96 13.03
N ARG B 319 16.48 -21.93 12.27
CA ARG B 319 15.07 -22.32 12.35
C ARG B 319 14.96 -23.83 12.21
N VAL B 320 14.26 -24.45 13.15
CA VAL B 320 14.04 -25.89 13.10
C VAL B 320 12.81 -26.17 12.23
N GLN B 321 13.01 -26.90 11.14
CA GLN B 321 11.93 -27.14 10.20
C GLN B 321 10.96 -28.19 10.74
N PRO B 322 9.70 -28.13 10.33
CA PRO B 322 8.73 -29.14 10.78
C PRO B 322 9.09 -30.53 10.27
N THR B 323 9.08 -31.50 11.19
CA THR B 323 9.41 -32.87 10.83
C THR B 323 8.29 -33.55 10.06
N GLU B 324 7.05 -33.33 10.47
CA GLU B 324 5.91 -33.98 9.82
C GLU B 324 4.67 -33.13 10.07
N SER B 325 3.63 -33.39 9.26
CA SER B 325 2.39 -32.64 9.31
C SER B 325 1.25 -33.53 9.81
N ILE B 326 0.45 -32.99 10.74
CA ILE B 326 -0.70 -33.69 11.28
C ILE B 326 -1.95 -32.84 11.08
N VAL B 327 -3.09 -33.51 10.99
CA VAL B 327 -4.39 -32.86 10.86
C VAL B 327 -5.34 -33.58 11.81
N ARG B 328 -6.17 -32.80 12.53
CA ARG B 328 -7.07 -33.35 13.53
C ARG B 328 -8.49 -32.88 13.26
N PHE B 329 -9.46 -33.75 13.52
CA PHE B 329 -10.87 -33.50 13.29
C PHE B 329 -11.69 -34.40 14.20
N PRO B 330 -12.96 -34.06 14.43
CA PRO B 330 -13.77 -34.83 15.39
C PRO B 330 -13.92 -36.30 15.02
N ASN B 331 -14.00 -37.13 16.06
CA ASN B 331 -14.08 -38.58 15.86
C ASN B 331 -15.36 -38.99 15.14
N ILE B 332 -16.51 -38.53 15.64
CA ILE B 332 -17.79 -39.05 15.15
C ILE B 332 -18.01 -38.61 13.71
N THR B 333 -18.45 -39.56 12.88
CA THR B 333 -18.78 -39.29 11.48
C THR B 333 -20.15 -39.92 11.22
N ASN B 334 -21.20 -39.12 11.30
CA ASN B 334 -22.56 -39.60 11.12
C ASN B 334 -22.79 -39.95 9.65
N LEU B 335 -22.68 -41.23 9.33
CA LEU B 335 -22.84 -41.68 7.95
C LEU B 335 -24.29 -41.57 7.51
N CYS B 336 -24.48 -41.22 6.24
CA CYS B 336 -25.82 -41.03 5.69
C CYS B 336 -26.45 -42.37 5.34
N PRO B 337 -27.79 -42.46 5.33
CA PRO B 337 -28.49 -43.69 4.96
C PRO B 337 -28.56 -43.92 3.45
N PHE B 338 -27.44 -43.71 2.77
CA PHE B 338 -27.37 -44.01 1.34
C PHE B 338 -27.52 -45.51 1.11
N GLY B 339 -26.85 -46.33 1.93
CA GLY B 339 -27.03 -47.76 1.83
C GLY B 339 -28.46 -48.18 2.16
N GLU B 340 -29.09 -47.48 3.10
CA GLU B 340 -30.48 -47.78 3.43
C GLU B 340 -31.41 -47.46 2.26
N VAL B 341 -31.22 -46.32 1.61
CA VAL B 341 -32.08 -45.95 0.50
C VAL B 341 -31.79 -46.84 -0.72
N PHE B 342 -30.56 -47.34 -0.85
CA PHE B 342 -30.26 -48.27 -1.94
C PHE B 342 -30.82 -49.66 -1.65
N ASN B 343 -30.93 -50.02 -0.37
CA ASN B 343 -31.47 -51.31 0.05
C ASN B 343 -32.96 -51.24 0.36
N ALA B 344 -33.68 -50.32 -0.25
CA ALA B 344 -35.11 -50.16 0.03
C ALA B 344 -35.90 -51.35 -0.48
N THR B 345 -37.07 -51.57 0.13
CA THR B 345 -37.95 -52.66 -0.26
C THR B 345 -38.93 -52.25 -1.36
N ARG B 346 -39.34 -50.99 -1.39
CA ARG B 346 -40.26 -50.49 -2.38
C ARG B 346 -39.65 -49.29 -3.10
N PHE B 347 -39.83 -49.24 -4.42
CA PHE B 347 -39.27 -48.19 -5.25
C PHE B 347 -40.38 -47.50 -6.01
N ALA B 348 -40.34 -46.17 -6.02
CA ALA B 348 -41.40 -45.37 -6.61
C ALA B 348 -41.34 -45.42 -8.14
N SER B 349 -42.48 -45.14 -8.76
CA SER B 349 -42.57 -45.11 -10.21
C SER B 349 -41.87 -43.86 -10.75
N VAL B 350 -41.62 -43.88 -12.07
CA VAL B 350 -40.92 -42.76 -12.70
C VAL B 350 -41.79 -41.50 -12.67
N TYR B 351 -43.09 -41.65 -12.89
CA TYR B 351 -43.98 -40.49 -12.85
C TYR B 351 -44.15 -39.94 -11.44
N ALA B 352 -43.78 -40.70 -10.42
CA ALA B 352 -43.88 -40.28 -9.02
C ALA B 352 -42.58 -40.60 -8.28
N TRP B 353 -41.45 -40.22 -8.88
CA TRP B 353 -40.15 -40.53 -8.33
C TRP B 353 -39.98 -39.92 -6.95
N ASN B 354 -39.49 -40.71 -6.00
CA ASN B 354 -39.24 -40.21 -4.66
C ASN B 354 -37.97 -39.35 -4.64
N ARG B 355 -38.03 -38.28 -3.85
CA ARG B 355 -36.89 -37.38 -3.67
C ARG B 355 -36.47 -37.44 -2.21
N LYS B 356 -35.19 -37.71 -1.98
CA LYS B 356 -34.62 -37.79 -0.64
C LYS B 356 -33.65 -36.64 -0.43
N ARG B 357 -33.88 -35.86 0.63
CA ARG B 357 -33.05 -34.71 0.96
C ARG B 357 -32.20 -35.05 2.17
N ILE B 358 -30.91 -34.77 2.08
CA ILE B 358 -29.94 -35.15 3.11
C ILE B 358 -29.37 -33.89 3.73
N SER B 359 -29.40 -33.83 5.06
CA SER B 359 -28.88 -32.68 5.80
C SER B 359 -28.37 -33.15 7.15
N ASN B 360 -27.48 -32.34 7.74
CA ASN B 360 -26.85 -32.64 9.02
C ASN B 360 -26.23 -34.05 9.02
N CYS B 361 -25.52 -34.36 7.95
CA CYS B 361 -24.98 -35.70 7.78
C CYS B 361 -23.67 -35.65 7.01
N VAL B 362 -22.79 -36.58 7.33
CA VAL B 362 -21.52 -36.74 6.63
C VAL B 362 -21.64 -37.98 5.74
N ALA B 363 -21.54 -37.77 4.43
CA ALA B 363 -21.73 -38.84 3.46
C ALA B 363 -20.38 -39.29 2.94
N ASP B 364 -20.11 -40.59 3.04
CA ASP B 364 -18.91 -41.20 2.48
C ASP B 364 -19.29 -41.99 1.24
N TYR B 365 -18.58 -41.74 0.14
CA TYR B 365 -18.86 -42.36 -1.14
C TYR B 365 -17.92 -43.52 -1.42
N SER B 366 -17.07 -43.91 -0.46
CA SER B 366 -16.15 -45.02 -0.68
C SER B 366 -16.90 -46.33 -0.92
N VAL B 367 -17.96 -46.57 -0.13
CA VAL B 367 -18.74 -47.80 -0.31
C VAL B 367 -19.40 -47.81 -1.69
N LEU B 368 -19.97 -46.68 -2.10
CA LEU B 368 -20.59 -46.61 -3.42
C LEU B 368 -19.58 -46.81 -4.53
N TYR B 369 -18.38 -46.23 -4.39
CA TYR B 369 -17.36 -46.38 -5.41
C TYR B 369 -16.87 -47.82 -5.50
N ASN B 370 -16.66 -48.47 -4.35
CA ASN B 370 -16.12 -49.82 -4.33
C ASN B 370 -17.17 -50.89 -4.52
N SER B 371 -18.46 -50.53 -4.52
CA SER B 371 -19.50 -51.51 -4.75
C SER B 371 -19.52 -51.91 -6.22
N ALA B 372 -19.28 -53.19 -6.49
CA ALA B 372 -19.24 -53.70 -7.86
C ALA B 372 -20.61 -54.11 -8.38
N SER B 373 -21.66 -54.02 -7.55
CA SER B 373 -22.99 -54.39 -7.99
C SER B 373 -23.61 -53.39 -8.95
N PHE B 374 -22.99 -52.22 -9.14
CA PHE B 374 -23.53 -51.18 -10.01
C PHE B 374 -23.05 -51.42 -11.44
N SER B 375 -23.99 -51.58 -12.36
CA SER B 375 -23.65 -51.80 -13.76
C SER B 375 -23.33 -50.51 -14.51
N THR B 376 -23.56 -49.36 -13.89
CA THR B 376 -23.29 -48.08 -14.52
C THR B 376 -23.03 -47.04 -13.43
N PHE B 377 -21.91 -46.32 -13.55
CA PHE B 377 -21.53 -45.30 -12.58
C PHE B 377 -21.10 -44.02 -13.26
N LYS B 378 -21.59 -43.74 -14.47
CA LYS B 378 -21.20 -42.54 -15.18
C LYS B 378 -21.72 -41.31 -14.46
N CYS B 379 -20.82 -40.36 -14.19
CA CYS B 379 -21.14 -39.15 -13.46
C CYS B 379 -20.86 -37.95 -14.36
N TYR B 380 -21.81 -37.01 -14.40
CA TYR B 380 -21.69 -35.80 -15.18
C TYR B 380 -21.20 -34.61 -14.35
N GLY B 381 -20.74 -34.86 -13.13
CA GLY B 381 -20.29 -33.80 -12.26
C GLY B 381 -18.90 -33.32 -12.59
N VAL B 382 -18.35 -32.51 -11.67
CA VAL B 382 -17.02 -31.94 -11.88
C VAL B 382 -15.97 -33.04 -11.89
N SER B 383 -16.06 -33.98 -10.95
CA SER B 383 -15.10 -35.08 -10.87
C SER B 383 -15.79 -36.32 -10.34
N PRO B 384 -15.54 -37.49 -10.92
CA PRO B 384 -16.15 -38.72 -10.42
C PRO B 384 -15.41 -39.36 -9.24
N THR B 385 -14.39 -38.72 -8.70
CA THR B 385 -13.65 -39.27 -7.57
C THR B 385 -13.50 -38.25 -6.44
N LYS B 386 -13.53 -36.96 -6.79
CA LYS B 386 -13.39 -35.89 -5.82
C LYS B 386 -14.72 -35.50 -5.17
N LEU B 387 -15.75 -36.35 -5.31
CA LEU B 387 -17.04 -36.04 -4.71
C LEU B 387 -16.95 -36.01 -3.19
N ASN B 388 -16.20 -36.94 -2.60
CA ASN B 388 -15.99 -36.92 -1.15
C ASN B 388 -15.26 -35.65 -0.72
N ASP B 389 -14.23 -35.27 -1.47
CA ASP B 389 -13.45 -34.09 -1.10
C ASP B 389 -14.26 -32.80 -1.24
N LEU B 390 -15.12 -32.72 -2.25
CA LEU B 390 -15.91 -31.52 -2.47
C LEU B 390 -16.97 -31.36 -1.39
N CYS B 391 -17.31 -30.11 -1.08
CA CYS B 391 -18.25 -29.77 -0.04
C CYS B 391 -19.48 -29.15 -0.69
N PHE B 392 -20.66 -29.71 -0.41
CA PHE B 392 -21.90 -29.28 -1.03
C PHE B 392 -22.95 -29.01 0.05
N THR B 393 -23.86 -28.07 -0.26
CA THR B 393 -24.83 -27.63 0.74
C THR B 393 -25.93 -28.68 0.96
N ASN B 394 -26.43 -29.28 -0.12
CA ASN B 394 -27.52 -30.24 0.00
C ASN B 394 -27.49 -31.19 -1.19
N VAL B 395 -28.02 -32.39 -0.96
CA VAL B 395 -28.05 -33.46 -1.96
C VAL B 395 -29.48 -33.97 -2.08
N TYR B 396 -29.94 -34.10 -3.31
CA TYR B 396 -31.27 -34.65 -3.61
C TYR B 396 -31.11 -35.95 -4.39
N ALA B 397 -31.74 -37.01 -3.90
CA ALA B 397 -31.66 -38.33 -4.52
C ALA B 397 -33.01 -38.68 -5.13
N ASP B 398 -33.01 -38.97 -6.42
CA ASP B 398 -34.21 -39.36 -7.15
C ASP B 398 -34.07 -40.82 -7.57
N SER B 399 -35.02 -41.66 -7.15
CA SER B 399 -34.97 -43.08 -7.41
C SER B 399 -36.26 -43.53 -8.08
N PHE B 400 -36.11 -44.28 -9.17
CA PHE B 400 -37.26 -44.83 -9.89
C PHE B 400 -36.76 -45.98 -10.75
N VAL B 401 -37.71 -46.70 -11.35
CA VAL B 401 -37.44 -47.87 -12.16
C VAL B 401 -37.89 -47.60 -13.59
N ILE B 402 -37.00 -47.83 -14.55
CA ILE B 402 -37.28 -47.65 -15.97
C ILE B 402 -36.91 -48.94 -16.70
N ARG B 403 -37.02 -48.89 -18.03
CA ARG B 403 -36.71 -50.05 -18.85
C ARG B 403 -35.23 -50.40 -18.75
N GLY B 404 -34.91 -51.64 -19.14
CA GLY B 404 -33.52 -52.05 -19.19
C GLY B 404 -32.72 -51.25 -20.21
N ASP B 405 -33.36 -50.88 -21.32
CA ASP B 405 -32.75 -50.00 -22.30
C ASP B 405 -32.91 -48.55 -21.83
N GLU B 406 -32.52 -47.60 -22.69
CA GLU B 406 -32.61 -46.15 -22.46
C GLU B 406 -32.13 -45.74 -21.06
N VAL B 407 -31.21 -46.53 -20.48
CA VAL B 407 -30.55 -46.09 -19.25
C VAL B 407 -29.59 -44.96 -19.56
N ARG B 408 -28.88 -45.04 -20.68
CA ARG B 408 -28.05 -43.93 -21.15
C ARG B 408 -28.88 -42.71 -21.49
N GLN B 409 -30.17 -42.89 -21.78
CA GLN B 409 -31.03 -41.78 -22.16
C GLN B 409 -31.26 -40.80 -21.02
N ILE B 410 -31.02 -41.21 -19.77
CA ILE B 410 -31.19 -40.34 -18.62
C ILE B 410 -29.98 -39.42 -18.50
N ALA B 411 -30.07 -38.26 -19.12
CA ALA B 411 -28.95 -37.31 -19.17
C ALA B 411 -29.51 -35.96 -19.60
N PRO B 412 -28.73 -34.89 -19.44
CA PRO B 412 -29.18 -33.59 -19.93
C PRO B 412 -29.44 -33.63 -21.43
N GLY B 413 -30.49 -32.94 -21.85
CA GLY B 413 -30.89 -32.99 -23.25
C GLY B 413 -31.42 -34.38 -23.58
N GLN B 414 -30.98 -34.93 -24.71
CA GLN B 414 -31.33 -36.27 -25.15
C GLN B 414 -32.85 -36.43 -25.26
N THR B 415 -33.41 -35.67 -26.20
CA THR B 415 -34.85 -35.65 -26.41
C THR B 415 -35.39 -37.05 -26.68
N GLY B 416 -36.52 -37.37 -26.06
CA GLY B 416 -37.12 -38.68 -26.22
C GLY B 416 -38.36 -38.76 -25.36
N LYS B 417 -38.99 -39.94 -25.39
CA LYS B 417 -40.21 -40.16 -24.62
C LYS B 417 -39.96 -39.96 -23.13
N ILE B 418 -38.94 -40.62 -22.59
CA ILE B 418 -38.64 -40.52 -21.17
C ILE B 418 -38.18 -39.11 -20.82
N ALA B 419 -37.44 -38.46 -21.74
CA ALA B 419 -36.94 -37.12 -21.46
C ALA B 419 -38.08 -36.11 -21.37
N ASP B 420 -39.02 -36.16 -22.31
CA ASP B 420 -40.01 -35.10 -22.42
C ASP B 420 -41.32 -35.41 -21.71
N TYR B 421 -41.59 -36.67 -21.36
CA TYR B 421 -42.83 -37.01 -20.68
C TYR B 421 -42.61 -37.80 -19.40
N ASN B 422 -41.36 -38.04 -19.01
CA ASN B 422 -41.05 -38.64 -17.72
C ASN B 422 -40.07 -37.74 -16.98
N TYR B 423 -39.47 -38.24 -15.91
CA TYR B 423 -38.47 -37.48 -15.16
C TYR B 423 -37.42 -36.89 -16.09
N LYS B 424 -37.36 -35.56 -16.13
CA LYS B 424 -36.47 -34.84 -17.04
C LYS B 424 -35.29 -34.26 -16.25
N LEU B 425 -34.08 -34.53 -16.73
CA LEU B 425 -32.86 -33.99 -16.15
C LEU B 425 -32.56 -32.64 -16.79
N PRO B 426 -32.23 -31.61 -16.00
CA PRO B 426 -31.95 -30.30 -16.57
C PRO B 426 -30.70 -30.31 -17.44
N ASP B 427 -30.64 -29.34 -18.35
CA ASP B 427 -29.49 -29.23 -19.25
C ASP B 427 -28.20 -28.97 -18.48
N ASP B 428 -28.29 -28.33 -17.32
CA ASP B 428 -27.13 -28.09 -16.47
C ASP B 428 -27.25 -28.99 -15.25
N PHE B 429 -26.57 -30.13 -15.29
CA PHE B 429 -26.61 -31.11 -14.21
C PHE B 429 -25.18 -31.41 -13.76
N THR B 430 -24.96 -31.34 -12.45
CA THR B 430 -23.64 -31.53 -11.87
C THR B 430 -23.57 -32.78 -10.99
N GLY B 431 -24.57 -33.64 -11.04
CA GLY B 431 -24.59 -34.87 -10.27
C GLY B 431 -24.09 -36.07 -11.06
N CYS B 432 -24.43 -37.25 -10.58
CA CYS B 432 -24.02 -38.50 -11.19
C CYS B 432 -25.23 -39.40 -11.40
N VAL B 433 -25.11 -40.31 -12.36
CA VAL B 433 -26.16 -41.25 -12.70
C VAL B 433 -25.67 -42.66 -12.38
N ILE B 434 -26.43 -43.38 -11.57
CA ILE B 434 -26.07 -44.73 -11.14
C ILE B 434 -27.18 -45.68 -11.56
N ALA B 435 -26.80 -46.77 -12.22
CA ALA B 435 -27.74 -47.78 -12.68
C ALA B 435 -27.22 -49.16 -12.32
N TRP B 436 -28.12 -50.03 -11.87
CA TRP B 436 -27.76 -51.40 -11.55
C TRP B 436 -28.97 -52.31 -11.76
N ASN B 437 -28.70 -53.57 -12.07
CA ASN B 437 -29.75 -54.55 -12.31
C ASN B 437 -30.30 -55.08 -11.00
N SER B 438 -31.62 -55.33 -10.97
CA SER B 438 -32.27 -55.87 -9.78
C SER B 438 -33.30 -56.93 -10.16
N ASN B 439 -33.02 -57.71 -11.22
CA ASN B 439 -33.99 -58.68 -11.72
C ASN B 439 -34.40 -59.68 -10.64
N ASN B 440 -33.45 -60.08 -9.79
CA ASN B 440 -33.69 -61.21 -8.89
C ASN B 440 -34.72 -60.92 -7.80
N LEU B 441 -35.08 -59.66 -7.56
CA LEU B 441 -36.03 -59.38 -6.49
C LEU B 441 -37.30 -58.68 -6.96
N ASP B 442 -37.20 -57.73 -7.89
CA ASP B 442 -38.35 -56.90 -8.25
C ASP B 442 -39.12 -57.44 -9.45
N SER B 443 -38.68 -58.54 -10.05
CA SER B 443 -39.33 -59.11 -11.22
C SER B 443 -40.18 -60.30 -10.81
N LYS B 444 -41.41 -60.35 -11.29
CA LYS B 444 -42.34 -61.43 -10.99
C LYS B 444 -43.00 -61.91 -12.27
N VAL B 445 -43.43 -63.18 -12.25
CA VAL B 445 -44.11 -63.73 -13.42
C VAL B 445 -45.48 -63.07 -13.58
N GLY B 446 -45.99 -63.13 -14.82
CA GLY B 446 -47.28 -62.55 -15.14
C GLY B 446 -47.27 -61.10 -15.52
N GLY B 447 -46.12 -60.43 -15.49
CA GLY B 447 -46.04 -59.04 -15.88
C GLY B 447 -46.64 -58.09 -14.86
N ASN B 448 -45.98 -57.96 -13.71
CA ASN B 448 -46.48 -57.08 -12.66
C ASN B 448 -46.63 -55.65 -13.17
N TYR B 449 -47.74 -55.02 -12.80
CA TYR B 449 -48.09 -53.69 -13.29
C TYR B 449 -47.98 -52.62 -12.21
N ASN B 450 -47.21 -52.87 -11.15
CA ASN B 450 -47.03 -51.87 -10.11
C ASN B 450 -46.25 -50.66 -10.59
N TYR B 451 -45.52 -50.78 -11.69
CA TYR B 451 -44.70 -49.70 -12.22
C TYR B 451 -45.42 -49.04 -13.39
N LEU B 452 -45.48 -47.70 -13.37
CA LEU B 452 -46.18 -46.92 -14.37
C LEU B 452 -45.20 -45.98 -15.05
N TYR B 453 -45.68 -45.30 -16.09
CA TYR B 453 -44.92 -44.25 -16.75
C TYR B 453 -45.86 -43.40 -17.59
N ARG B 454 -45.50 -42.13 -17.74
CA ARG B 454 -46.32 -41.18 -18.47
C ARG B 454 -45.97 -41.21 -19.96
N LEU B 455 -46.98 -41.47 -20.78
CA LEU B 455 -46.80 -41.62 -22.23
C LEU B 455 -46.78 -40.30 -22.97
N PHE B 456 -47.72 -39.40 -22.66
CA PHE B 456 -47.89 -38.19 -23.45
C PHE B 456 -48.58 -37.13 -22.60
N ARG B 457 -48.18 -35.87 -22.80
CA ARG B 457 -48.78 -34.74 -22.09
C ARG B 457 -48.98 -33.60 -23.09
N LYS B 458 -49.60 -32.52 -22.60
CA LYS B 458 -49.77 -31.33 -23.44
C LYS B 458 -48.43 -30.71 -23.80
N SER B 459 -47.51 -30.65 -22.85
CA SER B 459 -46.20 -30.05 -23.07
C SER B 459 -45.13 -30.88 -22.36
N ASN B 460 -43.88 -30.63 -22.75
CA ASN B 460 -42.76 -31.34 -22.15
C ASN B 460 -42.63 -30.98 -20.67
N LEU B 461 -42.19 -31.96 -19.88
CA LEU B 461 -42.07 -31.77 -18.45
C LEU B 461 -40.82 -30.95 -18.11
N LYS B 462 -40.99 -29.96 -17.25
CA LYS B 462 -39.86 -29.16 -16.80
C LYS B 462 -38.93 -30.01 -15.92
N PRO B 463 -37.64 -29.67 -15.87
CA PRO B 463 -36.71 -30.46 -15.05
C PRO B 463 -37.11 -30.44 -13.59
N PHE B 464 -36.91 -31.58 -12.92
CA PHE B 464 -37.24 -31.77 -11.52
C PHE B 464 -38.72 -31.48 -11.26
N GLU B 465 -39.57 -32.28 -11.90
CA GLU B 465 -41.01 -32.16 -11.78
C GLU B 465 -41.63 -33.54 -11.55
N ARG B 466 -42.64 -33.59 -10.68
CA ARG B 466 -43.37 -34.81 -10.40
C ARG B 466 -44.84 -34.59 -10.74
N ASP B 467 -45.40 -35.48 -11.55
CA ASP B 467 -46.78 -35.36 -12.01
C ASP B 467 -47.53 -36.63 -11.64
N ILE B 468 -48.59 -36.46 -10.83
CA ILE B 468 -49.45 -37.56 -10.43
C ILE B 468 -50.90 -37.32 -10.82
N SER B 469 -51.20 -36.21 -11.50
CA SER B 469 -52.58 -35.89 -11.86
C SER B 469 -53.17 -36.93 -12.81
N THR B 470 -52.37 -37.39 -13.78
CA THR B 470 -52.78 -38.40 -14.75
C THR B 470 -54.07 -38.02 -15.46
N GLU B 471 -54.19 -36.74 -15.81
CA GLU B 471 -55.35 -36.27 -16.54
C GLU B 471 -55.36 -36.85 -17.95
N ILE B 472 -56.55 -36.96 -18.52
CA ILE B 472 -56.71 -37.61 -19.82
C ILE B 472 -56.11 -36.73 -20.91
N TYR B 473 -55.19 -37.30 -21.68
CA TYR B 473 -54.58 -36.57 -22.78
C TYR B 473 -55.56 -36.44 -23.94
N GLN B 474 -55.54 -35.28 -24.59
CA GLN B 474 -56.44 -34.98 -25.70
C GLN B 474 -55.64 -34.79 -26.98
N ALA B 475 -56.23 -35.16 -28.11
CA ALA B 475 -55.57 -35.13 -29.40
C ALA B 475 -56.31 -34.23 -30.39
N GLY B 476 -56.77 -33.07 -29.92
CA GLY B 476 -57.42 -32.11 -30.80
C GLY B 476 -58.92 -32.24 -30.86
N SER B 477 -59.41 -33.42 -31.27
CA SER B 477 -60.85 -33.63 -31.39
C SER B 477 -61.55 -33.52 -30.05
N THR B 478 -60.92 -34.03 -28.99
CA THR B 478 -61.40 -34.01 -27.61
C THR B 478 -62.85 -34.48 -27.45
N PRO B 479 -63.23 -35.66 -27.98
CA PRO B 479 -64.57 -36.18 -27.67
C PRO B 479 -64.51 -37.07 -26.44
N CYS B 480 -64.09 -36.48 -25.31
CA CYS B 480 -63.67 -37.28 -24.17
C CYS B 480 -64.41 -36.90 -22.89
N ASN B 481 -65.67 -36.50 -23.01
CA ASN B 481 -66.45 -36.18 -21.81
C ASN B 481 -66.72 -37.41 -20.97
N GLY B 482 -66.67 -38.60 -21.55
CA GLY B 482 -66.81 -39.83 -20.80
C GLY B 482 -65.50 -40.26 -20.18
N VAL B 483 -65.54 -41.44 -19.55
CA VAL B 483 -64.34 -41.98 -18.92
C VAL B 483 -63.29 -42.32 -19.97
N GLU B 484 -63.71 -42.96 -21.06
CA GLU B 484 -62.82 -43.33 -22.15
C GLU B 484 -63.45 -42.94 -23.48
N GLY B 485 -62.65 -42.34 -24.37
CA GLY B 485 -63.13 -41.95 -25.67
C GLY B 485 -62.04 -42.18 -26.72
N PHE B 486 -62.41 -41.87 -27.96
CA PHE B 486 -61.46 -42.03 -29.06
C PHE B 486 -60.35 -40.99 -28.96
N ASN B 487 -59.12 -41.42 -29.29
CA ASN B 487 -57.93 -40.57 -29.27
C ASN B 487 -57.64 -40.00 -27.90
N CYS B 488 -58.15 -40.63 -26.84
CA CYS B 488 -57.93 -40.15 -25.48
C CYS B 488 -58.08 -41.34 -24.53
N TYR B 489 -57.01 -41.68 -23.83
CA TYR B 489 -57.05 -42.74 -22.84
C TYR B 489 -56.19 -42.37 -21.64
N PHE B 490 -55.96 -43.32 -20.76
CA PHE B 490 -55.10 -43.07 -19.61
C PHE B 490 -53.68 -42.80 -20.08
N PRO B 491 -53.10 -41.65 -19.74
CA PRO B 491 -51.72 -41.36 -20.17
C PRO B 491 -50.67 -42.21 -19.47
N LEU B 492 -51.02 -42.87 -18.38
CA LEU B 492 -50.09 -43.71 -17.65
C LEU B 492 -50.22 -45.15 -18.12
N GLN B 493 -49.10 -45.77 -18.48
CA GLN B 493 -49.07 -47.14 -18.97
C GLN B 493 -48.28 -48.00 -17.99
N SER B 494 -48.75 -49.23 -17.80
CA SER B 494 -48.13 -50.15 -16.86
C SER B 494 -47.01 -50.93 -17.53
N TYR B 495 -45.84 -50.93 -16.91
CA TYR B 495 -44.71 -51.68 -17.42
C TYR B 495 -44.97 -53.18 -17.34
N GLY B 496 -44.58 -53.88 -18.40
CA GLY B 496 -44.57 -55.34 -18.38
C GLY B 496 -43.15 -55.86 -18.22
N PHE B 497 -42.80 -56.29 -17.01
CA PHE B 497 -41.43 -56.69 -16.68
C PHE B 497 -41.41 -58.20 -16.46
N GLN B 498 -40.47 -58.88 -17.10
CA GLN B 498 -40.31 -60.32 -16.96
C GLN B 498 -38.83 -60.66 -16.81
N PRO B 499 -38.46 -61.49 -15.83
CA PRO B 499 -37.04 -61.88 -15.70
C PRO B 499 -36.49 -62.59 -16.91
N THR B 500 -37.28 -63.44 -17.56
CA THR B 500 -36.80 -64.16 -18.73
C THR B 500 -36.89 -63.31 -19.98
N ASN B 501 -37.61 -62.19 -19.92
CA ASN B 501 -37.68 -61.25 -21.03
C ASN B 501 -36.29 -60.72 -21.34
N GLY B 502 -36.13 -60.16 -22.54
CA GLY B 502 -34.84 -59.63 -22.94
C GLY B 502 -34.36 -58.56 -21.98
N VAL B 503 -33.03 -58.41 -21.89
CA VAL B 503 -32.45 -57.48 -20.93
C VAL B 503 -32.90 -56.05 -21.22
N GLY B 504 -33.21 -55.76 -22.48
CA GLY B 504 -33.74 -54.45 -22.82
C GLY B 504 -35.05 -54.15 -22.13
N TYR B 505 -35.89 -55.17 -21.96
CA TYR B 505 -37.16 -55.03 -21.25
C TYR B 505 -37.07 -55.46 -19.79
N GLN B 506 -35.88 -55.80 -19.30
CA GLN B 506 -35.74 -56.27 -17.93
C GLN B 506 -35.75 -55.10 -16.95
N PRO B 507 -36.13 -55.34 -15.70
CA PRO B 507 -36.11 -54.27 -14.70
C PRO B 507 -34.70 -53.74 -14.46
N TYR B 508 -34.58 -52.42 -14.49
CA TYR B 508 -33.33 -51.73 -14.19
C TYR B 508 -33.59 -50.62 -13.20
N ARG B 509 -32.67 -50.46 -12.25
CA ARG B 509 -32.80 -49.47 -11.19
C ARG B 509 -31.83 -48.32 -11.45
N VAL B 510 -32.35 -47.10 -11.40
CA VAL B 510 -31.52 -45.91 -11.58
C VAL B 510 -31.76 -44.97 -10.40
N VAL B 511 -30.67 -44.47 -9.82
CA VAL B 511 -30.72 -43.47 -8.76
C VAL B 511 -29.84 -42.31 -9.20
N VAL B 512 -30.44 -41.12 -9.29
CA VAL B 512 -29.75 -39.93 -9.76
C VAL B 512 -29.67 -38.95 -8.60
N LEU B 513 -28.45 -38.54 -8.28
CA LEU B 513 -28.20 -37.59 -7.19
C LEU B 513 -27.84 -36.23 -7.76
N SER B 514 -28.41 -35.17 -7.19
CA SER B 514 -28.23 -33.81 -7.66
C SER B 514 -27.60 -32.98 -6.56
N PHE B 515 -26.55 -32.23 -6.91
CA PHE B 515 -25.87 -31.34 -6.00
C PHE B 515 -26.28 -29.90 -6.29
N GLU B 516 -26.77 -29.20 -5.27
CA GLU B 516 -27.25 -27.83 -5.42
C GLU B 516 -26.44 -26.91 -4.54
N LEU B 517 -26.07 -25.76 -5.10
CA LEU B 517 -25.31 -24.73 -4.37
C LEU B 517 -26.23 -23.55 -4.13
N LEU B 518 -26.39 -23.18 -2.86
CA LEU B 518 -27.25 -22.08 -2.46
C LEU B 518 -26.52 -21.19 -1.46
N HIS B 519 -27.19 -20.12 -1.04
CA HIS B 519 -26.62 -19.19 -0.07
C HIS B 519 -26.58 -19.78 1.34
N ALA B 520 -27.31 -20.86 1.60
CA ALA B 520 -27.26 -21.48 2.90
C ALA B 520 -25.91 -22.17 3.13
N PRO B 521 -25.45 -22.25 4.37
CA PRO B 521 -24.17 -22.92 4.63
C PRO B 521 -24.23 -24.41 4.33
N ALA B 522 -23.08 -24.96 3.98
CA ALA B 522 -22.99 -26.38 3.67
C ALA B 522 -23.23 -27.24 4.90
N THR B 523 -23.95 -28.35 4.71
CA THR B 523 -24.27 -29.25 5.80
C THR B 523 -24.02 -30.72 5.49
N VAL B 524 -23.67 -31.06 4.25
CA VAL B 524 -23.42 -32.46 3.88
C VAL B 524 -22.16 -32.54 3.04
N CYS B 525 -21.05 -32.93 3.66
CA CYS B 525 -19.77 -33.06 2.97
C CYS B 525 -19.07 -34.31 3.45
N GLY B 526 -17.97 -34.63 2.79
CA GLY B 526 -17.27 -35.88 3.03
C GLY B 526 -16.58 -35.94 4.38
N PRO B 527 -16.21 -37.16 4.79
CA PRO B 527 -15.52 -37.31 6.08
C PRO B 527 -14.13 -36.69 6.04
N LYS B 528 -13.68 -36.27 7.23
CA LYS B 528 -12.39 -35.63 7.39
C LYS B 528 -11.41 -36.63 7.99
N LYS B 529 -10.28 -36.83 7.31
CA LYS B 529 -9.27 -37.76 7.79
C LYS B 529 -8.37 -37.06 8.81
N SER B 530 -8.21 -37.68 9.98
CA SER B 530 -7.42 -37.12 11.06
C SER B 530 -6.33 -38.12 11.46
N THR B 531 -5.10 -37.64 11.57
CA THR B 531 -3.97 -38.46 11.96
C THR B 531 -3.73 -38.38 13.46
N ASN B 532 -2.94 -39.33 13.96
CA ASN B 532 -2.58 -39.33 15.38
C ASN B 532 -1.68 -38.14 15.69
N LEU B 533 -1.99 -37.44 16.77
CA LEU B 533 -1.22 -36.26 17.15
C LEU B 533 0.17 -36.64 17.66
N VAL B 534 1.12 -35.74 17.45
CA VAL B 534 2.49 -35.90 17.94
C VAL B 534 2.84 -34.69 18.77
N LYS B 535 3.42 -34.91 19.95
CA LYS B 535 3.74 -33.84 20.88
C LYS B 535 5.24 -33.75 21.08
N ASN B 536 5.65 -32.62 21.66
CA ASN B 536 7.06 -32.33 21.92
C ASN B 536 7.90 -32.35 20.64
N LYS B 537 7.35 -31.80 19.56
CA LYS B 537 8.07 -31.71 18.29
C LYS B 537 7.45 -30.61 17.46
N CYS B 538 8.30 -29.83 16.77
CA CYS B 538 7.81 -28.77 15.90
C CYS B 538 7.18 -29.41 14.67
N VAL B 539 5.86 -29.52 14.66
CA VAL B 539 5.13 -30.19 13.60
C VAL B 539 4.03 -29.26 13.11
N ASN B 540 3.91 -29.14 11.79
CA ASN B 540 2.80 -28.39 11.21
C ASN B 540 1.50 -29.11 11.50
N PHE B 541 0.52 -28.38 12.02
CA PHE B 541 -0.75 -28.97 12.43
C PHE B 541 -1.91 -28.16 11.89
N ASN B 542 -3.03 -28.86 11.69
CA ASN B 542 -4.27 -28.26 11.20
C ASN B 542 -5.39 -28.70 12.15
N PHE B 543 -5.58 -27.92 13.22
CA PHE B 543 -6.58 -28.23 14.24
C PHE B 543 -7.89 -27.56 13.85
N ASN B 544 -8.72 -28.31 13.11
CA ASN B 544 -10.05 -27.86 12.72
C ASN B 544 -10.00 -26.51 11.98
N GLY B 545 -9.03 -26.40 11.06
CA GLY B 545 -8.88 -25.19 10.28
C GLY B 545 -8.02 -24.11 10.89
N LEU B 546 -7.36 -24.40 12.03
CA LEU B 546 -6.46 -23.41 12.62
C LEU B 546 -5.22 -23.21 11.77
N THR B 547 -4.61 -24.32 11.33
CA THR B 547 -3.45 -24.29 10.43
C THR B 547 -2.30 -23.48 11.04
N GLY B 548 -1.79 -23.98 12.16
CA GLY B 548 -0.68 -23.37 12.84
C GLY B 548 0.51 -24.31 12.90
N THR B 549 1.66 -23.74 13.26
CA THR B 549 2.92 -24.48 13.35
C THR B 549 3.56 -24.23 14.71
N GLY B 550 4.07 -25.29 15.32
CA GLY B 550 4.73 -25.15 16.61
C GLY B 550 4.88 -26.50 17.28
N VAL B 551 5.07 -26.45 18.59
CA VAL B 551 5.27 -27.62 19.43
C VAL B 551 4.06 -27.78 20.34
N LEU B 552 3.47 -28.96 20.34
CA LEU B 552 2.28 -29.24 21.14
C LEU B 552 2.70 -29.95 22.42
N THR B 553 2.18 -29.49 23.55
CA THR B 553 2.48 -30.09 24.85
C THR B 553 1.30 -29.87 25.77
N GLU B 554 1.21 -30.71 26.80
CA GLU B 554 0.07 -30.66 27.72
C GLU B 554 0.02 -29.32 28.44
N SER B 555 -1.19 -28.90 28.80
CA SER B 555 -1.43 -27.59 29.36
C SER B 555 -2.16 -27.72 30.69
N ASN B 556 -2.04 -26.67 31.50
CA ASN B 556 -2.73 -26.60 32.78
C ASN B 556 -3.95 -25.70 32.76
N LYS B 557 -4.11 -24.88 31.73
CA LYS B 557 -5.26 -23.98 31.66
C LYS B 557 -6.55 -24.76 31.47
N LYS B 558 -7.62 -24.24 32.07
CA LYS B 558 -8.92 -24.91 32.07
C LYS B 558 -9.81 -24.23 31.02
N PHE B 559 -9.86 -24.83 29.83
CA PHE B 559 -10.75 -24.35 28.80
C PHE B 559 -12.20 -24.59 29.19
N LEU B 560 -13.06 -23.62 28.89
CA LEU B 560 -14.49 -23.83 29.08
C LEU B 560 -14.99 -24.84 28.03
N PRO B 561 -16.05 -25.59 28.35
CA PRO B 561 -16.46 -26.69 27.46
C PRO B 561 -16.75 -26.26 26.04
N PHE B 562 -17.35 -25.08 25.84
CA PHE B 562 -17.67 -24.63 24.49
C PHE B 562 -16.47 -24.07 23.75
N GLN B 563 -15.42 -23.68 24.46
CA GLN B 563 -14.30 -23.02 23.81
C GLN B 563 -13.47 -24.01 23.00
N GLN B 564 -12.80 -23.49 21.97
CA GLN B 564 -12.05 -24.31 21.02
C GLN B 564 -10.55 -24.06 21.09
N PHE B 565 -10.11 -22.81 20.95
CA PHE B 565 -8.69 -22.50 20.94
C PHE B 565 -8.45 -21.16 21.62
N GLY B 566 -7.44 -21.11 22.48
CA GLY B 566 -7.11 -19.91 23.21
C GLY B 566 -6.30 -18.93 22.39
N ARG B 567 -5.99 -17.79 23.02
CA ARG B 567 -5.25 -16.73 22.37
C ARG B 567 -4.47 -15.95 23.43
N ASP B 568 -3.49 -15.20 22.96
CA ASP B 568 -2.61 -14.44 23.82
C ASP B 568 -3.06 -12.97 23.83
N ILE B 569 -2.29 -12.11 24.50
CA ILE B 569 -2.62 -10.68 24.48
C ILE B 569 -2.52 -10.13 23.07
N ALA B 570 -1.48 -10.54 22.33
CA ALA B 570 -1.27 -10.08 20.96
C ALA B 570 -2.07 -10.88 19.94
N ASP B 571 -3.12 -11.57 20.37
CA ASP B 571 -4.00 -12.35 19.49
C ASP B 571 -3.21 -13.38 18.70
N THR B 572 -2.36 -14.14 19.41
CA THR B 572 -1.62 -15.25 18.84
C THR B 572 -2.12 -16.55 19.45
N THR B 573 -2.45 -17.51 18.58
CA THR B 573 -2.97 -18.79 19.06
C THR B 573 -1.89 -19.51 19.86
N ASP B 574 -2.17 -19.79 21.13
CA ASP B 574 -1.20 -20.42 22.01
C ASP B 574 -1.74 -21.64 22.74
N ALA B 575 -2.92 -22.12 22.39
CA ALA B 575 -3.52 -23.31 22.99
C ALA B 575 -4.70 -23.77 22.15
N VAL B 576 -4.82 -25.07 21.96
CA VAL B 576 -5.92 -25.64 21.19
C VAL B 576 -6.52 -26.80 21.97
N ARG B 577 -7.81 -27.05 21.74
CA ARG B 577 -8.51 -28.19 22.31
C ARG B 577 -8.68 -29.25 21.23
N ASP B 578 -8.26 -30.47 21.52
CA ASP B 578 -8.29 -31.53 20.52
C ASP B 578 -9.71 -32.04 20.35
N PRO B 579 -10.27 -31.99 19.13
CA PRO B 579 -11.66 -32.46 18.95
C PRO B 579 -11.86 -33.94 19.28
N GLN B 580 -10.85 -34.79 19.06
CA GLN B 580 -11.04 -36.22 19.31
C GLN B 580 -11.19 -36.51 20.79
N THR B 581 -10.16 -36.22 21.58
CA THR B 581 -10.24 -36.27 23.04
C THR B 581 -10.05 -34.86 23.57
N LEU B 582 -10.95 -34.43 24.46
CA LEU B 582 -11.01 -33.04 24.89
C LEU B 582 -9.87 -32.77 25.86
N GLU B 583 -8.74 -32.32 25.30
CA GLU B 583 -7.57 -31.96 26.09
C GLU B 583 -7.00 -30.65 25.54
N ILE B 584 -6.51 -29.81 26.44
CA ILE B 584 -5.94 -28.53 26.07
C ILE B 584 -4.44 -28.68 25.90
N LEU B 585 -3.93 -28.29 24.74
CA LEU B 585 -2.52 -28.45 24.38
C LEU B 585 -1.99 -27.08 23.96
N ASP B 586 -1.22 -26.43 24.84
CA ASP B 586 -0.62 -25.16 24.46
C ASP B 586 0.42 -25.37 23.37
N ILE B 587 0.45 -24.47 22.40
CA ILE B 587 1.38 -24.54 21.29
C ILE B 587 2.38 -23.40 21.43
N THR B 588 3.65 -23.74 21.47
CA THR B 588 4.72 -22.77 21.49
C THR B 588 5.51 -22.85 20.19
N PRO B 589 5.88 -21.71 19.61
CA PRO B 589 6.65 -21.75 18.35
C PRO B 589 7.97 -22.49 18.57
N CYS B 590 8.30 -23.35 17.62
CA CYS B 590 9.53 -24.12 17.76
C CYS B 590 10.74 -23.21 17.65
N SER B 591 11.81 -23.60 18.33
CA SER B 591 12.90 -22.69 18.66
C SER B 591 13.52 -22.07 17.41
N PHE B 592 13.77 -20.77 17.48
CA PHE B 592 14.45 -20.05 16.42
C PHE B 592 15.26 -18.92 17.05
N GLY B 593 16.22 -18.41 16.28
CA GLY B 593 17.05 -17.31 16.74
C GLY B 593 18.28 -17.12 15.91
N GLY B 594 18.62 -15.87 15.62
CA GLY B 594 19.78 -15.57 14.81
C GLY B 594 21.07 -16.06 15.40
N VAL B 595 21.89 -16.73 14.58
CA VAL B 595 23.20 -17.20 15.01
C VAL B 595 24.17 -16.02 15.01
N SER B 596 25.31 -16.20 15.67
CA SER B 596 26.37 -15.21 15.66
C SER B 596 27.70 -15.93 15.55
N VAL B 597 28.70 -15.25 15.00
CA VAL B 597 30.03 -15.81 14.83
C VAL B 597 31.00 -14.92 15.59
N ILE B 598 31.33 -15.31 16.82
CA ILE B 598 32.24 -14.56 17.67
C ILE B 598 33.66 -14.92 17.22
N THR B 599 34.25 -14.06 16.42
CA THR B 599 35.52 -14.35 15.78
C THR B 599 36.59 -13.38 16.18
N PRO B 600 37.81 -13.85 16.44
CA PRO B 600 38.96 -12.93 16.49
C PRO B 600 39.29 -12.45 15.09
N GLY B 601 40.15 -11.44 15.01
CA GLY B 601 40.58 -10.92 13.73
C GLY B 601 41.13 -12.02 12.84
N THR B 602 40.78 -11.97 11.55
CA THR B 602 41.21 -13.02 10.63
C THR B 602 42.73 -13.06 10.52
N ASN B 603 43.40 -11.95 10.79
CA ASN B 603 44.86 -11.94 10.83
C ASN B 603 45.38 -12.80 11.97
N THR B 604 44.69 -12.76 13.13
CA THR B 604 45.15 -13.53 14.28
C THR B 604 44.95 -15.03 14.09
N SER B 605 43.75 -15.44 13.66
CA SER B 605 43.45 -16.86 13.55
C SER B 605 42.20 -17.03 12.70
N ASN B 606 41.98 -18.28 12.27
CA ASN B 606 40.81 -18.66 11.49
C ASN B 606 39.70 -19.26 12.36
N GLN B 607 40.04 -19.80 13.53
CA GLN B 607 39.06 -20.45 14.38
C GLN B 607 38.02 -19.43 14.88
N VAL B 608 36.77 -19.87 14.95
CA VAL B 608 35.66 -19.02 15.35
C VAL B 608 34.76 -19.78 16.31
N ALA B 609 33.89 -19.05 16.99
CA ALA B 609 32.86 -19.61 17.85
C ALA B 609 31.50 -19.15 17.35
N VAL B 610 30.46 -19.93 17.69
CA VAL B 610 29.10 -19.66 17.23
C VAL B 610 28.19 -19.55 18.44
N LEU B 611 27.29 -18.56 18.42
CA LEU B 611 26.35 -18.31 19.51
C LEU B 611 24.94 -18.35 18.94
N TYR B 612 24.17 -19.36 19.33
CA TYR B 612 22.78 -19.49 18.94
C TYR B 612 21.92 -18.78 19.98
N GLN B 613 21.46 -17.58 19.65
CA GLN B 613 20.86 -16.71 20.65
C GLN B 613 19.50 -17.24 21.10
N ASP B 614 19.30 -17.28 22.41
CA ASP B 614 18.03 -17.65 23.02
C ASP B 614 17.56 -19.03 22.56
N VAL B 615 18.43 -20.02 22.74
CA VAL B 615 18.13 -21.38 22.34
C VAL B 615 18.65 -22.34 23.40
N ASN B 616 17.76 -23.19 23.91
CA ASN B 616 18.19 -24.35 24.69
C ASN B 616 18.85 -25.34 23.76
N CYS B 617 20.18 -25.31 23.70
CA CYS B 617 20.85 -25.94 22.56
C CYS B 617 21.17 -27.40 22.81
N THR B 618 20.36 -28.08 23.62
CA THR B 618 20.25 -29.53 23.49
C THR B 618 19.66 -29.89 22.14
N GLU B 619 19.02 -28.91 21.47
CA GLU B 619 18.35 -29.08 20.21
C GLU B 619 19.06 -28.39 19.05
N VAL B 620 20.26 -27.86 19.27
CA VAL B 620 20.97 -27.11 18.22
C VAL B 620 21.45 -28.00 17.07
N PRO B 621 21.90 -29.26 17.28
CA PRO B 621 22.37 -30.02 16.11
C PRO B 621 21.27 -30.29 15.09
N VAL B 622 20.00 -30.29 15.51
CA VAL B 622 18.83 -30.46 14.66
C VAL B 622 19.03 -31.47 13.53
N TYR B 636 31.32 -23.77 15.92
CA TYR B 636 31.23 -24.65 14.77
C TYR B 636 30.04 -25.60 14.88
N SER B 637 30.29 -26.89 14.66
CA SER B 637 29.24 -27.88 14.79
C SER B 637 29.05 -28.27 16.25
N THR B 638 27.89 -28.85 16.54
CA THR B 638 27.51 -29.20 17.90
C THR B 638 28.44 -30.26 18.47
N GLY B 639 28.75 -30.13 19.76
CA GLY B 639 29.62 -31.06 20.45
C GLY B 639 31.02 -30.57 20.70
N SER B 640 31.36 -29.35 20.28
CA SER B 640 32.69 -28.79 20.44
C SER B 640 32.64 -27.70 21.50
N ASN B 641 33.06 -28.04 22.72
CA ASN B 641 33.17 -27.08 23.82
C ASN B 641 31.86 -26.34 24.05
N VAL B 642 30.76 -27.09 24.15
CA VAL B 642 29.46 -26.47 24.34
C VAL B 642 29.36 -25.88 25.73
N PHE B 643 28.95 -24.62 25.81
CA PHE B 643 28.79 -23.91 27.07
C PHE B 643 27.49 -23.12 27.02
N GLN B 644 26.63 -23.33 28.01
CA GLN B 644 25.29 -22.74 28.02
C GLN B 644 25.32 -21.43 28.79
N THR B 645 24.82 -20.36 28.16
CA THR B 645 24.84 -19.02 28.74
C THR B 645 23.45 -18.42 28.61
N ARG B 646 23.25 -17.28 29.28
CA ARG B 646 21.94 -16.63 29.22
C ARG B 646 21.65 -16.08 27.82
N ALA B 647 22.67 -15.63 27.10
CA ALA B 647 22.45 -15.07 25.78
C ALA B 647 22.17 -16.15 24.75
N GLY B 648 22.67 -17.36 24.98
CA GLY B 648 22.54 -18.44 24.00
C GLY B 648 23.25 -19.67 24.51
N CYS B 649 24.07 -20.26 23.65
CA CYS B 649 25.10 -21.19 24.10
C CYS B 649 26.26 -21.10 23.12
N LEU B 650 27.47 -21.06 23.66
CA LEU B 650 28.67 -20.87 22.87
C LEU B 650 29.24 -22.22 22.47
N ILE B 651 29.31 -22.47 21.16
CA ILE B 651 29.92 -23.68 20.62
C ILE B 651 31.22 -23.30 19.96
N GLY B 652 32.32 -23.84 20.45
CA GLY B 652 33.65 -23.51 19.97
C GLY B 652 34.47 -22.69 20.94
N ALA B 653 33.87 -22.16 22.00
CA ALA B 653 34.58 -21.40 23.02
C ALA B 653 34.40 -22.10 24.36
N GLU B 654 35.50 -22.37 25.04
CA GLU B 654 35.45 -23.10 26.29
C GLU B 654 35.34 -22.14 27.48
N HIS B 655 34.47 -22.49 28.42
CA HIS B 655 34.27 -21.67 29.61
C HIS B 655 35.54 -21.66 30.46
N VAL B 656 35.78 -20.52 31.10
CA VAL B 656 36.96 -20.31 31.94
C VAL B 656 36.50 -19.75 33.28
N ASN B 657 36.99 -20.34 34.37
CA ASN B 657 36.61 -19.87 35.70
C ASN B 657 37.13 -18.46 35.95
N ASN B 658 38.34 -18.16 35.49
CA ASN B 658 38.92 -16.85 35.70
C ASN B 658 38.16 -15.78 34.91
N SER B 659 38.32 -14.53 35.33
CA SER B 659 37.64 -13.40 34.72
C SER B 659 38.65 -12.36 34.30
N TYR B 660 38.53 -11.89 33.06
CA TYR B 660 39.40 -10.88 32.49
C TYR B 660 38.57 -9.69 32.02
N GLU B 661 39.27 -8.67 31.52
CA GLU B 661 38.59 -7.52 30.93
C GLU B 661 37.91 -7.91 29.63
N CYS B 662 36.72 -7.35 29.40
CA CYS B 662 35.92 -7.75 28.25
C CYS B 662 36.62 -7.41 26.94
N ASP B 663 36.60 -8.36 26.00
CA ASP B 663 37.16 -8.17 24.67
C ASP B 663 36.11 -8.25 23.59
N ILE B 664 35.33 -9.33 23.54
CA ILE B 664 34.22 -9.45 22.59
C ILE B 664 32.93 -9.65 23.38
N PRO B 665 32.00 -8.70 23.33
CA PRO B 665 30.77 -8.84 24.11
C PRO B 665 29.89 -9.97 23.61
N ILE B 666 29.22 -10.64 24.55
CA ILE B 666 28.25 -11.68 24.23
C ILE B 666 26.91 -11.26 24.78
N GLY B 667 26.84 -11.04 26.08
CA GLY B 667 25.62 -10.64 26.76
C GLY B 667 25.55 -11.25 28.14
N ALA B 668 24.73 -10.65 28.99
CA ALA B 668 24.51 -11.12 30.36
C ALA B 668 25.83 -11.21 31.13
N GLY B 669 26.69 -10.22 30.96
CA GLY B 669 27.95 -10.19 31.68
C GLY B 669 28.91 -11.30 31.31
N ILE B 670 28.96 -11.69 30.05
CA ILE B 670 29.87 -12.72 29.56
C ILE B 670 30.57 -12.19 28.32
N CYS B 671 31.89 -12.36 28.26
CA CYS B 671 32.68 -11.88 27.14
C CYS B 671 33.63 -12.98 26.69
N ALA B 672 33.87 -13.06 25.38
CA ALA B 672 34.77 -14.04 24.80
C ALA B 672 36.04 -13.35 24.32
N SER B 673 37.14 -14.10 24.32
CA SER B 673 38.43 -13.59 23.91
C SER B 673 39.29 -14.74 23.39
N TYR B 674 40.42 -14.38 22.79
CA TYR B 674 41.38 -15.34 22.25
C TYR B 674 42.65 -15.28 23.08
N GLN B 675 42.97 -16.37 23.76
CA GLN B 675 44.12 -16.41 24.66
C GLN B 675 44.79 -17.77 24.56
N THR B 676 45.90 -17.90 25.28
CA THR B 676 46.65 -19.16 25.32
C THR B 676 45.86 -20.23 26.05
N SER B 686 48.19 -24.42 21.76
CA SER B 686 47.30 -24.27 22.90
C SER B 686 46.59 -22.91 22.86
N GLN B 687 45.97 -22.62 21.71
CA GLN B 687 45.24 -21.37 21.51
C GLN B 687 43.80 -21.69 21.14
N SER B 688 42.86 -21.08 21.86
CA SER B 688 41.44 -21.31 21.61
C SER B 688 40.64 -20.14 22.13
N ILE B 689 39.39 -20.06 21.69
CA ILE B 689 38.49 -19.03 22.15
C ILE B 689 37.95 -19.42 23.52
N ILE B 690 37.91 -18.47 24.45
CA ILE B 690 37.42 -18.71 25.80
C ILE B 690 36.30 -17.74 26.08
N ALA B 691 35.33 -18.18 26.88
CA ALA B 691 34.22 -17.36 27.32
C ALA B 691 34.20 -17.30 28.84
N TYR B 692 33.95 -16.12 29.38
CA TYR B 692 34.10 -15.94 30.82
C TYR B 692 33.22 -14.78 31.28
N THR B 693 33.00 -14.72 32.59
CA THR B 693 32.30 -13.59 33.17
C THR B 693 33.20 -12.36 33.19
N MET B 694 32.58 -11.18 33.02
CA MET B 694 33.34 -9.94 32.98
C MET B 694 34.11 -9.72 34.27
N SER B 695 35.16 -8.90 34.17
CA SER B 695 35.90 -8.41 35.32
C SER B 695 35.76 -6.89 35.32
N LEU B 696 35.01 -6.37 36.29
CA LEU B 696 34.75 -4.93 36.33
C LEU B 696 36.04 -4.14 36.56
N GLY B 697 36.90 -4.63 37.46
CA GLY B 697 38.15 -3.96 37.72
C GLY B 697 38.90 -4.66 38.83
N ALA B 698 40.06 -4.10 39.17
CA ALA B 698 40.86 -4.65 40.24
C ALA B 698 40.29 -4.23 41.58
N GLU B 699 39.96 -5.21 42.42
CA GLU B 699 39.35 -4.94 43.72
C GLU B 699 40.35 -4.23 44.62
N ASN B 700 40.13 -2.94 44.85
CA ASN B 700 40.98 -2.15 45.72
C ASN B 700 40.13 -1.60 46.86
N SER B 701 40.59 -1.82 48.09
CA SER B 701 39.89 -1.37 49.28
C SER B 701 40.65 -0.20 49.88
N VAL B 702 40.01 0.96 49.96
CA VAL B 702 40.65 2.15 50.51
C VAL B 702 40.81 1.98 52.01
N ALA B 703 41.97 2.42 52.51
CA ALA B 703 42.26 2.33 53.94
C ALA B 703 41.64 3.51 54.69
N TYR B 704 40.32 3.56 54.66
CA TYR B 704 39.59 4.59 55.39
C TYR B 704 39.79 4.42 56.88
N SER B 705 39.84 5.54 57.59
CA SER B 705 40.05 5.51 59.04
C SER B 705 39.50 6.80 59.63
N ASN B 706 39.39 6.81 60.96
CA ASN B 706 38.82 7.95 61.67
C ASN B 706 39.69 9.19 61.51
N ASN B 707 41.01 9.04 61.61
CA ASN B 707 41.92 10.19 61.58
C ASN B 707 43.11 9.90 60.68
N SER B 708 42.85 9.39 59.48
CA SER B 708 43.92 9.09 58.52
C SER B 708 43.57 9.76 57.19
N ILE B 709 44.51 10.54 56.67
CA ILE B 709 44.35 11.20 55.38
C ILE B 709 45.59 10.93 54.54
N ALA B 710 45.40 10.72 53.24
CA ALA B 710 46.50 10.49 52.31
C ALA B 710 46.68 11.75 51.46
N ILE B 711 47.91 12.24 51.38
CA ILE B 711 48.20 13.48 50.68
C ILE B 711 49.29 13.24 49.64
N PRO B 712 49.11 13.67 48.40
CA PRO B 712 50.14 13.46 47.39
C PRO B 712 51.40 14.24 47.68
N THR B 713 52.53 13.72 47.19
CA THR B 713 53.83 14.38 47.34
C THR B 713 54.39 14.90 46.03
N ASN B 714 53.91 14.40 44.89
CA ASN B 714 54.28 14.91 43.57
C ASN B 714 53.13 14.55 42.63
N PHE B 715 53.32 14.84 41.35
CA PHE B 715 52.22 14.81 40.40
C PHE B 715 52.68 14.14 39.11
N THR B 716 51.82 14.21 38.09
CA THR B 716 52.14 13.71 36.76
C THR B 716 51.27 14.46 35.77
N ILE B 717 51.86 15.35 34.99
CA ILE B 717 51.12 16.04 33.93
C ILE B 717 50.91 15.04 32.79
N SER B 718 49.65 14.74 32.49
CA SER B 718 49.30 13.77 31.46
C SER B 718 48.29 14.40 30.52
N VAL B 719 48.48 14.17 29.22
CA VAL B 719 47.58 14.70 28.19
C VAL B 719 46.81 13.54 27.58
N THR B 720 45.50 13.70 27.46
CA THR B 720 44.62 12.67 26.92
C THR B 720 43.95 13.21 25.66
N THR B 721 43.65 12.29 24.75
CA THR B 721 43.08 12.65 23.45
C THR B 721 41.60 12.34 23.43
N GLU B 722 40.79 13.33 23.06
CA GLU B 722 39.35 13.18 22.91
C GLU B 722 38.97 13.54 21.49
N ILE B 723 38.26 12.64 20.82
CA ILE B 723 37.93 12.78 19.40
C ILE B 723 36.42 12.86 19.25
N LEU B 724 35.96 13.90 18.55
CA LEU B 724 34.53 14.14 18.39
C LEU B 724 34.23 14.45 16.93
N PRO B 725 33.28 13.74 16.31
CA PRO B 725 32.83 14.15 14.97
C PRO B 725 32.20 15.52 15.02
N VAL B 726 32.41 16.30 13.97
CA VAL B 726 31.93 17.68 13.95
C VAL B 726 31.04 17.89 12.73
N SER B 727 31.28 17.13 11.67
CA SER B 727 30.53 17.31 10.44
C SER B 727 30.50 16.00 9.67
N MET B 728 29.50 15.87 8.81
CA MET B 728 29.31 14.73 7.94
C MET B 728 29.36 15.21 6.49
N THR B 729 29.52 14.25 5.57
CA THR B 729 29.65 14.60 4.16
C THR B 729 28.40 15.32 3.67
N LYS B 730 28.60 16.41 2.93
CA LYS B 730 27.50 17.24 2.46
C LYS B 730 26.94 16.66 1.16
N THR B 731 26.33 15.49 1.29
CA THR B 731 25.78 14.82 0.14
C THR B 731 24.51 15.53 -0.33
N SER B 732 24.07 15.19 -1.54
CA SER B 732 22.85 15.74 -2.10
C SER B 732 22.36 14.81 -3.19
N VAL B 733 21.18 14.22 -2.98
CA VAL B 733 20.57 13.29 -3.91
C VAL B 733 19.46 14.01 -4.66
N ASP B 734 19.48 13.95 -5.98
CA ASP B 734 18.49 14.63 -6.80
C ASP B 734 17.28 13.72 -6.98
N CYS B 735 16.11 14.24 -6.63
CA CYS B 735 14.88 13.45 -6.66
C CYS B 735 14.61 12.89 -8.06
N THR B 736 14.61 13.75 -9.07
CA THR B 736 14.22 13.32 -10.40
C THR B 736 15.28 12.42 -11.02
N MET B 737 16.54 12.82 -10.91
CA MET B 737 17.62 12.03 -11.50
C MET B 737 17.72 10.66 -10.84
N TYR B 738 17.40 10.57 -9.56
CA TYR B 738 17.47 9.26 -8.89
C TYR B 738 16.27 8.40 -9.23
N ILE B 739 15.07 8.90 -8.96
CA ILE B 739 13.87 8.07 -9.13
C ILE B 739 13.66 7.71 -10.61
N CYS B 740 14.00 8.62 -11.52
CA CYS B 740 13.83 8.38 -12.94
C CYS B 740 15.14 8.68 -13.66
N GLY B 741 15.38 7.96 -14.76
CA GLY B 741 16.56 8.22 -15.56
C GLY B 741 16.40 9.44 -16.44
N ASP B 742 16.96 9.40 -17.65
CA ASP B 742 16.74 10.46 -18.61
C ASP B 742 15.33 10.43 -19.20
N SER B 743 14.56 9.38 -18.91
CA SER B 743 13.20 9.27 -19.43
C SER B 743 12.33 10.42 -18.93
N THR B 744 11.56 10.99 -19.85
CA THR B 744 10.60 12.04 -19.50
C THR B 744 9.24 11.48 -19.12
N GLU B 745 8.87 10.31 -19.64
CA GLU B 745 7.63 9.68 -19.22
C GLU B 745 7.67 9.32 -17.74
N CYS B 746 8.82 8.84 -17.26
CA CYS B 746 8.96 8.56 -15.84
C CYS B 746 8.84 9.83 -15.00
N SER B 747 9.42 10.93 -15.46
CA SER B 747 9.31 12.20 -14.73
C SER B 747 7.86 12.66 -14.70
N ASN B 748 7.14 12.51 -15.81
CA ASN B 748 5.72 12.85 -15.84
C ASN B 748 4.93 11.99 -14.87
N LEU B 749 5.27 10.70 -14.79
CA LEU B 749 4.62 9.83 -13.82
C LEU B 749 4.90 10.27 -12.39
N LEU B 750 6.15 10.61 -12.09
CA LEU B 750 6.53 11.02 -10.74
C LEU B 750 5.88 12.35 -10.37
N LEU B 751 5.61 13.20 -11.36
CA LEU B 751 4.96 14.48 -11.07
C LEU B 751 3.57 14.31 -10.46
N GLN B 752 2.95 13.13 -10.61
CA GLN B 752 1.67 12.89 -9.96
C GLN B 752 1.80 12.95 -8.44
N TYR B 753 2.88 12.38 -7.90
CA TYR B 753 3.17 12.55 -6.48
C TYR B 753 3.51 14.01 -6.21
N GLY B 754 2.88 14.60 -5.20
CA GLY B 754 2.86 16.04 -5.06
C GLY B 754 4.18 16.72 -4.81
N SER B 755 4.74 16.52 -3.62
CA SER B 755 5.94 17.24 -3.23
C SER B 755 6.88 16.36 -2.40
N PHE B 756 6.77 15.04 -2.56
CA PHE B 756 7.64 14.14 -1.81
C PHE B 756 9.10 14.44 -2.08
N CYS B 757 9.47 14.49 -3.35
CA CYS B 757 10.87 14.65 -3.71
C CYS B 757 11.37 16.08 -3.51
N THR B 758 10.51 17.09 -3.65
CA THR B 758 10.88 18.44 -3.25
C THR B 758 11.17 18.50 -1.75
N GLN B 759 10.35 17.81 -0.95
CA GLN B 759 10.61 17.71 0.49
C GLN B 759 11.97 17.07 0.75
N LEU B 760 12.26 15.99 0.03
CA LEU B 760 13.54 15.30 0.23
C LEU B 760 14.72 16.20 -0.13
N ASN B 761 14.62 16.91 -1.25
CA ASN B 761 15.70 17.80 -1.66
C ASN B 761 15.90 18.93 -0.66
N ARG B 762 14.80 19.50 -0.15
CA ARG B 762 14.91 20.55 0.86
C ARG B 762 15.56 20.03 2.12
N ALA B 763 15.20 18.81 2.55
CA ALA B 763 15.81 18.23 3.74
C ALA B 763 17.30 18.03 3.56
N LEU B 764 17.72 17.54 2.40
CA LEU B 764 19.15 17.33 2.15
C LEU B 764 19.92 18.64 2.11
N THR B 765 19.35 19.67 1.48
CA THR B 765 20.03 20.96 1.47
C THR B 765 20.13 21.54 2.88
N GLY B 766 19.07 21.38 3.68
CA GLY B 766 19.13 21.80 5.07
C GLY B 766 20.22 21.08 5.84
N ILE B 767 20.37 19.77 5.60
CA ILE B 767 21.42 19.01 6.26
C ILE B 767 22.80 19.56 5.88
N ALA B 768 23.00 19.85 4.59
CA ALA B 768 24.29 20.37 4.15
C ALA B 768 24.60 21.72 4.80
N VAL B 769 23.63 22.63 4.79
CA VAL B 769 23.84 23.95 5.38
C VAL B 769 24.11 23.82 6.87
N GLU B 770 23.39 22.92 7.54
CA GLU B 770 23.62 22.70 8.97
C GLU B 770 25.01 22.13 9.23
N GLN B 771 25.52 21.31 8.32
CA GLN B 771 26.90 20.83 8.47
C GLN B 771 27.90 21.96 8.37
N ASP B 772 27.68 22.87 7.42
CA ASP B 772 28.55 24.05 7.31
C ASP B 772 28.50 24.86 8.60
N LYS B 773 27.30 25.06 9.14
CA LYS B 773 27.16 25.79 10.39
C LYS B 773 27.83 25.07 11.55
N ASN B 774 27.77 23.73 11.55
CA ASN B 774 28.43 22.95 12.59
C ASN B 774 29.92 23.20 12.59
N THR B 775 30.55 23.09 11.42
CA THR B 775 31.99 23.33 11.34
C THR B 775 32.34 24.75 11.76
N GLN B 776 31.57 25.73 11.26
CA GLN B 776 31.85 27.13 11.59
C GLN B 776 31.73 27.40 13.08
N GLU B 777 30.68 26.86 13.71
CA GLU B 777 30.46 27.10 15.13
C GLU B 777 31.51 26.39 15.98
N VAL B 778 31.93 25.20 15.56
CA VAL B 778 32.93 24.46 16.34
C VAL B 778 34.27 25.15 16.28
N PHE B 779 34.70 25.57 15.10
CA PHE B 779 36.08 26.03 14.93
C PHE B 779 36.24 27.54 15.00
N ALA B 780 35.31 28.31 14.43
CA ALA B 780 35.43 29.77 14.40
C ALA B 780 34.98 30.40 15.72
N GLN B 781 35.72 30.06 16.78
CA GLN B 781 35.47 30.61 18.10
C GLN B 781 36.26 31.88 18.38
N VAL B 782 37.13 32.29 17.48
CA VAL B 782 38.05 33.40 17.71
C VAL B 782 37.81 34.48 16.67
N LYS B 783 37.83 35.74 17.11
CA LYS B 783 37.59 36.86 16.22
C LYS B 783 38.80 37.14 15.33
N GLN B 784 40.00 37.09 15.87
CA GLN B 784 41.21 37.48 15.18
C GLN B 784 42.19 36.33 15.12
N ILE B 785 42.81 36.15 13.95
CA ILE B 785 43.78 35.07 13.77
C ILE B 785 45.07 35.46 14.48
N TYR B 786 45.49 34.65 15.44
CA TYR B 786 46.68 34.89 16.23
C TYR B 786 47.88 34.17 15.63
N LYS B 787 49.06 34.64 15.99
CA LYS B 787 50.30 34.05 15.51
C LYS B 787 51.30 33.95 16.64
N THR B 788 51.93 32.79 16.77
CA THR B 788 52.96 32.59 17.77
C THR B 788 54.22 33.37 17.39
N PRO B 789 54.99 33.83 18.36
CA PRO B 789 56.19 34.58 18.04
C PRO B 789 57.17 33.73 17.26
N PRO B 790 57.99 34.35 16.40
CA PRO B 790 58.96 33.56 15.61
C PRO B 790 59.93 32.77 16.46
N ILE B 791 60.30 33.28 17.63
CA ILE B 791 61.14 32.54 18.56
C ILE B 791 60.24 31.72 19.48
N LYS B 792 60.78 30.63 20.01
CA LYS B 792 60.04 29.70 20.87
C LYS B 792 60.80 29.51 22.17
N ASP B 793 60.51 30.37 23.15
CA ASP B 793 61.08 30.25 24.50
C ASP B 793 59.94 30.36 25.50
N PHE B 794 59.32 29.22 25.80
CA PHE B 794 58.20 29.17 26.72
C PHE B 794 58.60 28.60 28.08
N GLY B 795 59.81 28.87 28.54
CA GLY B 795 60.25 28.41 29.84
C GLY B 795 60.60 26.94 29.92
N GLY B 796 60.64 26.24 28.79
CA GLY B 796 60.93 24.81 28.75
C GLY B 796 59.84 24.01 28.05
N PHE B 797 58.61 24.51 28.04
CA PHE B 797 57.52 23.84 27.37
C PHE B 797 57.77 23.83 25.86
N ASN B 798 57.55 22.68 25.24
CA ASN B 798 57.86 22.47 23.83
C ASN B 798 56.56 22.20 23.08
N PHE B 799 56.21 23.10 22.17
CA PHE B 799 54.99 22.99 21.37
C PHE B 799 55.29 22.64 19.91
N SER B 800 56.46 22.06 19.63
CA SER B 800 56.81 21.76 18.25
C SER B 800 55.88 20.72 17.64
N GLN B 801 55.52 19.69 18.39
CA GLN B 801 54.71 18.60 17.86
C GLN B 801 53.24 18.95 17.73
N ILE B 802 52.85 20.17 18.12
CA ILE B 802 51.44 20.53 18.15
C ILE B 802 51.14 21.82 17.38
N LEU B 803 52.11 22.72 17.17
CA LEU B 803 52.00 23.96 16.40
C LEU B 803 52.30 23.70 14.92
N PRO B 804 51.78 24.53 14.02
CA PRO B 804 52.06 24.34 12.60
C PRO B 804 53.54 24.43 12.29
N ASP B 805 53.99 23.59 11.36
CA ASP B 805 55.39 23.58 10.92
C ASP B 805 55.48 24.11 9.50
N PRO B 806 56.19 25.22 9.27
CA PRO B 806 56.29 25.75 7.90
C PRO B 806 57.00 24.83 6.94
N SER B 807 57.77 23.85 7.42
CA SER B 807 58.47 22.93 6.52
C SER B 807 57.49 22.15 5.67
N LYS B 808 56.40 21.68 6.26
CA LYS B 808 55.35 21.04 5.50
C LYS B 808 54.70 22.05 4.55
N PRO B 809 54.30 21.63 3.34
CA PRO B 809 53.62 22.57 2.42
C PRO B 809 52.37 23.16 3.04
N SER B 810 51.44 22.29 3.47
CA SER B 810 50.29 22.77 4.22
C SER B 810 50.71 23.12 5.64
N LYS B 811 50.07 24.14 6.21
CA LYS B 811 50.40 24.60 7.56
C LYS B 811 49.61 23.76 8.57
N ARG B 812 49.94 22.47 8.61
CA ARG B 812 49.31 21.52 9.50
C ARG B 812 50.36 20.95 10.44
N SER B 813 50.02 20.88 11.73
CA SER B 813 50.94 20.36 12.73
C SER B 813 51.17 18.87 12.50
N PRO B 814 52.26 18.32 13.03
CA PRO B 814 52.52 16.87 12.85
C PRO B 814 51.40 15.99 13.37
N ILE B 815 50.77 16.36 14.49
CA ILE B 815 49.66 15.57 14.99
C ILE B 815 48.48 15.64 14.03
N GLU B 816 48.23 16.82 13.45
CA GLU B 816 47.18 16.93 12.45
C GLU B 816 47.50 16.09 11.23
N ASP B 817 48.78 16.03 10.83
CA ASP B 817 49.17 15.17 9.72
C ASP B 817 48.90 13.71 10.05
N LEU B 818 49.24 13.29 11.27
CA LEU B 818 48.98 11.92 11.69
C LEU B 818 47.49 11.62 11.64
N LEU B 819 46.66 12.54 12.12
CA LEU B 819 45.22 12.32 12.10
C LEU B 819 44.68 12.24 10.68
N PHE B 820 45.15 13.14 9.80
CA PHE B 820 44.67 13.14 8.43
C PHE B 820 45.09 11.87 7.68
N ASN B 821 46.28 11.36 7.98
CA ASN B 821 46.70 10.11 7.36
C ASN B 821 45.95 8.92 7.94
N LYS B 822 45.62 8.97 9.24
CA LYS B 822 44.89 7.86 9.86
C LYS B 822 43.46 7.78 9.35
N VAL B 823 42.80 8.93 9.16
CA VAL B 823 41.41 8.93 8.73
C VAL B 823 41.36 8.62 7.23
N THR B 824 40.70 7.54 6.87
CA THR B 824 40.58 7.11 5.48
C THR B 824 39.12 6.89 5.11
N LYS B 851 29.55 6.14 -11.86
CA LYS B 851 29.78 6.55 -10.47
C LYS B 851 28.68 7.48 -10.00
N PHE B 852 28.13 8.27 -10.91
CA PHE B 852 27.11 9.26 -10.61
C PHE B 852 25.76 8.75 -11.09
N ASN B 853 24.80 8.67 -10.18
CA ASN B 853 23.41 8.36 -10.48
C ASN B 853 22.49 9.47 -9.99
N GLY B 854 22.87 10.71 -10.24
CA GLY B 854 22.21 11.85 -9.66
C GLY B 854 22.74 12.27 -8.31
N LEU B 855 23.94 11.81 -7.95
CA LEU B 855 24.50 12.02 -6.62
C LEU B 855 25.70 12.96 -6.74
N THR B 856 25.67 14.06 -5.99
CA THR B 856 26.77 15.00 -5.96
C THR B 856 27.10 15.34 -4.51
N VAL B 857 28.39 15.32 -4.18
CA VAL B 857 28.86 15.72 -2.86
C VAL B 857 29.32 17.17 -2.94
N LEU B 858 28.80 17.99 -2.04
CA LEU B 858 29.14 19.41 -2.05
C LEU B 858 30.36 19.65 -1.17
N PRO B 859 31.37 20.35 -1.68
CA PRO B 859 32.55 20.60 -0.86
C PRO B 859 32.19 21.48 0.33
N PRO B 860 32.86 21.28 1.46
CA PRO B 860 32.56 22.10 2.64
C PRO B 860 32.96 23.54 2.43
N LEU B 861 32.25 24.44 3.11
CA LEU B 861 32.56 25.86 3.01
C LEU B 861 33.95 26.17 3.53
N LEU B 862 34.34 25.53 4.64
CA LEU B 862 35.67 25.72 5.22
C LEU B 862 36.55 24.55 4.80
N THR B 863 37.56 24.84 3.98
CA THR B 863 38.49 23.80 3.59
C THR B 863 39.37 23.41 4.77
N ASP B 864 40.08 22.28 4.60
CA ASP B 864 40.93 21.77 5.67
C ASP B 864 42.05 22.74 6.01
N GLU B 865 42.58 23.44 5.00
CA GLU B 865 43.62 24.43 5.25
C GLU B 865 43.12 25.54 6.16
N MET B 866 41.92 26.05 5.90
CA MET B 866 41.40 27.13 6.71
C MET B 866 40.93 26.67 8.09
N ILE B 867 40.46 25.41 8.19
CA ILE B 867 40.19 24.84 9.51
C ILE B 867 41.47 24.73 10.31
N ALA B 868 42.56 24.30 9.67
CA ALA B 868 43.85 24.25 10.34
C ALA B 868 44.31 25.63 10.74
N GLN B 869 44.04 26.64 9.92
CA GLN B 869 44.38 28.01 10.30
C GLN B 869 43.58 28.46 11.52
N TYR B 870 42.29 28.09 11.58
CA TYR B 870 41.47 28.41 12.74
C TYR B 870 42.04 27.77 14.00
N THR B 871 42.41 26.48 13.91
CA THR B 871 42.96 25.81 15.07
C THR B 871 44.32 26.39 15.47
N SER B 872 45.12 26.79 14.48
CA SER B 872 46.40 27.41 14.78
C SER B 872 46.20 28.75 15.50
N ALA B 873 45.22 29.54 15.06
CA ALA B 873 44.93 30.80 15.73
C ALA B 873 44.49 30.55 17.17
N LEU B 874 43.58 29.60 17.36
CA LEU B 874 43.13 29.25 18.70
C LEU B 874 44.30 28.82 19.57
N LEU B 875 45.18 27.99 19.03
CA LEU B 875 46.28 27.42 19.80
C LEU B 875 47.29 28.49 20.18
N ALA B 876 47.68 29.34 19.22
CA ALA B 876 48.64 30.40 19.51
C ALA B 876 48.05 31.41 20.48
N GLY B 877 46.78 31.76 20.31
CA GLY B 877 46.14 32.64 21.27
C GLY B 877 46.13 32.06 22.66
N THR B 878 45.83 30.76 22.78
CA THR B 878 45.89 30.10 24.07
C THR B 878 47.29 30.22 24.67
N ILE B 879 48.31 29.83 23.89
CA ILE B 879 49.67 29.81 24.42
C ILE B 879 50.10 31.17 24.91
N THR B 880 49.83 32.22 24.13
CA THR B 880 50.34 33.54 24.46
C THR B 880 49.40 34.36 25.35
N SER B 881 48.16 33.93 25.57
CA SER B 881 47.25 34.75 26.36
C SER B 881 46.71 34.04 27.60
N GLY B 882 46.30 32.78 27.46
CA GLY B 882 45.55 32.12 28.52
C GLY B 882 44.07 32.10 28.20
N TRP B 883 43.25 32.42 29.20
CA TRP B 883 41.81 32.50 28.98
C TRP B 883 41.36 33.86 28.47
N THR B 884 42.24 34.87 28.53
CA THR B 884 41.82 36.24 28.22
C THR B 884 41.47 36.44 26.75
N PHE B 885 42.14 35.74 25.84
CA PHE B 885 41.86 35.92 24.42
C PHE B 885 40.48 35.42 24.03
N GLY B 886 39.86 34.59 24.87
CA GLY B 886 38.49 34.18 24.67
C GLY B 886 37.47 34.95 25.49
N ALA B 887 37.89 35.94 26.27
CA ALA B 887 36.99 36.74 27.08
C ALA B 887 37.11 38.23 26.80
N GLY B 888 38.06 38.63 25.96
CA GLY B 888 38.23 40.01 25.60
C GLY B 888 39.46 40.26 24.76
N PRO B 889 40.15 41.37 24.99
CA PRO B 889 41.41 41.61 24.29
C PRO B 889 42.44 40.54 24.66
N ALA B 890 43.29 40.20 23.70
CA ALA B 890 44.34 39.23 23.96
C ALA B 890 45.42 39.85 24.82
N LEU B 891 45.57 39.33 26.03
CA LEU B 891 46.53 39.86 27.00
C LEU B 891 47.71 38.91 27.07
N GLN B 892 48.89 39.42 26.72
CA GLN B 892 50.09 38.59 26.76
C GLN B 892 50.46 38.25 28.19
N ILE B 893 50.98 37.04 28.39
CA ILE B 893 51.45 36.58 29.69
C ILE B 893 52.46 35.47 29.46
N PRO B 894 53.59 35.49 30.16
CA PRO B 894 54.56 34.40 30.02
C PRO B 894 53.95 33.06 30.41
N PHE B 895 54.33 32.01 29.67
CA PHE B 895 53.73 30.71 29.90
C PHE B 895 53.96 30.16 31.30
N PRO B 896 55.13 30.32 31.93
CA PRO B 896 55.22 29.92 33.34
C PRO B 896 54.20 30.60 34.23
N MET B 897 53.94 31.89 34.04
CA MET B 897 52.91 32.56 34.83
C MET B 897 51.52 32.07 34.49
N GLN B 898 51.24 31.78 33.22
CA GLN B 898 49.95 31.22 32.88
C GLN B 898 49.75 29.86 33.54
N MET B 899 50.78 29.02 33.55
CA MET B 899 50.67 27.72 34.20
C MET B 899 50.55 27.87 35.72
N ALA B 900 51.18 28.90 36.28
CA ALA B 900 50.97 29.18 37.70
C ALA B 900 49.52 29.56 37.96
N TYR B 901 48.91 30.32 37.06
CA TYR B 901 47.50 30.64 37.19
C TYR B 901 46.65 29.37 37.13
N ARG B 902 46.97 28.46 36.21
CA ARG B 902 46.21 27.22 36.13
C ARG B 902 46.36 26.38 37.39
N PHE B 903 47.59 26.27 37.90
CA PHE B 903 47.82 25.53 39.13
C PHE B 903 47.05 26.13 40.30
N ASN B 904 47.07 27.46 40.41
CA ASN B 904 46.25 28.12 41.42
C ASN B 904 44.77 27.85 41.20
N GLY B 905 44.38 27.65 39.94
CA GLY B 905 42.99 27.30 39.66
C GLY B 905 42.61 25.92 40.17
N ILE B 906 43.53 24.95 40.06
CA ILE B 906 43.22 23.60 40.50
C ILE B 906 43.46 23.45 42.00
N GLY B 907 43.79 24.55 42.67
CA GLY B 907 43.97 24.55 44.10
C GLY B 907 45.37 24.31 44.59
N VAL B 908 46.37 24.30 43.70
CA VAL B 908 47.76 24.12 44.08
C VAL B 908 48.47 25.46 43.97
N THR B 909 49.18 25.84 45.03
CA THR B 909 49.82 27.15 45.05
C THR B 909 50.91 27.23 43.99
N GLN B 910 51.15 28.45 43.50
CA GLN B 910 52.10 28.68 42.42
C GLN B 910 53.52 28.28 42.79
N ASN B 911 53.81 28.20 44.09
CA ASN B 911 55.14 27.79 44.55
C ASN B 911 55.54 26.45 43.95
N VAL B 912 54.58 25.53 43.84
CA VAL B 912 54.87 24.19 43.33
C VAL B 912 55.41 24.28 41.91
N LEU B 913 54.72 25.03 41.03
CA LEU B 913 55.20 25.16 39.66
C LEU B 913 56.50 25.93 39.60
N TYR B 914 56.61 27.04 40.33
CA TYR B 914 57.83 27.83 40.23
C TYR B 914 59.04 27.12 40.82
N GLU B 915 58.84 26.04 41.57
CA GLU B 915 59.95 25.21 42.00
C GLU B 915 60.17 23.96 41.15
N ASN B 916 59.13 23.48 40.46
CA ASN B 916 59.24 22.27 39.64
C ASN B 916 58.99 22.55 38.16
N GLN B 917 59.33 23.76 37.71
CA GLN B 917 59.10 24.14 36.31
C GLN B 917 59.77 23.19 35.34
N LYS B 918 61.04 22.85 35.59
CA LYS B 918 61.76 21.98 34.66
C LYS B 918 61.12 20.60 34.59
N LEU B 919 60.75 20.04 35.75
CA LEU B 919 60.11 18.74 35.77
C LEU B 919 58.76 18.77 35.06
N ILE B 920 57.98 19.83 35.27
CA ILE B 920 56.67 19.93 34.64
C ILE B 920 56.81 20.06 33.13
N ALA B 921 57.77 20.87 32.68
CA ALA B 921 58.00 20.99 31.24
C ALA B 921 58.42 19.67 30.62
N ASN B 922 59.32 18.94 31.29
CA ASN B 922 59.74 17.65 30.77
C ASN B 922 58.57 16.67 30.71
N GLN B 923 57.74 16.65 31.76
CA GLN B 923 56.59 15.76 31.76
C GLN B 923 55.61 16.10 30.65
N PHE B 924 55.35 17.39 30.44
CA PHE B 924 54.42 17.80 29.40
C PHE B 924 54.95 17.43 28.00
N ASN B 925 56.24 17.65 27.77
CA ASN B 925 56.82 17.29 26.48
C ASN B 925 56.74 15.78 26.25
N SER B 926 57.08 14.99 27.28
CA SER B 926 57.01 13.54 27.15
C SER B 926 55.58 13.09 26.90
N ALA B 927 54.62 13.73 27.55
CA ALA B 927 53.21 13.36 27.35
C ALA B 927 52.76 13.67 25.93
N ILE B 928 53.18 14.81 25.39
CA ILE B 928 52.84 15.13 24.00
C ILE B 928 53.44 14.09 23.05
N GLY B 929 54.70 13.74 23.28
CA GLY B 929 55.32 12.71 22.45
C GLY B 929 54.62 11.38 22.53
N LYS B 930 54.22 10.98 23.75
CA LYS B 930 53.50 9.72 23.92
C LYS B 930 52.14 9.75 23.24
N ILE B 931 51.45 10.89 23.27
CA ILE B 931 50.19 10.99 22.54
C ILE B 931 50.42 10.82 21.04
N GLN B 932 51.47 11.44 20.52
CA GLN B 932 51.79 11.26 19.10
C GLN B 932 52.04 9.79 18.79
N ASP B 933 52.82 9.12 19.62
CA ASP B 933 53.15 7.72 19.37
C ASP B 933 51.90 6.84 19.46
N SER B 934 51.03 7.10 20.44
CA SER B 934 49.82 6.31 20.59
C SER B 934 48.88 6.49 19.41
N LEU B 935 48.73 7.74 18.94
CA LEU B 935 47.90 7.98 17.76
C LEU B 935 48.47 7.27 16.54
N SER B 936 49.80 7.30 16.39
CA SER B 936 50.43 6.62 15.25
C SER B 936 50.24 5.11 15.33
N SER B 937 50.35 4.53 16.53
CA SER B 937 50.37 3.08 16.65
C SER B 937 48.98 2.48 16.62
N THR B 938 48.05 3.04 17.40
CA THR B 938 46.73 2.41 17.54
C THR B 938 45.97 2.51 16.23
N PRO B 939 45.48 1.39 15.67
CA PRO B 939 44.81 1.46 14.36
C PRO B 939 43.39 1.99 14.46
N SER B 940 42.67 1.68 15.53
CA SER B 940 41.30 2.13 15.72
C SER B 940 41.21 3.39 16.59
N ALA B 941 42.26 4.22 16.57
CA ALA B 941 42.24 5.43 17.38
C ALA B 941 41.19 6.41 16.88
N LEU B 942 41.10 6.62 15.57
CA LEU B 942 40.12 7.53 14.99
C LEU B 942 38.79 6.82 14.74
N GLY B 943 38.31 6.15 15.78
CA GLY B 943 37.15 5.29 15.64
C GLY B 943 35.88 6.05 15.31
N LYS B 944 35.65 7.17 15.99
CA LYS B 944 34.39 7.90 15.80
C LYS B 944 34.29 8.48 14.40
N LEU B 945 35.32 9.18 13.95
CA LEU B 945 35.30 9.76 12.61
C LEU B 945 35.27 8.67 11.55
N GLN B 946 36.06 7.62 11.73
CA GLN B 946 36.06 6.52 10.75
C GLN B 946 34.68 5.87 10.67
N ASP B 947 34.02 5.69 11.82
CA ASP B 947 32.69 5.09 11.83
C ASP B 947 31.67 6.00 11.16
N VAL B 948 31.76 7.31 11.38
CA VAL B 948 30.83 8.23 10.72
C VAL B 948 30.99 8.16 9.21
N VAL B 949 32.24 8.19 8.74
CA VAL B 949 32.49 8.14 7.30
C VAL B 949 32.00 6.80 6.74
N ASN B 950 32.28 5.70 7.44
CA ASN B 950 31.86 4.39 6.96
C ASN B 950 30.34 4.27 6.92
N GLN B 951 29.65 4.82 7.93
CA GLN B 951 28.20 4.76 7.95
C GLN B 951 27.60 5.55 6.79
N ASN B 952 28.13 6.75 6.53
CA ASN B 952 27.62 7.53 5.41
C ASN B 952 27.87 6.81 4.08
N ALA B 953 29.07 6.26 3.92
CA ALA B 953 29.38 5.52 2.69
C ALA B 953 28.47 4.31 2.53
N GLN B 954 28.20 3.59 3.62
CA GLN B 954 27.33 2.42 3.57
C GLN B 954 25.91 2.81 3.20
N ALA B 955 25.40 3.90 3.78
CA ALA B 955 24.05 4.35 3.44
C ALA B 955 23.96 4.75 1.97
N LEU B 956 24.96 5.48 1.47
CA LEU B 956 24.96 5.86 0.08
C LEU B 956 25.06 4.64 -0.83
N ASN B 957 25.88 3.66 -0.45
CA ASN B 957 26.04 2.46 -1.26
C ASN B 957 24.74 1.67 -1.34
N THR B 958 24.04 1.53 -0.21
CA THR B 958 22.77 0.80 -0.27
C THR B 958 21.71 1.59 -1.02
N LEU B 959 21.74 2.92 -0.95
CA LEU B 959 20.82 3.72 -1.75
C LEU B 959 21.05 3.51 -3.24
N VAL B 960 22.32 3.44 -3.65
CA VAL B 960 22.62 3.21 -5.06
C VAL B 960 22.25 1.78 -5.45
N LYS B 961 22.51 0.81 -4.56
CA LYS B 961 22.19 -0.57 -4.87
C LYS B 961 20.68 -0.79 -4.99
N GLN B 962 19.88 0.06 -4.34
CA GLN B 962 18.43 -0.04 -4.49
C GLN B 962 17.97 0.27 -5.91
N LEU B 963 18.82 0.88 -6.73
CA LEU B 963 18.45 1.15 -8.13
C LEU B 963 18.28 -0.14 -8.91
N SER B 964 19.10 -1.15 -8.64
CA SER B 964 19.06 -2.40 -9.39
C SER B 964 17.99 -3.36 -8.90
N SER B 965 17.28 -3.03 -7.83
CA SER B 965 16.24 -3.92 -7.33
C SER B 965 15.05 -3.94 -8.29
N ASN B 966 14.41 -5.10 -8.38
CA ASN B 966 13.32 -5.28 -9.34
C ASN B 966 12.06 -4.54 -8.91
N PHE B 967 11.74 -4.55 -7.62
CA PHE B 967 10.56 -3.89 -7.06
C PHE B 967 9.26 -4.41 -7.65
N GLY B 968 9.26 -5.60 -8.24
CA GLY B 968 8.07 -6.18 -8.80
C GLY B 968 7.80 -5.88 -10.26
N ALA B 969 8.58 -5.02 -10.88
CA ALA B 969 8.41 -4.74 -12.30
C ALA B 969 8.99 -5.89 -13.13
N ILE B 970 8.88 -5.76 -14.45
CA ILE B 970 9.47 -6.77 -15.32
C ILE B 970 10.99 -6.67 -15.36
N SER B 971 11.54 -5.49 -15.08
CA SER B 971 12.99 -5.32 -15.06
C SER B 971 13.31 -4.10 -14.21
N SER B 972 14.57 -4.02 -13.78
CA SER B 972 15.05 -2.90 -12.99
C SER B 972 15.60 -1.77 -13.84
N VAL B 973 15.67 -1.95 -15.16
CA VAL B 973 16.20 -0.94 -16.07
C VAL B 973 15.03 -0.12 -16.59
N LEU B 974 15.05 1.18 -16.30
CA LEU B 974 13.97 2.05 -16.73
C LEU B 974 13.90 2.13 -18.25
N ASN B 975 15.04 2.17 -18.92
CA ASN B 975 15.05 2.19 -20.38
C ASN B 975 14.50 0.88 -20.95
N ASP B 976 14.83 -0.24 -20.31
CA ASP B 976 14.27 -1.52 -20.73
C ASP B 976 12.76 -1.51 -20.60
N ILE B 977 12.26 -0.97 -19.48
CA ILE B 977 10.81 -0.88 -19.30
C ILE B 977 10.19 0.02 -20.35
N LEU B 978 10.80 1.18 -20.62
CA LEU B 978 10.24 2.13 -21.57
C LEU B 978 10.18 1.52 -22.97
N SER B 979 11.27 0.90 -23.42
CA SER B 979 11.23 0.13 -24.64
C SER B 979 10.48 -1.17 -24.42
N ARG B 980 10.26 -1.91 -25.51
CA ARG B 980 9.57 -3.21 -25.50
C ARG B 980 8.39 -3.21 -24.53
N LEU B 981 7.56 -2.17 -24.61
CA LEU B 981 6.39 -2.03 -23.74
C LEU B 981 5.45 -0.97 -24.27
N ASP B 982 4.17 -1.29 -24.37
CA ASP B 982 3.19 -0.29 -24.71
C ASP B 982 2.86 0.57 -23.48
N PRO B 983 2.46 1.82 -23.70
CA PRO B 983 2.20 2.74 -22.57
C PRO B 983 1.18 2.20 -21.58
N PRO B 984 0.08 1.56 -22.01
CA PRO B 984 -0.96 1.22 -21.00
C PRO B 984 -0.46 0.37 -19.84
N GLU B 985 0.50 -0.52 -20.06
CA GLU B 985 1.10 -1.27 -18.96
C GLU B 985 2.48 -0.76 -18.55
N ALA B 986 3.16 -0.04 -19.45
CA ALA B 986 4.39 0.64 -19.04
C ALA B 986 4.11 1.64 -17.92
N GLU B 987 2.91 2.23 -17.91
CA GLU B 987 2.54 3.13 -16.82
C GLU B 987 2.53 2.41 -15.49
N VAL B 988 1.95 1.20 -15.43
CA VAL B 988 1.88 0.49 -14.16
C VAL B 988 3.26 -0.02 -13.75
N GLN B 989 4.08 -0.47 -14.71
CA GLN B 989 5.44 -0.88 -14.38
C GLN B 989 6.25 0.28 -13.82
N ILE B 990 6.16 1.45 -14.49
CA ILE B 990 6.84 2.64 -14.02
C ILE B 990 6.31 3.04 -12.65
N ASP B 991 5.00 2.87 -12.42
CA ASP B 991 4.44 3.23 -11.12
C ASP B 991 5.01 2.36 -10.01
N ARG B 992 5.15 1.06 -10.27
CA ARG B 992 5.79 0.18 -9.28
C ARG B 992 7.22 0.62 -9.01
N LEU B 993 7.96 0.93 -10.07
CA LEU B 993 9.34 1.38 -9.90
C LEU B 993 9.39 2.69 -9.09
N ILE B 994 8.47 3.61 -9.38
CA ILE B 994 8.42 4.88 -8.64
C ILE B 994 8.14 4.62 -7.17
N THR B 995 7.17 3.77 -6.86
CA THR B 995 6.87 3.48 -5.47
C THR B 995 8.08 2.93 -4.74
N GLY B 996 8.75 1.94 -5.35
CA GLY B 996 9.91 1.36 -4.70
C GLY B 996 11.05 2.34 -4.51
N ARG B 997 11.38 3.09 -5.55
CA ARG B 997 12.53 4.00 -5.48
C ARG B 997 12.25 5.17 -4.56
N LEU B 998 11.01 5.68 -4.55
CA LEU B 998 10.65 6.74 -3.63
C LEU B 998 10.69 6.25 -2.19
N GLN B 999 10.24 5.02 -1.93
CA GLN B 999 10.36 4.47 -0.58
C GLN B 999 11.82 4.37 -0.16
N SER B 1000 12.68 3.91 -1.06
CA SER B 1000 14.11 3.80 -0.74
C SER B 1000 14.72 5.16 -0.45
N LEU B 1001 14.40 6.16 -1.28
CA LEU B 1001 14.96 7.50 -1.09
C LEU B 1001 14.45 8.13 0.20
N GLN B 1002 13.16 7.94 0.52
CA GLN B 1002 12.62 8.47 1.76
C GLN B 1002 13.27 7.82 2.96
N THR B 1003 13.49 6.50 2.91
CA THR B 1003 14.18 5.83 4.01
C THR B 1003 15.60 6.39 4.17
N TYR B 1004 16.31 6.57 3.06
CA TYR B 1004 17.66 7.11 3.15
C TYR B 1004 17.66 8.52 3.72
N VAL B 1005 16.71 9.35 3.30
CA VAL B 1005 16.67 10.73 3.78
C VAL B 1005 16.33 10.77 5.27
N THR B 1006 15.42 9.90 5.73
CA THR B 1006 15.11 9.87 7.15
C THR B 1006 16.31 9.41 7.97
N GLN B 1007 17.01 8.36 7.52
CA GLN B 1007 18.21 7.92 8.22
C GLN B 1007 19.27 9.02 8.24
N GLN B 1008 19.40 9.75 7.13
CA GLN B 1008 20.35 10.85 7.07
C GLN B 1008 19.97 11.96 8.04
N LEU B 1009 18.67 12.23 8.17
CA LEU B 1009 18.23 13.23 9.15
C LEU B 1009 18.58 12.80 10.57
N ILE B 1010 18.36 11.52 10.89
CA ILE B 1010 18.71 11.02 12.22
C ILE B 1010 20.20 11.17 12.46
N ARG B 1011 21.02 10.77 11.48
CA ARG B 1011 22.47 10.85 11.65
C ARG B 1011 22.94 12.29 11.72
N ALA B 1012 22.30 13.20 10.98
CA ALA B 1012 22.65 14.61 11.06
C ALA B 1012 22.28 15.19 12.42
N ALA B 1013 21.18 14.75 13.01
CA ALA B 1013 20.85 15.19 14.36
C ALA B 1013 21.89 14.69 15.36
N GLU B 1014 22.33 13.43 15.22
CA GLU B 1014 23.37 12.92 16.10
C GLU B 1014 24.67 13.70 15.94
N ILE B 1015 25.05 14.00 14.70
CA ILE B 1015 26.26 14.76 14.44
C ILE B 1015 26.11 16.20 14.96
N ARG B 1016 24.91 16.76 14.87
CA ARG B 1016 24.67 18.09 15.42
C ARG B 1016 24.85 18.10 16.94
N ALA B 1017 24.35 17.06 17.62
CA ALA B 1017 24.57 16.97 19.06
C ALA B 1017 26.05 16.85 19.38
N SER B 1018 26.78 16.02 18.61
CA SER B 1018 28.20 15.87 18.85
C SER B 1018 28.95 17.18 18.58
N ALA B 1019 28.52 17.94 17.57
CA ALA B 1019 29.19 19.18 17.24
C ALA B 1019 28.89 20.26 18.27
N ASN B 1020 27.67 20.28 18.81
CA ASN B 1020 27.36 21.19 19.91
C ASN B 1020 28.22 20.85 21.12
N LEU B 1021 28.37 19.56 21.43
CA LEU B 1021 29.23 19.16 22.53
C LEU B 1021 30.68 19.56 22.27
N ALA B 1022 31.14 19.41 21.02
CA ALA B 1022 32.51 19.79 20.69
C ALA B 1022 32.71 21.30 20.81
N ALA B 1023 31.73 22.09 20.38
CA ALA B 1023 31.84 23.54 20.48
C ALA B 1023 31.87 23.97 21.93
N THR B 1024 31.01 23.40 22.77
CA THR B 1024 31.06 23.76 24.19
C THR B 1024 32.33 23.24 24.85
N LYS B 1025 32.86 22.10 24.42
CA LYS B 1025 34.13 21.64 24.97
C LYS B 1025 35.26 22.57 24.59
N MET B 1026 35.29 23.03 23.34
CA MET B 1026 36.27 24.03 22.95
C MET B 1026 36.16 25.27 23.82
N SER B 1027 34.95 25.83 23.93
CA SER B 1027 34.75 27.06 24.67
C SER B 1027 35.17 26.92 26.13
N GLU B 1028 34.81 25.81 26.78
CA GLU B 1028 35.06 25.68 28.21
C GLU B 1028 36.36 24.99 28.55
N CYS B 1029 37.11 24.47 27.57
CA CYS B 1029 38.39 23.83 27.85
C CYS B 1029 39.58 24.62 27.31
N VAL B 1030 39.57 25.00 26.03
CA VAL B 1030 40.75 25.67 25.50
C VAL B 1030 40.65 27.18 25.67
N LEU B 1031 39.46 27.76 25.51
CA LEU B 1031 39.29 29.18 25.77
C LEU B 1031 39.41 29.53 27.24
N GLY B 1032 39.37 28.54 28.13
CA GLY B 1032 39.52 28.80 29.55
C GLY B 1032 39.53 27.49 30.31
N GLN B 1033 40.14 27.55 31.48
CA GLN B 1033 40.20 26.39 32.36
C GLN B 1033 38.81 26.04 32.89
N SER B 1034 38.54 24.75 33.03
CA SER B 1034 37.25 24.26 33.48
C SER B 1034 37.39 23.44 34.76
N LYS B 1035 36.50 23.69 35.70
CA LYS B 1035 36.42 22.92 36.94
C LYS B 1035 35.45 21.76 36.85
N ARG B 1036 34.84 21.52 35.69
CA ARG B 1036 33.92 20.42 35.53
C ARG B 1036 34.68 19.10 35.54
N VAL B 1037 34.33 18.22 36.47
CA VAL B 1037 35.07 16.98 36.65
C VAL B 1037 34.81 16.05 35.46
N ASP B 1038 35.89 15.46 34.94
CA ASP B 1038 35.82 14.47 33.86
C ASP B 1038 35.20 15.04 32.59
N PHE B 1039 35.29 16.35 32.40
CA PHE B 1039 34.81 16.99 31.17
C PHE B 1039 35.97 17.29 30.23
N CYS B 1040 36.94 18.09 30.68
CA CYS B 1040 38.17 18.33 29.91
C CYS B 1040 39.24 17.39 30.43
N GLY B 1041 39.13 16.12 30.01
CA GLY B 1041 40.11 15.12 30.37
C GLY B 1041 39.95 14.61 31.78
N LYS B 1042 40.34 13.35 32.01
CA LYS B 1042 40.24 12.76 33.33
C LYS B 1042 41.31 13.33 34.25
N GLY B 1043 40.91 13.75 35.44
CA GLY B 1043 41.79 14.40 36.38
C GLY B 1043 41.51 15.90 36.45
N TYR B 1044 42.34 16.58 37.24
CA TYR B 1044 42.25 18.03 37.32
C TYR B 1044 42.69 18.64 36.01
N HIS B 1045 41.97 19.65 35.54
CA HIS B 1045 42.16 20.21 34.21
C HIS B 1045 43.08 21.43 34.27
N LEU B 1046 44.04 21.49 33.37
CA LEU B 1046 44.97 22.61 33.28
C LEU B 1046 44.79 23.43 32.00
N MET B 1047 44.96 22.81 30.83
CA MET B 1047 44.80 23.50 29.56
C MET B 1047 44.19 22.53 28.56
N SER B 1048 44.00 23.00 27.34
CA SER B 1048 43.54 22.13 26.26
C SER B 1048 44.08 22.66 24.94
N PHE B 1049 44.12 21.80 23.94
CA PHE B 1049 44.63 22.17 22.63
C PHE B 1049 43.80 21.52 21.54
N PRO B 1050 43.18 22.30 20.66
CA PRO B 1050 42.42 21.70 19.57
C PRO B 1050 43.26 21.44 18.34
N GLN B 1051 43.14 20.24 17.76
CA GLN B 1051 43.82 19.86 16.53
C GLN B 1051 42.76 19.35 15.56
N SER B 1052 42.76 19.90 14.35
CA SER B 1052 41.76 19.52 13.37
C SER B 1052 41.96 18.09 12.89
N ALA B 1053 40.86 17.41 12.64
CA ALA B 1053 40.84 16.08 12.06
C ALA B 1053 39.78 16.05 10.98
N PRO B 1054 39.90 15.16 9.99
CA PRO B 1054 38.92 15.12 8.91
C PRO B 1054 37.50 14.88 9.40
N HIS B 1055 36.65 15.89 9.25
CA HIS B 1055 35.26 15.84 9.74
C HIS B 1055 35.23 15.57 11.25
N GLY B 1056 36.00 16.35 11.99
CA GLY B 1056 36.04 16.18 13.44
C GLY B 1056 37.06 17.10 14.05
N VAL B 1057 37.24 16.93 15.37
CA VAL B 1057 38.20 17.71 16.14
C VAL B 1057 38.78 16.80 17.22
N VAL B 1058 40.07 17.00 17.51
CA VAL B 1058 40.78 16.22 18.51
C VAL B 1058 41.34 17.18 19.54
N PHE B 1059 41.04 16.93 20.81
CA PHE B 1059 41.54 17.74 21.91
C PHE B 1059 42.69 17.03 22.62
N LEU B 1060 43.62 17.82 23.15
CA LEU B 1060 44.73 17.32 23.94
C LEU B 1060 44.59 17.92 25.33
N HIS B 1061 43.82 17.26 26.19
CA HIS B 1061 43.51 17.79 27.51
C HIS B 1061 44.71 17.62 28.43
N VAL B 1062 45.43 18.71 28.68
CA VAL B 1062 46.51 18.68 29.66
C VAL B 1062 45.88 18.61 31.05
N THR B 1063 46.16 17.53 31.77
CA THR B 1063 45.56 17.30 33.07
C THR B 1063 46.66 17.04 34.11
N TYR B 1064 46.34 17.36 35.35
CA TYR B 1064 47.23 17.20 36.49
C TYR B 1064 46.64 16.16 37.42
N VAL B 1065 47.39 15.09 37.67
CA VAL B 1065 46.89 14.02 38.53
C VAL B 1065 47.90 13.74 39.64
N PRO B 1066 47.45 13.65 40.90
CA PRO B 1066 48.37 13.29 41.99
C PRO B 1066 48.95 11.90 41.77
N ALA B 1067 50.20 11.73 42.20
CA ALA B 1067 50.98 10.55 41.84
C ALA B 1067 51.30 9.66 43.03
N GLN B 1068 51.95 10.18 44.07
CA GLN B 1068 52.45 9.37 45.17
C GLN B 1068 51.84 9.85 46.48
N GLU B 1069 51.15 8.95 47.17
CA GLU B 1069 50.38 9.28 48.36
C GLU B 1069 51.12 8.80 49.60
N LYS B 1070 51.35 9.71 50.54
CA LYS B 1070 51.85 9.38 51.87
C LYS B 1070 50.75 9.70 52.87
N ASN B 1071 50.36 8.71 53.67
CA ASN B 1071 49.24 8.87 54.57
C ASN B 1071 49.72 9.28 55.96
N PHE B 1072 49.15 10.36 56.48
CA PHE B 1072 49.43 10.90 57.80
C PHE B 1072 48.17 10.80 58.66
N THR B 1073 48.29 11.24 59.91
CA THR B 1073 47.16 11.32 60.82
C THR B 1073 46.71 12.77 60.92
N THR B 1074 45.40 12.99 60.80
CA THR B 1074 44.84 14.33 60.67
C THR B 1074 43.90 14.63 61.82
N ALA B 1075 43.73 15.92 62.09
CA ALA B 1075 42.81 16.38 63.12
C ALA B 1075 41.99 17.55 62.61
N PRO B 1076 40.70 17.61 62.96
CA PRO B 1076 39.88 18.74 62.52
C PRO B 1076 40.37 20.10 63.01
N ALA B 1077 40.94 20.18 64.21
CA ALA B 1077 41.30 21.47 64.76
C ALA B 1077 42.42 21.31 65.79
N ILE B 1078 43.06 22.42 66.12
CA ILE B 1078 44.12 22.49 67.12
C ILE B 1078 43.70 23.46 68.21
N CYS B 1079 43.72 23.01 69.46
CA CYS B 1079 43.40 23.84 70.61
C CYS B 1079 44.70 24.29 71.26
N HIS B 1080 45.12 25.52 70.97
CA HIS B 1080 46.38 26.03 71.49
C HIS B 1080 46.24 26.57 72.91
N ASP B 1081 45.44 27.60 73.08
CA ASP B 1081 45.30 28.32 74.35
C ASP B 1081 43.85 28.43 74.75
N GLY B 1082 43.13 27.31 74.69
CA GLY B 1082 41.72 27.32 75.01
C GLY B 1082 40.81 27.80 73.91
N LYS B 1083 41.32 27.91 72.67
CA LYS B 1083 40.51 28.29 71.53
C LYS B 1083 40.88 27.43 70.34
N ALA B 1084 39.86 26.92 69.64
CA ALA B 1084 40.08 26.03 68.52
C ALA B 1084 40.58 26.79 67.30
N HIS B 1085 41.53 26.19 66.59
CA HIS B 1085 42.12 26.75 65.39
C HIS B 1085 41.78 25.86 64.20
N PHE B 1086 41.39 26.47 63.09
CA PHE B 1086 41.07 25.74 61.88
C PHE B 1086 41.96 26.23 60.74
N PRO B 1087 42.28 25.38 59.76
CA PRO B 1087 43.16 25.81 58.68
C PRO B 1087 42.43 26.75 57.72
N ARG B 1088 43.14 27.81 57.32
CA ARG B 1088 42.58 28.72 56.32
C ARG B 1088 42.49 28.03 54.97
N GLU B 1089 43.62 27.60 54.44
CA GLU B 1089 43.67 26.72 53.27
C GLU B 1089 44.51 25.51 53.61
N GLY B 1090 43.95 24.33 53.44
CA GLY B 1090 44.66 23.09 53.71
C GLY B 1090 44.10 22.34 54.89
N VAL B 1091 44.87 21.34 55.33
CA VAL B 1091 44.46 20.45 56.41
C VAL B 1091 45.59 20.30 57.40
N PHE B 1092 45.25 19.74 58.57
CA PHE B 1092 46.23 19.48 59.62
C PHE B 1092 46.72 18.04 59.47
N VAL B 1093 48.03 17.87 59.41
CA VAL B 1093 48.64 16.55 59.26
C VAL B 1093 49.69 16.36 60.35
N SER B 1094 50.20 15.15 60.44
CA SER B 1094 51.25 14.82 61.39
C SER B 1094 52.01 13.60 60.89
N ASN B 1095 53.32 13.73 60.75
CA ASN B 1095 54.16 12.60 60.33
C ASN B 1095 54.43 11.63 61.47
N GLY B 1096 53.85 11.86 62.64
CA GLY B 1096 54.00 10.94 63.75
C GLY B 1096 54.29 11.62 65.07
N THR B 1097 55.02 12.73 65.03
CA THR B 1097 55.38 13.46 66.24
C THR B 1097 54.93 14.92 66.24
N HIS B 1098 55.08 15.62 65.12
CA HIS B 1098 54.75 17.04 65.04
C HIS B 1098 53.61 17.25 64.07
N TRP B 1099 52.92 18.38 64.23
CA TRP B 1099 51.75 18.72 63.44
C TRP B 1099 52.08 19.87 62.49
N PHE B 1100 51.66 19.73 61.24
CA PHE B 1100 51.87 20.76 60.22
C PHE B 1100 50.55 21.01 59.50
N VAL B 1101 50.51 22.11 58.76
CA VAL B 1101 49.38 22.43 57.89
C VAL B 1101 49.90 22.48 56.45
N THR B 1102 49.32 21.66 55.60
CA THR B 1102 49.74 21.54 54.20
C THR B 1102 48.54 21.80 53.30
N GLN B 1103 48.82 22.20 52.06
CA GLN B 1103 47.75 22.40 51.10
C GLN B 1103 47.12 21.06 50.75
N ARG B 1104 45.95 21.14 50.10
CA ARG B 1104 45.11 19.96 49.96
C ARG B 1104 45.67 18.98 48.92
N ASN B 1105 46.19 19.47 47.80
CA ASN B 1105 46.60 18.62 46.70
C ASN B 1105 48.12 18.47 46.60
N PHE B 1106 48.85 18.81 47.65
CA PHE B 1106 50.30 18.72 47.64
C PHE B 1106 50.81 18.72 49.07
N TYR B 1107 51.82 17.92 49.33
CA TYR B 1107 52.40 17.85 50.67
C TYR B 1107 53.48 18.92 50.78
N GLU B 1108 53.12 20.06 51.35
CA GLU B 1108 54.04 21.16 51.60
C GLU B 1108 53.89 21.55 53.06
N PRO B 1109 54.44 20.76 53.98
CA PRO B 1109 54.24 21.01 55.40
C PRO B 1109 54.82 22.36 55.81
N GLN B 1110 54.08 23.05 56.69
CA GLN B 1110 54.51 24.34 57.22
C GLN B 1110 54.21 24.37 58.71
N ILE B 1111 54.99 25.16 59.44
CA ILE B 1111 54.78 25.28 60.88
C ILE B 1111 53.40 25.86 61.14
N ILE B 1112 52.74 25.36 62.18
CA ILE B 1112 51.40 25.81 62.51
C ILE B 1112 51.48 27.26 62.97
N THR B 1113 50.80 28.15 62.26
CA THR B 1113 50.94 29.58 62.50
C THR B 1113 49.57 30.23 62.49
N THR B 1114 49.44 31.33 63.24
CA THR B 1114 48.20 32.11 63.22
C THR B 1114 47.93 32.72 61.84
N ASP B 1115 48.96 32.80 60.99
CA ASP B 1115 48.75 33.30 59.64
C ASP B 1115 47.84 32.38 58.84
N ASN B 1116 48.06 31.07 58.96
CA ASN B 1116 47.32 30.08 58.18
C ASN B 1116 46.21 29.40 58.98
N THR B 1117 45.89 29.90 60.18
CA THR B 1117 44.80 29.37 60.98
C THR B 1117 43.94 30.51 61.48
N PHE B 1118 42.63 30.30 61.48
CA PHE B 1118 41.67 31.29 62.00
C PHE B 1118 40.98 30.71 63.23
N VAL B 1119 40.90 31.51 64.28
CA VAL B 1119 40.33 31.07 65.55
C VAL B 1119 38.81 31.14 65.49
N SER B 1120 38.15 30.08 65.93
CA SER B 1120 36.69 30.06 66.02
C SER B 1120 36.26 29.00 67.02
N GLY B 1121 35.29 29.37 67.86
CA GLY B 1121 34.70 28.41 68.78
C GLY B 1121 35.59 28.07 69.96
N ASN B 1122 35.28 26.92 70.57
CA ASN B 1122 36.00 26.42 71.74
C ASN B 1122 36.41 24.99 71.49
N CYS B 1123 37.45 24.55 72.21
CA CYS B 1123 38.03 23.23 71.97
C CYS B 1123 37.08 22.10 72.34
N ASP B 1124 36.17 22.34 73.28
CA ASP B 1124 35.30 21.26 73.76
C ASP B 1124 34.21 20.91 72.75
N VAL B 1125 33.82 21.86 71.90
CA VAL B 1125 32.62 21.67 71.09
C VAL B 1125 32.91 20.92 69.80
N VAL B 1126 34.17 20.90 69.36
CA VAL B 1126 34.53 20.23 68.12
C VAL B 1126 35.07 18.84 68.43
N ILE B 1127 34.56 17.84 67.73
CA ILE B 1127 34.93 16.44 67.97
C ILE B 1127 36.13 16.09 67.10
N GLY B 1128 37.16 15.53 67.72
CA GLY B 1128 38.38 15.16 67.02
C GLY B 1128 39.52 16.14 67.17
N ILE B 1129 39.31 17.26 67.84
CA ILE B 1129 40.36 18.25 68.01
C ILE B 1129 41.47 17.67 68.89
N VAL B 1130 42.72 17.95 68.54
CA VAL B 1130 43.88 17.44 69.26
C VAL B 1130 44.56 18.60 69.97
N ASN B 1131 44.98 18.35 71.20
CA ASN B 1131 45.71 19.33 71.99
C ASN B 1131 47.11 19.50 71.42
N ASN B 1132 47.43 20.72 70.98
CA ASN B 1132 48.77 21.04 70.48
C ASN B 1132 48.97 22.54 70.64
N THR B 1133 50.02 23.06 70.01
CA THR B 1133 50.40 24.46 70.13
C THR B 1133 50.50 25.09 68.75
N VAL B 1134 50.08 26.35 68.65
CA VAL B 1134 50.17 27.11 67.41
C VAL B 1134 51.17 28.24 67.62
N TYR B 1135 51.99 28.49 66.61
CA TYR B 1135 53.04 29.50 66.70
C TYR B 1135 52.48 30.87 66.33
N ASP B 1136 53.01 31.90 67.00
CA ASP B 1136 52.70 33.28 66.67
C ASP B 1136 53.92 33.95 66.09
N PRO B 1137 53.88 34.41 64.83
CA PRO B 1137 55.10 34.97 64.22
C PRO B 1137 55.60 36.23 64.91
N LEU B 1138 54.74 36.94 65.64
CA LEU B 1138 55.10 38.18 66.30
C LEU B 1138 55.57 37.96 67.74
N GLN B 1139 55.53 36.72 68.23
CA GLN B 1139 56.06 36.45 69.57
C GLN B 1139 57.56 36.73 69.70
N PRO B 1140 58.43 36.35 68.76
CA PRO B 1140 59.84 36.76 68.89
C PRO B 1140 60.03 38.27 68.93
N GLU B 1141 59.24 39.02 68.17
CA GLU B 1141 59.33 40.48 68.23
C GLU B 1141 58.82 41.00 69.56
N LEU B 1142 57.81 40.36 70.14
CA LEU B 1142 57.37 40.70 71.49
C LEU B 1142 58.51 40.46 72.49
N ASP B 1143 59.24 39.36 72.32
CA ASP B 1143 60.39 39.10 73.17
C ASP B 1143 61.45 40.18 72.98
N SER B 1144 61.63 40.64 71.75
CA SER B 1144 62.57 41.72 71.45
C SER B 1144 62.02 43.07 71.89
N ALA C 27 9.02 42.35 -40.31
CA ALA C 27 9.51 43.13 -39.17
C ALA C 27 9.32 42.36 -37.87
N TYR C 28 9.91 42.87 -36.80
CA TYR C 28 9.83 42.22 -35.49
C TYR C 28 9.86 43.29 -34.41
N THR C 29 9.35 42.93 -33.23
CA THR C 29 9.40 43.81 -32.07
C THR C 29 9.34 42.96 -30.82
N ASN C 30 9.69 43.58 -29.69
CA ASN C 30 9.82 42.89 -28.42
C ASN C 30 8.56 43.09 -27.59
N SER C 31 7.83 41.99 -27.35
CA SER C 31 6.68 42.02 -26.45
C SER C 31 7.21 41.94 -25.02
N PHE C 32 7.23 43.07 -24.33
CA PHE C 32 7.90 43.18 -23.05
C PHE C 32 7.31 42.25 -22.00
N THR C 33 6.04 42.48 -21.64
CA THR C 33 5.39 41.66 -20.61
C THR C 33 3.93 41.38 -20.95
N ARG C 34 3.54 41.60 -22.20
CA ARG C 34 2.15 41.44 -22.60
C ARG C 34 1.87 39.97 -22.89
N GLY C 35 0.60 39.61 -22.82
CA GLY C 35 0.17 38.26 -23.10
C GLY C 35 -0.08 37.38 -21.89
N VAL C 36 -0.20 37.95 -20.70
CA VAL C 36 -0.49 37.20 -19.49
C VAL C 36 -1.99 37.28 -19.23
N TYR C 37 -2.63 36.12 -19.10
CA TYR C 37 -4.07 36.03 -18.97
C TYR C 37 -4.41 35.08 -17.83
N TYR C 38 -5.60 35.28 -17.25
CA TYR C 38 -6.09 34.43 -16.17
C TYR C 38 -6.23 33.00 -16.68
N PRO C 39 -5.38 32.08 -16.23
CA PRO C 39 -5.43 30.71 -16.76
C PRO C 39 -6.72 29.97 -16.44
N ASP C 40 -7.45 30.37 -15.41
CA ASP C 40 -8.67 29.69 -15.02
C ASP C 40 -9.58 30.66 -14.29
N LYS C 41 -10.79 30.21 -13.99
CA LYS C 41 -11.82 31.04 -13.38
C LYS C 41 -11.69 31.13 -11.86
N VAL C 42 -10.53 30.81 -11.31
CA VAL C 42 -10.33 30.82 -9.87
C VAL C 42 -10.03 32.25 -9.42
N PHE C 43 -10.56 32.61 -8.24
CA PHE C 43 -10.30 33.89 -7.62
C PHE C 43 -9.32 33.70 -6.47
N ARG C 44 -8.22 34.44 -6.50
CA ARG C 44 -7.20 34.36 -5.46
C ARG C 44 -6.85 35.75 -5.00
N SER C 45 -6.67 35.91 -3.68
CA SER C 45 -6.43 37.21 -3.07
C SER C 45 -5.06 37.21 -2.40
N SER C 46 -4.17 38.09 -2.87
CA SER C 46 -2.85 38.28 -2.29
C SER C 46 -2.07 36.96 -2.22
N VAL C 47 -2.21 36.16 -3.27
CA VAL C 47 -1.56 34.86 -3.35
C VAL C 47 -0.78 34.79 -4.65
N LEU C 48 0.47 34.36 -4.57
CA LEU C 48 1.31 34.17 -5.74
C LEU C 48 1.18 32.71 -6.18
N HIS C 49 0.53 32.50 -7.32
CA HIS C 49 0.22 31.15 -7.80
C HIS C 49 1.10 30.84 -9.00
N SER C 50 1.73 29.66 -8.97
CA SER C 50 2.56 29.19 -10.07
C SER C 50 1.73 28.25 -10.94
N THR C 51 1.63 28.58 -12.23
CA THR C 51 0.79 27.86 -13.17
C THR C 51 1.65 27.31 -14.30
N GLN C 52 1.44 26.03 -14.63
CA GLN C 52 2.07 25.40 -15.79
C GLN C 52 1.05 25.45 -16.92
N ASP C 53 1.08 26.55 -17.68
CA ASP C 53 0.05 26.79 -18.68
C ASP C 53 0.69 27.55 -19.84
N LEU C 54 0.11 27.40 -21.02
CA LEU C 54 0.61 28.11 -22.20
C LEU C 54 0.63 29.61 -21.96
N PHE C 55 1.70 30.26 -22.38
CA PHE C 55 1.86 31.69 -22.19
C PHE C 55 2.75 32.24 -23.30
N LEU C 56 2.67 33.53 -23.52
CA LEU C 56 3.58 34.21 -24.43
C LEU C 56 4.89 34.47 -23.71
N PRO C 57 6.02 33.94 -24.18
CA PRO C 57 7.28 34.12 -23.45
C PRO C 57 7.63 35.59 -23.28
N PHE C 58 8.13 35.93 -22.10
CA PHE C 58 8.49 37.31 -21.80
C PHE C 58 9.65 37.74 -22.66
N PHE C 59 9.57 38.97 -23.18
CA PHE C 59 10.61 39.54 -24.03
C PHE C 59 10.94 38.62 -25.21
N SER C 60 9.90 38.25 -25.94
CA SER C 60 10.05 37.41 -27.12
C SER C 60 9.62 38.19 -28.36
N ASN C 61 10.26 37.90 -29.48
CA ASN C 61 9.96 38.59 -30.74
C ASN C 61 8.57 38.20 -31.22
N VAL C 62 7.80 39.21 -31.64
CA VAL C 62 6.50 39.00 -32.25
C VAL C 62 6.50 39.61 -33.64
N THR C 63 5.84 38.95 -34.57
CA THR C 63 5.81 39.42 -35.95
C THR C 63 5.02 40.71 -36.06
N TRP C 64 5.52 41.64 -36.87
CA TRP C 64 4.85 42.90 -37.16
C TRP C 64 4.30 42.84 -38.57
N PHE C 65 3.04 43.25 -38.73
CA PHE C 65 2.39 43.28 -40.04
C PHE C 65 1.83 44.66 -40.29
N HIS C 66 1.65 44.99 -41.57
CA HIS C 66 1.16 46.29 -41.99
C HIS C 66 -0.07 46.12 -42.86
N ALA C 67 -0.97 47.11 -42.79
CA ALA C 67 -2.20 47.08 -43.57
C ALA C 67 -2.43 48.34 -44.39
N ILE C 68 -1.67 49.40 -44.18
CA ILE C 68 -1.88 50.64 -44.90
C ILE C 68 -1.05 50.62 -46.18
N HIS C 69 -1.45 51.46 -47.14
CA HIS C 69 -0.76 51.60 -48.43
C HIS C 69 -0.63 50.28 -49.17
N ARG C 78 0.38 46.89 -52.88
CA ARG C 78 -0.24 47.29 -51.62
C ARG C 78 0.14 46.32 -50.50
N PHE C 79 -0.45 46.53 -49.32
CA PHE C 79 -0.19 45.71 -48.15
C PHE C 79 -1.45 44.93 -47.80
N ASP C 80 -1.31 43.61 -47.65
CA ASP C 80 -2.44 42.74 -47.37
C ASP C 80 -2.17 41.85 -46.17
N ASN C 81 -3.06 40.88 -45.93
CA ASN C 81 -2.93 39.99 -44.79
C ASN C 81 -2.23 38.71 -45.20
N PRO C 82 -1.05 38.41 -44.67
CA PRO C 82 -0.33 37.19 -45.06
C PRO C 82 -0.92 35.94 -44.45
N VAL C 83 -0.25 34.80 -44.65
CA VAL C 83 -0.67 33.51 -44.13
C VAL C 83 0.15 33.19 -42.89
N LEU C 84 -0.52 32.82 -41.81
CA LEU C 84 0.15 32.49 -40.56
C LEU C 84 -0.34 31.16 -40.02
N PRO C 85 0.49 30.46 -39.25
CA PRO C 85 0.02 29.24 -38.59
C PRO C 85 -0.59 29.53 -37.23
N PHE C 86 -1.00 28.48 -36.51
CA PHE C 86 -1.56 28.61 -35.17
C PHE C 86 -0.60 28.16 -34.09
N ASN C 87 -0.09 26.94 -34.19
CA ASN C 87 0.94 26.38 -33.30
C ASN C 87 0.65 26.68 -31.83
N ASP C 88 -0.44 26.10 -31.33
CA ASP C 88 -0.85 26.01 -29.94
C ASP C 88 -1.40 27.33 -29.39
N GLY C 89 -1.39 28.42 -30.14
CA GLY C 89 -1.94 29.66 -29.62
C GLY C 89 -1.34 30.90 -30.24
N VAL C 90 -2.12 31.99 -30.27
CA VAL C 90 -1.70 33.23 -30.90
C VAL C 90 -2.03 34.39 -29.96
N TYR C 91 -1.05 35.27 -29.75
CA TYR C 91 -1.27 36.55 -29.08
C TYR C 91 -1.43 37.61 -30.17
N PHE C 92 -2.67 38.06 -30.37
CA PHE C 92 -3.01 39.01 -31.43
C PHE C 92 -3.28 40.36 -30.78
N ALA C 93 -2.31 41.28 -30.92
CA ALA C 93 -2.43 42.62 -30.38
C ALA C 93 -2.49 43.60 -31.55
N SER C 94 -3.66 44.17 -31.78
CA SER C 94 -3.89 45.09 -32.89
C SER C 94 -4.16 46.48 -32.35
N THR C 95 -3.52 47.49 -32.95
CA THR C 95 -3.73 48.89 -32.61
C THR C 95 -4.34 49.58 -33.83
N GLU C 96 -5.59 50.02 -33.70
CA GLU C 96 -6.34 50.57 -34.82
C GLU C 96 -7.06 51.84 -34.39
N LYS C 97 -6.88 52.91 -35.17
CA LYS C 97 -7.61 54.14 -34.92
C LYS C 97 -9.07 54.03 -35.35
N SER C 98 -9.31 53.44 -36.54
CA SER C 98 -10.65 53.34 -37.09
C SER C 98 -11.18 51.91 -37.06
N ASN C 99 -10.58 51.03 -36.28
CA ASN C 99 -10.98 49.63 -36.18
C ASN C 99 -11.01 48.96 -37.56
N ILE C 100 -9.95 49.20 -38.34
CA ILE C 100 -9.82 48.52 -39.62
C ILE C 100 -9.80 47.01 -39.42
N ILE C 101 -9.16 46.55 -38.34
CA ILE C 101 -9.18 45.14 -38.00
C ILE C 101 -10.59 44.78 -37.57
N ARG C 102 -11.13 43.69 -38.12
CA ARG C 102 -12.49 43.26 -37.82
C ARG C 102 -12.55 41.87 -37.23
N GLY C 103 -11.96 40.87 -37.88
CA GLY C 103 -12.10 39.50 -37.43
C GLY C 103 -11.00 38.58 -37.90
N TRP C 104 -11.13 37.30 -37.58
CA TRP C 104 -10.09 36.32 -37.85
C TRP C 104 -10.73 35.02 -38.32
N ILE C 105 -9.92 34.20 -39.00
CA ILE C 105 -10.39 32.93 -39.55
C ILE C 105 -9.42 31.84 -39.10
N PHE C 106 -9.95 30.76 -38.55
CA PHE C 106 -9.15 29.65 -38.03
C PHE C 106 -9.67 28.36 -38.65
N GLY C 107 -8.98 27.83 -39.64
CA GLY C 107 -9.38 26.60 -40.28
C GLY C 107 -8.21 25.92 -40.96
N THR C 108 -8.36 24.61 -41.17
CA THR C 108 -7.28 23.83 -41.77
C THR C 108 -7.13 24.11 -43.25
N THR C 109 -8.25 24.16 -43.99
CA THR C 109 -8.21 24.31 -45.44
C THR C 109 -8.58 25.71 -45.92
N LEU C 110 -9.52 26.37 -45.22
CA LEU C 110 -9.85 27.77 -45.49
C LEU C 110 -10.47 27.97 -46.88
N ASP C 111 -11.12 26.91 -47.39
CA ASP C 111 -11.79 27.03 -48.68
C ASP C 111 -13.12 26.29 -48.72
N SER C 112 -13.81 26.15 -47.59
CA SER C 112 -15.09 25.47 -47.42
C SER C 112 -14.98 23.98 -47.67
N LYS C 113 -13.77 23.42 -47.76
CA LYS C 113 -13.62 21.98 -47.88
C LYS C 113 -13.96 21.27 -46.57
N THR C 114 -13.49 21.82 -45.45
CA THR C 114 -13.81 21.26 -44.14
C THR C 114 -14.26 22.38 -43.21
N GLN C 115 -14.43 22.06 -41.92
CA GLN C 115 -14.88 23.06 -40.97
C GLN C 115 -13.82 24.15 -40.80
N SER C 116 -14.29 25.39 -40.69
CA SER C 116 -13.39 26.53 -40.56
C SER C 116 -14.07 27.59 -39.71
N LEU C 117 -13.46 27.89 -38.56
CA LEU C 117 -13.99 28.91 -37.66
C LEU C 117 -13.97 30.28 -38.32
N LEU C 118 -15.01 31.07 -38.05
CA LEU C 118 -15.15 32.40 -38.63
C LEU C 118 -15.60 33.35 -37.53
N ILE C 119 -14.96 34.51 -37.44
CA ILE C 119 -15.32 35.55 -36.48
C ILE C 119 -15.39 36.87 -37.23
N VAL C 120 -16.49 37.60 -37.04
CA VAL C 120 -16.67 38.92 -37.64
C VAL C 120 -17.24 39.85 -36.59
N ASN C 121 -16.58 41.00 -36.41
CA ASN C 121 -17.02 41.99 -35.43
C ASN C 121 -17.69 43.15 -36.16
N ASN C 122 -18.92 43.46 -35.75
CA ASN C 122 -19.67 44.59 -36.28
C ASN C 122 -20.10 45.49 -35.12
N ALA C 123 -20.55 46.69 -35.47
CA ALA C 123 -21.01 47.62 -34.45
C ALA C 123 -22.23 47.08 -33.71
N THR C 124 -23.17 46.46 -34.44
CA THR C 124 -24.37 45.96 -33.81
C THR C 124 -24.09 44.72 -32.95
N ASN C 125 -23.33 43.78 -33.49
CA ASN C 125 -23.07 42.52 -32.78
C ASN C 125 -21.86 41.85 -33.43
N VAL C 126 -21.52 40.66 -32.93
CA VAL C 126 -20.40 39.86 -33.41
C VAL C 126 -20.93 38.50 -33.81
N VAL C 127 -20.62 38.08 -35.03
CA VAL C 127 -21.12 36.84 -35.60
C VAL C 127 -19.99 35.81 -35.61
N ILE C 128 -20.26 34.63 -35.07
CA ILE C 128 -19.30 33.53 -35.06
C ILE C 128 -19.97 32.33 -35.70
N LYS C 129 -19.31 31.75 -36.71
CA LYS C 129 -19.83 30.60 -37.43
C LYS C 129 -18.75 29.54 -37.56
N VAL C 130 -19.11 28.28 -37.30
CA VAL C 130 -18.23 27.15 -37.52
C VAL C 130 -18.55 26.63 -38.93
N CYS C 131 -19.50 27.30 -39.57
CA CYS C 131 -19.94 26.91 -40.91
C CYS C 131 -18.76 26.85 -41.88
N GLU C 132 -18.67 25.76 -42.63
CA GLU C 132 -17.69 25.69 -43.71
C GLU C 132 -18.01 26.75 -44.75
N PHE C 133 -17.18 27.78 -44.80
CA PHE C 133 -17.49 29.00 -45.53
C PHE C 133 -16.56 29.17 -46.71
N GLN C 134 -17.12 29.61 -47.84
CA GLN C 134 -16.34 29.90 -49.03
C GLN C 134 -15.52 31.15 -48.75
N PHE C 135 -14.25 30.96 -48.41
CA PHE C 135 -13.37 32.08 -48.08
C PHE C 135 -12.64 32.56 -49.32
N CYS C 136 -12.59 33.88 -49.48
CA CYS C 136 -11.83 34.46 -50.57
C CYS C 136 -10.34 34.27 -50.34
N ASN C 137 -9.56 34.42 -51.41
CA ASN C 137 -8.11 34.36 -51.28
C ASN C 137 -7.60 35.50 -50.41
N ASP C 138 -8.17 36.69 -50.57
CA ASP C 138 -7.81 37.87 -49.78
C ASP C 138 -9.09 38.48 -49.22
N PRO C 139 -9.68 37.86 -48.19
CA PRO C 139 -10.95 38.37 -47.65
C PRO C 139 -10.79 39.76 -47.03
N PHE C 140 -11.88 40.52 -47.11
CA PHE C 140 -11.92 41.85 -46.50
C PHE C 140 -13.38 42.21 -46.26
N LEU C 141 -13.60 43.17 -45.37
CA LEU C 141 -14.95 43.61 -45.02
C LEU C 141 -15.41 44.65 -46.04
N GLY C 142 -16.53 44.37 -46.72
CA GLY C 142 -17.08 45.28 -47.69
C GLY C 142 -17.52 46.60 -47.08
N VAL C 143 -17.09 47.71 -47.67
CA VAL C 143 -17.47 49.02 -47.18
C VAL C 143 -18.45 49.69 -48.14
N ASN C 165 -23.48 23.59 -43.91
CA ASN C 165 -23.60 22.89 -42.64
C ASN C 165 -24.06 23.85 -41.54
N CYS C 166 -23.17 24.75 -41.15
CA CYS C 166 -23.47 25.81 -40.17
C CYS C 166 -23.89 25.20 -38.84
N THR C 167 -22.99 24.41 -38.26
CA THR C 167 -23.30 23.70 -37.02
C THR C 167 -23.48 24.66 -35.85
N PHE C 168 -22.64 25.69 -35.76
CA PHE C 168 -22.64 26.59 -34.61
C PHE C 168 -22.71 28.02 -35.15
N GLU C 169 -23.69 28.77 -34.65
CA GLU C 169 -23.81 30.20 -34.92
C GLU C 169 -23.92 30.93 -33.58
N TYR C 170 -23.46 32.17 -33.57
CA TYR C 170 -23.36 32.93 -32.32
C TYR C 170 -23.49 34.41 -32.64
N VAL C 171 -24.29 35.10 -31.83
CA VAL C 171 -24.44 36.55 -31.92
C VAL C 171 -24.09 37.14 -30.56
N SER C 172 -23.20 38.14 -30.58
CA SER C 172 -22.77 38.80 -29.36
C SER C 172 -22.71 40.31 -29.54
N PHE C 186 -5.35 53.70 -32.48
CA PHE C 186 -4.05 53.79 -31.84
C PHE C 186 -4.21 54.15 -30.37
N LYS C 187 -5.34 54.78 -30.04
CA LYS C 187 -5.66 55.14 -28.66
C LYS C 187 -6.06 53.92 -27.83
N ASN C 188 -6.34 52.78 -28.46
CA ASN C 188 -6.72 51.57 -27.75
C ASN C 188 -5.98 50.39 -28.34
N LEU C 189 -5.54 49.48 -27.47
CA LEU C 189 -4.84 48.26 -27.86
C LEU C 189 -5.75 47.07 -27.62
N ARG C 190 -6.05 46.34 -28.69
CA ARG C 190 -6.92 45.17 -28.62
C ARG C 190 -6.05 43.91 -28.62
N GLU C 191 -5.93 43.27 -27.47
CA GLU C 191 -5.10 42.08 -27.30
C GLU C 191 -6.01 40.87 -27.14
N PHE C 192 -5.70 39.80 -27.87
CA PHE C 192 -6.45 38.57 -27.79
C PHE C 192 -5.48 37.38 -27.73
N VAL C 193 -5.90 36.33 -27.04
CA VAL C 193 -5.10 35.10 -26.92
C VAL C 193 -6.02 33.95 -27.30
N PHE C 194 -5.98 33.55 -28.58
CA PHE C 194 -6.75 32.40 -29.04
C PHE C 194 -5.95 31.13 -28.75
N LYS C 195 -6.51 30.25 -27.93
CA LYS C 195 -5.88 28.97 -27.63
C LYS C 195 -6.93 27.87 -27.74
N ASN C 196 -6.55 26.77 -28.39
CA ASN C 196 -7.42 25.62 -28.58
C ASN C 196 -6.82 24.42 -27.87
N ILE C 197 -7.62 23.79 -27.01
CA ILE C 197 -7.17 22.64 -26.24
C ILE C 197 -8.37 21.76 -25.91
N ASP C 198 -8.20 20.45 -26.08
CA ASP C 198 -9.22 19.45 -25.77
C ASP C 198 -10.52 19.73 -26.54
N GLY C 199 -10.38 20.19 -27.78
CA GLY C 199 -11.55 20.50 -28.58
C GLY C 199 -12.31 21.72 -28.13
N TYR C 200 -11.70 22.58 -27.33
CA TYR C 200 -12.33 23.79 -26.82
C TYR C 200 -11.56 25.01 -27.31
N PHE C 201 -12.28 25.96 -27.91
CA PHE C 201 -11.68 27.18 -28.42
C PHE C 201 -11.95 28.30 -27.41
N LYS C 202 -10.89 28.96 -26.96
CA LYS C 202 -10.97 29.97 -25.91
C LYS C 202 -10.41 31.29 -26.41
N ILE C 203 -11.07 32.38 -26.01
CA ILE C 203 -10.69 33.73 -26.41
C ILE C 203 -10.56 34.60 -25.18
N TYR C 204 -9.45 35.32 -25.07
CA TYR C 204 -9.24 36.30 -24.01
C TYR C 204 -9.08 37.67 -24.63
N SER C 205 -9.31 38.72 -23.83
CA SER C 205 -9.28 40.06 -24.37
C SER C 205 -8.98 41.07 -23.27
N LYS C 206 -8.54 42.25 -23.70
CA LYS C 206 -8.26 43.39 -22.85
C LYS C 206 -8.12 44.62 -23.73
N HIS C 207 -8.72 45.73 -23.30
CA HIS C 207 -8.83 46.94 -24.11
C HIS C 207 -8.29 48.15 -23.38
N THR C 208 -7.09 48.00 -22.82
CA THR C 208 -6.47 49.13 -22.12
C THR C 208 -6.12 50.23 -23.11
N PRO C 209 -6.36 51.50 -22.75
CA PRO C 209 -6.03 52.60 -23.65
C PRO C 209 -4.54 52.93 -23.62
N ILE C 210 -3.97 53.13 -24.81
CA ILE C 210 -2.55 53.38 -24.98
C ILE C 210 -2.37 54.71 -25.70
N ASN C 211 -1.49 55.55 -25.15
CA ASN C 211 -1.18 56.85 -25.75
C ASN C 211 0.05 56.80 -26.65
N LEU C 212 0.68 55.65 -26.80
CA LEU C 212 1.86 55.49 -27.64
C LEU C 212 1.48 54.81 -28.94
N VAL C 213 1.97 55.35 -30.05
CA VAL C 213 1.65 54.83 -31.38
C VAL C 213 2.85 54.14 -32.02
N ARG C 214 3.92 53.92 -31.26
CA ARG C 214 5.13 53.33 -31.82
C ARG C 214 5.20 51.81 -31.64
N ASP C 215 4.91 51.34 -30.43
CA ASP C 215 4.98 49.91 -30.13
C ASP C 215 4.15 49.63 -28.89
N LEU C 216 4.12 48.36 -28.49
CA LEU C 216 3.43 47.98 -27.27
C LEU C 216 4.10 48.66 -26.08
N PRO C 217 3.33 49.34 -25.21
CA PRO C 217 3.95 50.08 -24.11
C PRO C 217 4.54 49.16 -23.06
N GLN C 218 5.54 49.68 -22.35
CA GLN C 218 6.12 48.96 -21.22
C GLN C 218 5.14 48.99 -20.07
N GLY C 219 4.45 47.89 -19.84
CA GLY C 219 3.46 47.82 -18.80
C GLY C 219 2.83 46.45 -18.73
N PHE C 220 1.92 46.31 -17.78
CA PHE C 220 1.27 45.03 -17.52
C PHE C 220 -0.24 45.22 -17.54
N SER C 221 -0.93 44.35 -18.29
CA SER C 221 -2.39 44.37 -18.35
C SER C 221 -2.85 42.94 -18.56
N ALA C 222 -3.42 42.33 -17.53
CA ALA C 222 -3.90 40.96 -17.63
C ALA C 222 -5.08 40.89 -18.59
N LEU C 223 -5.25 39.73 -19.22
CA LEU C 223 -6.30 39.50 -20.20
C LEU C 223 -7.37 38.60 -19.59
N GLU C 224 -8.59 39.11 -19.52
CA GLU C 224 -9.71 38.34 -18.98
C GLU C 224 -10.35 37.50 -20.07
N PRO C 225 -10.87 36.32 -19.72
CA PRO C 225 -11.59 35.52 -20.71
C PRO C 225 -12.88 36.19 -21.13
N LEU C 226 -13.23 35.98 -22.41
CA LEU C 226 -14.45 36.54 -22.98
C LEU C 226 -15.46 35.45 -23.32
N VAL C 227 -15.06 34.46 -24.12
CA VAL C 227 -15.93 33.38 -24.54
C VAL C 227 -15.16 32.06 -24.45
N ASP C 228 -15.93 30.97 -24.34
CA ASP C 228 -15.41 29.61 -24.40
C ASP C 228 -16.30 28.86 -25.38
N LEU C 229 -15.98 28.97 -26.66
CA LEU C 229 -16.80 28.36 -27.68
C LEU C 229 -16.45 26.89 -27.83
N PRO C 230 -17.42 25.97 -27.74
CA PRO C 230 -17.14 24.54 -27.98
C PRO C 230 -17.13 24.19 -29.46
N ILE C 231 -16.00 24.50 -30.10
CA ILE C 231 -15.88 24.31 -31.54
C ILE C 231 -15.57 22.87 -31.87
N GLY C 232 -14.47 22.33 -31.32
CA GLY C 232 -14.11 20.93 -31.48
C GLY C 232 -13.34 20.54 -32.73
N ILE C 233 -12.94 21.51 -33.55
CA ILE C 233 -12.16 21.22 -34.75
C ILE C 233 -10.71 21.62 -34.50
N ASN C 234 -9.78 20.81 -35.02
CA ASN C 234 -8.38 21.16 -34.98
C ASN C 234 -8.11 22.40 -35.84
N ILE C 235 -7.14 23.20 -35.40
CA ILE C 235 -6.77 24.43 -36.08
C ILE C 235 -5.29 24.37 -36.41
N THR C 236 -4.94 24.71 -37.65
CA THR C 236 -3.55 24.72 -38.07
C THR C 236 -3.20 25.92 -38.93
N ARG C 237 -4.11 26.87 -39.12
CA ARG C 237 -3.84 28.06 -39.93
C ARG C 237 -4.47 29.27 -39.26
N PHE C 238 -4.34 30.41 -39.92
CA PHE C 238 -4.74 31.69 -39.33
C PHE C 238 -4.81 32.74 -40.43
N GLN C 239 -5.96 33.40 -40.56
CA GLN C 239 -6.13 34.53 -41.46
C GLN C 239 -6.74 35.70 -40.71
N THR C 240 -6.78 36.85 -41.37
CA THR C 240 -7.20 38.07 -40.73
C THR C 240 -8.04 38.89 -41.69
N LEU C 241 -8.98 39.67 -41.14
CA LEU C 241 -9.89 40.49 -41.92
C LEU C 241 -9.50 41.96 -41.80
N LEU C 242 -9.50 42.66 -42.93
CA LEU C 242 -9.16 44.07 -42.98
C LEU C 242 -10.29 44.83 -43.67
N ALA C 243 -10.41 46.12 -43.34
CA ALA C 243 -11.44 46.98 -43.92
C ALA C 243 -10.79 47.95 -44.90
N LEU C 244 -11.31 47.99 -46.12
CA LEU C 244 -10.79 48.86 -47.16
C LEU C 244 -11.95 49.58 -47.84
N HIS C 245 -11.75 50.87 -48.12
CA HIS C 245 -12.77 51.67 -48.78
C HIS C 245 -12.69 51.55 -50.29
N ALA C 263 -2.49 51.07 -38.41
CA ALA C 263 -3.39 49.95 -38.64
C ALA C 263 -2.62 48.63 -38.57
N ALA C 264 -1.57 48.61 -37.75
CA ALA C 264 -0.71 47.44 -37.64
C ALA C 264 -1.19 46.51 -36.53
N TYR C 265 -0.97 45.21 -36.73
CA TYR C 265 -1.29 44.20 -35.73
C TYR C 265 -0.12 43.26 -35.58
N TYR C 266 0.21 42.94 -34.33
CA TYR C 266 1.32 42.06 -34.00
C TYR C 266 0.82 40.67 -33.66
N VAL C 267 1.54 39.66 -34.12
CA VAL C 267 1.18 38.26 -33.88
C VAL C 267 2.31 37.61 -33.09
N GLY C 268 1.97 37.06 -31.92
CA GLY C 268 2.91 36.28 -31.14
C GLY C 268 2.42 34.85 -31.01
N TYR C 269 3.32 33.98 -30.56
CA TYR C 269 3.02 32.56 -30.47
C TYR C 269 3.17 32.10 -29.02
N LEU C 270 2.33 31.14 -28.64
CA LEU C 270 2.32 30.59 -27.30
C LEU C 270 3.11 29.28 -27.25
N GLN C 271 3.55 28.94 -26.04
CA GLN C 271 4.24 27.68 -25.79
C GLN C 271 4.11 27.38 -24.31
N PRO C 272 4.24 26.10 -23.92
CA PRO C 272 4.16 25.76 -22.49
C PRO C 272 5.28 26.40 -21.69
N ARG C 273 4.92 27.36 -20.83
CA ARG C 273 5.92 28.12 -20.08
C ARG C 273 5.34 28.44 -18.71
N THR C 274 5.94 27.87 -17.67
CA THR C 274 5.41 28.07 -16.33
C THR C 274 5.56 29.53 -15.92
N PHE C 275 4.52 30.06 -15.27
CA PHE C 275 4.52 31.45 -14.82
C PHE C 275 4.19 31.50 -13.34
N LEU C 276 4.56 32.61 -12.71
CA LEU C 276 4.25 32.86 -11.30
C LEU C 276 3.42 34.13 -11.24
N LEU C 277 2.11 33.98 -11.38
CA LEU C 277 1.21 35.12 -11.36
C LEU C 277 1.04 35.67 -9.95
N LYS C 278 0.88 36.98 -9.86
CA LYS C 278 0.65 37.66 -8.59
C LYS C 278 -0.73 38.29 -8.62
N TYR C 279 -1.52 38.01 -7.58
CA TYR C 279 -2.89 38.50 -7.48
C TYR C 279 -2.96 39.61 -6.43
N ASN C 280 -3.77 40.62 -6.71
CA ASN C 280 -3.93 41.77 -5.82
C ASN C 280 -4.82 41.38 -4.65
N GLU C 281 -5.22 42.38 -3.84
CA GLU C 281 -6.22 42.14 -2.82
C GLU C 281 -7.52 41.66 -3.43
N ASN C 282 -7.94 42.29 -4.53
CA ASN C 282 -8.99 41.75 -5.38
C ASN C 282 -8.39 40.68 -6.30
N GLY C 283 -9.27 39.99 -7.02
CA GLY C 283 -8.81 38.90 -7.86
C GLY C 283 -8.29 39.33 -9.21
N THR C 284 -7.39 40.32 -9.23
CA THR C 284 -6.84 40.86 -10.47
C THR C 284 -5.32 40.69 -10.47
N ILE C 285 -4.79 40.28 -11.62
CA ILE C 285 -3.35 40.08 -11.76
C ILE C 285 -2.67 41.43 -11.97
N THR C 286 -1.62 41.69 -11.19
CA THR C 286 -0.86 42.93 -11.31
C THR C 286 0.59 42.73 -11.69
N ASP C 287 1.15 41.53 -11.50
CA ASP C 287 2.54 41.28 -11.86
C ASP C 287 2.72 39.78 -12.10
N ALA C 288 3.72 39.45 -12.92
CA ALA C 288 4.02 38.06 -13.21
C ALA C 288 5.47 37.96 -13.66
N VAL C 289 6.12 36.85 -13.31
CA VAL C 289 7.51 36.60 -13.67
C VAL C 289 7.60 35.29 -14.43
N ASP C 290 8.34 35.31 -15.53
CA ASP C 290 8.61 34.09 -16.29
C ASP C 290 9.51 33.16 -15.48
N CYS C 291 9.31 31.87 -15.65
CA CYS C 291 10.09 30.88 -14.91
C CYS C 291 11.30 30.40 -15.68
N ALA C 292 11.52 30.88 -16.91
CA ALA C 292 12.69 30.48 -17.67
C ALA C 292 13.33 31.65 -18.41
N LEU C 293 13.01 32.89 -18.03
CA LEU C 293 13.57 34.05 -18.71
C LEU C 293 15.04 34.23 -18.40
N ASP C 294 15.37 34.44 -17.13
CA ASP C 294 16.75 34.62 -16.68
C ASP C 294 16.90 33.97 -15.31
N PRO C 295 18.14 33.71 -14.89
CA PRO C 295 18.34 33.01 -13.61
C PRO C 295 17.70 33.71 -12.42
N LEU C 296 17.63 35.04 -12.41
CA LEU C 296 16.94 35.71 -11.30
C LEU C 296 15.45 35.35 -11.29
N SER C 297 14.83 35.31 -12.46
CA SER C 297 13.42 34.92 -12.53
C SER C 297 13.24 33.46 -12.15
N GLU C 298 14.20 32.60 -12.51
CA GLU C 298 14.13 31.21 -12.08
C GLU C 298 14.24 31.10 -10.56
N THR C 299 15.10 31.92 -9.95
CA THR C 299 15.21 31.94 -8.50
C THR C 299 13.91 32.41 -7.86
N LYS C 300 13.30 33.45 -8.42
CA LYS C 300 12.01 33.92 -7.91
C LYS C 300 10.95 32.83 -8.01
N CYS C 301 10.94 32.12 -9.14
CA CYS C 301 9.97 31.05 -9.35
C CYS C 301 10.16 29.93 -8.32
N THR C 302 11.41 29.54 -8.09
CA THR C 302 11.68 28.47 -7.13
C THR C 302 11.33 28.89 -5.72
N LEU C 303 11.66 30.13 -5.36
CA LEU C 303 11.41 30.63 -4.01
C LEU C 303 9.96 31.04 -3.79
N LYS C 304 9.14 31.08 -4.85
CA LYS C 304 7.73 31.43 -4.74
C LYS C 304 7.53 32.81 -4.16
N SER C 305 8.37 33.76 -4.58
CA SER C 305 8.26 35.13 -4.10
C SER C 305 8.84 36.07 -5.16
N PHE C 306 8.45 37.33 -5.08
CA PHE C 306 8.95 38.35 -5.99
C PHE C 306 10.20 39.05 -5.48
N THR C 307 10.41 39.06 -4.17
CA THR C 307 11.61 39.65 -3.57
C THR C 307 12.50 38.53 -3.08
N VAL C 308 13.74 38.52 -3.57
CA VAL C 308 14.71 37.47 -3.24
C VAL C 308 15.81 38.10 -2.39
N GLU C 309 16.02 37.55 -1.20
CA GLU C 309 17.01 38.07 -0.28
C GLU C 309 18.41 37.60 -0.70
N LYS C 310 19.42 38.23 -0.08
CA LYS C 310 20.80 37.88 -0.36
C LYS C 310 21.08 36.43 0.02
N GLY C 311 21.78 35.71 -0.85
CA GLY C 311 22.14 34.34 -0.59
C GLY C 311 22.33 33.58 -1.89
N ILE C 312 22.49 32.26 -1.74
CA ILE C 312 22.69 31.35 -2.85
C ILE C 312 21.51 30.38 -2.87
N TYR C 313 20.83 30.31 -4.02
CA TYR C 313 19.61 29.51 -4.14
C TYR C 313 19.76 28.51 -5.28
N GLN C 314 19.40 27.26 -5.02
CA GLN C 314 19.40 26.22 -6.03
C GLN C 314 18.07 26.25 -6.76
N THR C 315 18.12 26.34 -8.09
CA THR C 315 16.91 26.53 -8.90
C THR C 315 16.58 25.31 -9.75
N SER C 316 17.51 24.84 -10.59
CA SER C 316 17.21 23.79 -11.53
C SER C 316 18.41 22.84 -11.60
N ASN C 317 18.40 21.96 -12.59
CA ASN C 317 19.40 20.91 -12.74
C ASN C 317 19.99 20.98 -14.15
N PHE C 318 21.20 21.52 -14.27
CA PHE C 318 21.88 21.53 -15.55
C PHE C 318 22.16 20.10 -16.00
N ARG C 319 21.85 19.80 -17.25
CA ARG C 319 22.02 18.45 -17.79
C ARG C 319 22.18 18.55 -19.30
N VAL C 320 23.32 18.06 -19.81
CA VAL C 320 23.58 18.13 -21.24
C VAL C 320 22.71 17.10 -21.94
N GLN C 321 21.94 17.55 -22.92
CA GLN C 321 21.11 16.64 -23.70
C GLN C 321 21.96 15.94 -24.75
N PRO C 322 21.62 14.71 -25.10
CA PRO C 322 22.36 14.01 -26.16
C PRO C 322 22.22 14.73 -27.50
N THR C 323 23.34 14.80 -28.23
CA THR C 323 23.34 15.47 -29.53
C THR C 323 22.72 14.59 -30.61
N GLU C 324 22.97 13.29 -30.56
CA GLU C 324 22.47 12.37 -31.58
C GLU C 324 22.48 10.97 -30.99
N SER C 325 21.87 10.04 -31.72
CA SER C 325 21.77 8.65 -31.31
C SER C 325 22.48 7.77 -32.33
N ILE C 326 23.30 6.85 -31.83
CA ILE C 326 24.00 5.87 -32.66
C ILE C 326 23.29 4.53 -32.53
N VAL C 327 23.08 3.86 -33.66
CA VAL C 327 22.43 2.55 -33.70
C VAL C 327 23.49 1.51 -34.02
N ARG C 328 23.63 0.52 -33.16
CA ARG C 328 24.66 -0.51 -33.28
C ARG C 328 24.04 -1.90 -33.22
N PHE C 329 23.01 -2.11 -34.02
CA PHE C 329 22.43 -3.44 -34.12
C PHE C 329 23.33 -4.33 -34.98
N PRO C 330 23.42 -5.62 -34.68
CA PRO C 330 24.31 -6.49 -35.45
C PRO C 330 23.87 -6.60 -36.91
N ASN C 331 24.85 -6.76 -37.79
CA ASN C 331 24.60 -6.84 -39.23
C ASN C 331 24.43 -8.30 -39.63
N ILE C 332 23.20 -8.70 -39.94
CA ILE C 332 22.89 -10.05 -40.38
C ILE C 332 22.18 -9.96 -41.72
N THR C 333 22.71 -10.66 -42.72
CA THR C 333 22.14 -10.64 -44.06
C THR C 333 21.03 -11.68 -44.25
N ASN C 334 20.84 -12.58 -43.29
CA ASN C 334 19.78 -13.57 -43.38
C ASN C 334 18.46 -12.99 -42.88
N LEU C 335 17.36 -13.58 -43.33
CA LEU C 335 16.03 -13.19 -42.92
C LEU C 335 15.37 -14.34 -42.17
N CYS C 336 14.71 -14.01 -41.07
CA CYS C 336 14.04 -15.03 -40.26
C CYS C 336 12.84 -15.58 -41.02
N PRO C 337 12.77 -16.90 -41.26
CA PRO C 337 11.63 -17.47 -42.02
C PRO C 337 10.44 -17.75 -41.11
N PHE C 338 9.77 -16.68 -40.68
CA PHE C 338 8.56 -16.85 -39.88
C PHE C 338 7.45 -17.50 -40.70
N GLY C 339 7.33 -17.12 -41.99
CA GLY C 339 6.34 -17.73 -42.84
C GLY C 339 6.55 -19.21 -43.06
N GLU C 340 7.78 -19.70 -42.87
CA GLU C 340 8.05 -21.12 -43.01
C GLU C 340 7.20 -21.94 -42.05
N VAL C 341 6.97 -21.44 -40.84
CA VAL C 341 6.21 -22.17 -39.83
C VAL C 341 4.79 -21.61 -39.76
N PHE C 342 4.62 -20.34 -40.17
CA PHE C 342 3.29 -19.74 -40.10
C PHE C 342 2.38 -20.26 -41.21
N ASN C 343 2.93 -20.46 -42.41
CA ASN C 343 2.16 -20.90 -43.57
C ASN C 343 2.29 -22.39 -43.82
N ALA C 344 2.82 -23.14 -42.86
CA ALA C 344 3.01 -24.58 -43.06
C ALA C 344 1.68 -25.28 -43.30
N THR C 345 1.69 -26.25 -44.22
CA THR C 345 0.47 -26.96 -44.58
C THR C 345 -0.06 -27.81 -43.44
N ARG C 346 0.78 -28.19 -42.49
CA ARG C 346 0.37 -29.00 -41.35
C ARG C 346 0.89 -28.39 -40.06
N PHE C 347 0.13 -28.59 -38.99
CA PHE C 347 0.50 -28.12 -37.65
C PHE C 347 0.35 -29.27 -36.67
N ALA C 348 1.28 -29.36 -35.72
CA ALA C 348 1.28 -30.44 -34.76
C ALA C 348 0.13 -30.27 -33.76
N SER C 349 -0.21 -31.37 -33.09
CA SER C 349 -1.27 -31.38 -32.10
C SER C 349 -0.78 -30.72 -30.81
N VAL C 350 -1.74 -30.41 -29.92
CA VAL C 350 -1.40 -29.75 -28.67
C VAL C 350 -0.61 -30.69 -27.76
N TYR C 351 -0.94 -31.98 -27.77
CA TYR C 351 -0.21 -32.94 -26.94
C TYR C 351 1.20 -33.20 -27.44
N ALA C 352 1.54 -32.77 -28.65
CA ALA C 352 2.86 -32.96 -29.24
C ALA C 352 3.33 -31.67 -29.89
N TRP C 353 3.22 -30.56 -29.16
CA TRP C 353 3.58 -29.26 -29.72
C TRP C 353 5.08 -29.19 -30.00
N ASN C 354 5.43 -28.55 -31.11
CA ASN C 354 6.82 -28.44 -31.54
C ASN C 354 7.48 -27.23 -30.87
N ARG C 355 8.78 -27.09 -31.12
CA ARG C 355 9.56 -25.96 -30.58
C ARG C 355 10.64 -25.63 -31.61
N LYS C 356 10.32 -24.68 -32.48
CA LYS C 356 11.22 -24.29 -33.56
C LYS C 356 12.10 -23.12 -33.12
N ARG C 357 13.41 -23.29 -33.27
CA ARG C 357 14.37 -22.28 -32.87
C ARG C 357 14.76 -21.42 -34.07
N ILE C 358 14.62 -20.10 -33.92
CA ILE C 358 14.97 -19.15 -34.97
C ILE C 358 16.12 -18.30 -34.44
N SER C 359 17.21 -18.23 -35.21
CA SER C 359 18.40 -17.53 -34.77
C SER C 359 19.22 -17.09 -35.97
N ASN C 360 20.12 -16.14 -35.73
CA ASN C 360 21.04 -15.63 -36.74
C ASN C 360 20.31 -15.12 -37.98
N CYS C 361 19.35 -14.24 -37.76
CA CYS C 361 18.58 -13.66 -38.85
C CYS C 361 17.96 -12.36 -38.40
N VAL C 362 17.56 -11.56 -39.39
CA VAL C 362 16.85 -10.31 -39.13
C VAL C 362 15.36 -10.59 -39.18
N ALA C 363 14.65 -10.27 -38.10
CA ALA C 363 13.25 -10.60 -37.96
C ALA C 363 12.38 -9.38 -38.22
N ASP C 364 11.45 -9.52 -39.16
CA ASP C 364 10.52 -8.44 -39.52
C ASP C 364 9.18 -8.73 -38.85
N TYR C 365 8.95 -8.08 -37.72
CA TYR C 365 7.66 -8.21 -37.04
C TYR C 365 6.62 -7.22 -37.55
N SER C 366 7.03 -6.29 -38.40
CA SER C 366 6.09 -5.29 -38.91
C SER C 366 5.00 -5.94 -39.77
N VAL C 367 5.40 -6.87 -40.65
CA VAL C 367 4.42 -7.54 -41.50
C VAL C 367 3.51 -8.42 -40.66
N LEU C 368 4.05 -9.05 -39.61
CA LEU C 368 3.22 -9.86 -38.73
C LEU C 368 2.19 -9.00 -37.99
N TYR C 369 2.61 -7.83 -37.50
CA TYR C 369 1.68 -6.95 -36.79
C TYR C 369 0.63 -6.36 -37.74
N ASN C 370 1.05 -5.97 -38.94
CA ASN C 370 0.13 -5.36 -39.90
C ASN C 370 -0.74 -6.39 -40.62
N SER C 371 -0.42 -7.68 -40.49
CA SER C 371 -1.22 -8.71 -41.14
C SER C 371 -2.54 -8.86 -40.39
N ALA C 372 -3.64 -8.49 -41.03
CA ALA C 372 -4.97 -8.56 -40.44
C ALA C 372 -5.53 -9.98 -40.45
N SER C 373 -4.83 -10.94 -41.06
CA SER C 373 -5.33 -12.31 -41.09
C SER C 373 -5.48 -12.89 -39.69
N PHE C 374 -4.64 -12.47 -38.75
CA PHE C 374 -4.77 -12.93 -37.37
C PHE C 374 -6.02 -12.34 -36.73
N SER C 375 -6.82 -13.19 -36.09
CA SER C 375 -8.00 -12.72 -35.36
C SER C 375 -7.63 -12.22 -33.97
N THR C 376 -6.76 -12.94 -33.28
CA THR C 376 -6.27 -12.53 -31.96
C THR C 376 -4.78 -12.27 -32.06
N PHE C 377 -4.37 -11.07 -31.66
CA PHE C 377 -2.96 -10.69 -31.68
C PHE C 377 -2.49 -10.13 -30.33
N LYS C 378 -3.30 -10.26 -29.28
CA LYS C 378 -2.93 -9.72 -27.99
C LYS C 378 -1.70 -10.43 -27.43
N CYS C 379 -0.89 -9.68 -26.71
CA CYS C 379 0.36 -10.18 -26.15
C CYS C 379 0.27 -10.23 -24.64
N TYR C 380 0.52 -11.41 -24.07
CA TYR C 380 0.61 -11.58 -22.63
C TYR C 380 2.04 -11.41 -22.12
N GLY C 381 2.95 -10.94 -22.97
CA GLY C 381 4.32 -10.74 -22.59
C GLY C 381 4.61 -9.28 -22.29
N VAL C 382 5.17 -8.57 -23.27
CA VAL C 382 5.52 -7.17 -23.06
C VAL C 382 4.65 -6.25 -23.90
N SER C 383 4.71 -6.38 -25.23
CA SER C 383 4.00 -5.48 -26.12
C SER C 383 3.83 -6.15 -27.46
N PRO C 384 2.79 -5.79 -28.22
CA PRO C 384 2.61 -6.35 -29.57
C PRO C 384 3.18 -5.49 -30.70
N THR C 385 3.79 -4.35 -30.41
CA THR C 385 4.27 -3.48 -31.48
C THR C 385 5.74 -3.09 -31.34
N LYS C 386 6.22 -2.90 -30.12
CA LYS C 386 7.57 -2.37 -29.88
C LYS C 386 8.67 -3.41 -30.07
N LEU C 387 8.35 -4.59 -30.62
CA LEU C 387 9.34 -5.66 -30.72
C LEU C 387 10.37 -5.39 -31.80
N ASN C 388 10.08 -4.51 -32.75
CA ASN C 388 10.98 -4.25 -33.86
C ASN C 388 12.08 -3.25 -33.51
N ASP C 389 12.35 -3.04 -32.22
CA ASP C 389 13.40 -2.12 -31.79
C ASP C 389 14.40 -2.79 -30.85
N LEU C 390 14.26 -4.09 -30.60
CA LEU C 390 15.10 -4.77 -29.62
C LEU C 390 15.55 -6.12 -30.18
N CYS C 391 16.67 -6.61 -29.67
CA CYS C 391 17.18 -7.93 -29.98
C CYS C 391 16.99 -8.86 -28.79
N PHE C 392 16.92 -10.16 -29.08
CA PHE C 392 16.74 -11.18 -28.06
C PHE C 392 17.76 -12.29 -28.27
N THR C 393 18.08 -12.99 -27.18
CA THR C 393 19.08 -14.04 -27.25
C THR C 393 18.65 -15.17 -28.18
N ASN C 394 17.38 -15.58 -28.10
CA ASN C 394 16.85 -16.61 -28.98
C ASN C 394 15.34 -16.48 -29.03
N VAL C 395 14.75 -17.04 -30.09
CA VAL C 395 13.32 -17.00 -30.32
C VAL C 395 12.82 -18.43 -30.52
N TYR C 396 11.82 -18.83 -29.73
CA TYR C 396 11.22 -20.15 -29.82
C TYR C 396 9.78 -20.00 -30.31
N ALA C 397 9.43 -20.72 -31.37
CA ALA C 397 8.10 -20.69 -31.97
C ALA C 397 7.44 -22.05 -31.74
N ASP C 398 6.38 -22.05 -30.93
CA ASP C 398 5.62 -23.27 -30.63
C ASP C 398 4.30 -23.22 -31.39
N SER C 399 3.96 -24.32 -32.06
CA SER C 399 2.75 -24.39 -32.86
C SER C 399 1.93 -25.59 -32.43
N PHE C 400 0.63 -25.37 -32.20
CA PHE C 400 -0.29 -26.44 -31.87
C PHE C 400 -1.70 -25.97 -32.24
N VAL C 401 -2.67 -26.87 -32.12
CA VAL C 401 -4.04 -26.62 -32.54
C VAL C 401 -4.98 -26.96 -31.39
N ILE C 402 -5.91 -26.05 -31.08
CA ILE C 402 -6.95 -26.26 -30.10
C ILE C 402 -8.29 -25.83 -30.71
N ARG C 403 -9.33 -25.90 -29.89
CA ARG C 403 -10.67 -25.53 -30.35
C ARG C 403 -10.75 -24.02 -30.57
N GLY C 404 -11.90 -23.57 -31.08
CA GLY C 404 -12.14 -22.15 -31.21
C GLY C 404 -12.17 -21.45 -29.86
N ASP C 405 -12.63 -22.15 -28.83
CA ASP C 405 -12.58 -21.63 -27.47
C ASP C 405 -11.20 -21.87 -26.86
N GLU C 406 -11.04 -21.42 -25.61
CA GLU C 406 -9.86 -21.53 -24.77
C GLU C 406 -8.61 -20.94 -25.41
N VAL C 407 -8.73 -20.27 -26.55
CA VAL C 407 -7.61 -19.49 -27.07
C VAL C 407 -7.34 -18.29 -26.16
N ARG C 408 -8.39 -17.69 -25.63
CA ARG C 408 -8.23 -16.70 -24.57
C ARG C 408 -7.71 -17.35 -23.30
N GLN C 409 -8.02 -18.62 -23.08
CA GLN C 409 -7.54 -19.32 -21.89
C GLN C 409 -6.04 -19.60 -21.97
N ILE C 410 -5.51 -19.75 -23.18
CA ILE C 410 -4.07 -19.93 -23.35
C ILE C 410 -3.39 -18.62 -22.98
N ALA C 411 -2.81 -18.57 -21.79
CA ALA C 411 -2.25 -17.37 -21.19
C ALA C 411 -1.59 -17.74 -19.86
N PRO C 412 -0.82 -16.84 -19.25
CA PRO C 412 -0.40 -17.07 -17.86
C PRO C 412 -1.61 -17.23 -16.96
N GLY C 413 -1.52 -18.19 -16.04
CA GLY C 413 -2.67 -18.49 -15.20
C GLY C 413 -3.80 -19.11 -15.99
N GLN C 414 -5.03 -18.80 -15.56
CA GLN C 414 -6.25 -19.30 -16.20
C GLN C 414 -6.26 -20.83 -16.22
N THR C 415 -6.34 -21.38 -15.01
CA THR C 415 -6.30 -22.84 -14.85
C THR C 415 -7.42 -23.51 -15.63
N GLY C 416 -7.10 -24.63 -16.25
CA GLY C 416 -8.05 -25.38 -17.04
C GLY C 416 -7.43 -26.69 -17.46
N LYS C 417 -8.19 -27.46 -18.25
CA LYS C 417 -7.69 -28.75 -18.72
C LYS C 417 -6.46 -28.57 -19.58
N ILE C 418 -6.48 -27.61 -20.51
CA ILE C 418 -5.32 -27.38 -21.37
C ILE C 418 -4.15 -26.83 -20.56
N ALA C 419 -4.44 -26.01 -19.54
CA ALA C 419 -3.35 -25.44 -18.75
C ALA C 419 -2.65 -26.50 -17.91
N ASP C 420 -3.41 -27.36 -17.23
CA ASP C 420 -2.84 -28.28 -16.27
C ASP C 420 -2.53 -29.67 -16.84
N TYR C 421 -2.95 -29.96 -18.07
CA TYR C 421 -2.64 -31.25 -18.69
C TYR C 421 -2.03 -31.12 -20.08
N ASN C 422 -1.98 -29.92 -20.65
CA ASN C 422 -1.41 -29.72 -21.98
C ASN C 422 -0.39 -28.58 -21.92
N TYR C 423 0.02 -28.07 -23.09
CA TYR C 423 0.96 -26.96 -23.15
C TYR C 423 0.54 -25.83 -22.23
N LYS C 424 1.40 -25.51 -21.27
CA LYS C 424 1.10 -24.54 -20.23
C LYS C 424 2.03 -23.34 -20.36
N LEU C 425 1.45 -22.14 -20.24
CA LEU C 425 2.20 -20.90 -20.31
C LEU C 425 2.57 -20.44 -18.92
N PRO C 426 3.85 -20.17 -18.65
CA PRO C 426 4.26 -19.75 -17.30
C PRO C 426 3.68 -18.40 -16.92
N ASP C 427 3.45 -18.22 -15.62
CA ASP C 427 2.92 -16.96 -15.12
C ASP C 427 3.91 -15.81 -15.33
N ASP C 428 5.20 -16.11 -15.48
CA ASP C 428 6.21 -15.10 -15.82
C ASP C 428 6.54 -15.28 -17.31
N PHE C 429 5.72 -14.65 -18.15
CA PHE C 429 5.83 -14.80 -19.59
C PHE C 429 6.27 -13.48 -20.22
N THR C 430 7.00 -13.60 -21.34
CA THR C 430 7.53 -12.44 -22.04
C THR C 430 7.35 -12.61 -23.54
N GLY C 431 6.28 -13.30 -23.95
CA GLY C 431 6.04 -13.56 -25.35
C GLY C 431 4.62 -13.21 -25.74
N CYS C 432 4.39 -13.22 -27.05
CA CYS C 432 3.10 -12.86 -27.63
C CYS C 432 2.43 -14.10 -28.23
N VAL C 433 1.18 -14.33 -27.85
CA VAL C 433 0.39 -15.43 -28.38
C VAL C 433 -0.40 -14.94 -29.58
N ILE C 434 -0.36 -15.72 -30.66
CA ILE C 434 -1.02 -15.37 -31.92
C ILE C 434 -2.03 -16.44 -32.25
N ALA C 435 -3.28 -16.04 -32.51
CA ALA C 435 -4.35 -16.95 -32.86
C ALA C 435 -5.09 -16.42 -34.08
N TRP C 436 -5.52 -17.34 -34.94
CA TRP C 436 -6.25 -16.96 -36.14
C TRP C 436 -7.12 -18.13 -36.58
N ASN C 437 -8.25 -17.79 -37.21
CA ASN C 437 -9.18 -18.81 -37.69
C ASN C 437 -8.58 -19.58 -38.86
N SER C 438 -8.78 -20.90 -38.85
CA SER C 438 -8.28 -21.76 -39.92
C SER C 438 -9.32 -22.82 -40.30
N ASN C 439 -10.61 -22.48 -40.19
CA ASN C 439 -11.65 -23.45 -40.49
C ASN C 439 -11.64 -23.85 -41.97
N ASN C 440 -11.38 -22.88 -42.86
CA ASN C 440 -11.51 -23.12 -44.29
C ASN C 440 -10.46 -24.06 -44.85
N LEU C 441 -9.38 -24.34 -44.12
CA LEU C 441 -8.33 -25.21 -44.66
C LEU C 441 -7.98 -26.35 -43.71
N ASP C 442 -8.08 -26.12 -42.40
CA ASP C 442 -7.69 -27.11 -41.42
C ASP C 442 -8.81 -28.07 -41.03
N SER C 443 -10.03 -27.82 -41.49
CA SER C 443 -11.17 -28.67 -41.15
C SER C 443 -11.48 -29.61 -42.31
N LYS C 444 -11.67 -30.89 -42.01
CA LYS C 444 -12.02 -31.89 -43.00
C LYS C 444 -13.40 -32.46 -42.67
N VAL C 445 -14.13 -32.84 -43.72
CA VAL C 445 -15.47 -33.39 -43.53
C VAL C 445 -15.38 -34.74 -42.84
N GLY C 446 -16.44 -35.09 -42.11
CA GLY C 446 -16.50 -36.34 -41.40
C GLY C 446 -15.89 -36.34 -40.01
N GLY C 447 -15.41 -35.20 -39.54
CA GLY C 447 -14.83 -35.14 -38.21
C GLY C 447 -13.46 -35.78 -38.11
N ASN C 448 -12.47 -35.18 -38.77
CA ASN C 448 -11.11 -35.73 -38.76
C ASN C 448 -10.59 -35.84 -37.32
N TYR C 449 -9.93 -36.97 -37.04
CA TYR C 449 -9.42 -37.26 -35.70
C TYR C 449 -7.90 -37.18 -35.65
N ASN C 450 -7.27 -36.49 -36.61
CA ASN C 450 -5.82 -36.33 -36.59
C ASN C 450 -5.35 -35.48 -35.42
N TYR C 451 -6.24 -34.73 -34.80
CA TYR C 451 -5.90 -33.85 -33.68
C TYR C 451 -6.34 -34.47 -32.36
N LEU C 452 -5.47 -34.40 -31.36
CA LEU C 452 -5.70 -35.00 -30.06
C LEU C 452 -5.52 -33.92 -28.98
N TYR C 453 -5.87 -34.28 -27.75
CA TYR C 453 -5.57 -33.43 -26.60
C TYR C 453 -5.67 -34.25 -25.33
N ARG C 454 -4.78 -33.97 -24.38
CA ARG C 454 -4.75 -34.70 -23.13
C ARG C 454 -5.96 -34.36 -22.27
N LEU C 455 -6.57 -35.39 -21.68
CA LEU C 455 -7.74 -35.20 -20.82
C LEU C 455 -7.36 -35.06 -19.36
N PHE C 456 -6.49 -35.92 -18.86
CA PHE C 456 -6.09 -35.89 -17.46
C PHE C 456 -4.75 -36.59 -17.29
N ARG C 457 -4.07 -36.23 -16.20
CA ARG C 457 -2.79 -36.83 -15.83
C ARG C 457 -2.76 -37.04 -14.33
N LYS C 458 -1.63 -37.53 -13.83
CA LYS C 458 -1.49 -37.74 -12.40
C LYS C 458 -1.56 -36.42 -11.64
N SER C 459 -0.90 -35.39 -12.17
CA SER C 459 -0.91 -34.07 -11.55
C SER C 459 -0.76 -33.01 -12.64
N ASN C 460 -0.66 -31.75 -12.22
CA ASN C 460 -0.53 -30.65 -13.17
C ASN C 460 0.79 -30.74 -13.92
N LEU C 461 0.78 -30.24 -15.15
CA LEU C 461 1.95 -30.28 -16.01
C LEU C 461 2.81 -29.04 -15.81
N LYS C 462 4.12 -29.23 -15.75
CA LYS C 462 5.03 -28.10 -15.64
C LYS C 462 5.02 -27.30 -16.95
N PRO C 463 5.25 -25.99 -16.87
CA PRO C 463 5.25 -25.17 -18.09
C PRO C 463 6.34 -25.61 -19.05
N PHE C 464 6.03 -25.52 -20.35
CA PHE C 464 6.95 -25.89 -21.43
C PHE C 464 7.36 -27.36 -21.31
N GLU C 465 6.36 -28.25 -21.29
CA GLU C 465 6.58 -29.68 -21.22
C GLU C 465 5.82 -30.36 -22.35
N ARG C 466 6.51 -31.24 -23.08
CA ARG C 466 5.92 -32.02 -24.16
C ARG C 466 5.86 -33.48 -23.72
N ASP C 467 4.65 -34.00 -23.53
CA ASP C 467 4.44 -35.36 -23.06
C ASP C 467 3.79 -36.18 -24.16
N ILE C 468 4.41 -37.31 -24.50
CA ILE C 468 3.90 -38.23 -25.51
C ILE C 468 3.77 -39.64 -24.95
N SER C 469 3.83 -39.77 -23.62
CA SER C 469 3.78 -41.09 -22.99
C SER C 469 2.44 -41.78 -23.27
N THR C 470 1.34 -41.04 -23.16
CA THR C 470 -0.01 -41.56 -23.42
C THR C 470 -0.29 -42.84 -22.63
N GLU C 471 0.18 -42.88 -21.39
CA GLU C 471 0.01 -44.06 -20.56
C GLU C 471 -1.37 -44.06 -19.90
N ILE C 472 -1.76 -45.22 -19.38
CA ILE C 472 -3.07 -45.39 -18.79
C ILE C 472 -3.12 -44.67 -17.44
N TYR C 473 -4.15 -43.85 -17.26
CA TYR C 473 -4.34 -43.11 -16.01
C TYR C 473 -5.13 -43.94 -15.01
N GLN C 474 -4.83 -43.74 -13.72
CA GLN C 474 -5.46 -44.47 -12.64
C GLN C 474 -6.39 -43.55 -11.87
N ALA C 475 -7.60 -44.04 -11.58
CA ALA C 475 -8.60 -43.33 -10.79
C ALA C 475 -9.20 -44.32 -9.81
N GLY C 476 -8.58 -44.43 -8.63
CA GLY C 476 -9.02 -45.37 -7.62
C GLY C 476 -8.09 -46.54 -7.46
N SER C 477 -8.61 -47.69 -7.00
CA SER C 477 -7.78 -48.88 -6.88
C SER C 477 -7.25 -49.33 -8.23
N THR C 478 -8.11 -49.34 -9.25
CA THR C 478 -7.80 -49.58 -10.66
C THR C 478 -6.84 -50.75 -10.88
N PRO C 479 -7.31 -51.99 -10.75
CA PRO C 479 -6.52 -53.14 -11.23
C PRO C 479 -6.54 -53.24 -12.75
N CYS C 480 -6.06 -52.19 -13.41
CA CYS C 480 -6.21 -52.04 -14.85
C CYS C 480 -4.96 -52.54 -15.56
N ASN C 481 -4.79 -53.87 -15.54
CA ASN C 481 -3.68 -54.50 -16.22
C ASN C 481 -3.94 -54.76 -17.69
N GLY C 482 -5.16 -54.49 -18.17
CA GLY C 482 -5.48 -54.65 -19.57
C GLY C 482 -5.43 -53.34 -20.34
N VAL C 483 -5.81 -53.43 -21.61
CA VAL C 483 -5.82 -52.24 -22.47
C VAL C 483 -6.89 -51.25 -22.02
N GLU C 484 -8.10 -51.76 -21.78
CA GLU C 484 -9.24 -50.91 -21.41
C GLU C 484 -9.99 -51.55 -20.25
N GLY C 485 -10.45 -50.71 -19.33
CA GLY C 485 -11.19 -51.19 -18.19
C GLY C 485 -12.00 -50.07 -17.55
N PHE C 486 -12.61 -50.39 -16.42
CA PHE C 486 -13.41 -49.41 -15.69
C PHE C 486 -12.51 -48.35 -15.07
N ASN C 487 -12.90 -47.08 -15.25
CA ASN C 487 -12.19 -45.93 -14.70
C ASN C 487 -10.75 -45.84 -15.18
N CYS C 488 -10.43 -46.44 -16.33
CA CYS C 488 -9.09 -46.39 -16.89
C CYS C 488 -9.17 -46.54 -18.40
N TYR C 489 -8.56 -45.61 -19.11
CA TYR C 489 -8.51 -45.66 -20.57
C TYR C 489 -7.41 -44.73 -21.06
N PHE C 490 -7.23 -44.67 -22.36
CA PHE C 490 -6.23 -43.79 -22.95
C PHE C 490 -6.56 -42.35 -22.63
N PRO C 491 -5.58 -41.53 -22.23
CA PRO C 491 -5.90 -40.16 -21.79
C PRO C 491 -6.10 -39.17 -22.91
N LEU C 492 -5.63 -39.46 -24.12
CA LEU C 492 -5.78 -38.54 -25.24
C LEU C 492 -7.13 -38.73 -25.91
N GLN C 493 -7.77 -37.62 -26.27
CA GLN C 493 -9.10 -37.64 -26.85
C GLN C 493 -9.08 -36.96 -28.22
N SER C 494 -9.83 -37.53 -29.15
CA SER C 494 -9.86 -37.02 -30.52
C SER C 494 -10.63 -35.70 -30.59
N TYR C 495 -10.21 -34.83 -31.50
CA TYR C 495 -10.87 -33.56 -31.72
C TYR C 495 -11.97 -33.69 -32.76
N GLY C 496 -13.10 -33.05 -32.50
CA GLY C 496 -14.20 -33.05 -33.45
C GLY C 496 -14.27 -31.77 -34.26
N PHE C 497 -13.81 -31.83 -35.51
CA PHE C 497 -13.77 -30.67 -36.39
C PHE C 497 -14.74 -30.88 -37.54
N GLN C 498 -15.65 -29.93 -37.73
CA GLN C 498 -16.60 -29.97 -38.83
C GLN C 498 -16.65 -28.61 -39.52
N PRO C 499 -16.69 -28.58 -40.86
CA PRO C 499 -16.82 -27.30 -41.56
C PRO C 499 -18.10 -26.56 -41.22
N THR C 500 -19.19 -27.28 -40.95
CA THR C 500 -20.46 -26.68 -40.60
C THR C 500 -20.63 -26.49 -39.10
N ASN C 501 -19.64 -26.88 -38.29
CA ASN C 501 -19.74 -26.72 -36.86
C ASN C 501 -19.62 -25.25 -36.46
N GLY C 502 -20.01 -24.96 -35.23
CA GLY C 502 -19.92 -23.60 -34.73
C GLY C 502 -18.49 -23.14 -34.55
N VAL C 503 -18.33 -21.82 -34.47
CA VAL C 503 -17.01 -21.23 -34.33
C VAL C 503 -16.37 -21.59 -32.99
N GLY C 504 -17.18 -21.99 -32.01
CA GLY C 504 -16.62 -22.37 -30.72
C GLY C 504 -15.73 -23.59 -30.80
N TYR C 505 -16.10 -24.56 -31.66
CA TYR C 505 -15.32 -25.76 -31.86
C TYR C 505 -14.60 -25.78 -33.19
N GLN C 506 -14.59 -24.67 -33.92
CA GLN C 506 -13.90 -24.60 -35.19
C GLN C 506 -12.38 -24.69 -34.98
N PRO C 507 -11.64 -25.19 -35.96
CA PRO C 507 -10.18 -25.28 -35.82
C PRO C 507 -9.55 -23.90 -35.71
N TYR C 508 -8.66 -23.75 -34.73
CA TYR C 508 -7.93 -22.51 -34.51
C TYR C 508 -6.44 -22.82 -34.46
N ARG C 509 -5.64 -21.96 -35.11
CA ARG C 509 -4.19 -22.11 -35.13
C ARG C 509 -3.58 -21.12 -34.16
N VAL C 510 -2.83 -21.62 -33.18
CA VAL C 510 -2.17 -20.79 -32.19
C VAL C 510 -0.68 -21.02 -32.27
N VAL C 511 0.08 -19.95 -32.50
CA VAL C 511 1.53 -19.99 -32.53
C VAL C 511 2.04 -18.93 -31.56
N VAL C 512 2.91 -19.34 -30.64
CA VAL C 512 3.44 -18.46 -29.61
C VAL C 512 4.93 -18.27 -29.85
N LEU C 513 5.43 -17.07 -29.54
CA LEU C 513 6.84 -16.74 -29.64
C LEU C 513 7.38 -16.44 -28.25
N SER C 514 8.52 -17.02 -27.92
CA SER C 514 9.15 -16.85 -26.63
C SER C 514 10.48 -16.11 -26.82
N PHE C 515 10.72 -15.12 -25.97
CA PHE C 515 11.94 -14.31 -26.02
C PHE C 515 12.70 -14.50 -24.72
N GLU C 516 13.49 -15.56 -24.65
CA GLU C 516 14.33 -15.78 -23.48
C GLU C 516 15.45 -14.75 -23.43
N LEU C 517 15.74 -14.26 -22.24
CA LEU C 517 16.79 -13.27 -22.04
C LEU C 517 17.77 -13.81 -21.00
N LEU C 518 18.99 -14.14 -21.44
CA LEU C 518 20.01 -14.70 -20.56
C LEU C 518 21.31 -13.92 -20.70
N HIS C 519 22.39 -14.45 -20.11
CA HIS C 519 23.69 -13.81 -20.20
C HIS C 519 24.26 -13.84 -21.62
N ALA C 520 23.71 -14.70 -22.49
CA ALA C 520 24.22 -14.81 -23.85
C ALA C 520 23.89 -13.55 -24.65
N PRO C 521 24.77 -13.19 -25.60
CA PRO C 521 24.48 -12.03 -26.45
C PRO C 521 23.29 -12.28 -27.35
N ALA C 522 22.58 -11.20 -27.68
CA ALA C 522 21.40 -11.29 -28.53
C ALA C 522 21.79 -11.50 -29.98
N THR C 523 20.91 -12.15 -30.74
CA THR C 523 21.20 -12.51 -32.12
C THR C 523 20.06 -12.25 -33.10
N VAL C 524 18.86 -11.94 -32.65
CA VAL C 524 17.69 -11.79 -33.53
C VAL C 524 17.07 -10.42 -33.30
N CYS C 525 17.09 -9.58 -34.34
CA CYS C 525 16.36 -8.31 -34.33
C CYS C 525 16.25 -7.80 -35.76
N GLY C 526 15.33 -6.86 -35.95
CA GLY C 526 14.98 -6.35 -37.26
C GLY C 526 15.81 -5.19 -37.77
N PRO C 527 15.88 -4.08 -37.01
CA PRO C 527 16.57 -2.89 -37.55
C PRO C 527 18.09 -2.99 -37.45
N LYS C 528 18.68 -3.76 -38.36
CA LYS C 528 20.12 -3.93 -38.40
C LYS C 528 20.84 -2.69 -38.91
N LYS C 529 20.11 -1.69 -39.42
CA LYS C 529 20.73 -0.47 -39.93
C LYS C 529 21.54 0.19 -38.83
N SER C 530 22.79 0.54 -39.14
CA SER C 530 23.71 1.08 -38.16
C SER C 530 24.29 2.39 -38.65
N THR C 531 24.55 3.29 -37.70
CA THR C 531 25.21 4.56 -37.97
C THR C 531 26.65 4.51 -37.49
N ASN C 532 27.47 5.41 -38.03
CA ASN C 532 28.88 5.44 -37.67
C ASN C 532 29.05 5.76 -36.19
N LEU C 533 30.00 5.07 -35.56
CA LEU C 533 30.27 5.28 -34.15
C LEU C 533 30.96 6.62 -33.93
N VAL C 534 30.46 7.40 -32.98
CA VAL C 534 31.02 8.69 -32.63
C VAL C 534 31.49 8.63 -31.18
N LYS C 535 32.68 9.17 -30.92
CA LYS C 535 33.30 9.09 -29.61
C LYS C 535 33.62 10.49 -29.09
N ASN C 536 33.85 10.57 -27.79
CA ASN C 536 34.16 11.82 -27.10
C ASN C 536 33.05 12.85 -27.30
N LYS C 537 31.81 12.39 -27.29
CA LYS C 537 30.65 13.26 -27.43
C LYS C 537 29.46 12.60 -26.74
N CYS C 538 28.63 13.42 -26.10
CA CYS C 538 27.46 12.92 -25.39
C CYS C 538 26.40 12.52 -26.40
N VAL C 539 26.38 11.24 -26.75
CA VAL C 539 25.43 10.71 -27.72
C VAL C 539 24.72 9.50 -27.11
N ASN C 540 23.44 9.36 -27.43
CA ASN C 540 22.68 8.19 -26.99
C ASN C 540 23.08 6.98 -27.80
N PHE C 541 23.05 5.80 -27.17
CA PHE C 541 23.42 4.56 -27.83
C PHE C 541 22.42 3.47 -27.48
N ASN C 542 22.18 2.58 -28.44
CA ASN C 542 21.37 1.38 -28.22
C ASN C 542 22.16 0.19 -28.78
N PHE C 543 23.04 -0.37 -27.97
CA PHE C 543 23.83 -1.53 -28.37
C PHE C 543 22.94 -2.76 -28.28
N ASN C 544 22.40 -3.17 -29.44
CA ASN C 544 21.45 -4.29 -29.57
C ASN C 544 20.45 -4.31 -28.42
N GLY C 545 19.81 -3.16 -28.19
CA GLY C 545 18.73 -3.05 -27.24
C GLY C 545 19.10 -2.44 -25.89
N LEU C 546 20.36 -2.04 -25.69
CA LEU C 546 20.75 -1.46 -24.41
C LEU C 546 20.05 -0.12 -24.18
N THR C 547 19.96 0.71 -25.21
CA THR C 547 19.23 1.99 -25.18
C THR C 547 19.70 2.88 -24.03
N GLY C 548 21.01 2.85 -23.75
CA GLY C 548 21.59 3.70 -22.74
C GLY C 548 21.93 5.08 -23.28
N THR C 549 22.62 5.85 -22.44
CA THR C 549 23.05 7.19 -22.81
C THR C 549 24.30 7.56 -22.02
N GLY C 550 25.22 8.25 -22.68
CA GLY C 550 26.44 8.66 -22.02
C GLY C 550 27.48 9.10 -23.05
N VAL C 551 28.74 9.08 -22.61
CA VAL C 551 29.88 9.47 -23.43
C VAL C 551 30.78 8.26 -23.63
N LEU C 552 31.03 7.91 -24.88
CA LEU C 552 31.84 6.75 -25.22
C LEU C 552 33.25 7.20 -25.60
N THR C 553 34.24 6.76 -24.84
CA THR C 553 35.64 7.10 -25.06
C THR C 553 36.44 5.82 -25.18
N GLU C 554 37.73 5.96 -25.50
CA GLU C 554 38.64 4.82 -25.48
C GLU C 554 38.83 4.33 -24.05
N SER C 555 38.80 3.01 -23.88
CA SER C 555 38.86 2.39 -22.57
C SER C 555 40.23 1.73 -22.39
N ASN C 556 40.96 2.16 -21.37
CA ASN C 556 42.27 1.57 -21.09
C ASN C 556 42.14 0.20 -20.42
N LYS C 557 41.00 -0.10 -19.82
CA LYS C 557 40.79 -1.41 -19.22
C LYS C 557 40.69 -2.48 -20.30
N LYS C 558 41.13 -3.68 -19.96
CA LYS C 558 41.24 -4.80 -20.89
C LYS C 558 40.14 -5.81 -20.60
N PHE C 559 39.10 -5.81 -21.43
CA PHE C 559 38.05 -6.81 -21.29
C PHE C 559 38.56 -8.19 -21.67
N LEU C 560 38.13 -9.20 -20.91
CA LEU C 560 38.46 -10.57 -21.25
C LEU C 560 37.66 -11.02 -22.48
N PRO C 561 38.18 -11.99 -23.23
CA PRO C 561 37.55 -12.31 -24.53
C PRO C 561 36.09 -12.72 -24.42
N PHE C 562 35.70 -13.47 -23.39
CA PHE C 562 34.31 -13.89 -23.28
C PHE C 562 33.41 -12.79 -22.74
N GLN C 563 33.92 -11.91 -21.89
CA GLN C 563 33.12 -10.85 -21.31
C GLN C 563 32.72 -9.84 -22.38
N GLN C 564 31.48 -9.37 -22.31
CA GLN C 564 30.94 -8.40 -23.25
C GLN C 564 30.61 -7.07 -22.60
N PHE C 565 29.80 -7.07 -21.54
CA PHE C 565 29.42 -5.85 -20.84
C PHE C 565 30.34 -5.64 -19.63
N GLY C 566 30.19 -4.48 -19.01
CA GLY C 566 31.00 -4.13 -17.86
C GLY C 566 30.19 -3.39 -16.83
N ARG C 567 30.56 -3.60 -15.57
CA ARG C 567 29.86 -2.99 -14.44
C ARG C 567 30.89 -2.60 -13.38
N ASP C 568 30.38 -2.11 -12.25
CA ASP C 568 31.23 -1.60 -11.17
C ASP C 568 30.64 -2.05 -9.84
N ILE C 569 31.11 -1.42 -8.75
CA ILE C 569 30.60 -1.76 -7.43
C ILE C 569 29.12 -1.41 -7.32
N ALA C 570 28.64 -0.46 -8.12
CA ALA C 570 27.25 -0.08 -8.17
C ALA C 570 26.52 -0.70 -9.36
N ASP C 571 27.14 -1.70 -10.00
CA ASP C 571 26.62 -2.42 -11.16
C ASP C 571 26.15 -1.48 -12.27
N THR C 572 26.67 -0.26 -12.31
CA THR C 572 26.39 0.64 -13.42
C THR C 572 27.13 0.15 -14.66
N THR C 573 26.47 0.28 -15.82
CA THR C 573 27.01 -0.23 -17.08
C THR C 573 28.16 0.68 -17.52
N ASP C 574 29.35 0.40 -16.99
CA ASP C 574 30.48 1.30 -17.19
C ASP C 574 31.11 1.15 -18.56
N ALA C 575 31.13 -0.06 -19.12
CA ALA C 575 31.79 -0.29 -20.40
C ALA C 575 30.96 -1.24 -21.25
N VAL C 576 31.03 -1.07 -22.56
CA VAL C 576 30.33 -1.90 -23.53
C VAL C 576 31.25 -2.15 -24.71
N ARG C 577 31.23 -3.38 -25.23
CA ARG C 577 32.00 -3.74 -26.42
C ARG C 577 31.13 -3.56 -27.67
N ASP C 578 31.78 -3.22 -28.78
CA ASP C 578 31.06 -3.01 -30.02
C ASP C 578 30.50 -4.32 -30.55
N PRO C 579 29.35 -4.28 -31.25
CA PRO C 579 28.78 -5.50 -31.80
C PRO C 579 29.38 -5.94 -33.13
N GLN C 580 30.18 -5.09 -33.77
CA GLN C 580 30.82 -5.43 -35.03
C GLN C 580 32.34 -5.42 -34.95
N THR C 581 32.89 -4.67 -34.01
CA THR C 581 34.34 -4.58 -33.82
C THR C 581 34.70 -5.02 -32.39
N LEU C 582 35.90 -5.58 -32.25
CA LEU C 582 36.40 -5.99 -30.94
C LEU C 582 37.06 -4.79 -30.27
N GLU C 583 36.24 -3.80 -29.95
CA GLU C 583 36.67 -2.58 -29.32
C GLU C 583 35.89 -2.37 -28.02
N ILE C 584 36.59 -1.92 -26.98
CA ILE C 584 35.97 -1.67 -25.69
C ILE C 584 35.75 -0.17 -25.55
N LEU C 585 34.52 0.22 -25.20
CA LEU C 585 34.13 1.61 -25.13
C LEU C 585 33.80 1.97 -23.68
N ASP C 586 34.65 2.78 -23.06
CA ASP C 586 34.35 3.31 -21.74
C ASP C 586 33.16 4.27 -21.83
N ILE C 587 32.26 4.18 -20.87
CA ILE C 587 31.03 4.96 -20.86
C ILE C 587 30.98 5.76 -19.57
N THR C 588 30.75 7.07 -19.70
CA THR C 588 30.59 7.99 -18.58
C THR C 588 29.27 8.73 -18.72
N PRO C 589 28.53 8.89 -17.62
CA PRO C 589 27.26 9.62 -17.72
C PRO C 589 27.47 11.05 -18.19
N CYS C 590 26.50 11.55 -18.95
CA CYS C 590 26.56 12.92 -19.42
C CYS C 590 26.58 13.88 -18.24
N SER C 591 27.30 14.98 -18.40
CA SER C 591 27.50 15.92 -17.29
C SER C 591 26.18 16.47 -16.80
N PHE C 592 25.95 16.35 -15.49
CA PHE C 592 24.79 16.94 -14.85
C PHE C 592 25.20 17.49 -13.49
N GLY C 593 24.46 18.50 -13.03
CA GLY C 593 24.72 19.13 -11.76
C GLY C 593 23.81 20.30 -11.52
N GLY C 594 23.28 20.43 -10.30
CA GLY C 594 22.35 21.49 -10.02
C GLY C 594 22.99 22.86 -10.16
N VAL C 595 22.23 23.81 -10.66
CA VAL C 595 22.70 25.18 -10.78
C VAL C 595 22.29 25.95 -9.54
N SER C 596 23.05 26.98 -9.23
CA SER C 596 22.75 27.86 -8.10
C SER C 596 22.89 29.30 -8.57
N VAL C 597 22.03 30.17 -8.05
CA VAL C 597 22.00 31.56 -8.45
C VAL C 597 22.44 32.39 -7.25
N ILE C 598 23.70 32.82 -7.25
CA ILE C 598 24.22 33.68 -6.21
C ILE C 598 23.73 35.10 -6.50
N THR C 599 22.81 35.59 -5.68
CA THR C 599 22.18 36.87 -5.92
C THR C 599 22.20 37.71 -4.65
N PRO C 600 22.57 38.98 -4.73
CA PRO C 600 22.32 39.89 -3.61
C PRO C 600 20.83 40.18 -3.50
N GLY C 601 20.41 40.94 -2.48
CA GLY C 601 19.01 41.27 -2.33
C GLY C 601 18.47 41.95 -3.57
N THR C 602 17.25 41.55 -3.99
CA THR C 602 16.65 42.18 -5.16
C THR C 602 16.41 43.67 -4.94
N ASN C 603 16.17 44.07 -3.68
CA ASN C 603 16.07 45.49 -3.37
C ASN C 603 17.40 46.20 -3.63
N THR C 604 18.52 45.48 -3.58
CA THR C 604 19.81 46.08 -3.87
C THR C 604 20.07 46.14 -5.37
N SER C 605 20.10 44.98 -6.02
CA SER C 605 20.35 44.93 -7.46
C SER C 605 19.75 43.65 -8.02
N ASN C 606 19.50 43.66 -9.32
CA ASN C 606 18.94 42.51 -10.03
C ASN C 606 20.02 41.64 -10.67
N GLN C 607 21.29 41.98 -10.52
CA GLN C 607 22.36 41.20 -11.11
C GLN C 607 22.58 39.92 -10.31
N VAL C 608 22.91 38.83 -11.01
CA VAL C 608 23.11 37.53 -10.40
C VAL C 608 24.36 36.90 -10.99
N ALA C 609 24.84 35.84 -10.33
CA ALA C 609 25.98 35.06 -10.80
C ALA C 609 25.65 33.59 -10.62
N VAL C 610 25.68 32.84 -11.71
CA VAL C 610 25.22 31.46 -11.75
C VAL C 610 26.40 30.53 -11.49
N LEU C 611 26.19 29.51 -10.66
CA LEU C 611 27.20 28.52 -10.33
C LEU C 611 26.71 27.16 -10.83
N TYR C 612 27.41 26.61 -11.82
CA TYR C 612 27.11 25.27 -12.32
C TYR C 612 27.93 24.27 -11.51
N GLN C 613 27.27 23.56 -10.62
CA GLN C 613 27.99 22.76 -9.63
C GLN C 613 28.62 21.52 -10.25
N ASP C 614 29.85 21.24 -9.83
CA ASP C 614 30.55 19.98 -10.12
C ASP C 614 30.69 19.73 -11.62
N VAL C 615 30.88 20.80 -12.39
CA VAL C 615 31.18 20.68 -13.81
C VAL C 615 32.26 21.68 -14.17
N ASN C 616 33.23 21.24 -14.98
CA ASN C 616 34.13 22.18 -15.64
C ASN C 616 33.37 22.82 -16.79
N CYS C 617 33.46 24.15 -16.90
CA CYS C 617 32.70 24.88 -17.91
C CYS C 617 33.48 25.08 -19.20
N THR C 618 34.37 24.15 -19.55
CA THR C 618 34.75 24.00 -20.95
C THR C 618 33.62 23.38 -21.77
N GLU C 619 32.55 22.92 -21.10
CA GLU C 619 31.41 22.30 -21.77
C GLU C 619 30.07 22.81 -21.24
N VAL C 620 30.04 23.97 -20.59
CA VAL C 620 28.81 24.51 -20.02
C VAL C 620 27.85 25.11 -21.06
N PRO C 621 28.30 25.77 -22.13
CA PRO C 621 27.32 26.49 -22.96
C PRO C 621 26.26 25.61 -23.60
N VAL C 622 26.62 24.38 -23.96
CA VAL C 622 25.73 23.40 -24.60
C VAL C 622 24.78 24.03 -25.61
N TYR C 636 23.19 31.42 -17.13
CA TYR C 636 23.73 32.61 -17.77
C TYR C 636 24.41 32.24 -19.08
N SER C 637 23.74 32.55 -20.20
CA SER C 637 24.28 32.22 -21.51
C SER C 637 25.52 33.03 -21.83
N THR C 638 25.69 34.19 -21.20
CA THR C 638 26.84 35.04 -21.48
C THR C 638 28.10 34.41 -20.91
N GLY C 639 29.15 34.35 -21.73
CA GLY C 639 30.44 33.84 -21.28
C GLY C 639 31.46 34.94 -21.11
N SER C 640 31.01 36.12 -20.67
CA SER C 640 31.92 37.25 -20.53
C SER C 640 32.93 37.01 -19.44
N ASN C 641 32.48 36.60 -18.25
CA ASN C 641 33.34 36.38 -17.10
C ASN C 641 33.10 34.98 -16.57
N VAL C 642 34.15 34.17 -16.53
CA VAL C 642 34.09 32.80 -16.05
C VAL C 642 35.21 32.58 -15.04
N PHE C 643 34.84 32.07 -13.86
CA PHE C 643 35.78 31.76 -12.80
C PHE C 643 35.62 30.30 -12.41
N GLN C 644 36.74 29.59 -12.30
CA GLN C 644 36.72 28.16 -12.01
C GLN C 644 36.99 27.94 -10.52
N THR C 645 36.06 27.28 -9.84
CA THR C 645 36.17 26.99 -8.42
C THR C 645 36.18 25.48 -8.20
N ARG C 646 36.15 25.08 -6.94
CA ARG C 646 36.04 23.66 -6.59
C ARG C 646 34.60 23.20 -6.51
N ALA C 647 33.69 24.07 -6.08
CA ALA C 647 32.27 23.72 -5.98
C ALA C 647 31.58 23.67 -7.34
N GLY C 648 32.27 24.08 -8.39
CA GLY C 648 31.74 24.18 -9.73
C GLY C 648 32.54 25.21 -10.50
N CYS C 649 31.84 26.01 -11.30
CA CYS C 649 32.46 27.19 -11.85
C CYS C 649 31.41 28.29 -11.93
N LEU C 650 31.86 29.53 -11.72
CA LEU C 650 30.99 30.68 -11.52
C LEU C 650 30.96 31.52 -12.78
N ILE C 651 29.76 31.89 -13.23
CA ILE C 651 29.58 32.74 -14.40
C ILE C 651 28.84 34.00 -13.95
N GLY C 652 29.38 35.16 -14.31
CA GLY C 652 28.79 36.43 -13.94
C GLY C 652 29.46 37.14 -12.79
N ALA C 653 30.46 36.54 -12.17
CA ALA C 653 31.21 37.17 -11.09
C ALA C 653 32.70 37.00 -11.36
N GLU C 654 33.47 38.03 -11.02
CA GLU C 654 34.89 38.08 -11.32
C GLU C 654 35.72 37.77 -10.09
N HIS C 655 36.75 36.94 -10.27
CA HIS C 655 37.66 36.62 -9.18
C HIS C 655 38.45 37.85 -8.78
N VAL C 656 38.76 37.94 -7.48
CA VAL C 656 39.46 39.09 -6.91
C VAL C 656 40.62 38.57 -6.08
N ASN C 657 41.78 39.20 -6.22
CA ASN C 657 42.95 38.83 -5.43
C ASN C 657 42.69 39.04 -3.94
N ASN C 658 42.03 40.15 -3.59
CA ASN C 658 41.81 40.49 -2.19
C ASN C 658 40.88 39.49 -1.52
N SER C 659 40.90 39.50 -0.19
CA SER C 659 40.09 38.58 0.61
C SER C 659 39.33 39.39 1.65
N TYR C 660 38.01 39.23 1.66
CA TYR C 660 37.13 39.84 2.66
C TYR C 660 36.35 38.77 3.38
N GLU C 661 35.65 39.16 4.43
CA GLU C 661 34.85 38.21 5.20
C GLU C 661 33.70 37.68 4.35
N CYS C 662 33.30 36.45 4.63
CA CYS C 662 32.33 35.76 3.80
C CYS C 662 30.98 36.46 3.82
N ASP C 663 30.38 36.62 2.65
CA ASP C 663 29.04 37.20 2.52
C ASP C 663 28.04 36.19 1.98
N ILE C 664 28.30 35.60 0.83
CA ILE C 664 27.46 34.57 0.24
C ILE C 664 28.32 33.34 -0.01
N PRO C 665 28.27 32.35 0.89
CA PRO C 665 29.17 31.20 0.76
C PRO C 665 28.89 30.40 -0.50
N ILE C 666 29.97 30.00 -1.18
CA ILE C 666 29.90 29.17 -2.37
C ILE C 666 30.38 27.75 -2.06
N GLY C 667 31.63 27.60 -1.64
CA GLY C 667 32.21 26.31 -1.35
C GLY C 667 33.72 26.32 -1.48
N ALA C 668 34.40 25.50 -0.69
CA ALA C 668 35.85 25.38 -0.72
C ALA C 668 36.52 26.74 -0.47
N GLY C 669 36.03 27.46 0.53
CA GLY C 669 36.62 28.72 0.92
C GLY C 669 36.48 29.83 -0.10
N ILE C 670 35.31 29.96 -0.73
CA ILE C 670 35.03 31.03 -1.67
C ILE C 670 33.64 31.58 -1.36
N CYS C 671 33.53 32.90 -1.24
CA CYS C 671 32.26 33.56 -0.99
C CYS C 671 32.11 34.76 -1.93
N ALA C 672 31.10 34.70 -2.80
CA ALA C 672 30.77 35.83 -3.64
C ALA C 672 30.11 36.93 -2.82
N SER C 673 30.18 38.15 -3.31
CA SER C 673 29.61 39.30 -2.61
C SER C 673 29.36 40.42 -3.60
N TYR C 674 28.50 41.35 -3.20
CA TYR C 674 28.13 42.50 -4.02
C TYR C 674 28.95 43.69 -3.54
N GLN C 675 30.01 44.02 -4.28
CA GLN C 675 30.92 45.10 -3.89
C GLN C 675 31.30 45.89 -5.12
N THR C 676 31.66 47.15 -4.90
CA THR C 676 32.09 48.04 -5.98
C THR C 676 33.38 47.55 -6.62
N SER C 686 29.85 51.03 -11.33
CA SER C 686 30.92 50.11 -10.95
C SER C 686 30.42 49.09 -9.94
N GLN C 687 29.30 48.44 -10.26
CA GLN C 687 28.69 47.44 -9.40
C GLN C 687 28.73 46.08 -10.07
N SER C 688 29.27 45.08 -9.38
CA SER C 688 29.33 43.74 -9.92
C SER C 688 29.51 42.76 -8.78
N ILE C 689 29.26 41.48 -9.08
CA ILE C 689 29.49 40.41 -8.11
C ILE C 689 30.94 39.98 -8.19
N ILE C 690 31.57 39.79 -7.05
CA ILE C 690 32.98 39.41 -6.96
C ILE C 690 33.10 38.14 -6.13
N ALA C 691 33.87 37.19 -6.61
CA ALA C 691 34.15 35.95 -5.91
C ALA C 691 35.57 35.97 -5.40
N TYR C 692 35.75 35.62 -4.12
CA TYR C 692 37.06 35.71 -3.48
C TYR C 692 37.20 34.61 -2.46
N THR C 693 38.46 34.28 -2.16
CA THR C 693 38.74 33.39 -1.04
C THR C 693 38.51 34.12 0.28
N MET C 694 37.99 33.39 1.27
CA MET C 694 37.61 34.01 2.52
C MET C 694 38.85 34.50 3.28
N SER C 695 38.62 35.47 4.17
CA SER C 695 39.61 35.89 5.15
C SER C 695 39.03 35.62 6.53
N LEU C 696 39.78 34.89 7.35
CA LEU C 696 39.26 34.46 8.64
C LEU C 696 39.17 35.60 9.64
N GLY C 697 39.89 36.68 9.42
CA GLY C 697 39.85 37.83 10.31
C GLY C 697 41.17 38.57 10.27
N ALA C 698 41.24 39.60 11.09
CA ALA C 698 42.45 40.41 11.19
C ALA C 698 43.58 39.58 11.76
N GLU C 699 44.75 39.65 11.14
CA GLU C 699 45.91 38.89 11.59
C GLU C 699 46.60 39.69 12.69
N ASN C 700 46.28 39.36 13.94
CA ASN C 700 46.83 40.05 15.10
C ASN C 700 47.78 39.12 15.84
N SER C 701 49.01 39.57 16.04
CA SER C 701 50.03 38.80 16.74
C SER C 701 50.29 39.44 18.09
N VAL C 702 50.17 38.66 19.15
CA VAL C 702 50.35 39.17 20.50
C VAL C 702 51.85 39.29 20.80
N ALA C 703 52.22 40.36 21.51
CA ALA C 703 53.62 40.63 21.83
C ALA C 703 54.04 39.82 23.05
N TYR C 704 54.13 38.50 22.85
CA TYR C 704 54.56 37.61 23.91
C TYR C 704 56.04 37.84 24.22
N SER C 705 56.38 37.74 25.51
CA SER C 705 57.75 37.95 25.94
C SER C 705 57.96 37.23 27.27
N ASN C 706 59.24 37.07 27.63
CA ASN C 706 59.58 36.35 28.85
C ASN C 706 59.08 37.06 30.10
N ASN C 707 59.01 38.39 30.07
CA ASN C 707 58.67 39.17 31.26
C ASN C 707 57.73 40.33 30.88
N SER C 708 56.70 40.04 30.08
CA SER C 708 55.74 41.04 29.66
C SER C 708 54.33 40.56 29.97
N ILE C 709 53.59 41.36 30.73
CA ILE C 709 52.21 41.06 31.08
C ILE C 709 51.36 42.29 30.75
N ALA C 710 50.22 42.06 30.10
CA ALA C 710 49.28 43.13 29.81
C ALA C 710 48.11 43.05 30.78
N ILE C 711 47.81 44.16 31.44
CA ILE C 711 46.81 44.22 32.49
C ILE C 711 45.82 45.32 32.14
N PRO C 712 44.52 45.05 32.12
CA PRO C 712 43.55 46.11 31.80
C PRO C 712 43.48 47.15 32.90
N THR C 713 43.02 48.35 32.52
CA THR C 713 42.87 49.45 33.46
C THR C 713 41.43 49.87 33.69
N ASN C 714 40.51 49.46 32.82
CA ASN C 714 39.08 49.70 33.00
C ASN C 714 38.32 48.60 32.27
N PHE C 715 37.02 48.81 32.07
CA PHE C 715 36.17 47.73 31.63
C PHE C 715 35.02 48.30 30.79
N THR C 716 34.27 47.38 30.18
CA THR C 716 33.02 47.70 29.49
C THR C 716 32.00 46.65 29.90
N ILE C 717 30.90 47.10 30.51
CA ILE C 717 29.84 46.19 30.94
C ILE C 717 28.91 46.02 29.73
N SER C 718 29.25 45.07 28.87
CA SER C 718 28.54 44.85 27.63
C SER C 718 27.53 43.72 27.81
N VAL C 719 26.32 43.93 27.28
CA VAL C 719 25.27 42.93 27.31
C VAL C 719 25.07 42.37 25.91
N THR C 720 24.92 41.06 25.82
CA THR C 720 24.68 40.38 24.56
C THR C 720 23.39 39.60 24.64
N THR C 721 22.77 39.36 23.49
CA THR C 721 21.47 38.71 23.42
C THR C 721 21.62 37.32 22.81
N GLU C 722 21.08 36.32 23.50
CA GLU C 722 21.04 34.95 23.01
C GLU C 722 19.59 34.53 22.87
N ILE C 723 19.21 34.05 21.70
CA ILE C 723 17.83 33.73 21.37
C ILE C 723 17.71 32.23 21.14
N LEU C 724 16.82 31.58 21.88
CA LEU C 724 16.70 30.13 21.83
C LEU C 724 15.23 29.75 21.65
N PRO C 725 14.90 28.96 20.63
CA PRO C 725 13.55 28.39 20.57
C PRO C 725 13.29 27.49 21.76
N VAL C 726 12.06 27.49 22.23
CA VAL C 726 11.70 26.72 23.42
C VAL C 726 10.56 25.76 23.10
N SER C 727 9.73 26.13 22.13
CA SER C 727 8.59 25.31 21.75
C SER C 727 8.13 25.73 20.37
N MET C 728 7.11 25.04 19.86
CA MET C 728 6.50 25.37 18.59
C MET C 728 5.01 25.13 18.68
N THR C 729 4.31 25.32 17.56
CA THR C 729 2.87 25.12 17.53
C THR C 729 2.53 23.65 17.74
N LYS C 730 1.47 23.40 18.48
CA LYS C 730 1.06 22.04 18.84
C LYS C 730 -0.07 21.60 17.90
N THR C 731 0.32 21.23 16.69
CA THR C 731 -0.67 20.71 15.75
C THR C 731 -1.06 19.28 16.11
N SER C 732 -2.26 18.90 15.71
CA SER C 732 -2.76 17.54 15.95
C SER C 732 -3.66 17.17 14.76
N VAL C 733 -3.08 16.47 13.79
CA VAL C 733 -3.77 16.12 12.56
C VAL C 733 -4.51 14.80 12.76
N ASP C 734 -5.80 14.80 12.44
CA ASP C 734 -6.60 13.59 12.52
C ASP C 734 -6.33 12.74 11.28
N CYS C 735 -5.82 11.52 11.50
CA CYS C 735 -5.44 10.67 10.38
C CYS C 735 -6.66 10.29 9.54
N THR C 736 -7.74 9.85 10.19
CA THR C 736 -8.92 9.42 9.44
C THR C 736 -9.51 10.57 8.63
N MET C 737 -9.66 11.74 9.26
CA MET C 737 -10.24 12.88 8.55
C MET C 737 -9.35 13.36 7.43
N TYR C 738 -8.03 13.38 7.65
CA TYR C 738 -7.13 13.84 6.61
C TYR C 738 -7.11 12.90 5.41
N ILE C 739 -6.93 11.60 5.67
CA ILE C 739 -6.79 10.65 4.56
C ILE C 739 -8.12 10.46 3.85
N CYS C 740 -9.22 10.35 4.61
CA CYS C 740 -10.54 10.12 4.05
C CYS C 740 -11.48 11.22 4.51
N GLY C 741 -12.26 11.76 3.58
CA GLY C 741 -13.21 12.80 3.93
C GLY C 741 -14.43 12.24 4.65
N ASP C 742 -15.58 12.87 4.44
CA ASP C 742 -16.82 12.39 5.06
C ASP C 742 -17.29 11.08 4.47
N SER C 743 -16.71 10.62 3.36
CA SER C 743 -17.14 9.38 2.74
C SER C 743 -16.86 8.20 3.66
N THR C 744 -17.80 7.24 3.67
CA THR C 744 -17.66 6.07 4.52
C THR C 744 -16.99 4.90 3.80
N GLU C 745 -17.05 4.86 2.47
CA GLU C 745 -16.32 3.84 1.73
C GLU C 745 -14.83 3.97 1.96
N CYS C 746 -14.32 5.22 1.97
CA CYS C 746 -12.92 5.46 2.23
C CYS C 746 -12.53 5.00 3.64
N SER C 747 -13.37 5.30 4.63
CA SER C 747 -13.08 4.87 6.00
C SER C 747 -13.08 3.35 6.09
N ASN C 748 -14.02 2.68 5.42
CA ASN C 748 -14.03 1.22 5.43
C ASN C 748 -12.77 0.66 4.79
N LEU C 749 -12.32 1.26 3.69
CA LEU C 749 -11.08 0.80 3.07
C LEU C 749 -9.88 1.03 3.97
N LEU C 750 -9.81 2.18 4.65
CA LEU C 750 -8.68 2.48 5.50
C LEU C 750 -8.68 1.63 6.77
N LEU C 751 -9.84 1.14 7.20
CA LEU C 751 -9.90 0.32 8.40
C LEU C 751 -9.05 -0.94 8.28
N GLN C 752 -8.74 -1.38 7.06
CA GLN C 752 -7.85 -2.53 6.90
C GLN C 752 -6.45 -2.22 7.42
N TYR C 753 -5.94 -1.03 7.13
CA TYR C 753 -4.68 -0.59 7.73
C TYR C 753 -4.90 -0.42 9.22
N GLY C 754 -4.32 -1.31 10.01
CA GLY C 754 -4.71 -1.48 11.40
C GLY C 754 -4.54 -0.29 12.33
N SER C 755 -3.29 0.08 12.64
CA SER C 755 -3.04 1.06 13.68
C SER C 755 -2.18 2.22 13.19
N PHE C 756 -2.16 2.50 11.89
CA PHE C 756 -1.38 3.62 11.40
C PHE C 756 -1.90 4.94 11.96
N CYS C 757 -3.21 5.13 11.91
CA CYS C 757 -3.80 6.37 12.41
C CYS C 757 -3.58 6.51 13.91
N THR C 758 -3.75 5.41 14.66
CA THR C 758 -3.50 5.46 16.09
C THR C 758 -2.05 5.83 16.39
N GLN C 759 -1.12 5.23 15.64
CA GLN C 759 0.31 5.55 15.83
C GLN C 759 0.57 7.03 15.59
N LEU C 760 0.09 7.55 14.46
CA LEU C 760 0.38 8.95 14.13
C LEU C 760 -0.27 9.91 15.12
N ASN C 761 -1.51 9.63 15.52
CA ASN C 761 -2.19 10.49 16.48
C ASN C 761 -1.48 10.47 17.82
N ARG C 762 -1.04 9.29 18.27
CA ARG C 762 -0.31 9.21 19.53
C ARG C 762 1.02 9.96 19.45
N ALA C 763 1.71 9.86 18.32
CA ALA C 763 2.97 10.59 18.16
C ALA C 763 2.75 12.09 18.22
N LEU C 764 1.71 12.60 17.55
CA LEU C 764 1.45 14.03 17.56
C LEU C 764 1.03 14.50 18.96
N THR C 765 0.23 13.70 19.66
CA THR C 765 -0.14 14.05 21.03
C THR C 765 1.09 14.09 21.94
N GLY C 766 1.99 13.13 21.77
CA GLY C 766 3.24 13.16 22.52
C GLY C 766 4.05 14.40 22.22
N ILE C 767 4.10 14.81 20.95
CA ILE C 767 4.82 16.03 20.58
C ILE C 767 4.21 17.23 21.29
N ALA C 768 2.88 17.32 21.31
CA ALA C 768 2.22 18.47 21.93
C ALA C 768 2.49 18.52 23.43
N VAL C 769 2.36 17.38 24.11
CA VAL C 769 2.61 17.38 25.54
C VAL C 769 4.08 17.67 25.82
N GLU C 770 4.97 17.26 24.91
CA GLU C 770 6.38 17.58 25.07
C GLU C 770 6.62 19.08 24.94
N GLN C 771 5.90 19.75 24.03
CA GLN C 771 6.01 21.21 23.93
C GLN C 771 5.55 21.88 25.22
N ASP C 772 4.43 21.41 25.78
CA ASP C 772 3.97 21.98 27.05
C ASP C 772 5.00 21.79 28.15
N LYS C 773 5.57 20.59 28.24
CA LYS C 773 6.59 20.34 29.25
C LYS C 773 7.85 21.18 29.00
N ASN C 774 8.18 21.41 27.73
CA ASN C 774 9.31 22.26 27.39
C ASN C 774 9.12 23.65 27.96
N THR C 775 7.98 24.27 27.67
CA THR C 775 7.73 25.62 28.17
C THR C 775 7.74 25.65 29.68
N GLN C 776 7.07 24.67 30.32
CA GLN C 776 7.01 24.66 31.78
C GLN C 776 8.39 24.52 32.40
N GLU C 777 9.20 23.61 31.88
CA GLU C 777 10.54 23.40 32.44
C GLU C 777 11.43 24.62 32.22
N VAL C 778 11.33 25.25 31.04
CA VAL C 778 12.21 26.38 30.75
C VAL C 778 11.86 27.57 31.64
N PHE C 779 10.57 27.87 31.80
CA PHE C 779 10.21 29.12 32.46
C PHE C 779 9.87 28.99 33.94
N ALA C 780 9.26 27.89 34.36
CA ALA C 780 8.82 27.73 35.74
C ALA C 780 9.94 27.23 36.65
N GLN C 781 11.04 28.00 36.71
CA GLN C 781 12.14 27.66 37.60
C GLN C 781 11.86 28.05 39.05
N VAL C 782 10.85 28.88 39.30
CA VAL C 782 10.55 29.36 40.64
C VAL C 782 9.08 29.08 40.96
N LYS C 783 8.82 28.66 42.19
CA LYS C 783 7.46 28.42 42.64
C LYS C 783 6.85 29.62 43.35
N GLN C 784 7.63 30.68 43.57
CA GLN C 784 7.15 31.88 44.24
C GLN C 784 7.32 33.07 43.31
N ILE C 785 6.20 33.72 42.99
CA ILE C 785 6.23 34.86 42.07
C ILE C 785 6.68 36.08 42.84
N TYR C 786 7.83 36.63 42.48
CA TYR C 786 8.41 37.78 43.15
C TYR C 786 7.95 39.07 42.49
N LYS C 787 8.06 40.17 43.24
CA LYS C 787 7.71 41.49 42.75
C LYS C 787 8.76 42.49 43.19
N THR C 788 9.12 43.40 42.30
CA THR C 788 10.06 44.45 42.63
C THR C 788 9.42 45.44 43.58
N PRO C 789 10.23 46.13 44.39
CA PRO C 789 9.67 47.14 45.29
C PRO C 789 9.06 48.27 44.50
N PRO C 790 8.08 48.98 45.07
CA PRO C 790 7.41 50.06 44.34
C PRO C 790 8.34 51.21 43.96
N ILE C 791 9.45 51.39 44.66
CA ILE C 791 10.41 52.44 44.37
C ILE C 791 11.63 51.81 43.72
N LYS C 792 12.04 52.37 42.58
CA LYS C 792 13.12 51.79 41.77
C LYS C 792 14.44 52.51 42.08
N ASP C 793 14.95 52.27 43.29
CA ASP C 793 16.23 52.82 43.72
C ASP C 793 17.22 51.68 43.84
N PHE C 794 17.88 51.35 42.72
CA PHE C 794 18.87 50.29 42.67
C PHE C 794 20.29 50.84 42.56
N GLY C 795 20.54 52.00 43.17
CA GLY C 795 21.86 52.59 43.16
C GLY C 795 22.36 53.00 41.79
N GLY C 796 21.47 53.57 40.96
CA GLY C 796 21.84 54.09 39.66
C GLY C 796 21.55 53.16 38.50
N PHE C 797 21.37 51.87 38.75
CA PHE C 797 21.05 50.93 37.69
C PHE C 797 19.59 51.12 37.26
N ASN C 798 19.37 51.23 35.96
CA ASN C 798 18.05 51.52 35.40
C ASN C 798 17.53 50.27 34.71
N PHE C 799 16.51 49.65 35.30
CA PHE C 799 15.89 48.44 34.76
C PHE C 799 14.57 48.72 34.07
N SER C 800 14.26 49.99 33.77
CA SER C 800 12.96 50.34 33.22
C SER C 800 12.71 49.64 31.89
N GLN C 801 13.76 49.40 31.11
CA GLN C 801 13.62 48.77 29.80
C GLN C 801 13.57 47.26 29.88
N ILE C 802 13.56 46.68 31.08
CA ILE C 802 13.69 45.24 31.24
C ILE C 802 12.60 44.72 32.17
N LEU C 803 11.94 45.63 32.87
CA LEU C 803 10.88 45.31 33.80
C LEU C 803 9.52 45.63 33.21
N PRO C 804 8.48 44.88 33.60
CA PRO C 804 7.14 45.15 33.05
C PRO C 804 6.65 46.54 33.41
N ASP C 805 5.95 47.16 32.45
CA ASP C 805 5.35 48.47 32.67
C ASP C 805 3.86 48.32 32.89
N PRO C 806 3.32 48.79 34.02
CA PRO C 806 1.88 48.64 34.26
C PRO C 806 1.01 49.41 33.28
N SER C 807 1.56 50.39 32.56
CA SER C 807 0.75 51.19 31.65
C SER C 807 0.18 50.36 30.51
N LYS C 808 0.98 49.45 29.95
CA LYS C 808 0.50 48.64 28.83
C LYS C 808 -0.62 47.72 29.28
N PRO C 809 -1.60 47.47 28.41
CA PRO C 809 -2.66 46.49 28.77
C PRO C 809 -2.13 45.12 29.12
N SER C 810 -1.06 44.67 28.47
CA SER C 810 -0.36 43.45 28.84
C SER C 810 0.92 43.83 29.57
N LYS C 811 1.16 43.19 30.72
CA LYS C 811 2.30 43.52 31.56
C LYS C 811 3.55 42.87 31.00
N ARG C 812 4.14 43.53 29.99
CA ARG C 812 5.33 43.05 29.32
C ARG C 812 6.33 44.19 29.21
N SER C 813 7.62 43.84 29.31
CA SER C 813 8.68 44.81 29.23
C SER C 813 8.78 45.39 27.82
N PRO C 814 9.40 46.57 27.67
CA PRO C 814 9.58 47.11 26.31
C PRO C 814 10.33 46.19 25.37
N ILE C 815 11.37 45.51 25.86
CA ILE C 815 12.10 44.57 25.00
C ILE C 815 11.23 43.38 24.65
N GLU C 816 10.43 42.90 25.60
CA GLU C 816 9.48 41.84 25.30
C GLU C 816 8.48 42.26 24.24
N ASP C 817 8.00 43.50 24.32
CA ASP C 817 7.09 44.03 23.30
C ASP C 817 7.77 44.09 21.94
N LEU C 818 9.03 44.53 21.91
CA LEU C 818 9.77 44.59 20.66
C LEU C 818 9.90 43.19 20.05
N LEU C 819 10.24 42.20 20.87
CA LEU C 819 10.37 40.84 20.36
C LEU C 819 9.03 40.30 19.85
N PHE C 820 7.96 40.54 20.62
CA PHE C 820 6.64 40.05 20.22
C PHE C 820 6.20 40.67 18.91
N ASN C 821 6.46 41.97 18.71
CA ASN C 821 6.07 42.62 17.47
C ASN C 821 6.96 42.17 16.31
N LYS C 822 8.26 41.95 16.57
CA LYS C 822 9.16 41.51 15.52
C LYS C 822 8.79 40.12 15.01
N VAL C 823 8.47 39.20 15.92
CA VAL C 823 8.12 37.84 15.51
C VAL C 823 6.68 37.82 15.01
N THR C 824 6.48 37.31 13.80
CA THR C 824 5.15 37.22 13.21
C THR C 824 4.80 35.77 12.90
N LYS C 851 -9.24 25.71 4.69
CA LYS C 851 -8.22 25.84 5.72
C LYS C 851 -8.26 24.64 6.67
N PHE C 852 -9.34 24.51 7.42
CA PHE C 852 -9.50 23.35 8.30
C PHE C 852 -9.77 22.12 7.46
N ASN C 853 -8.81 21.19 7.42
CA ASN C 853 -8.92 19.97 6.64
C ASN C 853 -8.53 18.77 7.49
N GLY C 854 -9.04 18.71 8.72
CA GLY C 854 -8.69 17.66 9.65
C GLY C 854 -7.57 18.00 10.60
N LEU C 855 -6.97 19.17 10.48
CA LEU C 855 -5.85 19.59 11.32
C LEU C 855 -6.25 20.77 12.18
N THR C 856 -5.92 20.69 13.46
CA THR C 856 -6.17 21.77 14.41
C THR C 856 -4.91 22.01 15.22
N VAL C 857 -4.78 23.23 15.74
CA VAL C 857 -3.67 23.60 16.60
C VAL C 857 -4.23 23.78 18.01
N LEU C 858 -3.53 23.21 18.98
CA LEU C 858 -3.98 23.31 20.36
C LEU C 858 -3.31 24.50 21.04
N PRO C 859 -4.05 25.23 21.88
CA PRO C 859 -3.44 26.38 22.56
C PRO C 859 -2.36 25.93 23.53
N PRO C 860 -1.34 26.75 23.75
CA PRO C 860 -0.30 26.37 24.72
C PRO C 860 -0.86 26.33 26.14
N LEU C 861 -0.23 25.50 26.96
CA LEU C 861 -0.66 25.35 28.35
C LEU C 861 -0.53 26.66 29.10
N LEU C 862 0.58 27.37 28.90
CA LEU C 862 0.82 28.67 29.53
C LEU C 862 0.66 29.75 28.47
N THR C 863 -0.23 30.70 28.73
CA THR C 863 -0.39 31.80 27.80
C THR C 863 0.80 32.75 27.92
N ASP C 864 0.92 33.63 26.91
CA ASP C 864 2.02 34.58 26.91
C ASP C 864 1.98 35.49 28.13
N GLU C 865 0.79 35.76 28.66
CA GLU C 865 0.69 36.59 29.86
C GLU C 865 1.34 35.91 31.06
N MET C 866 1.05 34.62 31.25
CA MET C 866 1.67 33.91 32.37
C MET C 866 3.15 33.66 32.14
N ILE C 867 3.57 33.47 30.89
CA ILE C 867 4.99 33.34 30.60
C ILE C 867 5.71 34.64 30.96
N ALA C 868 5.12 35.78 30.59
CA ALA C 868 5.67 37.07 30.98
C ALA C 868 5.68 37.24 32.49
N GLN C 869 4.65 36.71 33.16
CA GLN C 869 4.62 36.78 34.62
C GLN C 869 5.75 35.97 35.24
N TYR C 870 6.02 34.77 34.70
CA TYR C 870 7.15 33.97 35.16
C TYR C 870 8.46 34.70 34.94
N THR C 871 8.62 35.30 33.76
CA THR C 871 9.85 36.03 33.45
C THR C 871 10.02 37.23 34.38
N SER C 872 8.92 37.94 34.67
CA SER C 872 8.99 39.06 35.58
C SER C 872 9.33 38.62 36.99
N ALA C 873 8.80 37.47 37.41
CA ALA C 873 9.17 36.93 38.73
C ALA C 873 10.65 36.61 38.79
N LEU C 874 11.18 35.98 37.74
CA LEU C 874 12.61 35.69 37.71
C LEU C 874 13.43 36.97 37.74
N LEU C 875 13.01 37.97 36.96
CA LEU C 875 13.75 39.24 36.91
C LEU C 875 13.76 39.94 38.27
N ALA C 876 12.58 40.02 38.91
CA ALA C 876 12.49 40.67 40.20
C ALA C 876 13.30 39.92 41.26
N GLY C 877 13.22 38.59 41.26
CA GLY C 877 14.01 37.81 42.19
C GLY C 877 15.49 38.04 42.00
N THR C 878 15.95 38.01 40.74
CA THR C 878 17.36 38.27 40.47
C THR C 878 17.76 39.64 40.99
N ILE C 879 17.04 40.68 40.57
CA ILE C 879 17.41 42.05 40.88
C ILE C 879 17.47 42.26 42.39
N THR C 880 16.52 41.69 43.13
CA THR C 880 16.43 41.99 44.54
C THR C 880 17.20 41.01 45.44
N SER C 881 17.62 39.85 44.95
CA SER C 881 18.26 38.91 45.86
C SER C 881 19.58 38.33 45.35
N GLY C 882 19.75 38.20 44.03
CA GLY C 882 20.92 37.54 43.48
C GLY C 882 20.61 36.08 43.13
N TRP C 883 21.45 35.17 43.62
CA TRP C 883 21.28 33.74 43.39
C TRP C 883 20.57 33.03 44.52
N THR C 884 20.32 33.71 45.64
CA THR C 884 19.71 33.06 46.79
C THR C 884 18.27 32.66 46.52
N PHE C 885 17.56 33.42 45.67
CA PHE C 885 16.19 33.08 45.34
C PHE C 885 16.08 31.77 44.56
N GLY C 886 17.19 31.28 44.02
CA GLY C 886 17.19 30.00 43.34
C GLY C 886 17.90 28.93 44.16
N ALA C 887 18.80 29.37 45.04
CA ALA C 887 19.49 28.43 45.91
C ALA C 887 18.69 28.09 47.17
N GLY C 888 17.59 28.78 47.42
CA GLY C 888 16.79 28.55 48.59
C GLY C 888 15.76 29.64 48.80
N PRO C 889 15.68 30.16 50.01
CA PRO C 889 14.80 31.30 50.27
C PRO C 889 15.43 32.61 49.78
N ALA C 890 14.58 33.50 49.30
CA ALA C 890 15.05 34.74 48.72
C ALA C 890 15.57 35.69 49.81
N LEU C 891 16.88 35.92 49.80
CA LEU C 891 17.53 36.81 50.77
C LEU C 891 17.77 38.15 50.09
N GLN C 892 17.15 39.20 50.62
CA GLN C 892 17.32 40.51 50.03
C GLN C 892 18.75 41.00 50.20
N ILE C 893 19.19 41.82 49.25
CA ILE C 893 20.54 42.40 49.27
C ILE C 893 20.54 43.63 48.38
N PRO C 894 21.18 44.72 48.78
CA PRO C 894 21.25 45.90 47.90
C PRO C 894 21.93 45.53 46.58
N PHE C 895 21.41 46.10 45.49
CA PHE C 895 21.95 45.76 44.18
C PHE C 895 23.42 46.14 44.00
N PRO C 896 23.90 47.29 44.48
CA PRO C 896 25.37 47.51 44.44
C PRO C 896 26.14 46.42 45.18
N MET C 897 25.63 45.95 46.31
CA MET C 897 26.29 44.85 47.00
C MET C 897 26.25 43.56 46.18
N GLN C 898 25.14 43.29 45.51
CA GLN C 898 25.08 42.11 44.66
C GLN C 898 26.07 42.19 43.50
N MET C 899 26.19 43.38 42.90
CA MET C 899 27.15 43.54 41.82
C MET C 899 28.58 43.43 42.34
N ALA C 900 28.82 43.86 43.58
CA ALA C 900 30.13 43.63 44.19
C ALA C 900 30.38 42.14 44.40
N TYR C 901 29.34 41.40 44.78
CA TYR C 901 29.41 39.95 44.87
C TYR C 901 29.86 39.36 43.53
N ARG C 902 29.21 39.79 42.46
CA ARG C 902 29.53 39.26 41.13
C ARG C 902 30.96 39.63 40.71
N PHE C 903 31.36 40.88 40.98
CA PHE C 903 32.72 41.30 40.66
C PHE C 903 33.73 40.47 41.41
N ASN C 904 33.50 40.21 42.70
CA ASN C 904 34.37 39.31 43.44
C ASN C 904 34.35 37.91 42.86
N GLY C 905 33.20 37.50 42.30
CA GLY C 905 33.13 36.21 41.66
C GLY C 905 34.02 36.10 40.44
N ILE C 906 34.06 37.15 39.62
CA ILE C 906 34.88 37.10 38.40
C ILE C 906 36.35 37.39 38.66
N GLY C 907 36.74 37.62 39.92
CA GLY C 907 38.13 37.84 40.25
C GLY C 907 38.56 39.27 40.42
N VAL C 908 37.62 40.21 40.47
CA VAL C 908 37.93 41.63 40.68
C VAL C 908 37.43 42.01 42.06
N THR C 909 38.25 42.75 42.80
CA THR C 909 37.90 43.12 44.16
C THR C 909 36.70 44.06 44.17
N GLN C 910 36.03 44.13 45.33
CA GLN C 910 34.80 44.90 45.44
C GLN C 910 35.06 46.41 45.35
N ASN C 911 36.26 46.85 45.74
CA ASN C 911 36.54 48.29 45.73
C ASN C 911 36.43 48.86 44.32
N VAL C 912 36.68 48.04 43.30
CA VAL C 912 36.55 48.51 41.92
C VAL C 912 35.13 48.99 41.66
N LEU C 913 34.14 48.16 42.00
CA LEU C 913 32.76 48.57 41.84
C LEU C 913 32.40 49.71 42.79
N TYR C 914 32.81 49.60 44.05
CA TYR C 914 32.39 50.62 45.01
C TYR C 914 33.04 51.97 44.76
N GLU C 915 34.03 52.04 43.87
CA GLU C 915 34.60 53.32 43.47
C GLU C 915 34.30 53.69 42.01
N ASN C 916 33.74 52.77 41.22
CA ASN C 916 33.32 53.08 39.86
C ASN C 916 31.84 52.78 39.65
N GLN C 917 31.05 52.90 40.71
CA GLN C 917 29.62 52.61 40.64
C GLN C 917 28.91 53.47 39.60
N LYS C 918 29.21 54.77 39.57
CA LYS C 918 28.56 55.65 38.60
C LYS C 918 28.88 55.23 37.18
N LEU C 919 30.16 54.95 36.90
CA LEU C 919 30.57 54.52 35.57
C LEU C 919 29.90 53.20 35.19
N ILE C 920 29.84 52.25 36.13
CA ILE C 920 29.26 50.96 35.80
C ILE C 920 27.76 51.06 35.58
N ALA C 921 27.08 51.89 36.37
CA ALA C 921 25.66 52.11 36.14
C ALA C 921 25.40 52.75 34.79
N ASN C 922 26.19 53.76 34.43
CA ASN C 922 26.02 54.40 33.13
C ASN C 922 26.28 53.42 32.00
N GLN C 923 27.31 52.58 32.13
CA GLN C 923 27.62 51.60 31.10
C GLN C 923 26.50 50.58 30.96
N PHE C 924 25.96 50.12 32.09
CA PHE C 924 24.86 49.16 32.05
C PHE C 924 23.63 49.75 31.36
N ASN C 925 23.27 51.00 31.71
CA ASN C 925 22.13 51.65 31.08
C ASN C 925 22.36 51.83 29.58
N SER C 926 23.57 52.25 29.20
CA SER C 926 23.88 52.42 27.78
C SER C 926 23.78 51.09 27.03
N ALA C 927 24.26 50.01 27.63
CA ALA C 927 24.19 48.70 26.99
C ALA C 927 22.74 48.26 26.82
N ILE C 928 21.90 48.48 27.83
CA ILE C 928 20.49 48.10 27.72
C ILE C 928 19.82 48.90 26.60
N GLY C 929 20.08 50.21 26.55
CA GLY C 929 19.53 51.01 25.47
C GLY C 929 20.01 50.55 24.11
N LYS C 930 21.30 50.20 24.01
CA LYS C 930 21.85 49.77 22.73
C LYS C 930 21.22 48.46 22.26
N ILE C 931 21.00 47.51 23.19
CA ILE C 931 20.42 46.24 22.74
C ILE C 931 18.97 46.45 22.34
N GLN C 932 18.23 47.30 23.06
CA GLN C 932 16.87 47.61 22.63
C GLN C 932 16.85 48.23 21.24
N ASP C 933 17.75 49.19 21.00
CA ASP C 933 17.78 49.85 19.69
C ASP C 933 18.17 48.87 18.59
N SER C 934 19.14 47.99 18.85
CA SER C 934 19.56 47.03 17.84
C SER C 934 18.43 46.04 17.53
N LEU C 935 17.70 45.60 18.55
CA LEU C 935 16.55 44.73 18.30
C LEU C 935 15.48 45.44 17.49
N SER C 936 15.24 46.73 17.79
CA SER C 936 14.25 47.47 17.02
C SER C 936 14.68 47.67 15.57
N SER C 937 15.98 47.87 15.35
CA SER C 937 16.46 48.22 14.01
C SER C 937 16.62 46.98 13.13
N THR C 938 17.44 46.03 13.57
CA THR C 938 17.73 44.86 12.74
C THR C 938 16.52 43.96 12.66
N PRO C 939 16.04 43.62 11.46
CA PRO C 939 14.85 42.75 11.34
C PRO C 939 15.15 41.25 11.33
N SER C 940 16.40 40.85 11.21
CA SER C 940 16.78 39.44 11.19
C SER C 940 17.31 38.95 12.52
N ALA C 941 17.13 39.73 13.59
CA ALA C 941 17.61 39.32 14.91
C ALA C 941 16.90 38.07 15.40
N LEU C 942 15.57 38.00 15.21
CA LEU C 942 14.79 36.85 15.67
C LEU C 942 14.82 35.72 14.65
N GLY C 943 16.02 35.40 14.19
CA GLY C 943 16.17 34.44 13.11
C GLY C 943 15.75 33.03 13.49
N LYS C 944 16.14 32.57 14.68
CA LYS C 944 15.83 31.20 15.07
C LYS C 944 14.34 31.00 15.27
N LEU C 945 13.68 31.91 15.99
CA LEU C 945 12.25 31.79 16.20
C LEU C 945 11.48 31.92 14.89
N GLN C 946 11.86 32.89 14.05
CA GLN C 946 11.18 33.05 12.78
C GLN C 946 11.36 31.81 11.90
N ASP C 947 12.56 31.23 11.91
CA ASP C 947 12.80 30.03 11.12
C ASP C 947 11.98 28.85 11.63
N VAL C 948 11.85 28.72 12.95
CA VAL C 948 11.02 27.64 13.50
C VAL C 948 9.58 27.79 13.04
N VAL C 949 9.04 29.01 13.18
CA VAL C 949 7.65 29.25 12.79
C VAL C 949 7.45 28.99 11.30
N ASN C 950 8.37 29.49 10.47
CA ASN C 950 8.25 29.32 9.04
C ASN C 950 8.37 27.86 8.62
N GLN C 951 9.26 27.11 9.28
CA GLN C 951 9.41 25.70 8.96
C GLN C 951 8.14 24.92 9.30
N ASN C 952 7.55 25.20 10.46
CA ASN C 952 6.31 24.53 10.81
C ASN C 952 5.20 24.88 9.83
N ALA C 953 5.08 26.16 9.48
CA ALA C 953 4.05 26.57 8.53
C ALA C 953 4.25 25.92 7.17
N GLN C 954 5.50 25.84 6.71
CA GLN C 954 5.79 25.21 5.42
C GLN C 954 5.46 23.72 5.44
N ALA C 955 5.79 23.05 6.54
CA ALA C 955 5.47 21.62 6.65
C ALA C 955 3.96 21.41 6.59
N LEU C 956 3.21 22.23 7.34
CA LEU C 956 1.75 22.09 7.31
C LEU C 956 1.18 22.40 5.94
N ASN C 957 1.72 23.42 5.27
CA ASN C 957 1.23 23.79 3.95
C ASN C 957 1.50 22.68 2.94
N THR C 958 2.67 22.07 3.00
CA THR C 958 2.96 20.96 2.08
C THR C 958 2.06 19.76 2.39
N LEU C 959 1.81 19.51 3.67
CA LEU C 959 0.90 18.42 4.03
C LEU C 959 -0.50 18.67 3.46
N VAL C 960 -0.98 19.90 3.55
CA VAL C 960 -2.30 20.22 3.01
C VAL C 960 -2.29 20.09 1.49
N LYS C 961 -1.26 20.64 0.83
CA LYS C 961 -1.19 20.59 -0.62
C LYS C 961 -1.01 19.18 -1.15
N GLN C 962 -0.56 18.24 -0.31
CA GLN C 962 -0.48 16.86 -0.74
C GLN C 962 -1.84 16.29 -1.10
N LEU C 963 -2.93 16.91 -0.65
CA LEU C 963 -4.27 16.43 -1.00
C LEU C 963 -4.66 16.71 -2.44
N SER C 964 -3.91 17.57 -3.13
CA SER C 964 -4.21 17.92 -4.52
C SER C 964 -3.73 16.87 -5.50
N SER C 965 -3.00 15.87 -5.05
CA SER C 965 -2.27 14.98 -5.95
C SER C 965 -3.07 13.73 -6.26
N ASN C 966 -2.92 13.25 -7.50
CA ASN C 966 -3.62 12.05 -7.94
C ASN C 966 -3.06 10.79 -7.31
N PHE C 967 -1.75 10.76 -7.05
CA PHE C 967 -1.07 9.57 -6.51
C PHE C 967 -1.26 8.36 -7.42
N GLY C 968 -1.48 8.60 -8.71
CA GLY C 968 -1.72 7.54 -9.66
C GLY C 968 -3.19 7.24 -9.93
N ALA C 969 -4.10 7.82 -9.16
CA ALA C 969 -5.51 7.62 -9.39
C ALA C 969 -5.99 8.48 -10.56
N ILE C 970 -7.23 8.23 -10.99
CA ILE C 970 -7.80 8.99 -12.10
C ILE C 970 -8.08 10.43 -11.66
N SER C 971 -8.56 10.62 -10.45
CA SER C 971 -8.89 11.93 -9.92
C SER C 971 -8.34 12.06 -8.50
N SER C 972 -8.14 13.31 -8.08
CA SER C 972 -7.63 13.61 -6.75
C SER C 972 -8.75 13.85 -5.74
N VAL C 973 -10.00 13.67 -6.13
CA VAL C 973 -11.15 13.91 -5.26
C VAL C 973 -11.85 12.58 -5.00
N LEU C 974 -12.09 12.29 -3.71
CA LEU C 974 -12.75 11.04 -3.36
C LEU C 974 -14.16 10.97 -3.92
N ASN C 975 -14.90 12.09 -3.87
CA ASN C 975 -16.26 12.09 -4.41
C ASN C 975 -16.25 11.91 -5.92
N ASP C 976 -15.32 12.56 -6.61
CA ASP C 976 -15.22 12.41 -8.06
C ASP C 976 -14.71 11.03 -8.47
N ILE C 977 -14.04 10.33 -7.56
CA ILE C 977 -13.67 8.94 -7.83
C ILE C 977 -14.86 8.01 -7.60
N LEU C 978 -15.61 8.24 -6.52
CA LEU C 978 -16.80 7.44 -6.25
C LEU C 978 -17.82 7.58 -7.37
N SER C 979 -18.04 8.81 -7.84
CA SER C 979 -18.84 9.02 -9.03
C SER C 979 -17.99 8.73 -10.28
N ARG C 980 -18.68 8.56 -11.41
CA ARG C 980 -18.08 8.36 -12.73
C ARG C 980 -17.29 7.06 -12.83
N LEU C 981 -17.25 6.27 -11.76
CA LEU C 981 -16.53 5.01 -11.76
C LEU C 981 -17.34 3.96 -11.00
N ASP C 982 -17.30 2.73 -11.52
CA ASP C 982 -17.96 1.62 -10.86
C ASP C 982 -17.21 1.27 -9.57
N PRO C 983 -17.93 0.84 -8.53
CA PRO C 983 -17.30 0.56 -7.23
C PRO C 983 -16.17 -0.47 -7.30
N PRO C 984 -16.27 -1.52 -8.12
CA PRO C 984 -15.17 -2.49 -8.16
C PRO C 984 -13.82 -1.91 -8.58
N GLU C 985 -13.81 -0.78 -9.29
CA GLU C 985 -12.57 -0.07 -9.59
C GLU C 985 -12.37 1.16 -8.71
N ALA C 986 -13.45 1.76 -8.23
CA ALA C 986 -13.34 2.84 -7.27
C ALA C 986 -12.63 2.37 -6.01
N GLU C 987 -12.79 1.10 -5.64
CA GLU C 987 -12.09 0.59 -4.46
C GLU C 987 -10.57 0.63 -4.68
N VAL C 988 -10.09 0.21 -5.86
CA VAL C 988 -8.66 0.21 -6.09
C VAL C 988 -8.13 1.64 -6.24
N GLN C 989 -8.91 2.53 -6.87
CA GLN C 989 -8.47 3.91 -6.98
C GLN C 989 -8.37 4.57 -5.62
N ILE C 990 -9.37 4.34 -4.76
CA ILE C 990 -9.34 4.88 -3.41
C ILE C 990 -8.20 4.26 -2.62
N ASP C 991 -7.89 2.98 -2.85
CA ASP C 991 -6.75 2.37 -2.17
C ASP C 991 -5.44 3.04 -2.57
N ARG C 992 -5.29 3.35 -3.86
CA ARG C 992 -4.09 4.08 -4.30
C ARG C 992 -4.02 5.45 -3.63
N LEU C 993 -5.15 6.15 -3.59
CA LEU C 993 -5.19 7.44 -2.90
C LEU C 993 -4.84 7.28 -1.42
N ILE C 994 -5.30 6.19 -0.80
CA ILE C 994 -5.04 5.96 0.61
C ILE C 994 -3.55 5.75 0.85
N THR C 995 -2.90 4.93 0.01
CA THR C 995 -1.47 4.74 0.18
C THR C 995 -0.72 6.05 0.02
N GLY C 996 -1.10 6.85 -0.98
CA GLY C 996 -0.43 8.13 -1.17
C GLY C 996 -0.59 9.06 0.02
N ARG C 997 -1.83 9.22 0.50
CA ARG C 997 -2.08 10.17 1.58
C ARG C 997 -1.50 9.68 2.90
N LEU C 998 -1.53 8.36 3.13
CA LEU C 998 -0.90 7.81 4.33
C LEU C 998 0.61 8.00 4.30
N GLN C 999 1.22 7.84 3.11
CA GLN C 999 2.65 8.12 2.99
C GLN C 999 2.93 9.58 3.30
N SER C 1000 2.09 10.49 2.79
CA SER C 1000 2.29 11.91 3.07
C SER C 1000 2.19 12.19 4.57
N LEU C 1001 1.19 11.63 5.24
CA LEU C 1001 1.02 11.87 6.67
C LEU C 1001 2.17 11.27 7.47
N GLN C 1002 2.62 10.08 7.11
CA GLN C 1002 3.76 9.48 7.80
C GLN C 1002 5.01 10.32 7.63
N THR C 1003 5.26 10.83 6.42
CA THR C 1003 6.41 11.69 6.22
C THR C 1003 6.30 12.96 7.04
N TYR C 1004 5.11 13.56 7.09
CA TYR C 1004 4.93 14.78 7.87
C TYR C 1004 5.19 14.53 9.35
N VAL C 1005 4.65 13.44 9.89
CA VAL C 1005 4.83 13.20 11.32
C VAL C 1005 6.27 12.80 11.63
N THR C 1006 6.95 12.13 10.70
CA THR C 1006 8.37 11.83 10.93
C THR C 1006 9.21 13.10 10.97
N GLN C 1007 8.99 13.99 9.99
CA GLN C 1007 9.70 15.27 10.01
C GLN C 1007 9.37 16.05 11.27
N GLN C 1008 8.11 16.01 11.70
CA GLN C 1008 7.71 16.70 12.92
C GLN C 1008 8.40 16.12 14.14
N LEU C 1009 8.56 14.79 14.18
CA LEU C 1009 9.28 14.17 15.30
C LEU C 1009 10.74 14.60 15.32
N ILE C 1010 11.39 14.64 14.16
CA ILE C 1010 12.78 15.11 14.11
C ILE C 1010 12.88 16.55 14.60
N ARG C 1011 11.99 17.42 14.10
CA ARG C 1011 12.00 18.82 14.50
C ARG C 1011 11.69 18.97 15.98
N ALA C 1012 10.82 18.12 16.51
CA ALA C 1012 10.49 18.15 17.93
C ALA C 1012 11.69 17.74 18.78
N ALA C 1013 12.46 16.75 18.32
CA ALA C 1013 13.68 16.38 19.04
C ALA C 1013 14.68 17.54 19.03
N GLU C 1014 14.83 18.21 17.88
CA GLU C 1014 15.75 19.34 17.82
C GLU C 1014 15.29 20.48 18.74
N ILE C 1015 14.00 20.79 18.73
CA ILE C 1015 13.48 21.83 19.61
C ILE C 1015 13.59 21.41 21.07
N ARG C 1016 13.44 20.11 21.35
CA ARG C 1016 13.62 19.62 22.71
C ARG C 1016 15.05 19.84 23.18
N ALA C 1017 16.03 19.56 22.33
CA ALA C 1017 17.41 19.83 22.69
C ALA C 1017 17.64 21.33 22.92
N SER C 1018 17.06 22.17 22.06
CA SER C 1018 17.22 23.61 22.23
C SER C 1018 16.56 24.08 23.52
N ALA C 1019 15.42 23.49 23.89
CA ALA C 1019 14.72 23.90 25.10
C ALA C 1019 15.46 23.41 26.34
N ASN C 1020 16.08 22.24 26.29
CA ASN C 1020 16.92 21.79 27.38
C ASN C 1020 18.11 22.73 27.56
N LEU C 1021 18.72 23.15 26.45
CA LEU C 1021 19.81 24.12 26.52
C LEU C 1021 19.33 25.43 27.12
N ALA C 1022 18.13 25.87 26.73
CA ALA C 1022 17.59 27.12 27.27
C ALA C 1022 17.31 26.98 28.77
N ALA C 1023 16.79 25.84 29.20
CA ALA C 1023 16.49 25.63 30.61
C ALA C 1023 17.77 25.63 31.45
N THR C 1024 18.79 24.93 30.99
CA THR C 1024 20.04 24.93 31.74
C THR C 1024 20.74 26.29 31.67
N LYS C 1025 20.63 27.00 30.55
CA LYS C 1025 21.17 28.35 30.49
C LYS C 1025 20.48 29.27 31.47
N MET C 1026 19.16 29.16 31.59
CA MET C 1026 18.45 29.92 32.62
C MET C 1026 18.97 29.57 34.00
N SER C 1027 18.95 28.28 34.34
CA SER C 1027 19.29 27.85 35.70
C SER C 1027 20.72 28.18 36.08
N GLU C 1028 21.63 28.30 35.09
CA GLU C 1028 23.03 28.54 35.42
C GLU C 1028 23.52 29.92 35.08
N CYS C 1029 22.73 30.75 34.40
CA CYS C 1029 23.11 32.12 34.11
C CYS C 1029 22.32 33.13 34.93
N VAL C 1030 20.98 33.03 34.96
CA VAL C 1030 20.21 34.03 35.69
C VAL C 1030 19.97 33.58 37.13
N LEU C 1031 19.69 32.29 37.34
CA LEU C 1031 19.52 31.77 38.69
C LEU C 1031 20.80 31.87 39.51
N GLY C 1032 21.94 32.05 38.85
CA GLY C 1032 23.20 32.20 39.55
C GLY C 1032 24.30 32.52 38.58
N GLN C 1033 25.38 33.10 39.10
CA GLN C 1033 26.52 33.46 38.28
C GLN C 1033 27.23 32.20 37.79
N SER C 1034 27.72 32.25 36.55
CA SER C 1034 28.34 31.10 35.91
C SER C 1034 29.81 31.39 35.62
N LYS C 1035 30.62 30.34 35.71
CA LYS C 1035 32.05 30.43 35.41
C LYS C 1035 32.40 29.71 34.11
N ARG C 1036 31.42 29.18 33.39
CA ARG C 1036 31.69 28.56 32.10
C ARG C 1036 32.04 29.64 31.09
N VAL C 1037 33.07 29.39 30.28
CA VAL C 1037 33.76 30.47 29.58
C VAL C 1037 32.84 31.17 28.58
N ASP C 1038 32.18 30.40 27.71
CA ASP C 1038 31.35 31.00 26.68
C ASP C 1038 29.94 30.45 26.73
N PHE C 1039 29.42 30.26 27.94
CA PHE C 1039 28.03 29.83 28.10
C PHE C 1039 27.08 31.02 28.19
N CYS C 1040 27.28 31.89 29.17
CA CYS C 1040 26.43 33.06 29.39
C CYS C 1040 27.14 34.29 28.83
N GLY C 1041 27.13 34.41 27.50
CA GLY C 1041 27.67 35.58 26.84
C GLY C 1041 29.18 35.63 26.77
N LYS C 1042 29.71 36.26 25.73
CA LYS C 1042 31.15 36.39 25.57
C LYS C 1042 31.73 37.28 26.65
N GLY C 1043 32.85 36.87 27.22
CA GLY C 1043 33.50 37.59 28.30
C GLY C 1043 33.15 37.00 29.65
N TYR C 1044 33.72 37.63 30.68
CA TYR C 1044 33.42 37.21 32.05
C TYR C 1044 31.97 37.50 32.38
N HIS C 1045 31.30 36.56 33.03
CA HIS C 1045 29.86 36.67 33.24
C HIS C 1045 29.55 37.35 34.57
N LEU C 1046 28.61 38.30 34.54
CA LEU C 1046 28.17 38.99 35.74
C LEU C 1046 26.74 38.66 36.10
N MET C 1047 25.78 38.92 35.22
CA MET C 1047 24.38 38.60 35.46
C MET C 1047 23.73 38.15 34.17
N SER C 1048 22.48 37.73 34.28
CA SER C 1048 21.66 37.42 33.12
C SER C 1048 20.23 37.85 33.40
N PHE C 1049 19.49 38.12 32.34
CA PHE C 1049 18.10 38.53 32.49
C PHE C 1049 17.25 37.82 31.44
N PRO C 1050 16.28 37.02 31.85
CA PRO C 1050 15.40 36.37 30.87
C PRO C 1050 14.32 37.31 30.37
N GLN C 1051 13.93 37.11 29.12
CA GLN C 1051 12.86 37.88 28.50
C GLN C 1051 12.03 36.93 27.64
N SER C 1052 10.71 37.09 27.72
CA SER C 1052 9.82 36.23 26.97
C SER C 1052 9.85 36.59 25.48
N ALA C 1053 9.47 35.62 24.66
CA ALA C 1053 9.41 35.79 23.22
C ALA C 1053 8.44 34.75 22.67
N PRO C 1054 7.89 34.96 21.47
CA PRO C 1054 6.96 33.97 20.91
C PRO C 1054 7.64 32.64 20.64
N HIS C 1055 7.27 31.62 21.43
CA HIS C 1055 7.85 30.28 21.30
C HIS C 1055 9.37 30.31 21.44
N GLY C 1056 9.85 31.05 22.43
CA GLY C 1056 11.28 31.12 22.67
C GLY C 1056 11.56 32.02 23.86
N VAL C 1057 12.84 32.05 24.22
CA VAL C 1057 13.32 32.89 25.31
C VAL C 1057 14.54 33.66 24.84
N VAL C 1058 14.66 34.91 25.28
CA VAL C 1058 15.75 35.79 24.90
C VAL C 1058 16.46 36.22 26.17
N PHE C 1059 17.77 35.97 26.22
CA PHE C 1059 18.58 36.29 27.38
C PHE C 1059 19.38 37.57 27.11
N LEU C 1060 19.66 38.30 28.19
CA LEU C 1060 20.50 39.49 28.14
C LEU C 1060 21.71 39.21 29.03
N HIS C 1061 22.74 38.59 28.45
CA HIS C 1061 23.93 38.20 29.20
C HIS C 1061 24.75 39.45 29.50
N VAL C 1062 24.69 39.91 30.75
CA VAL C 1062 25.51 41.04 31.19
C VAL C 1062 26.90 40.51 31.50
N THR C 1063 27.89 40.96 30.73
CA THR C 1063 29.25 40.43 30.82
C THR C 1063 30.26 41.55 31.01
N TYR C 1064 31.23 41.30 31.87
CA TYR C 1064 32.32 42.23 32.13
C TYR C 1064 33.45 41.92 31.16
N VAL C 1065 33.75 42.86 30.28
CA VAL C 1065 34.79 42.71 29.27
C VAL C 1065 35.91 43.69 29.58
N PRO C 1066 37.16 43.24 29.72
CA PRO C 1066 38.27 44.17 29.97
C PRO C 1066 38.42 45.18 28.84
N ALA C 1067 39.24 46.19 29.09
CA ALA C 1067 39.35 47.34 28.21
C ALA C 1067 40.83 47.69 28.06
N GLN C 1068 41.12 48.90 27.59
CA GLN C 1068 42.46 49.35 27.24
C GLN C 1068 43.48 48.90 28.27
N GLU C 1069 44.52 48.22 27.80
CA GLU C 1069 45.48 47.55 28.66
C GLU C 1069 46.86 48.19 28.50
N LYS C 1070 47.61 48.21 29.59
CA LYS C 1070 48.98 48.68 29.61
C LYS C 1070 49.88 47.49 29.96
N ASN C 1071 50.94 47.30 29.19
CA ASN C 1071 51.85 46.17 29.38
C ASN C 1071 53.02 46.58 30.26
N PHE C 1072 53.25 45.82 31.32
CA PHE C 1072 54.31 46.07 32.28
C PHE C 1072 55.28 44.89 32.29
N THR C 1073 56.44 45.11 32.91
CA THR C 1073 57.39 44.05 33.15
C THR C 1073 56.98 43.27 34.39
N THR C 1074 57.26 41.97 34.40
CA THR C 1074 56.78 41.09 35.45
C THR C 1074 57.85 40.10 35.84
N ALA C 1075 57.75 39.60 37.07
CA ALA C 1075 58.65 38.59 37.60
C ALA C 1075 57.86 37.52 38.34
N PRO C 1076 58.28 36.26 38.24
CA PRO C 1076 57.58 35.20 38.99
C PRO C 1076 57.60 35.39 40.49
N ALA C 1077 58.69 35.93 41.05
CA ALA C 1077 58.82 36.03 42.49
C ALA C 1077 59.78 37.18 42.84
N ILE C 1078 59.75 37.58 44.10
CA ILE C 1078 60.57 38.67 44.61
C ILE C 1078 61.47 38.13 45.71
N CYS C 1079 62.77 38.33 45.57
CA CYS C 1079 63.75 37.85 46.56
C CYS C 1079 64.08 39.01 47.50
N HIS C 1080 63.47 39.00 48.69
CA HIS C 1080 63.73 40.05 49.66
C HIS C 1080 64.98 39.76 50.48
N ASP C 1081 64.97 38.65 51.23
CA ASP C 1081 66.04 38.30 52.16
C ASP C 1081 66.51 36.87 51.92
N GLY C 1082 66.69 36.52 50.65
CA GLY C 1082 67.10 35.18 50.29
C GLY C 1082 65.97 34.17 50.21
N LYS C 1083 64.74 34.57 50.49
CA LYS C 1083 63.58 33.69 50.43
C LYS C 1083 62.60 34.23 49.39
N ALA C 1084 62.17 33.38 48.47
CA ALA C 1084 61.29 33.80 47.40
C ALA C 1084 59.93 34.22 47.95
N HIS C 1085 59.39 35.30 47.39
CA HIS C 1085 58.08 35.81 47.75
C HIS C 1085 57.15 35.72 46.56
N PHE C 1086 55.98 35.12 46.77
CA PHE C 1086 55.01 34.98 45.70
C PHE C 1086 53.74 35.73 46.07
N PRO C 1087 52.97 36.20 45.08
CA PRO C 1087 51.73 36.94 45.39
C PRO C 1087 50.64 35.98 45.86
N ARG C 1088 49.96 36.36 46.93
CA ARG C 1088 48.85 35.55 47.43
C ARG C 1088 47.75 35.45 46.38
N GLU C 1089 47.15 36.57 46.03
CA GLU C 1089 46.17 36.64 44.94
C GLU C 1089 46.51 37.88 44.12
N GLY C 1090 47.25 37.68 43.04
CA GLY C 1090 47.69 38.79 42.21
C GLY C 1090 48.88 38.38 41.37
N VAL C 1091 49.55 39.40 40.83
CA VAL C 1091 50.74 39.21 40.00
C VAL C 1091 51.68 40.39 40.25
N PHE C 1092 52.97 40.16 39.98
CA PHE C 1092 53.98 41.18 40.17
C PHE C 1092 54.16 41.96 38.87
N VAL C 1093 54.06 43.29 38.96
CA VAL C 1093 54.22 44.16 37.81
C VAL C 1093 55.25 45.23 38.17
N SER C 1094 55.72 45.92 37.14
CA SER C 1094 56.68 47.00 37.32
C SER C 1094 56.41 48.06 36.26
N ASN C 1095 56.24 49.30 36.70
CA ASN C 1095 55.98 50.38 35.75
C ASN C 1095 57.26 50.92 35.12
N GLY C 1096 58.42 50.36 35.47
CA GLY C 1096 59.67 50.77 34.87
C GLY C 1096 60.78 50.93 35.88
N THR C 1097 60.44 51.36 37.09
CA THR C 1097 61.43 51.57 38.14
C THR C 1097 61.11 50.80 39.42
N HIS C 1098 59.85 50.77 39.84
CA HIS C 1098 59.45 50.12 41.08
C HIS C 1098 58.64 48.87 40.78
N TRP C 1099 58.33 48.11 41.84
CA TRP C 1099 57.57 46.88 41.73
C TRP C 1099 56.32 46.96 42.58
N PHE C 1100 55.22 46.44 42.04
CA PHE C 1100 53.94 46.42 42.72
C PHE C 1100 53.27 45.08 42.52
N VAL C 1101 52.33 44.76 43.40
CA VAL C 1101 51.49 43.57 43.28
C VAL C 1101 50.06 44.04 43.05
N THR C 1102 49.44 43.52 42.00
CA THR C 1102 48.11 43.98 41.57
C THR C 1102 47.26 42.79 41.18
N GLN C 1103 45.95 42.98 41.25
CA GLN C 1103 45.03 41.93 40.82
C GLN C 1103 45.20 41.66 39.33
N ARG C 1104 44.88 40.43 38.93
CA ARG C 1104 45.14 39.99 37.57
C ARG C 1104 44.26 40.74 36.56
N ASN C 1105 43.00 40.99 36.90
CA ASN C 1105 42.03 41.49 35.94
C ASN C 1105 41.79 43.00 36.06
N PHE C 1106 42.60 43.70 36.84
CA PHE C 1106 42.46 45.14 36.97
C PHE C 1106 43.78 45.72 37.45
N TYR C 1107 44.07 46.93 37.02
CA TYR C 1107 45.31 47.60 37.41
C TYR C 1107 45.04 48.42 38.67
N GLU C 1108 45.34 47.84 39.82
CA GLU C 1108 45.22 48.51 41.12
C GLU C 1108 46.52 48.28 41.87
N PRO C 1109 47.58 49.01 41.52
CA PRO C 1109 48.88 48.76 42.13
C PRO C 1109 48.90 49.12 43.60
N GLN C 1110 49.73 48.38 44.33
CA GLN C 1110 50.00 48.69 45.74
C GLN C 1110 51.37 48.14 46.09
N ILE C 1111 51.97 48.70 47.13
CA ILE C 1111 53.33 48.33 47.50
C ILE C 1111 53.38 46.87 47.90
N ILE C 1112 54.47 46.20 47.55
CA ILE C 1112 54.65 44.80 47.93
C ILE C 1112 54.79 44.72 49.43
N THR C 1113 54.04 43.80 50.04
CA THR C 1113 54.00 43.70 51.49
C THR C 1113 53.92 42.22 51.86
N THR C 1114 54.36 41.90 53.07
CA THR C 1114 54.20 40.54 53.57
C THR C 1114 52.73 40.18 53.75
N ASP C 1115 51.84 41.16 53.75
CA ASP C 1115 50.41 40.88 53.86
C ASP C 1115 49.88 40.24 52.58
N ASN C 1116 50.26 40.76 51.42
CA ASN C 1116 49.76 40.28 50.14
C ASN C 1116 50.71 39.31 49.44
N THR C 1117 51.83 38.96 50.08
CA THR C 1117 52.75 37.98 49.54
C THR C 1117 53.07 36.93 50.60
N PHE C 1118 53.14 35.68 50.17
CA PHE C 1118 53.50 34.57 51.05
C PHE C 1118 54.88 34.06 50.68
N VAL C 1119 55.72 33.81 51.69
CA VAL C 1119 57.09 33.40 51.47
C VAL C 1119 57.16 31.87 51.50
N SER C 1120 57.78 31.28 50.48
CA SER C 1120 57.92 29.83 50.43
C SER C 1120 59.05 29.48 49.46
N GLY C 1121 60.10 28.86 49.97
CA GLY C 1121 61.19 28.38 49.15
C GLY C 1121 62.46 29.15 49.34
N ASN C 1122 63.36 29.02 48.36
CA ASN C 1122 64.65 29.66 48.36
C ASN C 1122 64.72 30.65 47.20
N CYS C 1123 65.85 31.36 47.10
CA CYS C 1123 66.04 32.39 46.09
C CYS C 1123 66.60 31.86 44.78
N ASP C 1124 66.94 30.57 44.72
CA ASP C 1124 67.59 30.02 43.53
C ASP C 1124 66.73 29.06 42.73
N VAL C 1125 65.73 28.42 43.36
CA VAL C 1125 64.93 27.44 42.65
C VAL C 1125 64.07 28.10 41.58
N VAL C 1126 63.48 29.26 41.90
CA VAL C 1126 62.62 29.95 40.95
C VAL C 1126 63.47 30.57 39.85
N ILE C 1127 63.01 30.43 38.61
CA ILE C 1127 63.69 30.96 37.44
C ILE C 1127 63.10 32.31 37.10
N GLY C 1128 63.95 33.33 37.02
CA GLY C 1128 63.51 34.68 36.72
C GLY C 1128 63.14 35.52 37.91
N ILE C 1129 63.41 35.05 39.13
CA ILE C 1129 63.07 35.81 40.32
C ILE C 1129 63.99 37.02 40.43
N VAL C 1130 63.40 38.20 40.61
CA VAL C 1130 64.14 39.43 40.65
C VAL C 1130 64.35 39.87 42.09
N ASN C 1131 65.22 40.85 42.29
CA ASN C 1131 65.55 41.35 43.61
C ASN C 1131 64.72 42.60 43.91
N ASN C 1132 64.10 42.62 45.08
CA ASN C 1132 63.39 43.80 45.56
C ASN C 1132 63.13 43.64 47.05
N THR C 1133 62.74 44.74 47.68
CA THR C 1133 62.42 44.76 49.10
C THR C 1133 60.90 44.73 49.27
N VAL C 1134 60.45 43.96 50.26
CA VAL C 1134 59.03 43.83 50.57
C VAL C 1134 58.76 44.58 51.87
N TYR C 1135 57.76 45.45 51.85
CA TYR C 1135 57.43 46.26 53.02
C TYR C 1135 56.90 45.36 54.14
N ASP C 1136 57.27 45.69 55.37
CA ASP C 1136 56.79 44.96 56.53
C ASP C 1136 55.98 45.90 57.42
N PRO C 1137 54.66 45.71 57.52
CA PRO C 1137 53.85 46.65 58.32
C PRO C 1137 54.19 46.65 59.81
N LEU C 1138 54.80 45.58 60.32
CA LEU C 1138 55.13 45.51 61.73
C LEU C 1138 56.32 46.40 62.09
N GLN C 1139 57.20 46.68 61.13
CA GLN C 1139 58.40 47.47 61.43
C GLN C 1139 58.10 48.89 61.91
N PRO C 1140 57.26 49.69 61.24
CA PRO C 1140 56.96 51.02 61.78
C PRO C 1140 56.25 50.98 63.11
N GLU C 1141 55.37 50.00 63.33
CA GLU C 1141 54.69 49.89 64.61
C GLU C 1141 55.68 49.57 65.73
N LEU C 1142 56.64 48.68 65.46
CA LEU C 1142 57.68 48.38 66.44
C LEU C 1142 58.56 49.59 66.70
N ASP C 1143 58.90 50.33 65.65
CA ASP C 1143 59.75 51.51 65.82
C ASP C 1143 59.05 52.59 66.63
N SER C 1144 57.75 52.78 66.40
CA SER C 1144 56.97 53.79 67.12
C SER C 1144 55.96 53.14 68.05
N GLN D 1 -56.23 -6.51 -68.55
CA GLN D 1 -56.38 -5.64 -67.39
C GLN D 1 -55.98 -6.35 -66.11
N GLU D 2 -56.07 -5.65 -64.99
CA GLU D 2 -55.62 -6.20 -63.72
C GLU D 2 -56.59 -7.26 -63.22
N GLN D 3 -56.10 -8.49 -63.07
CA GLN D 3 -56.88 -9.61 -62.58
C GLN D 3 -55.95 -10.54 -61.83
N LEU D 4 -56.55 -11.51 -61.14
CA LEU D 4 -55.81 -12.51 -60.38
C LEU D 4 -56.11 -13.90 -60.94
N GLU D 5 -55.11 -14.77 -60.92
CA GLU D 5 -55.24 -16.13 -61.41
C GLU D 5 -54.60 -17.09 -60.43
N GLU D 6 -55.11 -18.33 -60.41
CA GLU D 6 -54.64 -19.34 -59.47
C GLU D 6 -54.47 -20.68 -60.18
N SER D 7 -53.63 -21.53 -59.61
CA SER D 7 -53.42 -22.88 -60.12
C SER D 7 -52.97 -23.77 -58.97
N GLY D 8 -53.23 -25.06 -59.11
CA GLY D 8 -52.85 -26.00 -58.07
C GLY D 8 -53.18 -27.42 -58.48
N GLY D 9 -52.82 -28.35 -57.61
CA GLY D 9 -53.06 -29.76 -57.87
C GLY D 9 -54.48 -30.16 -57.53
N GLY D 10 -55.04 -31.06 -58.36
CA GLY D 10 -56.41 -31.48 -58.17
C GLY D 10 -56.61 -32.32 -56.91
N LEU D 11 -55.67 -33.22 -56.62
CA LEU D 11 -55.82 -34.18 -55.54
C LEU D 11 -54.58 -34.15 -54.64
N VAL D 12 -54.80 -34.48 -53.36
CA VAL D 12 -53.73 -34.57 -52.38
C VAL D 12 -54.00 -35.77 -51.49
N LYS D 13 -52.92 -36.39 -51.01
CA LYS D 13 -53.06 -37.46 -50.04
C LYS D 13 -53.54 -36.91 -48.70
N PRO D 14 -54.26 -37.71 -47.92
CA PRO D 14 -54.74 -37.23 -46.62
C PRO D 14 -53.59 -36.86 -45.70
N GLU D 15 -53.80 -35.79 -44.91
CA GLU D 15 -52.79 -35.27 -43.99
C GLU D 15 -51.49 -34.92 -44.73
N GLY D 16 -51.63 -34.34 -45.92
CA GLY D 16 -50.49 -34.00 -46.74
C GLY D 16 -50.30 -32.50 -46.86
N SER D 17 -49.30 -32.13 -47.66
CA SER D 17 -48.94 -30.74 -47.90
C SER D 17 -48.78 -30.51 -49.40
N LEU D 18 -49.38 -29.42 -49.89
CA LEU D 18 -49.24 -29.04 -51.29
C LEU D 18 -49.00 -27.54 -51.40
N THR D 19 -48.66 -27.11 -52.61
CA THR D 19 -48.42 -25.71 -52.92
C THR D 19 -49.53 -25.18 -53.81
N LEU D 20 -50.04 -24.01 -53.48
CA LEU D 20 -51.14 -23.37 -54.22
C LEU D 20 -50.57 -22.16 -54.95
N THR D 21 -50.12 -22.38 -56.19
CA THR D 21 -49.51 -21.31 -56.97
C THR D 21 -50.55 -20.23 -57.31
N CYS D 22 -50.09 -18.99 -57.34
CA CYS D 22 -50.94 -17.86 -57.66
C CYS D 22 -50.15 -16.82 -58.44
N THR D 23 -50.78 -16.25 -59.47
CA THR D 23 -50.17 -15.25 -60.32
C THR D 23 -51.13 -14.10 -60.52
N ALA D 24 -50.57 -12.94 -60.88
CA ALA D 24 -51.36 -11.74 -61.12
C ALA D 24 -50.81 -11.01 -62.34
N SER D 25 -51.72 -10.49 -63.16
CA SER D 25 -51.29 -9.74 -64.35
C SER D 25 -50.56 -8.46 -63.94
N GLY D 26 -51.04 -7.79 -62.89
CA GLY D 26 -50.34 -6.62 -62.40
C GLY D 26 -49.01 -6.99 -61.78
N PHE D 27 -48.14 -5.97 -61.65
CA PHE D 27 -46.77 -6.20 -61.21
C PHE D 27 -46.70 -6.77 -59.80
N SER D 28 -47.73 -6.56 -58.98
CA SER D 28 -47.91 -7.15 -57.65
C SER D 28 -46.89 -6.62 -56.63
N PHE D 29 -45.99 -5.74 -57.02
CA PHE D 29 -45.01 -5.16 -56.10
C PHE D 29 -45.54 -3.96 -55.33
N SER D 30 -46.76 -3.51 -55.63
CA SER D 30 -47.31 -2.35 -54.96
C SER D 30 -47.68 -2.71 -53.52
N SER D 31 -48.11 -1.70 -52.77
CA SER D 31 -48.55 -1.91 -51.39
C SER D 31 -49.91 -2.59 -51.37
N SER D 32 -49.91 -3.93 -51.43
CA SER D 32 -51.14 -4.70 -51.50
C SER D 32 -51.23 -5.65 -50.32
N TYR D 33 -52.46 -6.00 -49.97
CA TYR D 33 -52.73 -6.89 -48.83
C TYR D 33 -53.55 -8.08 -49.31
N TRP D 34 -53.10 -8.72 -50.38
CA TRP D 34 -53.87 -9.76 -51.04
C TRP D 34 -54.28 -10.86 -50.07
N ILE D 35 -55.52 -11.32 -50.19
CA ILE D 35 -56.08 -12.36 -49.33
C ILE D 35 -56.28 -13.60 -50.16
N CYS D 36 -55.47 -14.62 -49.90
CA CYS D 36 -55.62 -15.93 -50.53
C CYS D 36 -56.01 -17.01 -49.54
N TRP D 37 -56.26 -16.63 -48.29
CA TRP D 37 -56.61 -17.59 -47.25
C TRP D 37 -58.11 -17.85 -47.15
N VAL D 38 -58.93 -17.13 -47.90
CA VAL D 38 -60.38 -17.28 -47.75
C VAL D 38 -60.75 -18.71 -48.08
N ARG D 39 -61.64 -19.28 -47.26
CA ARG D 39 -62.01 -20.70 -47.35
C ARG D 39 -63.47 -20.77 -47.76
N GLN D 40 -63.72 -21.14 -49.01
CA GLN D 40 -65.08 -21.25 -49.54
C GLN D 40 -65.58 -22.67 -49.27
N ALA D 41 -66.32 -22.82 -48.18
CA ALA D 41 -66.95 -24.10 -47.91
C ALA D 41 -68.04 -24.37 -48.94
N PRO D 42 -68.21 -25.63 -49.38
CA PRO D 42 -69.20 -25.91 -50.42
C PRO D 42 -70.63 -25.75 -49.92
N GLY D 43 -71.30 -24.69 -50.39
CA GLY D 43 -72.67 -24.45 -50.00
C GLY D 43 -72.87 -24.04 -48.55
N LYS D 44 -71.80 -23.61 -47.88
CA LYS D 44 -71.89 -23.23 -46.47
C LYS D 44 -71.48 -21.79 -46.20
N GLY D 45 -70.51 -21.26 -46.92
CA GLY D 45 -70.10 -19.87 -46.73
C GLY D 45 -68.59 -19.70 -46.68
N LEU D 46 -68.13 -18.53 -47.16
CA LEU D 46 -66.72 -18.21 -47.12
C LEU D 46 -66.27 -17.91 -45.69
N GLU D 47 -64.96 -18.02 -45.46
CA GLU D 47 -64.41 -17.81 -44.12
C GLU D 47 -62.99 -17.27 -44.26
N TRP D 48 -62.82 -16.01 -43.86
CA TRP D 48 -61.50 -15.37 -43.93
C TRP D 48 -60.57 -15.91 -42.85
N ILE D 49 -59.30 -16.08 -43.21
CA ILE D 49 -58.25 -16.51 -42.29
C ILE D 49 -57.15 -15.46 -42.16
N GLY D 50 -56.49 -15.13 -43.26
CA GLY D 50 -55.33 -14.27 -43.18
C GLY D 50 -55.17 -13.36 -44.38
N CYS D 51 -54.43 -12.29 -44.16
CA CYS D 51 -54.04 -11.34 -45.18
C CYS D 51 -52.53 -11.19 -45.15
N ILE D 52 -51.94 -10.94 -46.32
CA ILE D 52 -50.48 -10.93 -46.46
C ILE D 52 -50.06 -9.61 -47.08
N TYR D 53 -49.07 -8.96 -46.48
CA TYR D 53 -48.47 -7.75 -47.01
C TYR D 53 -47.19 -8.09 -47.76
N THR D 54 -46.74 -7.13 -48.58
CA THR D 54 -45.51 -7.28 -49.36
C THR D 54 -44.27 -6.93 -48.57
N GLY D 55 -44.41 -6.52 -47.30
CA GLY D 55 -43.28 -6.15 -46.48
C GLY D 55 -42.48 -7.30 -45.91
N ASP D 56 -42.84 -8.54 -46.23
CA ASP D 56 -42.13 -9.73 -45.78
C ASP D 56 -42.08 -9.82 -44.25
N GLY D 57 -43.15 -9.40 -43.59
CA GLY D 57 -43.21 -9.48 -42.14
C GLY D 57 -44.05 -10.66 -41.66
N SER D 58 -44.64 -11.40 -42.60
CA SER D 58 -45.46 -12.58 -42.39
C SER D 58 -46.80 -12.26 -41.75
N THR D 59 -47.04 -10.99 -41.36
CA THR D 59 -48.31 -10.53 -40.79
C THR D 59 -48.90 -11.48 -39.76
N TYR D 60 -50.21 -11.71 -39.82
CA TYR D 60 -50.91 -12.55 -38.87
C TYR D 60 -51.85 -13.48 -39.62
N TYR D 61 -52.29 -14.53 -38.92
CA TYR D 61 -53.21 -15.52 -39.48
C TYR D 61 -54.50 -15.62 -38.66
N ALA D 62 -54.68 -14.77 -37.65
CA ALA D 62 -55.90 -14.72 -36.84
C ALA D 62 -56.15 -16.01 -36.08
N THR D 63 -55.13 -16.85 -35.95
CA THR D 63 -55.08 -18.13 -35.24
C THR D 63 -56.02 -19.16 -35.86
N TRP D 64 -56.79 -18.82 -36.88
CA TRP D 64 -57.59 -19.81 -37.60
C TRP D 64 -56.68 -20.80 -38.33
N ALA D 65 -55.58 -20.29 -38.90
CA ALA D 65 -54.61 -21.17 -39.56
C ALA D 65 -53.92 -22.12 -38.58
N LYS D 66 -54.02 -21.87 -37.28
CA LYS D 66 -53.54 -22.73 -36.19
C LYS D 66 -52.03 -22.88 -36.15
N GLY D 67 -51.29 -22.19 -37.02
CA GLY D 67 -49.85 -22.36 -37.09
C GLY D 67 -49.37 -23.43 -38.03
N ARG D 68 -50.24 -24.34 -38.44
CA ARG D 68 -49.91 -25.33 -39.45
C ARG D 68 -49.88 -24.73 -40.85
N PHE D 69 -50.68 -23.70 -41.10
CA PHE D 69 -50.73 -23.04 -42.40
C PHE D 69 -49.88 -21.78 -42.34
N THR D 70 -48.89 -21.69 -43.23
CA THR D 70 -48.03 -20.51 -43.31
C THR D 70 -48.08 -19.91 -44.71
N ILE D 71 -47.31 -18.85 -44.93
CA ILE D 71 -47.26 -18.15 -46.21
C ILE D 71 -45.82 -18.02 -46.64
N SER D 72 -45.52 -18.42 -47.88
CA SER D 72 -44.19 -18.29 -48.46
C SER D 72 -44.34 -17.59 -49.81
N LYS D 73 -44.34 -16.25 -49.78
CA LYS D 73 -44.48 -15.45 -50.99
C LYS D 73 -43.11 -15.35 -51.66
N ALA D 74 -42.98 -15.93 -52.85
CA ALA D 74 -41.72 -15.91 -53.58
C ALA D 74 -41.45 -14.60 -54.29
N SER D 75 -42.41 -13.67 -54.29
CA SER D 75 -42.29 -12.37 -54.96
C SER D 75 -42.06 -12.65 -56.44
N SER D 76 -40.90 -12.29 -57.01
CA SER D 76 -40.57 -12.55 -58.41
C SER D 76 -41.67 -12.05 -59.34
N THR D 77 -41.98 -12.81 -60.39
CA THR D 77 -43.01 -12.43 -61.36
C THR D 77 -44.39 -12.82 -60.81
N THR D 78 -44.80 -12.08 -59.78
CA THR D 78 -46.13 -12.21 -59.17
C THR D 78 -46.41 -13.65 -58.72
N VAL D 79 -45.37 -14.36 -58.30
CA VAL D 79 -45.51 -15.74 -57.84
C VAL D 79 -45.71 -15.70 -56.33
N THR D 80 -46.96 -15.75 -55.90
CA THR D 80 -47.32 -15.79 -54.48
C THR D 80 -47.76 -17.20 -54.13
N LEU D 81 -47.29 -17.70 -53.00
CA LEU D 81 -47.47 -19.10 -52.66
C LEU D 81 -47.82 -19.23 -51.18
N GLN D 82 -48.60 -20.26 -50.87
CA GLN D 82 -49.00 -20.56 -49.50
C GLN D 82 -48.60 -21.98 -49.15
N MET D 83 -48.41 -22.24 -47.86
CA MET D 83 -48.03 -23.55 -47.35
C MET D 83 -49.15 -24.11 -46.48
N THR D 84 -49.52 -25.36 -46.75
CA THR D 84 -50.53 -26.06 -45.97
C THR D 84 -49.90 -27.27 -45.29
N SER D 85 -50.42 -27.63 -44.12
CA SER D 85 -49.89 -28.75 -43.36
C SER D 85 -51.02 -29.43 -42.60
N LEU D 86 -50.94 -30.76 -42.48
CA LEU D 86 -51.92 -31.55 -41.73
C LEU D 86 -53.34 -31.30 -42.23
N THR D 87 -53.50 -31.28 -43.55
CA THR D 87 -54.81 -31.06 -44.14
C THR D 87 -55.77 -32.16 -43.76
N ALA D 88 -56.98 -31.79 -43.36
CA ALA D 88 -58.00 -32.74 -42.92
C ALA D 88 -59.35 -32.28 -43.48
N ALA D 89 -59.76 -32.89 -44.60
CA ALA D 89 -61.07 -32.62 -45.21
C ALA D 89 -61.27 -31.14 -45.49
N ASP D 90 -60.21 -30.46 -45.93
CA ASP D 90 -60.32 -29.06 -46.28
C ASP D 90 -61.18 -28.89 -47.53
N THR D 91 -61.97 -27.82 -47.55
CA THR D 91 -62.84 -27.56 -48.69
C THR D 91 -62.01 -27.24 -49.92
N ALA D 92 -62.47 -27.74 -51.07
CA ALA D 92 -61.69 -27.63 -52.31
C ALA D 92 -61.59 -26.19 -52.78
N THR D 93 -62.71 -25.46 -52.79
CA THR D 93 -62.79 -24.16 -53.43
C THR D 93 -62.25 -23.06 -52.52
N TYR D 94 -61.35 -22.25 -53.07
CA TYR D 94 -60.89 -21.03 -52.43
C TYR D 94 -60.30 -20.12 -53.50
N PHE D 95 -60.47 -18.81 -53.31
CA PHE D 95 -60.10 -17.84 -54.33
C PHE D 95 -59.10 -16.83 -53.77
N CYS D 96 -58.30 -16.27 -54.67
CA CYS D 96 -57.32 -15.24 -54.33
C CYS D 96 -57.86 -13.87 -54.71
N THR D 97 -57.52 -12.87 -53.90
CA THR D 97 -57.98 -11.51 -54.09
C THR D 97 -56.80 -10.56 -54.10
N ARG D 98 -57.07 -9.31 -54.47
CA ARG D 98 -56.16 -8.20 -54.24
C ARG D 98 -56.89 -7.15 -53.41
N GLU D 99 -56.37 -6.84 -52.24
CA GLU D 99 -57.03 -5.99 -51.28
C GLU D 99 -56.53 -4.55 -51.42
N GLY D 100 -57.45 -3.64 -51.71
CA GLY D 100 -57.14 -2.22 -51.81
C GLY D 100 -57.43 -1.48 -50.52
N GLY D 101 -57.79 -0.22 -50.66
CA GLY D 101 -58.13 0.58 -49.50
C GLY D 101 -59.47 0.21 -48.90
N TRP D 102 -59.73 0.76 -47.72
CA TRP D 102 -60.97 0.56 -46.97
C TRP D 102 -61.19 -0.91 -46.59
N TYR D 103 -60.17 -1.75 -46.74
CA TYR D 103 -60.22 -3.16 -46.39
C TYR D 103 -61.37 -3.87 -47.11
N ASP D 104 -61.34 -3.78 -48.44
CA ASP D 104 -62.33 -4.44 -49.28
C ASP D 104 -61.64 -5.24 -50.38
N LEU D 105 -62.35 -6.21 -50.91
CA LEU D 105 -61.84 -7.08 -51.97
C LEU D 105 -62.54 -6.70 -53.26
N ASN D 106 -61.95 -5.75 -53.99
CA ASN D 106 -62.56 -5.26 -55.23
C ASN D 106 -62.54 -6.31 -56.35
N LEU D 107 -61.59 -7.24 -56.31
CA LEU D 107 -61.46 -8.27 -57.33
C LEU D 107 -61.19 -9.62 -56.68
N TRP D 108 -61.53 -10.68 -57.41
CA TRP D 108 -61.38 -12.04 -56.92
C TRP D 108 -60.64 -12.87 -57.98
N GLY D 109 -60.58 -14.17 -57.77
CA GLY D 109 -59.87 -15.06 -58.66
C GLY D 109 -60.61 -16.34 -58.97
N PRO D 110 -60.20 -17.03 -60.04
CA PRO D 110 -60.84 -18.30 -60.40
C PRO D 110 -60.63 -19.36 -59.33
N GLY D 111 -61.62 -20.25 -59.22
CA GLY D 111 -61.58 -21.25 -58.18
C GLY D 111 -60.55 -22.34 -58.44
N THR D 112 -60.23 -23.05 -57.36
CA THR D 112 -59.33 -24.20 -57.40
C THR D 112 -59.96 -25.34 -56.63
N LEU D 113 -59.52 -26.57 -56.94
CA LEU D 113 -60.09 -27.77 -56.34
C LEU D 113 -58.98 -28.63 -55.75
N VAL D 114 -59.15 -29.03 -54.50
CA VAL D 114 -58.24 -29.96 -53.82
C VAL D 114 -59.08 -30.96 -53.04
N THR D 115 -58.73 -32.24 -53.14
CA THR D 115 -59.41 -33.30 -52.42
C THR D 115 -58.43 -33.93 -51.43
N VAL D 116 -58.77 -33.88 -50.14
CA VAL D 116 -57.90 -34.43 -49.11
C VAL D 116 -57.89 -35.95 -49.19
N SER D 117 -59.05 -36.56 -49.39
CA SER D 117 -59.13 -38.02 -49.51
C SER D 117 -58.45 -38.49 -50.78
N SER D 118 -57.92 -39.70 -50.74
CA SER D 118 -57.24 -40.30 -51.88
C SER D 118 -58.24 -40.61 -53.00
N ASP E 2 -59.69 -12.61 -32.08
CA ASP E 2 -60.63 -13.05 -33.11
C ASP E 2 -61.97 -12.34 -32.97
N ILE E 3 -62.59 -12.02 -34.09
CA ILE E 3 -63.86 -11.30 -34.13
C ILE E 3 -64.92 -12.24 -34.70
N VAL E 4 -66.03 -12.36 -33.98
CA VAL E 4 -67.15 -13.21 -34.37
C VAL E 4 -68.37 -12.33 -34.63
N MET E 5 -69.03 -12.54 -35.77
CA MET E 5 -70.21 -11.78 -36.13
C MET E 5 -71.31 -12.71 -36.62
N THR E 6 -72.55 -12.30 -36.39
CA THR E 6 -73.74 -13.07 -36.72
C THR E 6 -74.47 -12.41 -37.89
N GLN E 7 -75.57 -13.03 -38.28
CA GLN E 7 -76.37 -12.54 -39.40
C GLN E 7 -77.79 -13.06 -39.27
N THR E 8 -78.70 -12.41 -40.01
CA THR E 8 -80.09 -12.84 -40.03
C THR E 8 -80.23 -14.16 -40.79
N PRO E 9 -81.30 -14.90 -40.55
CA PRO E 9 -81.51 -16.15 -41.29
C PRO E 9 -81.55 -15.90 -42.79
N ALA E 10 -80.97 -16.84 -43.54
CA ALA E 10 -80.81 -16.68 -44.98
C ALA E 10 -82.11 -16.88 -45.74
N SER E 11 -83.18 -17.32 -45.10
CA SER E 11 -84.44 -17.61 -45.77
C SER E 11 -85.05 -16.33 -46.29
N VAL E 12 -84.95 -16.11 -47.60
CA VAL E 12 -85.56 -14.97 -48.28
C VAL E 12 -86.42 -15.52 -49.41
N GLU E 13 -87.71 -15.21 -49.37
CA GLU E 13 -88.66 -15.73 -50.35
C GLU E 13 -89.55 -14.58 -50.82
N ALA E 14 -89.44 -14.24 -52.11
CA ALA E 14 -90.27 -13.19 -52.69
C ALA E 14 -90.34 -13.41 -54.19
N ALA E 15 -91.38 -12.83 -54.80
CA ALA E 15 -91.56 -12.92 -56.24
C ALA E 15 -90.68 -11.86 -56.93
N VAL E 16 -90.91 -11.63 -58.22
CA VAL E 16 -90.16 -10.61 -58.93
C VAL E 16 -90.49 -9.24 -58.35
N GLY E 17 -89.52 -8.33 -58.43
CA GLY E 17 -89.72 -7.04 -57.80
C GLY E 17 -89.67 -7.14 -56.29
N GLY E 18 -90.35 -6.20 -55.64
CA GLY E 18 -90.41 -6.18 -54.19
C GLY E 18 -89.13 -5.65 -53.56
N THR E 19 -89.09 -5.74 -52.23
CA THR E 19 -87.95 -5.27 -51.46
C THR E 19 -87.78 -6.14 -50.22
N VAL E 20 -86.56 -6.60 -49.98
CA VAL E 20 -86.22 -7.44 -48.85
C VAL E 20 -84.97 -6.88 -48.18
N THR E 21 -84.99 -6.80 -46.85
CA THR E 21 -83.88 -6.26 -46.08
C THR E 21 -83.21 -7.38 -45.29
N ILE E 22 -81.89 -7.27 -45.13
CA ILE E 22 -81.09 -8.27 -44.41
C ILE E 22 -80.18 -7.54 -43.43
N ASN E 23 -80.16 -8.00 -42.19
CA ASN E 23 -79.36 -7.40 -41.14
C ASN E 23 -78.17 -8.31 -40.80
N CYS E 24 -76.98 -7.71 -40.77
CA CYS E 24 -75.76 -8.41 -40.37
C CYS E 24 -75.04 -7.55 -39.35
N GLN E 25 -74.95 -8.03 -38.12
CA GLN E 25 -74.39 -7.25 -37.02
C GLN E 25 -73.30 -8.05 -36.31
N ALA E 26 -72.42 -7.32 -35.64
CA ALA E 26 -71.31 -7.91 -34.91
C ALA E 26 -71.24 -7.32 -33.51
N SER E 27 -70.61 -8.07 -32.60
CA SER E 27 -70.47 -7.61 -31.23
C SER E 27 -69.48 -6.45 -31.12
N GLU E 28 -68.36 -6.51 -31.86
CA GLU E 28 -67.30 -5.52 -31.72
C GLU E 28 -66.83 -4.97 -33.05
N SER E 29 -67.67 -5.03 -34.10
CA SER E 29 -67.28 -4.46 -35.38
C SER E 29 -67.15 -2.94 -35.28
N ILE E 30 -66.13 -2.41 -35.93
CA ILE E 30 -65.90 -0.97 -35.94
C ILE E 30 -66.74 -0.35 -37.05
N SER E 31 -67.35 0.79 -36.76
CA SER E 31 -68.15 1.50 -37.75
C SER E 31 -67.26 2.09 -38.83
N ASN E 32 -67.87 2.37 -39.98
CA ASN E 32 -67.26 2.94 -41.19
C ASN E 32 -66.34 1.96 -41.91
N TYR E 33 -66.26 0.71 -41.48
CA TYR E 33 -65.53 -0.34 -42.20
C TYR E 33 -66.48 -1.52 -42.39
N LEU E 34 -67.31 -1.43 -43.44
CA LEU E 34 -68.27 -2.47 -43.78
C LEU E 34 -68.21 -2.72 -45.28
N SER E 35 -68.42 -3.96 -45.68
CA SER E 35 -68.41 -4.31 -47.10
C SER E 35 -69.17 -5.61 -47.30
N TRP E 36 -70.14 -5.59 -48.21
CA TRP E 36 -70.87 -6.78 -48.62
C TRP E 36 -70.41 -7.21 -50.00
N TYR E 37 -70.76 -8.44 -50.37
CA TYR E 37 -70.36 -9.00 -51.66
C TYR E 37 -71.50 -9.83 -52.22
N GLN E 38 -71.53 -9.94 -53.54
CA GLN E 38 -72.50 -10.77 -54.24
C GLN E 38 -71.82 -12.05 -54.68
N GLN E 39 -72.38 -13.19 -54.27
CA GLN E 39 -71.79 -14.50 -54.52
C GLN E 39 -72.71 -15.27 -55.47
N LYS E 40 -72.44 -15.15 -56.76
CA LYS E 40 -73.16 -15.95 -57.74
C LYS E 40 -72.72 -17.40 -57.63
N PRO E 41 -73.65 -18.36 -57.53
CA PRO E 41 -73.25 -19.77 -57.39
C PRO E 41 -72.44 -20.24 -58.59
N GLY E 42 -71.29 -20.83 -58.30
CA GLY E 42 -70.40 -21.29 -59.36
C GLY E 42 -69.85 -20.17 -60.22
N GLN E 43 -69.48 -19.05 -59.60
CA GLN E 43 -68.94 -17.92 -60.33
C GLN E 43 -68.03 -17.11 -59.41
N ARG E 44 -67.23 -16.26 -60.03
CA ARG E 44 -66.27 -15.45 -59.28
C ARG E 44 -67.01 -14.43 -58.41
N PRO E 45 -66.59 -14.24 -57.16
CA PRO E 45 -67.24 -13.25 -56.30
C PRO E 45 -67.06 -11.83 -56.83
N LYS E 46 -68.03 -10.98 -56.53
CA LYS E 46 -68.03 -9.59 -56.97
C LYS E 46 -68.25 -8.68 -55.77
N LEU E 47 -67.52 -7.57 -55.74
CA LEU E 47 -67.65 -6.60 -54.67
C LEU E 47 -68.98 -5.86 -54.79
N LEU E 48 -69.60 -5.57 -53.63
CA LEU E 48 -70.88 -4.89 -53.59
C LEU E 48 -70.86 -3.57 -52.84
N ILE E 49 -69.92 -3.36 -51.93
CA ILE E 49 -69.87 -2.16 -51.10
C ILE E 49 -68.44 -1.64 -51.06
N TYR E 50 -68.29 -0.32 -51.24
CA TYR E 50 -66.98 0.29 -51.05
C TYR E 50 -66.60 0.29 -49.57
N TYR E 51 -67.38 0.98 -48.75
CA TYR E 51 -67.16 1.01 -47.30
C TYR E 51 -68.38 1.60 -46.60
N ALA E 52 -68.86 0.91 -45.56
CA ALA E 52 -70.00 1.36 -44.75
C ALA E 52 -71.25 1.55 -45.61
N SER E 53 -71.69 0.46 -46.22
CA SER E 53 -72.96 0.35 -46.96
C SER E 53 -73.01 1.26 -48.19
N THR E 54 -71.90 1.85 -48.61
CA THR E 54 -71.91 2.70 -49.78
C THR E 54 -72.04 1.88 -51.06
N LEU E 55 -72.68 2.48 -52.06
CA LEU E 55 -72.88 1.80 -53.33
C LEU E 55 -71.54 1.61 -54.04
N ALA E 56 -71.38 0.44 -54.67
CA ALA E 56 -70.19 0.17 -55.46
C ALA E 56 -70.40 0.61 -56.90
N SER E 57 -69.31 1.05 -57.54
CA SER E 57 -69.39 1.52 -58.91
C SER E 57 -69.75 0.37 -59.84
N GLY E 58 -70.61 0.67 -60.82
CA GLY E 58 -71.08 -0.31 -61.78
C GLY E 58 -72.28 -1.11 -61.30
N VAL E 59 -72.45 -1.26 -60.00
CA VAL E 59 -73.57 -2.00 -59.45
C VAL E 59 -74.82 -1.11 -59.46
N SER E 60 -75.99 -1.75 -59.48
CA SER E 60 -77.24 -1.00 -59.53
C SER E 60 -77.43 -0.18 -58.26
N SER E 61 -78.17 0.93 -58.40
CA SER E 61 -78.44 1.82 -57.29
C SER E 61 -79.34 1.21 -56.22
N ARG E 62 -79.97 0.07 -56.51
CA ARG E 62 -80.87 -0.58 -55.56
C ARG E 62 -80.13 -1.32 -54.46
N PHE E 63 -78.81 -1.51 -54.58
CA PHE E 63 -78.02 -2.17 -53.55
C PHE E 63 -77.62 -1.11 -52.51
N LYS E 64 -78.60 -0.74 -51.68
CA LYS E 64 -78.42 0.32 -50.71
C LYS E 64 -79.00 -0.11 -49.36
N GLY E 65 -78.45 0.48 -48.30
CA GLY E 65 -78.93 0.18 -46.96
C GLY E 65 -78.37 1.18 -45.97
N SER E 66 -78.98 1.20 -44.80
CA SER E 66 -78.59 2.11 -43.73
C SER E 66 -78.23 1.30 -42.48
N ARG E 67 -77.05 1.58 -41.92
CA ARG E 67 -76.64 0.93 -40.69
C ARG E 67 -77.53 1.35 -39.52
N SER E 68 -77.70 2.66 -39.34
CA SER E 68 -78.60 3.23 -38.33
C SER E 68 -78.34 2.66 -36.93
N GLY E 69 -77.06 2.53 -36.58
CA GLY E 69 -76.69 2.09 -35.25
C GLY E 69 -75.62 1.01 -35.31
N THR E 70 -75.53 0.25 -34.22
CA THR E 70 -74.53 -0.82 -34.14
C THR E 70 -74.80 -1.89 -35.19
N GLU E 71 -76.06 -2.26 -35.38
CA GLU E 71 -76.40 -3.21 -36.42
C GLU E 71 -76.15 -2.61 -37.80
N TYR E 72 -75.81 -3.46 -38.76
CA TYR E 72 -75.46 -3.05 -40.11
C TYR E 72 -76.42 -3.75 -41.08
N THR E 73 -77.40 -3.00 -41.58
CA THR E 73 -78.47 -3.54 -42.40
C THR E 73 -78.33 -3.05 -43.83
N LEU E 74 -78.33 -3.98 -44.78
CA LEU E 74 -78.27 -3.67 -46.20
C LEU E 74 -79.50 -4.26 -46.89
N THR E 75 -80.05 -3.52 -47.85
CA THR E 75 -81.32 -3.87 -48.47
C THR E 75 -81.16 -4.05 -49.97
N ILE E 76 -81.77 -5.11 -50.49
CA ILE E 76 -81.79 -5.41 -51.91
C ILE E 76 -83.22 -5.35 -52.42
N SER E 77 -83.44 -4.65 -53.52
CA SER E 77 -84.76 -4.44 -54.09
C SER E 77 -84.77 -4.87 -55.54
N ASP E 78 -85.97 -5.15 -56.06
CA ASP E 78 -86.19 -5.59 -57.43
C ASP E 78 -85.43 -6.88 -57.71
N LEU E 79 -85.82 -7.93 -56.99
CA LEU E 79 -85.19 -9.24 -57.17
C LEU E 79 -85.47 -9.78 -58.57
N GLU E 80 -84.47 -10.45 -59.14
CA GLU E 80 -84.57 -11.01 -60.47
C GLU E 80 -83.84 -12.35 -60.50
N CYS E 81 -83.81 -12.97 -61.68
CA CYS E 81 -83.10 -14.24 -61.83
C CYS E 81 -81.60 -14.05 -61.59
N ALA E 82 -81.03 -12.98 -62.14
CA ALA E 82 -79.62 -12.68 -61.89
C ALA E 82 -79.38 -12.31 -60.43
N ASP E 83 -80.33 -11.59 -59.83
CA ASP E 83 -80.24 -11.20 -58.42
C ASP E 83 -80.54 -12.34 -57.47
N ALA E 84 -80.94 -13.51 -57.98
CA ALA E 84 -81.23 -14.68 -57.14
C ALA E 84 -79.94 -15.40 -56.76
N ALA E 85 -79.04 -14.65 -56.14
CA ALA E 85 -77.76 -15.18 -55.68
C ALA E 85 -77.54 -14.76 -54.24
N THR E 86 -76.83 -15.61 -53.50
CA THR E 86 -76.57 -15.33 -52.09
C THR E 86 -75.62 -14.15 -51.94
N TYR E 87 -75.94 -13.27 -51.00
CA TYR E 87 -75.13 -12.10 -50.67
C TYR E 87 -74.51 -12.29 -49.29
N TYR E 88 -73.21 -12.00 -49.18
CA TYR E 88 -72.46 -12.21 -47.95
C TYR E 88 -72.04 -10.88 -47.36
N CYS E 89 -72.08 -10.81 -46.02
CA CYS E 89 -71.70 -9.62 -45.27
C CYS E 89 -70.29 -9.81 -44.71
N GLN E 90 -69.55 -8.71 -44.61
CA GLN E 90 -68.19 -8.75 -44.11
C GLN E 90 -67.89 -7.49 -43.31
N SER E 91 -67.11 -7.66 -42.23
CA SER E 91 -66.65 -6.55 -41.42
C SER E 91 -65.17 -6.75 -41.12
N ALA E 92 -64.51 -5.64 -40.77
CA ALA E 92 -63.07 -5.64 -40.55
C ALA E 92 -62.75 -4.93 -39.24
N ALA E 93 -61.55 -5.18 -38.73
CA ALA E 93 -61.08 -4.57 -37.50
C ALA E 93 -60.43 -3.22 -37.78
N ASP E 94 -60.08 -2.51 -36.70
CA ASP E 94 -59.52 -1.15 -36.79
C ASP E 94 -58.33 -1.06 -35.84
N SER E 95 -57.13 -1.40 -36.33
CA SER E 95 -55.90 -1.26 -35.57
C SER E 95 -54.72 -1.50 -36.50
N ILE E 96 -53.57 -0.96 -36.13
CA ILE E 96 -52.35 -1.12 -36.91
C ILE E 96 -51.65 -2.44 -36.58
N SER E 97 -51.40 -2.68 -35.30
CA SER E 97 -50.70 -3.90 -34.90
C SER E 97 -51.51 -5.14 -35.21
N ASP E 98 -52.82 -5.08 -35.03
CA ASP E 98 -53.70 -6.22 -35.23
C ASP E 98 -54.83 -5.85 -36.17
N LYS E 99 -55.25 -6.83 -36.99
CA LYS E 99 -56.36 -6.62 -37.92
C LYS E 99 -56.92 -7.98 -38.29
N ARG E 100 -58.21 -8.19 -38.05
CA ARG E 100 -58.88 -9.44 -38.40
C ARG E 100 -60.18 -9.14 -39.11
N HIS E 101 -60.45 -9.87 -40.19
CA HIS E 101 -61.72 -9.80 -40.88
C HIS E 101 -62.67 -10.87 -40.34
N ALA E 102 -63.97 -10.62 -40.50
CA ALA E 102 -65.00 -11.53 -40.03
C ALA E 102 -65.93 -11.89 -41.17
N PHE E 103 -66.20 -13.18 -41.33
CA PHE E 103 -67.09 -13.69 -42.37
C PHE E 103 -68.27 -14.40 -41.72
N GLY E 104 -69.48 -14.01 -42.13
CA GLY E 104 -70.69 -14.61 -41.60
C GLY E 104 -71.28 -15.65 -42.52
N GLY E 105 -72.41 -16.21 -42.09
CA GLY E 105 -73.09 -17.20 -42.90
C GLY E 105 -73.70 -16.61 -44.15
N GLY E 106 -74.22 -15.40 -44.06
CA GLY E 106 -74.81 -14.71 -45.20
C GLY E 106 -76.26 -15.07 -45.44
N THR E 107 -76.84 -14.42 -46.45
CA THR E 107 -78.23 -14.61 -46.82
C THR E 107 -78.33 -15.05 -48.27
N GLU E 108 -79.22 -16.00 -48.54
CA GLU E 108 -79.48 -16.45 -49.90
C GLU E 108 -80.76 -15.81 -50.42
N VAL E 109 -80.76 -15.47 -51.71
CA VAL E 109 -81.88 -14.79 -52.35
C VAL E 109 -82.56 -15.78 -53.29
N LEU E 110 -83.85 -16.02 -53.06
CA LEU E 110 -84.65 -16.89 -53.90
C LEU E 110 -85.79 -16.09 -54.50
N VAL E 111 -85.98 -16.22 -55.81
CA VAL E 111 -87.00 -15.48 -56.54
C VAL E 111 -88.02 -16.47 -57.08
N LYS E 112 -89.29 -16.23 -56.78
CA LYS E 112 -90.37 -17.10 -57.25
C LYS E 112 -90.70 -16.83 -58.72
N GLN F 1 -56.95 -55.57 -35.41
CA GLN F 1 -55.86 -55.90 -34.50
C GLN F 1 -54.58 -55.16 -34.88
N GLU F 2 -53.53 -55.36 -34.10
CA GLU F 2 -52.23 -54.78 -34.42
C GLU F 2 -51.71 -55.37 -35.73
N GLN F 3 -51.25 -54.50 -36.62
CA GLN F 3 -50.77 -54.94 -37.92
C GLN F 3 -49.78 -53.91 -38.46
N LEU F 4 -48.78 -54.40 -39.19
CA LEU F 4 -47.77 -53.57 -39.80
C LEU F 4 -47.96 -53.54 -41.31
N GLU F 5 -47.84 -52.36 -41.91
CA GLU F 5 -48.03 -52.17 -43.33
C GLU F 5 -46.88 -51.34 -43.91
N GLU F 6 -46.60 -51.55 -45.19
CA GLU F 6 -45.50 -50.88 -45.87
C GLU F 6 -45.96 -50.39 -47.24
N SER F 7 -45.26 -49.38 -47.74
CA SER F 7 -45.49 -48.86 -49.07
C SER F 7 -44.22 -48.22 -49.59
N GLY F 8 -43.93 -48.40 -50.87
CA GLY F 8 -42.72 -47.86 -51.45
C GLY F 8 -42.79 -47.89 -52.96
N GLY F 9 -41.87 -47.14 -53.58
CA GLY F 9 -41.83 -47.07 -55.03
C GLY F 9 -41.39 -48.37 -55.64
N GLY F 10 -41.98 -48.71 -56.79
CA GLY F 10 -41.63 -49.94 -57.47
C GLY F 10 -40.23 -49.92 -58.06
N LEU F 11 -39.82 -48.79 -58.61
CA LEU F 11 -38.56 -48.68 -59.33
C LEU F 11 -37.71 -47.55 -58.75
N VAL F 12 -36.39 -47.70 -58.87
CA VAL F 12 -35.46 -46.68 -58.40
C VAL F 12 -34.23 -46.72 -59.30
N LYS F 13 -33.64 -45.54 -59.51
CA LYS F 13 -32.41 -45.46 -60.29
C LYS F 13 -31.25 -46.05 -59.49
N PRO F 14 -30.24 -46.58 -60.19
CA PRO F 14 -29.07 -47.13 -59.48
C PRO F 14 -28.38 -46.06 -58.65
N GLU F 15 -27.95 -46.46 -57.45
CA GLU F 15 -27.33 -45.54 -56.49
C GLU F 15 -28.21 -44.33 -56.23
N GLY F 16 -29.52 -44.57 -56.11
CA GLY F 16 -30.49 -43.51 -55.89
C GLY F 16 -31.11 -43.63 -54.50
N SER F 17 -31.47 -42.50 -53.93
CA SER F 17 -32.05 -42.45 -52.60
C SER F 17 -33.56 -42.65 -52.69
N LEU F 18 -34.06 -43.68 -52.01
CA LEU F 18 -35.47 -44.00 -51.99
C LEU F 18 -35.96 -44.07 -50.54
N THR F 19 -37.14 -43.53 -50.30
CA THR F 19 -37.73 -43.48 -48.97
C THR F 19 -38.82 -44.53 -48.85
N LEU F 20 -38.75 -45.35 -47.80
CA LEU F 20 -39.67 -46.46 -47.60
C LEU F 20 -40.63 -46.09 -46.46
N THR F 21 -41.89 -45.85 -46.82
CA THR F 21 -42.90 -45.51 -45.83
C THR F 21 -43.37 -46.75 -45.08
N CYS F 22 -43.71 -46.57 -43.81
CA CYS F 22 -44.23 -47.63 -42.98
C CYS F 22 -45.30 -47.08 -42.05
N THR F 23 -46.40 -47.82 -41.90
CA THR F 23 -47.48 -47.45 -41.00
C THR F 23 -47.90 -48.66 -40.18
N ALA F 24 -48.38 -48.40 -38.98
CA ALA F 24 -48.82 -49.45 -38.07
C ALA F 24 -50.18 -49.08 -37.48
N SER F 25 -51.08 -50.07 -37.45
CA SER F 25 -52.40 -49.84 -36.88
C SER F 25 -52.34 -49.60 -35.37
N GLY F 26 -51.35 -50.15 -34.69
CA GLY F 26 -51.15 -49.92 -33.27
C GLY F 26 -50.22 -48.74 -33.06
N PHE F 27 -50.49 -47.98 -31.99
CA PHE F 27 -49.74 -46.76 -31.73
C PHE F 27 -48.26 -47.06 -31.49
N SER F 28 -47.96 -48.01 -30.62
CA SER F 28 -46.58 -48.44 -30.33
C SER F 28 -45.69 -47.25 -30.01
N PHE F 29 -46.18 -46.37 -29.14
CA PHE F 29 -45.56 -45.06 -28.97
C PHE F 29 -44.27 -45.12 -28.18
N SER F 30 -44.14 -46.04 -27.22
CA SER F 30 -43.01 -46.03 -26.30
C SER F 30 -42.28 -47.36 -26.16
N SER F 31 -42.91 -48.50 -26.45
CA SER F 31 -42.31 -49.80 -26.20
C SER F 31 -42.28 -50.65 -27.46
N SER F 32 -41.82 -50.08 -28.57
CA SER F 32 -41.76 -50.77 -29.85
C SER F 32 -40.32 -50.74 -30.36
N TYR F 33 -39.62 -51.86 -30.22
CA TYR F 33 -38.28 -52.03 -30.78
C TYR F 33 -38.34 -52.66 -32.16
N TRP F 34 -39.15 -52.10 -33.04
CA TRP F 34 -39.43 -52.73 -34.32
C TRP F 34 -38.22 -52.63 -35.25
N ILE F 35 -38.19 -53.53 -36.23
CA ILE F 35 -37.10 -53.64 -37.19
C ILE F 35 -37.70 -53.69 -38.59
N CYS F 36 -37.20 -52.83 -39.48
CA CYS F 36 -37.55 -52.90 -40.90
C CYS F 36 -36.31 -52.99 -41.79
N TRP F 37 -35.16 -53.36 -41.22
CA TRP F 37 -33.93 -53.45 -41.98
C TRP F 37 -33.53 -54.90 -42.26
N VAL F 38 -34.44 -55.85 -42.05
CA VAL F 38 -34.17 -57.23 -42.39
C VAL F 38 -34.27 -57.36 -43.91
N ARG F 39 -33.17 -57.83 -44.51
CA ARG F 39 -33.02 -57.81 -45.97
C ARG F 39 -33.26 -59.21 -46.51
N GLN F 40 -34.45 -59.42 -47.09
CA GLN F 40 -34.82 -60.71 -47.67
C GLN F 40 -34.32 -60.74 -49.10
N ALA F 41 -33.24 -61.49 -49.35
CA ALA F 41 -32.75 -61.67 -50.69
C ALA F 41 -33.69 -62.58 -51.48
N PRO F 42 -33.86 -62.34 -52.78
CA PRO F 42 -34.78 -63.18 -53.56
C PRO F 42 -34.26 -64.59 -53.75
N GLY F 43 -34.88 -65.55 -53.06
CA GLY F 43 -34.48 -66.94 -53.14
C GLY F 43 -33.28 -67.30 -52.30
N LYS F 44 -32.70 -66.36 -51.55
CA LYS F 44 -31.54 -66.62 -50.72
C LYS F 44 -31.86 -66.55 -49.23
N GLY F 45 -32.41 -65.44 -48.75
CA GLY F 45 -32.84 -65.37 -47.37
C GLY F 45 -32.71 -64.02 -46.69
N LEU F 46 -33.23 -63.93 -45.46
CA LEU F 46 -33.27 -62.70 -44.71
C LEU F 46 -31.93 -62.42 -44.03
N GLU F 47 -31.70 -61.14 -43.75
CA GLU F 47 -30.45 -60.71 -43.12
C GLU F 47 -30.72 -59.42 -42.35
N TRP F 48 -30.79 -59.52 -41.02
CA TRP F 48 -31.06 -58.35 -40.19
C TRP F 48 -29.90 -57.36 -40.26
N ILE F 49 -30.23 -56.07 -40.22
CA ILE F 49 -29.22 -55.02 -40.30
C ILE F 49 -29.28 -54.14 -39.06
N GLY F 50 -30.42 -53.49 -38.82
CA GLY F 50 -30.53 -52.54 -37.74
C GLY F 50 -31.93 -52.44 -37.20
N CYS F 51 -32.05 -51.75 -36.06
CA CYS F 51 -33.31 -51.58 -35.36
C CYS F 51 -33.59 -50.11 -35.08
N ILE F 52 -34.60 -49.83 -34.26
CA ILE F 52 -34.94 -48.47 -33.86
C ILE F 52 -35.80 -48.52 -32.62
N TYR F 53 -35.53 -47.62 -31.68
CA TYR F 53 -36.33 -47.46 -30.48
C TYR F 53 -37.06 -46.11 -30.52
N THR F 54 -38.19 -46.06 -29.82
CA THR F 54 -39.02 -44.85 -29.81
C THR F 54 -38.36 -43.69 -29.06
N GLY F 55 -37.26 -43.92 -28.36
CA GLY F 55 -36.58 -42.90 -27.60
C GLY F 55 -35.65 -42.02 -28.39
N ASP F 56 -35.67 -42.11 -29.72
CA ASP F 56 -34.86 -41.27 -30.60
C ASP F 56 -33.37 -41.48 -30.37
N GLY F 57 -32.98 -42.69 -29.95
CA GLY F 57 -31.59 -43.01 -29.75
C GLY F 57 -30.86 -43.55 -30.96
N SER F 58 -31.61 -43.90 -32.01
CA SER F 58 -31.09 -44.38 -33.29
C SER F 58 -30.50 -45.78 -33.19
N THR F 59 -30.41 -46.31 -31.97
CA THR F 59 -29.98 -47.69 -31.68
C THR F 59 -28.70 -47.98 -32.44
N TYR F 60 -28.58 -49.13 -33.10
CA TYR F 60 -27.35 -49.55 -33.77
C TYR F 60 -27.66 -50.00 -35.18
N TYR F 61 -26.65 -49.94 -36.04
CA TYR F 61 -26.77 -50.39 -37.42
C TYR F 61 -26.01 -51.68 -37.70
N ALA F 62 -25.26 -52.19 -36.73
CA ALA F 62 -24.50 -53.45 -36.80
C ALA F 62 -23.40 -53.42 -37.85
N THR F 63 -23.12 -52.26 -38.45
CA THR F 63 -22.09 -52.10 -39.49
C THR F 63 -22.27 -53.08 -40.64
N TRP F 64 -23.48 -53.62 -40.83
CA TRP F 64 -23.74 -54.45 -42.00
C TRP F 64 -23.65 -53.62 -43.27
N ALA F 65 -24.35 -52.48 -43.30
CA ALA F 65 -24.24 -51.51 -44.38
C ALA F 65 -23.44 -50.28 -43.95
N LYS F 66 -22.77 -50.36 -42.81
CA LYS F 66 -21.98 -49.25 -42.24
C LYS F 66 -22.94 -48.09 -41.97
N GLY F 67 -22.71 -46.90 -42.51
CA GLY F 67 -23.58 -45.76 -42.27
C GLY F 67 -24.40 -45.30 -43.46
N ARG F 68 -24.37 -46.00 -44.59
CA ARG F 68 -25.12 -45.58 -45.76
C ARG F 68 -26.63 -45.67 -45.55
N PHE F 69 -27.08 -46.47 -44.58
CA PHE F 69 -28.49 -46.60 -44.26
C PHE F 69 -28.76 -45.94 -42.91
N THR F 70 -29.83 -45.16 -42.82
CA THR F 70 -30.18 -44.47 -41.59
C THR F 70 -31.67 -44.58 -41.33
N ILE F 71 -32.05 -44.45 -40.06
CA ILE F 71 -33.44 -44.47 -39.63
C ILE F 71 -33.81 -43.10 -39.10
N SER F 72 -34.89 -42.53 -39.64
CA SER F 72 -35.47 -41.27 -39.16
C SER F 72 -36.96 -41.52 -38.90
N LYS F 73 -37.29 -41.89 -37.66
CA LYS F 73 -38.66 -42.15 -37.27
C LYS F 73 -39.37 -40.82 -37.01
N ALA F 74 -40.40 -40.53 -37.80
CA ALA F 74 -41.13 -39.27 -37.67
C ALA F 74 -42.15 -39.30 -36.55
N SER F 75 -42.35 -40.45 -35.89
CA SER F 75 -43.33 -40.62 -34.82
C SER F 75 -44.71 -40.27 -35.37
N SER F 76 -45.43 -39.30 -34.80
CA SER F 76 -46.76 -38.87 -35.26
C SER F 76 -47.66 -40.11 -35.33
N THR F 77 -48.38 -40.35 -36.43
CA THR F 77 -49.28 -41.49 -36.54
C THR F 77 -48.51 -42.71 -37.02
N THR F 78 -47.66 -43.22 -36.11
CA THR F 78 -46.86 -44.44 -36.35
C THR F 78 -46.06 -44.35 -37.65
N VAL F 79 -45.58 -43.16 -37.96
CA VAL F 79 -44.88 -42.91 -39.22
C VAL F 79 -43.39 -43.16 -38.99
N THR F 80 -42.86 -44.18 -39.65
CA THR F 80 -41.44 -44.50 -39.62
C THR F 80 -40.95 -44.80 -41.03
N LEU F 81 -39.70 -44.43 -41.30
CA LEU F 81 -39.15 -44.53 -42.65
C LEU F 81 -37.63 -44.55 -42.58
N GLN F 82 -37.01 -45.08 -43.64
CA GLN F 82 -35.57 -45.22 -43.69
C GLN F 82 -35.05 -44.70 -45.02
N MET F 83 -33.83 -44.14 -44.98
CA MET F 83 -33.15 -43.62 -46.15
C MET F 83 -32.02 -44.55 -46.56
N THR F 84 -31.84 -44.71 -47.86
CA THR F 84 -30.78 -45.56 -48.40
C THR F 84 -29.93 -44.73 -49.36
N SER F 85 -28.62 -44.97 -49.33
CA SER F 85 -27.69 -44.30 -50.22
C SER F 85 -26.71 -45.30 -50.81
N LEU F 86 -26.27 -45.03 -52.03
CA LEU F 86 -25.34 -45.89 -52.75
C LEU F 86 -25.88 -47.31 -52.88
N THR F 87 -27.16 -47.44 -53.17
CA THR F 87 -27.76 -48.75 -53.37
C THR F 87 -27.24 -49.37 -54.65
N ALA F 88 -26.69 -50.58 -54.54
CA ALA F 88 -26.10 -51.28 -55.67
C ALA F 88 -26.54 -52.75 -55.61
N ALA F 89 -27.47 -53.12 -56.50
CA ALA F 89 -27.98 -54.49 -56.58
C ALA F 89 -28.54 -54.98 -55.26
N ASP F 90 -29.21 -54.07 -54.54
CA ASP F 90 -29.88 -54.44 -53.30
C ASP F 90 -31.15 -55.22 -53.58
N THR F 91 -31.53 -56.07 -52.63
CA THR F 91 -32.65 -56.99 -52.83
C THR F 91 -33.97 -56.24 -52.77
N ALA F 92 -34.98 -56.80 -53.45
CA ALA F 92 -36.27 -56.13 -53.59
C ALA F 92 -37.10 -56.18 -52.32
N THR F 93 -37.12 -57.32 -51.64
CA THR F 93 -38.09 -57.57 -50.57
C THR F 93 -37.48 -57.35 -49.20
N TYR F 94 -38.19 -56.59 -48.36
CA TYR F 94 -37.84 -56.39 -46.97
C TYR F 94 -39.09 -55.93 -46.24
N PHE F 95 -39.30 -56.46 -45.03
CA PHE F 95 -40.54 -56.27 -44.30
C PHE F 95 -40.31 -55.47 -43.02
N CYS F 96 -41.26 -54.59 -42.70
CA CYS F 96 -41.28 -53.88 -41.43
C CYS F 96 -41.98 -54.77 -40.40
N THR F 97 -41.19 -55.38 -39.52
CA THR F 97 -41.71 -56.28 -38.50
C THR F 97 -41.57 -55.66 -37.12
N ARG F 98 -42.57 -55.91 -36.28
CA ARG F 98 -42.58 -55.45 -34.90
C ARG F 98 -41.92 -56.48 -34.00
N GLU F 99 -41.22 -56.00 -32.98
CA GLU F 99 -40.50 -56.85 -32.05
C GLU F 99 -41.20 -56.86 -30.70
N GLY F 100 -41.50 -58.05 -30.20
CA GLY F 100 -42.06 -58.23 -28.88
C GLY F 100 -41.00 -58.59 -27.86
N GLY F 101 -41.44 -59.26 -26.81
CA GLY F 101 -40.51 -59.68 -25.78
C GLY F 101 -39.60 -60.82 -26.22
N TRP F 102 -38.56 -61.04 -25.43
CA TRP F 102 -37.60 -62.11 -25.62
C TRP F 102 -36.81 -61.97 -26.93
N TYR F 103 -36.74 -60.75 -27.46
CA TYR F 103 -35.97 -60.45 -28.68
C TYR F 103 -36.45 -61.30 -29.85
N ASP F 104 -37.72 -61.14 -30.21
CA ASP F 104 -38.35 -61.86 -31.30
C ASP F 104 -39.06 -60.88 -32.23
N LEU F 105 -39.63 -61.41 -33.31
CA LEU F 105 -40.37 -60.62 -34.30
C LEU F 105 -41.75 -61.26 -34.45
N ASN F 106 -42.73 -60.75 -33.70
CA ASN F 106 -44.03 -61.41 -33.63
C ASN F 106 -44.85 -61.19 -34.89
N LEU F 107 -44.87 -59.97 -35.42
CA LEU F 107 -45.73 -59.64 -36.54
C LEU F 107 -44.91 -58.95 -37.61
N TRP F 108 -44.94 -59.49 -38.83
CA TRP F 108 -44.22 -58.94 -39.97
C TRP F 108 -45.18 -58.14 -40.85
N GLY F 109 -44.64 -57.57 -41.92
CA GLY F 109 -45.42 -56.74 -42.80
C GLY F 109 -45.45 -57.27 -44.23
N PRO F 110 -46.28 -56.65 -45.07
CA PRO F 110 -46.36 -57.09 -46.47
C PRO F 110 -45.07 -56.83 -47.22
N GLY F 111 -44.81 -57.68 -48.22
CA GLY F 111 -43.61 -57.54 -49.01
C GLY F 111 -43.62 -56.31 -49.89
N THR F 112 -42.42 -55.86 -50.24
CA THR F 112 -42.23 -54.72 -51.12
C THR F 112 -41.26 -55.11 -52.24
N LEU F 113 -41.36 -54.40 -53.36
CA LEU F 113 -40.54 -54.69 -54.53
C LEU F 113 -39.86 -53.42 -55.01
N VAL F 114 -38.53 -53.48 -55.15
CA VAL F 114 -37.75 -52.38 -55.70
C VAL F 114 -36.77 -52.95 -56.71
N THR F 115 -36.55 -52.24 -57.81
CA THR F 115 -35.61 -52.64 -58.85
C THR F 115 -34.48 -51.63 -58.90
N VAL F 116 -33.25 -52.11 -58.73
CA VAL F 116 -32.09 -51.22 -58.73
C VAL F 116 -31.85 -50.63 -60.11
N SER F 117 -32.06 -51.43 -61.16
CA SER F 117 -31.81 -50.97 -62.51
C SER F 117 -32.79 -49.88 -62.90
N SER F 118 -32.37 -49.06 -63.87
CA SER F 118 -33.19 -47.95 -64.34
C SER F 118 -34.47 -48.44 -64.99
N ASP G 2 -20.22 -57.79 -34.25
CA ASP G 2 -21.05 -58.65 -35.08
C ASP G 2 -20.99 -60.10 -34.59
N ILE G 3 -22.11 -60.80 -34.69
CA ILE G 3 -22.23 -62.17 -34.20
C ILE G 3 -22.17 -63.10 -35.40
N VAL G 4 -21.20 -64.03 -35.39
CA VAL G 4 -21.07 -65.03 -36.44
C VAL G 4 -21.84 -66.27 -36.03
N MET G 5 -22.31 -67.02 -37.02
CA MET G 5 -23.15 -68.18 -36.76
C MET G 5 -23.13 -69.09 -37.97
N THR G 6 -23.47 -70.36 -37.74
CA THR G 6 -23.58 -71.37 -38.78
C THR G 6 -24.89 -72.14 -38.59
N GLN G 7 -25.10 -73.14 -39.43
CA GLN G 7 -26.28 -74.00 -39.35
C GLN G 7 -26.05 -75.22 -40.24
N THR G 8 -26.92 -76.22 -40.06
CA THR G 8 -26.83 -77.44 -40.83
C THR G 8 -27.28 -77.19 -42.27
N PRO G 9 -26.86 -78.05 -43.21
CA PRO G 9 -27.32 -77.89 -44.59
C PRO G 9 -28.84 -77.97 -44.70
N ALA G 10 -29.37 -77.17 -45.63
CA ALA G 10 -30.82 -77.00 -45.75
C ALA G 10 -31.53 -78.21 -46.32
N SER G 11 -30.80 -79.21 -46.81
CA SER G 11 -31.44 -80.37 -47.42
C SER G 11 -32.19 -81.19 -46.38
N VAL G 12 -33.51 -81.28 -46.56
CA VAL G 12 -34.37 -82.09 -45.69
C VAL G 12 -35.31 -82.89 -46.59
N GLU G 13 -35.31 -84.21 -46.41
CA GLU G 13 -36.10 -85.11 -47.26
C GLU G 13 -36.88 -86.06 -46.36
N ALA G 14 -38.18 -86.20 -46.63
CA ALA G 14 -39.03 -87.16 -45.95
C ALA G 14 -40.12 -87.60 -46.91
N ALA G 15 -40.60 -88.84 -46.72
CA ALA G 15 -41.61 -89.40 -47.61
C ALA G 15 -43.02 -89.19 -47.07
N VAL G 16 -43.32 -89.74 -45.90
CA VAL G 16 -44.63 -89.63 -45.28
C VAL G 16 -44.41 -89.19 -43.84
N GLY G 17 -44.67 -87.92 -43.56
CA GLY G 17 -44.46 -87.40 -42.22
C GLY G 17 -43.00 -87.51 -41.83
N GLY G 18 -42.75 -88.18 -40.72
CA GLY G 18 -41.40 -88.42 -40.25
C GLY G 18 -40.87 -87.29 -39.37
N THR G 19 -39.78 -87.58 -38.67
CA THR G 19 -39.13 -86.63 -37.79
C THR G 19 -37.74 -86.31 -38.33
N VAL G 20 -37.49 -85.02 -38.55
CA VAL G 20 -36.20 -84.55 -39.05
C VAL G 20 -35.66 -83.50 -38.08
N THR G 21 -34.41 -83.64 -37.68
CA THR G 21 -33.78 -82.72 -36.75
C THR G 21 -32.85 -81.77 -37.50
N ILE G 22 -32.90 -80.50 -37.12
CA ILE G 22 -32.08 -79.45 -37.73
C ILE G 22 -31.32 -78.73 -36.63
N ASN G 23 -30.00 -78.61 -36.80
CA ASN G 23 -29.13 -77.98 -35.82
C ASN G 23 -28.69 -76.63 -36.34
N CYS G 24 -29.00 -75.57 -35.59
CA CYS G 24 -28.62 -74.20 -35.94
C CYS G 24 -27.96 -73.58 -34.72
N GLN G 25 -26.63 -73.41 -34.78
CA GLN G 25 -25.86 -73.00 -33.63
C GLN G 25 -24.97 -71.81 -33.98
N ALA G 26 -24.55 -71.08 -32.94
CA ALA G 26 -23.63 -69.97 -33.07
C ALA G 26 -22.54 -70.10 -32.01
N SER G 27 -21.37 -69.56 -32.33
CA SER G 27 -20.22 -69.68 -31.43
C SER G 27 -20.41 -68.87 -30.15
N GLU G 28 -20.95 -67.66 -30.26
CA GLU G 28 -21.07 -66.76 -29.12
C GLU G 28 -22.53 -66.44 -28.78
N SER G 29 -23.47 -67.25 -29.26
CA SER G 29 -24.88 -67.00 -28.96
C SER G 29 -25.15 -67.16 -27.48
N ILE G 30 -25.93 -66.24 -26.92
CA ILE G 30 -26.24 -66.27 -25.49
C ILE G 30 -27.35 -67.28 -25.22
N SER G 31 -27.45 -67.69 -23.97
CA SER G 31 -28.45 -68.66 -23.56
C SER G 31 -29.81 -68.00 -23.36
N ASN G 32 -30.87 -68.78 -23.59
CA ASN G 32 -32.26 -68.44 -23.34
C ASN G 32 -32.81 -67.37 -24.27
N TYR G 33 -32.00 -66.80 -25.14
CA TYR G 33 -32.44 -65.78 -26.11
C TYR G 33 -32.27 -66.36 -27.50
N LEU G 34 -33.30 -67.08 -27.97
CA LEU G 34 -33.24 -67.73 -29.26
C LEU G 34 -34.66 -67.95 -29.75
N SER G 35 -34.89 -67.67 -31.03
CA SER G 35 -36.23 -67.79 -31.61
C SER G 35 -36.13 -68.24 -33.06
N TRP G 36 -37.02 -69.14 -33.46
CA TRP G 36 -37.16 -69.57 -34.84
C TRP G 36 -38.43 -68.97 -35.45
N TYR G 37 -38.55 -69.12 -36.76
CA TYR G 37 -39.68 -68.56 -37.50
C TYR G 37 -40.02 -69.47 -38.66
N GLN G 38 -41.24 -69.32 -39.17
CA GLN G 38 -41.70 -70.03 -40.35
C GLN G 38 -41.71 -69.06 -41.53
N GLN G 39 -41.03 -69.45 -42.60
CA GLN G 39 -40.90 -68.62 -43.80
C GLN G 39 -41.60 -69.34 -44.96
N LYS G 40 -42.90 -69.10 -45.09
CA LYS G 40 -43.65 -69.66 -46.21
C LYS G 40 -43.28 -68.91 -47.48
N PRO G 41 -42.88 -69.61 -48.54
CA PRO G 41 -42.52 -68.92 -49.78
C PRO G 41 -43.70 -68.13 -50.34
N GLY G 42 -43.41 -66.91 -50.78
CA GLY G 42 -44.46 -66.03 -51.28
C GLY G 42 -45.50 -65.68 -50.24
N GLN G 43 -45.09 -65.54 -48.99
CA GLN G 43 -46.03 -65.25 -47.91
C GLN G 43 -45.29 -64.57 -46.77
N ARG G 44 -46.06 -63.97 -45.87
CA ARG G 44 -45.48 -63.24 -44.75
C ARG G 44 -44.85 -64.21 -43.75
N PRO G 45 -43.66 -63.89 -43.24
CA PRO G 45 -43.05 -64.73 -42.20
C PRO G 45 -43.87 -64.72 -40.92
N LYS G 46 -43.76 -65.82 -40.16
CA LYS G 46 -44.55 -66.01 -38.95
C LYS G 46 -43.62 -66.40 -37.81
N LEU G 47 -44.01 -66.00 -36.59
CA LEU G 47 -43.32 -66.44 -35.37
C LEU G 47 -43.97 -67.71 -34.85
N LEU G 48 -43.14 -68.63 -34.34
CA LEU G 48 -43.63 -69.86 -33.74
C LEU G 48 -43.12 -70.12 -32.32
N ILE G 49 -42.07 -69.44 -31.87
CA ILE G 49 -41.44 -69.70 -30.59
C ILE G 49 -41.18 -68.39 -29.86
N TYR G 50 -41.51 -68.36 -28.56
CA TYR G 50 -41.15 -67.20 -27.75
C TYR G 50 -39.65 -67.13 -27.52
N TYR G 51 -39.09 -68.15 -26.87
CA TYR G 51 -37.68 -68.18 -26.52
C TYR G 51 -37.32 -69.59 -26.07
N ALA G 52 -36.13 -70.05 -26.49
CA ALA G 52 -35.53 -71.29 -26.00
C ALA G 52 -36.52 -72.47 -26.08
N SER G 53 -36.90 -72.79 -27.31
CA SER G 53 -37.73 -73.96 -27.62
C SER G 53 -39.04 -73.96 -26.82
N THR G 54 -39.79 -72.88 -26.95
CA THR G 54 -41.14 -72.79 -26.39
C THR G 54 -42.16 -72.98 -27.51
N LEU G 55 -43.43 -72.78 -27.18
CA LEU G 55 -44.52 -73.00 -28.12
C LEU G 55 -45.18 -71.72 -28.62
N ALA G 56 -45.03 -70.61 -27.90
CA ALA G 56 -45.67 -69.33 -28.24
C ALA G 56 -47.17 -69.56 -28.29
N SER G 57 -47.89 -69.00 -29.27
CA SER G 57 -49.33 -69.16 -29.38
C SER G 57 -49.70 -69.52 -30.82
N GLY G 58 -50.72 -70.35 -30.96
CA GLY G 58 -51.17 -70.78 -32.28
C GLY G 58 -50.15 -71.59 -33.03
N VAL G 59 -49.37 -72.42 -32.34
CA VAL G 59 -48.33 -73.22 -32.96
C VAL G 59 -48.53 -74.67 -32.54
N SER G 60 -48.30 -75.59 -33.47
CA SER G 60 -48.48 -77.01 -33.19
C SER G 60 -47.49 -77.48 -32.13
N SER G 61 -47.91 -78.47 -31.35
CA SER G 61 -47.09 -79.00 -30.26
C SER G 61 -45.85 -79.74 -30.75
N ARG G 62 -45.75 -80.03 -32.04
CA ARG G 62 -44.58 -80.69 -32.58
C ARG G 62 -43.43 -79.73 -32.86
N PHE G 63 -43.64 -78.41 -32.69
CA PHE G 63 -42.61 -77.41 -32.93
C PHE G 63 -41.83 -77.16 -31.63
N LYS G 64 -41.11 -78.18 -31.20
CA LYS G 64 -40.32 -78.13 -29.99
C LYS G 64 -38.84 -78.26 -30.32
N GLY G 65 -38.01 -78.16 -29.28
CA GLY G 65 -36.59 -78.28 -29.45
C GLY G 65 -35.90 -78.45 -28.10
N SER G 66 -34.57 -78.47 -28.15
CA SER G 66 -33.76 -78.60 -26.94
C SER G 66 -32.64 -77.58 -26.98
N ARG G 67 -32.46 -76.85 -25.87
CA ARG G 67 -31.37 -75.89 -25.79
C ARG G 67 -30.01 -76.58 -25.79
N SER G 68 -29.91 -77.73 -25.11
CA SER G 68 -28.68 -78.51 -24.98
C SER G 68 -27.49 -77.63 -24.58
N GLY G 69 -26.34 -77.86 -25.20
CA GLY G 69 -25.15 -77.09 -24.88
C GLY G 69 -25.03 -75.83 -25.70
N THR G 70 -23.80 -75.49 -26.13
CA THR G 70 -23.61 -74.32 -26.96
C THR G 70 -24.34 -74.44 -28.29
N GLU G 71 -24.50 -75.66 -28.79
CA GLU G 71 -25.30 -75.89 -29.99
C GLU G 71 -26.78 -75.76 -29.66
N TYR G 72 -27.56 -75.40 -30.68
CA TYR G 72 -29.00 -75.20 -30.55
C TYR G 72 -29.71 -76.04 -31.59
N THR G 73 -30.41 -77.07 -31.15
CA THR G 73 -31.07 -78.02 -32.04
C THR G 73 -32.58 -77.88 -31.93
N LEU G 74 -33.24 -77.85 -33.09
CA LEU G 74 -34.69 -77.77 -33.19
C LEU G 74 -35.22 -79.01 -33.89
N THR G 75 -36.34 -79.53 -33.38
CA THR G 75 -36.94 -80.75 -33.90
C THR G 75 -38.30 -80.43 -34.52
N ILE G 76 -38.52 -80.90 -35.74
CA ILE G 76 -39.78 -80.76 -36.44
C ILE G 76 -40.23 -82.13 -36.92
N SER G 77 -41.50 -82.45 -36.72
CA SER G 77 -42.04 -83.75 -37.06
C SER G 77 -43.36 -83.59 -37.81
N ASP G 78 -43.76 -84.65 -38.50
CA ASP G 78 -45.00 -84.71 -39.27
C ASP G 78 -45.04 -83.60 -40.32
N LEU G 79 -44.09 -83.68 -41.25
CA LEU G 79 -44.03 -82.73 -42.35
C LEU G 79 -45.23 -82.92 -43.28
N GLU G 80 -45.80 -81.80 -43.72
CA GLU G 80 -46.97 -81.79 -44.60
C GLU G 80 -46.74 -80.79 -45.72
N CYS G 81 -47.77 -80.63 -46.57
CA CYS G 81 -47.67 -79.66 -47.65
C CYS G 81 -47.55 -78.24 -47.12
N ALA G 82 -48.36 -77.90 -46.11
CA ALA G 82 -48.25 -76.58 -45.48
C ALA G 82 -46.94 -76.46 -44.72
N ASP G 83 -46.49 -77.55 -44.10
CA ASP G 83 -45.24 -77.55 -43.35
C ASP G 83 -44.01 -77.56 -44.25
N ALA G 84 -44.19 -77.71 -45.56
CA ALA G 84 -43.07 -77.75 -46.51
C ALA G 84 -42.60 -76.33 -46.86
N ALA G 85 -42.15 -75.62 -45.83
CA ALA G 85 -41.64 -74.26 -45.97
C ALA G 85 -40.33 -74.14 -45.21
N THR G 86 -39.46 -73.28 -45.72
CA THR G 86 -38.17 -73.06 -45.07
C THR G 86 -38.36 -72.35 -43.74
N TYR G 87 -37.54 -72.73 -42.76
CA TYR G 87 -37.57 -72.14 -41.42
C TYR G 87 -36.26 -71.42 -41.16
N TYR G 88 -36.33 -70.30 -40.44
CA TYR G 88 -35.16 -69.49 -40.15
C TYR G 88 -34.95 -69.36 -38.65
N CYS G 89 -33.70 -69.47 -38.22
CA CYS G 89 -33.32 -69.32 -36.83
C CYS G 89 -32.63 -67.98 -36.63
N GLN G 90 -33.07 -67.24 -35.63
CA GLN G 90 -32.54 -65.91 -35.34
C GLN G 90 -31.91 -65.91 -33.96
N SER G 91 -30.71 -65.33 -33.86
CA SER G 91 -29.99 -65.18 -32.60
C SER G 91 -29.67 -63.71 -32.37
N ALA G 92 -29.70 -63.30 -31.10
CA ALA G 92 -29.50 -61.91 -30.74
C ALA G 92 -28.50 -61.81 -29.59
N ALA G 93 -27.81 -60.67 -29.53
CA ALA G 93 -26.83 -60.42 -28.48
C ALA G 93 -27.52 -60.09 -27.16
N ASP G 94 -26.77 -60.21 -26.08
CA ASP G 94 -27.26 -59.98 -24.73
C ASP G 94 -26.41 -58.89 -24.07
N SER G 95 -26.78 -57.64 -24.30
CA SER G 95 -26.09 -56.50 -23.69
C SER G 95 -26.93 -55.26 -23.91
N ILE G 96 -27.06 -54.44 -22.86
CA ILE G 96 -27.84 -53.21 -22.95
C ILE G 96 -27.12 -52.20 -23.84
N SER G 97 -25.80 -52.06 -23.67
CA SER G 97 -25.05 -51.05 -24.42
C SER G 97 -25.09 -51.31 -25.91
N ASP G 98 -24.96 -52.57 -26.32
CA ASP G 98 -24.94 -52.92 -27.73
C ASP G 98 -25.58 -54.29 -27.94
N LYS G 99 -26.34 -54.42 -29.02
CA LYS G 99 -26.99 -55.69 -29.34
C LYS G 99 -27.13 -55.80 -30.86
N ARG G 100 -27.05 -57.02 -31.36
CA ARG G 100 -27.13 -57.28 -32.80
C ARG G 100 -27.79 -58.64 -33.03
N HIS G 101 -28.29 -58.82 -34.24
CA HIS G 101 -28.94 -60.06 -34.65
C HIS G 101 -28.16 -60.69 -35.80
N ALA G 102 -28.18 -62.02 -35.85
CA ALA G 102 -27.48 -62.79 -36.88
C ALA G 102 -28.45 -63.83 -37.43
N PHE G 103 -29.07 -63.53 -38.56
CA PHE G 103 -29.99 -64.47 -39.20
C PHE G 103 -29.23 -65.60 -39.86
N GLY G 104 -29.82 -66.80 -39.81
CA GLY G 104 -29.17 -67.99 -40.32
C GLY G 104 -29.56 -68.30 -41.76
N GLY G 105 -28.79 -69.23 -42.35
CA GLY G 105 -29.08 -69.67 -43.70
C GLY G 105 -30.36 -70.49 -43.79
N GLY G 106 -30.75 -71.13 -42.69
CA GLY G 106 -32.02 -71.82 -42.62
C GLY G 106 -32.02 -73.16 -43.35
N THR G 107 -33.08 -73.92 -43.10
CA THR G 107 -33.29 -75.20 -43.75
C THR G 107 -34.63 -75.18 -44.48
N GLU G 108 -34.68 -75.89 -45.60
CA GLU G 108 -35.88 -75.96 -46.44
C GLU G 108 -36.48 -77.36 -46.32
N VAL G 109 -37.79 -77.41 -46.09
CA VAL G 109 -38.51 -78.66 -45.89
C VAL G 109 -39.08 -79.11 -47.22
N LEU G 110 -38.75 -80.35 -47.62
CA LEU G 110 -39.29 -80.95 -48.83
C LEU G 110 -40.04 -82.22 -48.45
N VAL G 111 -41.27 -82.34 -48.94
CA VAL G 111 -42.14 -83.47 -48.62
C VAL G 111 -42.40 -84.25 -49.89
N LYS G 112 -42.16 -85.55 -49.85
CA LYS G 112 -42.36 -86.43 -51.00
C LYS G 112 -43.78 -86.99 -51.01
#